data_1XXH
#
_entry.id   1XXH
#
_cell.length_a   98.450
_cell.length_b   106.460
_cell.length_c   535.720
_cell.angle_alpha   90.00
_cell.angle_beta   90.00
_cell.angle_gamma   90.00
#
_symmetry.space_group_name_H-M   'P 21 21 21'
#
loop_
_entity.id
_entity.type
_entity.pdbx_description
1 polymer 'DNA polymerase III, delta subunit'
2 polymer 'DNA polymerase III subunit gamma'
3 polymer 'DNA polymerase III, delta prime subunit'
4 non-polymer 'ZINC ION'
5 non-polymer 'PHOSPHOTHIOPHOSPHORIC ACID-ADENYLATE ESTER'
6 non-polymer 'PHOSPHATE ION'
#
loop_
_entity_poly.entity_id
_entity_poly.type
_entity_poly.pdbx_seq_one_letter_code
_entity_poly.pdbx_strand_id
1 'polypeptide(L)'
;(MSE)IRLYPEQLRAQLNEGLRAAYLLLGNDPLLLQESQDAVRQVAAAQGFEEHHTFSIDPNTDWNAIFSLCQA(MSE)S
LFASRQTLLLLLPENGPNAAINEQLLTLTGLLHDDLLLIVRGNKLSKAQENAAWFTALANRSVQVTCQTPEQAQLPRWVA
ARAKQLNLELDDAANQVLCYCYEGNLLALAQALERLSLLWPDGKLTLPRVEQAVNDAAHFTPFHWVDALL(MSE)GKSKR
ALHILQQLRLEGSEPVILLRTLQRELLLLVNLKRQSAHTPLRALFDKHRVWQNRRG(MSE)(MSE)GEALNRLSQTQLRQ
AVQLLTRTELTLKQDYGQSVWAELEGLSLLLCHKPLADVFIDG
;
A,F
2 'polypeptide(L)'
;MSYQVLARKWRPQTFADVVGQEHVLTALANGLSLGRIHHAYLFSGTRGVGKTSIARLLAKGLNCETGITATPCGVCDNCR
EIEQGRFVDLIEIDAASRTKVEDTRDLLDNVQYAPARGRFKVYLIDEVHMLSRHSFNALLKTLEEPPEHVKFLLATTDPQ
KLPVTILSRCLQFHLKALDVEQIRHQLEHILNEEHIAHEPRALQLLARAAEGSLRDALSLTDQAIASGDGQVSTQAVSAM
LGTLDDDQALSLVEAMVEANGERVMALINEAAARGIEWEALLVEMLGLLHRIAMVQLSPAALGNDMAAIELRMRELARTI
PPTDIQLYYQTLLIGRKELPYAPDRRMGVEMTLLRALAFHPRMPLPEPEVPRQ
;
B,C,D,G,H,I
3 'polypeptide(L)'
;(MSE)RWYPWLRPDFEKLVASYQAGRGHHALLIQALPG(MSE)GDDALIYALSRYLLCQQPQGHKSCGHCRGCQL(MSE)
QAGTHPDYYTLAPEKGKNTLGVDAVREVTEKLNEHARLGGAKVVWVTDAALLTDAAANALLKTLEEPPAETWFFLATREP
ERLLATLRSRCRLHYLAPPPEQYAVTWLSREVT(MSE)SQDALLAALRLSAGSPGAALALFQGDNWQARETLCQALAYSV
PSGDWYSLLAALNHEQAPARLHWLATLL(MSE)DALKRHHGAAQVTNVDVPGLVAELANHLSPSRLQAILGDVCHIREQL
(MSE)SVTGINRELLITDLLLRIEHYLQPGVVLPVPHL
;
E,J
#
# COMPACT_ATOMS: atom_id res chain seq x y z
N ILE A 2 24.45 -8.00 20.81
CA ILE A 2 25.28 -9.01 21.42
C ILE A 2 25.39 -10.21 20.49
N ARG A 3 26.60 -10.49 20.01
CA ARG A 3 26.81 -11.64 19.14
C ARG A 3 27.20 -12.78 20.06
N LEU A 4 26.60 -13.94 19.89
CA LEU A 4 26.90 -15.06 20.76
C LEU A 4 26.49 -16.39 20.17
N TYR A 5 26.95 -17.48 20.78
CA TYR A 5 26.64 -18.82 20.30
C TYR A 5 25.35 -19.35 20.89
N PRO A 6 24.76 -20.36 20.23
CA PRO A 6 23.52 -20.96 20.72
C PRO A 6 23.58 -21.18 22.22
N GLU A 7 24.68 -21.79 22.66
CA GLU A 7 24.91 -22.13 24.05
C GLU A 7 24.82 -21.01 25.09
N GLN A 8 25.21 -19.79 24.74
CA GLN A 8 25.13 -18.68 25.69
C GLN A 8 23.75 -18.06 25.70
N LEU A 9 22.98 -18.37 24.66
CA LEU A 9 21.62 -17.84 24.50
C LEU A 9 20.76 -17.99 25.75
N ARG A 10 20.63 -19.21 26.25
CA ARG A 10 19.82 -19.45 27.43
C ARG A 10 20.27 -18.53 28.55
N ALA A 11 21.58 -18.34 28.67
CA ALA A 11 22.13 -17.47 29.71
C ALA A 11 21.65 -16.03 29.49
N GLN A 12 21.82 -15.54 28.26
CA GLN A 12 21.44 -14.18 27.90
C GLN A 12 19.94 -13.93 28.09
N LEU A 13 19.15 -14.88 27.62
CA LEU A 13 17.70 -14.78 27.73
C LEU A 13 17.29 -14.37 29.13
N ASN A 14 17.91 -15.00 30.12
CA ASN A 14 17.65 -14.73 31.53
C ASN A 14 17.70 -13.24 31.85
N GLU A 15 18.89 -12.66 31.77
CA GLU A 15 19.10 -11.24 32.07
C GLU A 15 17.97 -10.34 31.57
N GLY A 16 17.23 -10.83 30.58
CA GLY A 16 16.13 -10.06 30.05
C GLY A 16 15.81 -10.42 28.62
N LEU A 17 14.74 -9.84 28.10
CA LEU A 17 14.33 -10.08 26.73
C LEU A 17 14.69 -8.87 25.89
N ARG A 18 15.27 -9.11 24.72
CA ARG A 18 15.68 -8.03 23.83
C ARG A 18 14.73 -7.83 22.66
N ALA A 19 14.75 -6.60 22.12
CA ALA A 19 13.89 -6.18 21.01
C ALA A 19 13.64 -7.19 19.90
N ALA A 20 14.71 -7.79 19.39
CA ALA A 20 14.61 -8.77 18.31
C ALA A 20 15.74 -9.79 18.35
N TYR A 21 15.47 -11.01 17.88
CA TYR A 21 16.48 -12.07 17.86
C TYR A 21 16.79 -12.58 16.47
N LEU A 22 18.03 -12.41 16.07
CA LEU A 22 18.49 -12.82 14.75
C LEU A 22 19.17 -14.19 14.73
N LEU A 23 18.46 -15.19 14.21
CA LEU A 23 19.00 -16.54 14.10
C LEU A 23 19.56 -16.73 12.71
N LEU A 24 20.88 -16.55 12.58
CA LEU A 24 21.53 -16.69 11.30
C LEU A 24 22.44 -17.91 11.24
N GLY A 25 22.30 -18.68 10.16
CA GLY A 25 23.11 -19.87 9.98
C GLY A 25 22.40 -20.84 9.07
N ASN A 26 22.99 -22.00 8.84
CA ASN A 26 22.37 -22.98 7.98
C ASN A 26 21.92 -24.25 8.69
N ASP A 27 22.37 -24.44 9.93
CA ASP A 27 21.97 -25.63 10.65
C ASP A 27 20.50 -25.70 11.00
N PRO A 28 19.82 -26.74 10.50
CA PRO A 28 18.40 -26.90 10.78
C PRO A 28 18.05 -26.88 12.27
N LEU A 29 18.68 -27.73 13.09
CA LEU A 29 18.31 -27.77 14.50
C LEU A 29 18.71 -26.63 15.43
N LEU A 30 19.92 -26.06 15.28
CA LEU A 30 20.28 -24.95 16.15
C LEU A 30 19.25 -23.84 15.97
N LEU A 31 18.94 -23.54 14.71
CA LEU A 31 17.94 -22.52 14.39
C LEU A 31 16.69 -22.88 15.18
N GLN A 32 16.23 -24.12 15.01
CA GLN A 32 15.06 -24.60 15.71
C GLN A 32 15.26 -24.37 17.21
N GLU A 33 16.25 -25.06 17.76
CA GLU A 33 16.55 -24.97 19.18
C GLU A 33 16.55 -23.53 19.70
N SER A 34 17.38 -22.68 19.11
CA SER A 34 17.47 -21.28 19.52
C SER A 34 16.09 -20.62 19.41
N GLN A 35 15.38 -20.96 18.35
CA GLN A 35 14.05 -20.43 18.11
C GLN A 35 13.14 -20.74 19.30
N ASP A 36 12.90 -22.03 19.51
CA ASP A 36 12.04 -22.47 20.61
C ASP A 36 12.54 -21.97 21.96
N ALA A 37 13.85 -21.76 22.07
CA ALA A 37 14.44 -21.28 23.31
C ALA A 37 13.95 -19.87 23.57
N VAL A 38 13.75 -19.12 22.48
CA VAL A 38 13.26 -17.76 22.57
C VAL A 38 11.80 -17.76 23.01
N ARG A 39 10.93 -18.31 22.15
CA ARG A 39 9.51 -18.37 22.44
C ARG A 39 9.23 -18.93 23.83
N GLN A 40 9.98 -19.96 24.21
CA GLN A 40 9.80 -20.58 25.52
C GLN A 40 9.80 -19.55 26.65
N VAL A 41 10.50 -18.45 26.41
CA VAL A 41 10.59 -17.37 27.40
C VAL A 41 9.63 -16.23 27.13
N ALA A 42 9.06 -16.20 25.92
CA ALA A 42 8.12 -15.14 25.54
C ALA A 42 6.70 -15.47 25.99
N ALA A 43 6.19 -16.63 25.57
CA ALA A 43 4.85 -17.04 25.96
C ALA A 43 4.91 -17.05 27.48
N ALA A 44 6.12 -17.26 27.99
CA ALA A 44 6.35 -17.29 29.43
C ALA A 44 6.30 -15.87 29.99
N GLN A 45 6.00 -14.90 29.12
CA GLN A 45 5.91 -13.51 29.53
C GLN A 45 4.49 -12.96 29.31
N GLY A 46 4.05 -12.95 28.05
CA GLY A 46 2.73 -12.45 27.75
C GLY A 46 2.48 -12.51 26.26
N PHE A 47 3.31 -13.29 25.57
CA PHE A 47 3.19 -13.43 24.12
C PHE A 47 2.45 -14.70 23.75
N GLU A 48 1.13 -14.61 23.65
CA GLU A 48 0.33 -15.76 23.27
C GLU A 48 0.40 -15.88 21.75
N GLU A 49 -0.02 -14.82 21.07
CA GLU A 49 -0.02 -14.78 19.61
C GLU A 49 1.40 -14.94 19.06
N HIS A 50 1.55 -15.80 18.07
CA HIS A 50 2.83 -16.05 17.42
C HIS A 50 2.57 -16.04 15.92
N HIS A 51 3.39 -15.31 15.18
CA HIS A 51 3.25 -15.22 13.72
C HIS A 51 4.56 -15.55 13.00
N THR A 52 4.44 -15.94 11.73
CA THR A 52 5.61 -16.31 10.93
C THR A 52 5.38 -15.96 9.45
N PHE A 53 6.19 -15.05 8.91
CA PHE A 53 6.04 -14.66 7.52
C PHE A 53 7.34 -14.81 6.77
N SER A 54 7.32 -15.63 5.72
CA SER A 54 8.50 -15.91 4.89
C SER A 54 8.82 -14.83 3.87
N ILE A 55 10.11 -14.48 3.77
CA ILE A 55 10.50 -13.45 2.83
C ILE A 55 10.84 -14.00 1.43
N ASP A 56 9.95 -13.82 0.44
CA ASP A 56 10.23 -14.22 -0.92
C ASP A 56 9.59 -13.05 -1.67
N PRO A 57 10.23 -12.56 -2.74
CA PRO A 57 9.61 -11.43 -3.43
C PRO A 57 8.11 -11.45 -3.74
N ASN A 58 7.50 -12.62 -3.65
CA ASN A 58 6.08 -12.78 -3.99
C ASN A 58 5.11 -12.77 -2.81
N THR A 59 5.59 -12.37 -1.65
CA THR A 59 4.73 -12.33 -0.47
C THR A 59 3.65 -11.27 -0.55
N ASP A 60 2.71 -11.38 0.40
CA ASP A 60 1.58 -10.47 0.58
C ASP A 60 1.97 -9.53 1.73
N TRP A 61 2.86 -8.61 1.44
CA TRP A 61 3.39 -7.68 2.43
C TRP A 61 2.45 -6.70 3.10
N ASN A 62 1.27 -6.46 2.56
CA ASN A 62 0.40 -5.52 3.26
C ASN A 62 -0.06 -6.20 4.53
N ALA A 63 -0.32 -7.50 4.44
CA ALA A 63 -0.76 -8.27 5.59
C ALA A 63 0.26 -8.02 6.69
N ILE A 64 1.50 -8.41 6.41
CA ILE A 64 2.60 -8.24 7.34
C ILE A 64 2.75 -6.85 7.93
N PHE A 65 3.11 -5.91 7.06
CA PHE A 65 3.33 -4.53 7.44
C PHE A 65 2.24 -3.96 8.37
N SER A 66 0.98 -4.18 8.02
CA SER A 66 -0.13 -3.66 8.83
C SER A 66 -0.44 -4.45 10.11
N LEU A 67 0.09 -5.66 10.22
CA LEU A 67 -0.18 -6.48 11.40
C LEU A 67 0.63 -6.02 12.60
N CYS A 68 1.68 -5.25 12.35
CA CYS A 68 2.50 -4.77 13.43
C CYS A 68 2.33 -3.29 13.59
N GLN A 69 1.68 -2.69 12.59
CA GLN A 69 1.42 -1.25 12.59
C GLN A 69 0.42 -0.99 13.67
N ALA A 70 -0.37 -2.03 13.96
CA ALA A 70 -1.45 -1.93 14.93
C ALA A 70 -1.09 -2.18 16.38
N SER A 72 -2.44 -2.94 20.10
CA SER A 72 -3.69 -3.59 20.49
C SER A 72 -4.45 -2.90 21.62
N LEU A 73 -5.78 -2.95 21.54
CA LEU A 73 -6.67 -2.35 22.54
C LEU A 73 -6.57 -3.08 23.87
N PHE A 74 -6.22 -4.38 23.81
CA PHE A 74 -6.11 -5.21 25.01
C PHE A 74 -4.67 -5.58 25.29
N ALA A 75 -3.72 -4.80 24.79
CA ALA A 75 -2.30 -5.05 24.99
C ALA A 75 -1.84 -6.50 24.65
N SER A 76 -2.70 -7.27 23.99
CA SER A 76 -2.31 -8.59 23.60
C SER A 76 -1.16 -8.40 22.68
N ARG A 77 -0.28 -9.30 22.69
CA ARG A 77 0.83 -9.02 21.89
C ARG A 77 1.11 -10.11 20.89
N GLN A 78 2.36 -10.14 20.43
CA GLN A 78 2.74 -11.13 19.43
C GLN A 78 4.23 -11.37 19.30
N THR A 79 4.56 -12.36 18.47
CA THR A 79 5.94 -12.79 18.17
C THR A 79 6.07 -12.97 16.65
N LEU A 80 6.59 -11.96 15.97
CA LEU A 80 6.75 -12.03 14.53
C LEU A 80 8.01 -12.79 14.13
N LEU A 81 7.85 -13.83 13.32
CA LEU A 81 8.99 -14.64 12.87
C LEU A 81 9.21 -14.58 11.36
N LEU A 82 10.14 -13.73 10.93
CA LEU A 82 10.41 -13.62 9.51
C LEU A 82 11.33 -14.73 9.02
N LEU A 83 10.96 -15.38 7.92
CA LEU A 83 11.78 -16.43 7.35
C LEU A 83 12.50 -15.82 6.16
N LEU A 84 13.78 -15.54 6.35
CA LEU A 84 14.59 -14.95 5.29
C LEU A 84 14.65 -15.87 4.09
N PRO A 85 14.80 -15.31 2.88
CA PRO A 85 14.86 -16.15 1.68
C PRO A 85 15.99 -17.17 1.79
N GLU A 86 16.08 -18.03 0.78
CA GLU A 86 17.15 -19.02 0.74
C GLU A 86 18.44 -18.25 0.48
N ASN A 87 18.39 -17.37 -0.50
CA ASN A 87 19.53 -16.54 -0.87
C ASN A 87 19.68 -15.36 0.05
N GLY A 88 18.58 -14.88 0.60
CA GLY A 88 18.73 -13.79 1.51
C GLY A 88 18.26 -12.49 0.95
N PRO A 89 18.08 -11.53 1.85
CA PRO A 89 17.63 -10.17 1.59
C PRO A 89 18.37 -9.48 0.48
N ASN A 90 17.71 -9.43 -0.67
CA ASN A 90 18.22 -8.77 -1.89
C ASN A 90 18.29 -7.26 -1.71
N ALA A 91 18.34 -6.50 -2.81
CA ALA A 91 18.39 -5.03 -2.72
C ALA A 91 17.07 -4.40 -2.30
N ALA A 92 15.96 -4.92 -2.86
CA ALA A 92 14.63 -4.40 -2.56
C ALA A 92 14.20 -4.73 -1.13
N ILE A 93 14.81 -5.76 -0.56
CA ILE A 93 14.48 -6.16 0.80
C ILE A 93 15.41 -5.52 1.84
N ASN A 94 16.31 -4.63 1.40
CA ASN A 94 17.21 -3.93 2.32
C ASN A 94 16.39 -2.79 2.94
N GLU A 95 15.30 -2.46 2.27
CA GLU A 95 14.38 -1.41 2.72
C GLU A 95 13.19 -2.07 3.41
N GLN A 96 12.55 -2.99 2.72
CA GLN A 96 11.39 -3.71 3.24
C GLN A 96 11.59 -4.11 4.69
N LEU A 97 12.85 -4.29 5.08
CA LEU A 97 13.17 -4.67 6.44
C LEU A 97 13.51 -3.40 7.22
N LEU A 98 14.14 -2.43 6.54
CA LEU A 98 14.50 -1.16 7.17
C LEU A 98 13.23 -0.50 7.69
N THR A 99 12.11 -0.78 7.04
CA THR A 99 10.83 -0.22 7.44
C THR A 99 10.44 -0.80 8.80
N LEU A 100 10.37 -2.12 8.89
CA LEU A 100 10.03 -2.79 10.15
C LEU A 100 11.17 -2.65 11.13
N THR A 101 12.10 -1.74 10.86
CA THR A 101 13.22 -1.60 11.77
C THR A 101 12.99 -0.50 12.79
N GLY A 102 12.05 0.38 12.49
CA GLY A 102 11.76 1.46 13.41
C GLY A 102 10.33 1.42 13.93
N LEU A 103 9.66 0.28 13.78
CA LEU A 103 8.30 0.14 14.25
C LEU A 103 8.22 -0.55 15.61
N LEU A 104 9.04 -1.57 15.81
CA LEU A 104 9.09 -2.33 17.06
C LEU A 104 8.72 -1.53 18.30
N HIS A 105 8.13 -2.25 19.25
CA HIS A 105 7.68 -1.73 20.53
C HIS A 105 7.80 -2.92 21.49
N ASP A 106 7.99 -2.66 22.77
CA ASP A 106 8.18 -3.76 23.72
C ASP A 106 7.13 -4.86 23.73
N ASP A 107 6.12 -4.75 22.87
CA ASP A 107 5.06 -5.75 22.79
C ASP A 107 4.86 -6.28 21.36
N LEU A 108 6.00 -6.63 20.74
CA LEU A 108 6.07 -7.17 19.38
C LEU A 108 7.50 -7.64 19.21
N LEU A 109 7.77 -8.83 19.71
CA LEU A 109 9.09 -9.43 19.67
C LEU A 109 9.44 -9.98 18.28
N LEU A 110 10.55 -9.47 17.75
CA LEU A 110 11.01 -9.85 16.43
C LEU A 110 12.08 -10.93 16.44
N ILE A 111 11.88 -11.96 15.62
CA ILE A 111 12.82 -13.07 15.49
C ILE A 111 13.02 -13.35 14.01
N VAL A 112 14.13 -12.90 13.46
CA VAL A 112 14.38 -13.14 12.05
C VAL A 112 15.20 -14.43 11.98
N ARG A 113 15.07 -15.17 10.87
CA ARG A 113 15.79 -16.43 10.69
C ARG A 113 16.17 -16.69 9.24
N GLY A 114 17.43 -17.01 9.03
CA GLY A 114 17.94 -17.29 7.71
C GLY A 114 19.38 -17.76 7.81
N ASN A 115 20.01 -17.99 6.67
CA ASN A 115 21.40 -18.42 6.64
C ASN A 115 22.20 -17.15 6.88
N LYS A 116 23.39 -17.27 7.48
CA LYS A 116 24.23 -16.10 7.77
C LYS A 116 24.13 -14.98 6.73
N LEU A 117 24.65 -13.82 7.10
CA LEU A 117 24.60 -12.67 6.22
C LEU A 117 25.97 -12.28 5.70
N SER A 118 25.97 -11.81 4.46
CA SER A 118 27.18 -11.38 3.77
C SER A 118 27.59 -10.00 4.27
N LYS A 119 28.89 -9.74 4.35
CA LYS A 119 29.41 -8.45 4.82
C LYS A 119 28.63 -7.28 4.25
N ALA A 120 28.12 -7.45 3.03
CA ALA A 120 27.35 -6.40 2.37
C ALA A 120 25.94 -6.36 2.97
N GLN A 121 25.22 -7.48 2.90
CA GLN A 121 23.87 -7.58 3.45
C GLN A 121 23.82 -7.15 4.91
N GLU A 122 24.98 -7.15 5.57
CA GLU A 122 25.08 -6.78 6.98
C GLU A 122 25.39 -5.30 7.18
N ASN A 123 24.87 -4.47 6.29
CA ASN A 123 25.06 -3.03 6.35
C ASN A 123 23.79 -2.43 5.78
N ALA A 124 22.94 -3.30 5.23
CA ALA A 124 21.68 -2.89 4.64
C ALA A 124 20.83 -2.21 5.70
N ALA A 125 20.70 -0.89 5.57
CA ALA A 125 19.95 -0.04 6.49
C ALA A 125 19.29 -0.73 7.70
N TRP A 126 18.49 -1.77 7.43
CA TRP A 126 17.79 -2.50 8.48
C TRP A 126 18.63 -3.14 9.58
N PHE A 127 19.57 -3.99 9.20
CA PHE A 127 20.41 -4.64 10.20
C PHE A 127 21.06 -3.57 11.07
N THR A 128 21.69 -2.58 10.46
CA THR A 128 22.35 -1.52 11.21
C THR A 128 21.45 -0.89 12.28
N ALA A 129 20.13 -1.03 12.13
CA ALA A 129 19.18 -0.48 13.09
C ALA A 129 19.16 -1.34 14.36
N LEU A 130 18.66 -2.56 14.24
CA LEU A 130 18.62 -3.49 15.37
C LEU A 130 19.97 -3.47 16.08
N ALA A 131 20.97 -3.05 15.32
CA ALA A 131 22.37 -2.95 15.75
C ALA A 131 22.58 -2.52 17.19
N ASN A 132 21.52 -2.06 17.84
CA ASN A 132 21.69 -1.63 19.23
C ASN A 132 20.76 -2.40 20.16
N ARG A 133 19.50 -2.51 19.77
CA ARG A 133 18.49 -3.20 20.55
C ARG A 133 18.66 -4.72 20.59
N SER A 134 18.70 -5.32 19.40
CA SER A 134 18.77 -6.78 19.21
C SER A 134 19.95 -7.63 19.72
N VAL A 135 20.02 -8.85 19.17
CA VAL A 135 21.03 -9.86 19.48
C VAL A 135 21.06 -10.92 18.38
N GLN A 136 22.26 -11.33 17.96
CA GLN A 136 22.41 -12.35 16.91
C GLN A 136 23.01 -13.64 17.45
N VAL A 137 22.46 -14.77 17.04
CA VAL A 137 22.95 -16.07 17.50
C VAL A 137 23.48 -16.89 16.33
N THR A 138 24.80 -16.92 16.24
CA THR A 138 25.48 -17.65 15.18
C THR A 138 25.14 -19.13 15.16
N CYS A 139 24.40 -19.53 14.14
CA CYS A 139 24.02 -20.94 14.00
C CYS A 139 24.62 -21.60 12.76
N GLN A 140 25.87 -22.03 12.88
CA GLN A 140 26.55 -22.68 11.78
C GLN A 140 27.04 -24.10 12.04
N THR A 141 26.85 -24.97 11.05
CA THR A 141 27.27 -26.36 11.14
C THR A 141 28.75 -26.47 11.46
N PRO A 142 29.10 -27.09 12.61
CA PRO A 142 30.52 -27.22 12.97
C PRO A 142 31.35 -27.89 11.87
N GLU A 143 32.62 -27.49 11.77
CA GLU A 143 33.54 -27.99 10.75
C GLU A 143 33.95 -29.45 10.87
N GLN A 144 34.80 -29.89 9.94
CA GLN A 144 35.30 -31.26 9.90
C GLN A 144 35.99 -31.67 11.21
N ALA A 145 36.58 -30.71 11.90
CA ALA A 145 37.28 -30.99 13.16
C ALA A 145 36.36 -31.09 14.38
N GLN A 146 35.29 -30.31 14.39
CA GLN A 146 34.34 -30.32 15.50
C GLN A 146 33.13 -31.18 15.14
N LEU A 147 32.98 -31.47 13.84
CA LEU A 147 31.87 -32.28 13.35
C LEU A 147 31.68 -33.49 14.25
N PRO A 148 32.76 -34.28 14.45
CA PRO A 148 32.62 -35.47 15.31
C PRO A 148 32.40 -35.10 16.78
N ARG A 149 33.05 -34.03 17.23
CA ARG A 149 32.91 -33.60 18.62
C ARG A 149 31.45 -33.33 18.95
N TRP A 150 30.76 -32.71 18.02
CA TRP A 150 29.34 -32.37 18.15
C TRP A 150 28.58 -33.66 18.42
N VAL A 151 28.74 -34.60 17.49
CA VAL A 151 28.09 -35.88 17.59
C VAL A 151 28.40 -36.53 18.94
N ALA A 152 29.58 -36.23 19.46
CA ALA A 152 30.00 -36.79 20.75
C ALA A 152 29.27 -36.07 21.88
N ALA A 153 29.31 -34.74 21.85
CA ALA A 153 28.64 -33.94 22.86
C ALA A 153 27.16 -34.30 22.88
N ARG A 154 26.46 -33.90 21.82
CA ARG A 154 25.03 -34.18 21.68
C ARG A 154 24.69 -35.60 22.17
N ALA A 155 25.33 -36.61 21.56
CA ALA A 155 25.12 -38.01 21.91
C ALA A 155 25.10 -38.12 23.42
N LYS A 156 26.11 -37.53 24.02
CA LYS A 156 26.21 -37.63 25.45
C LYS A 156 24.96 -37.04 26.10
N GLN A 157 24.29 -36.05 25.53
CA GLN A 157 23.12 -35.54 26.21
C GLN A 157 21.93 -36.45 25.96
N LEU A 158 22.03 -37.32 24.95
CA LEU A 158 20.96 -38.27 24.66
C LEU A 158 21.24 -39.52 25.49
N ASN A 159 22.17 -39.39 26.43
CA ASN A 159 22.55 -40.46 27.34
C ASN A 159 23.09 -41.64 26.56
N LEU A 160 24.04 -41.34 25.68
CA LEU A 160 24.63 -42.35 24.79
C LEU A 160 26.17 -42.48 24.94
N GLU A 161 26.63 -43.73 24.97
CA GLU A 161 28.07 -44.04 25.00
C GLU A 161 28.55 -44.37 23.54
N LEU A 162 28.58 -43.34 22.59
CA LEU A 162 28.96 -43.50 21.14
C LEU A 162 30.48 -43.57 21.00
N ASP A 163 31.03 -44.75 20.71
CA ASP A 163 32.48 -44.87 20.59
C ASP A 163 33.07 -43.98 19.50
N ASP A 164 34.34 -43.62 19.70
CA ASP A 164 35.09 -42.77 18.78
C ASP A 164 34.96 -43.32 17.37
N ALA A 165 35.36 -44.57 17.18
CA ALA A 165 35.31 -45.21 15.88
C ALA A 165 33.87 -45.27 15.34
N ALA A 166 32.90 -45.43 16.25
CA ALA A 166 31.49 -45.48 15.86
C ALA A 166 31.05 -44.07 15.54
N ASN A 167 31.78 -43.12 16.12
CA ASN A 167 31.50 -41.71 15.91
C ASN A 167 31.97 -41.33 14.52
N GLN A 168 33.17 -41.76 14.19
CA GLN A 168 33.79 -41.48 12.89
C GLN A 168 32.94 -41.92 11.70
N VAL A 169 32.65 -43.22 11.62
CA VAL A 169 31.85 -43.78 10.52
C VAL A 169 30.63 -42.91 10.26
N LEU A 170 29.86 -42.66 11.31
CA LEU A 170 28.67 -41.84 11.22
C LEU A 170 29.02 -40.50 10.61
N CYS A 171 30.14 -39.96 11.05
CA CYS A 171 30.59 -38.67 10.58
C CYS A 171 31.01 -38.70 9.12
N TYR A 172 31.38 -39.87 8.61
CA TYR A 172 31.80 -40.00 7.21
C TYR A 172 30.63 -40.17 6.25
N CYS A 173 29.53 -40.73 6.72
CA CYS A 173 28.35 -40.82 5.87
C CYS A 173 27.51 -39.71 6.43
N TYR A 174 26.55 -39.21 5.67
CA TYR A 174 25.74 -38.08 6.14
C TYR A 174 26.75 -37.08 6.66
N GLU A 175 27.91 -37.00 6.02
CA GLU A 175 28.96 -36.07 6.47
C GLU A 175 28.51 -34.63 6.28
N GLY A 176 27.71 -34.12 7.23
CA GLY A 176 27.28 -32.74 7.09
C GLY A 176 25.81 -32.41 7.29
N ASN A 177 24.92 -33.24 6.75
CA ASN A 177 23.46 -33.04 6.86
C ASN A 177 23.09 -33.27 8.33
N LEU A 178 23.57 -32.38 9.19
CA LEU A 178 23.34 -32.43 10.63
C LEU A 178 21.96 -33.00 10.95
N LEU A 179 21.02 -32.73 10.06
CA LEU A 179 19.66 -33.22 10.21
C LEU A 179 19.63 -34.71 10.50
N ALA A 180 20.09 -35.51 9.56
CA ALA A 180 20.12 -36.96 9.69
C ALA A 180 20.89 -37.44 10.91
N LEU A 181 22.09 -36.89 11.13
CA LEU A 181 22.89 -37.28 12.27
C LEU A 181 22.13 -37.10 13.58
N ALA A 182 21.38 -36.02 13.68
CA ALA A 182 20.58 -35.79 14.87
C ALA A 182 19.54 -36.90 14.93
N GLN A 183 19.04 -37.28 13.75
CA GLN A 183 18.03 -38.32 13.59
C GLN A 183 18.53 -39.68 14.00
N ALA A 184 19.45 -40.23 13.20
CA ALA A 184 20.04 -41.55 13.45
C ALA A 184 20.40 -41.77 14.92
N LEU A 185 20.54 -40.67 15.66
CA LEU A 185 20.90 -40.75 17.09
C LEU A 185 19.71 -41.14 17.97
N GLU A 186 18.60 -40.42 17.82
CA GLU A 186 17.40 -40.71 18.58
C GLU A 186 16.83 -42.05 18.13
N ARG A 187 17.17 -42.45 16.91
CA ARG A 187 16.73 -43.72 16.33
C ARG A 187 17.52 -44.81 17.04
N LEU A 188 18.83 -44.61 17.08
CA LEU A 188 19.73 -45.57 17.73
C LEU A 188 19.43 -45.57 19.22
N SER A 189 19.06 -44.42 19.74
CA SER A 189 18.68 -44.38 21.13
C SER A 189 17.66 -45.53 21.24
N LEU A 190 16.69 -45.50 20.32
CA LEU A 190 15.60 -46.49 20.27
C LEU A 190 16.00 -47.96 20.06
N LEU A 191 17.01 -48.23 19.23
CA LEU A 191 17.38 -49.62 18.97
C LEU A 191 17.88 -50.29 20.25
N TRP A 192 18.70 -49.55 20.97
CA TRP A 192 19.31 -50.05 22.19
C TRP A 192 19.19 -49.24 23.49
N PRO A 193 18.00 -49.08 24.08
CA PRO A 193 17.89 -48.30 25.31
C PRO A 193 18.75 -48.94 26.36
N ASP A 194 19.74 -48.20 26.84
CA ASP A 194 20.71 -48.65 27.83
C ASP A 194 21.74 -49.59 27.19
N GLY A 195 21.96 -49.37 25.89
CA GLY A 195 22.92 -50.09 25.07
C GLY A 195 24.11 -49.19 24.76
N LYS A 196 25.13 -49.76 24.11
CA LYS A 196 26.37 -49.04 23.76
C LYS A 196 26.60 -49.12 22.26
N LEU A 197 27.07 -48.04 21.67
CA LEU A 197 27.28 -48.04 20.23
C LEU A 197 28.69 -48.32 19.79
N THR A 198 29.13 -49.54 20.01
CA THR A 198 30.46 -50.00 19.63
C THR A 198 30.59 -49.77 18.11
N LEU A 199 31.78 -49.95 17.55
CA LEU A 199 31.95 -49.77 16.11
C LEU A 199 31.23 -50.86 15.33
N PRO A 200 31.24 -52.10 15.86
CA PRO A 200 30.55 -53.18 15.15
C PRO A 200 29.03 -52.93 15.07
N ARG A 201 28.44 -52.47 16.17
CA ARG A 201 27.00 -52.20 16.27
C ARG A 201 26.47 -51.11 15.33
N VAL A 202 27.12 -49.95 15.34
CA VAL A 202 26.73 -48.83 14.49
C VAL A 202 27.01 -49.10 13.01
N GLU A 203 28.25 -49.49 12.71
CA GLU A 203 28.72 -49.77 11.36
C GLU A 203 27.82 -50.69 10.53
N GLN A 204 27.17 -51.65 11.18
CA GLN A 204 26.29 -52.59 10.50
C GLN A 204 24.95 -51.87 10.28
N ALA A 205 24.38 -51.36 11.37
CA ALA A 205 23.12 -50.65 11.31
C ALA A 205 23.16 -49.64 10.18
N VAL A 206 24.31 -49.01 10.01
CA VAL A 206 24.53 -48.02 8.97
C VAL A 206 24.74 -48.69 7.61
N ASN A 207 25.49 -49.78 7.62
CA ASN A 207 25.78 -50.54 6.41
C ASN A 207 24.48 -51.08 5.83
N ASP A 208 23.77 -51.84 6.64
CA ASP A 208 22.51 -52.42 6.23
C ASP A 208 21.54 -51.31 5.88
N ALA A 209 21.52 -50.23 6.68
CA ALA A 209 20.63 -49.09 6.44
C ALA A 209 20.67 -48.71 4.97
N ALA A 210 21.80 -49.02 4.33
CA ALA A 210 22.05 -48.80 2.92
C ALA A 210 21.36 -47.66 2.17
N HIS A 211 21.66 -46.40 2.48
CA HIS A 211 21.06 -45.28 1.75
C HIS A 211 22.14 -44.65 0.88
N PHE A 212 21.82 -44.38 -0.38
CA PHE A 212 22.79 -43.79 -1.32
C PHE A 212 22.31 -42.49 -1.91
N THR A 213 23.17 -41.48 -1.87
CA THR A 213 22.77 -40.21 -2.45
C THR A 213 23.19 -40.28 -3.90
N PRO A 214 22.43 -39.64 -4.79
CA PRO A 214 22.89 -39.72 -6.18
C PRO A 214 24.28 -39.10 -6.18
N PHE A 215 24.59 -38.41 -5.09
CA PHE A 215 25.88 -37.77 -4.88
C PHE A 215 26.89 -38.88 -4.64
N HIS A 216 26.39 -39.98 -4.09
CA HIS A 216 27.21 -41.15 -3.80
C HIS A 216 27.61 -41.79 -5.12
N TRP A 217 26.65 -41.84 -6.04
CA TRP A 217 26.88 -42.40 -7.34
C TRP A 217 27.99 -41.60 -7.99
N VAL A 218 27.74 -40.31 -8.18
CA VAL A 218 28.69 -39.40 -8.81
C VAL A 218 30.09 -39.59 -8.28
N ASP A 219 30.23 -39.42 -6.97
CA ASP A 219 31.51 -39.55 -6.33
C ASP A 219 32.21 -40.84 -6.75
N ALA A 220 31.46 -41.93 -6.90
CA ALA A 220 32.05 -43.20 -7.32
C ALA A 220 32.63 -42.96 -8.71
N LEU A 221 31.73 -42.57 -9.60
CA LEU A 221 32.04 -42.26 -10.98
C LEU A 221 33.32 -41.48 -11.04
N LEU A 222 33.58 -40.75 -9.96
CA LEU A 222 34.82 -40.01 -9.82
C LEU A 222 35.88 -41.13 -9.72
N GLY A 224 36.24 -43.83 -9.28
CA GLY A 224 36.06 -45.00 -8.48
C GLY A 224 35.56 -46.08 -9.44
N LYS A 225 35.94 -47.33 -9.22
CA LYS A 225 35.52 -48.41 -10.11
C LYS A 225 34.03 -48.43 -10.27
N SER A 226 33.63 -48.79 -11.48
CA SER A 226 32.24 -48.84 -11.85
C SER A 226 31.42 -49.75 -10.96
N LYS A 227 32.00 -50.85 -10.49
CA LYS A 227 31.21 -51.77 -9.67
C LYS A 227 30.24 -51.08 -8.74
N ARG A 228 30.75 -50.39 -7.73
CA ARG A 228 29.91 -49.69 -6.77
C ARG A 228 29.01 -48.74 -7.52
N ALA A 229 29.61 -48.00 -8.43
CA ALA A 229 28.90 -47.03 -9.25
C ALA A 229 27.58 -47.61 -9.80
N LEU A 230 27.69 -48.65 -10.62
CA LEU A 230 26.50 -49.25 -11.20
C LEU A 230 25.51 -49.72 -10.12
N HIS A 231 26.03 -50.38 -9.09
CA HIS A 231 25.16 -50.85 -8.02
C HIS A 231 24.37 -49.67 -7.48
N ILE A 232 25.08 -48.65 -7.01
CA ILE A 232 24.45 -47.46 -6.47
C ILE A 232 23.42 -46.85 -7.42
N LEU A 233 23.47 -47.25 -8.69
CA LEU A 233 22.55 -46.73 -9.69
C LEU A 233 21.22 -47.44 -9.63
N GLN A 234 21.24 -48.77 -9.79
CA GLN A 234 20.00 -49.52 -9.74
C GLN A 234 19.45 -49.45 -8.32
N GLN A 235 20.32 -49.18 -7.35
CA GLN A 235 19.86 -49.01 -5.99
C GLN A 235 19.16 -47.67 -6.03
N LEU A 236 19.83 -46.69 -6.59
CA LEU A 236 19.27 -45.35 -6.72
C LEU A 236 17.95 -45.29 -7.50
N ARG A 237 17.35 -46.44 -7.81
CA ARG A 237 16.08 -46.47 -8.52
C ARG A 237 15.03 -46.95 -7.54
N LEU A 238 15.48 -47.88 -6.71
CA LEU A 238 14.69 -48.49 -5.69
C LEU A 238 14.75 -47.60 -4.44
N GLU A 239 14.89 -46.32 -4.71
CA GLU A 239 14.91 -45.29 -3.69
C GLU A 239 14.08 -44.26 -4.43
N GLY A 240 13.34 -44.77 -5.42
CA GLY A 240 12.46 -43.97 -6.24
C GLY A 240 13.00 -42.62 -6.67
N SER A 241 14.30 -42.55 -6.92
CA SER A 241 14.91 -41.30 -7.34
C SER A 241 14.37 -40.93 -8.70
N GLU A 242 14.26 -39.63 -8.97
CA GLU A 242 13.83 -39.17 -10.27
C GLU A 242 15.11 -39.16 -11.10
N PRO A 243 15.03 -39.47 -12.40
CA PRO A 243 16.28 -39.46 -13.13
C PRO A 243 16.74 -38.04 -13.42
N VAL A 244 15.79 -37.10 -13.48
CA VAL A 244 16.08 -35.69 -13.78
C VAL A 244 17.04 -35.04 -12.81
N ILE A 245 16.94 -35.47 -11.56
CA ILE A 245 17.81 -34.94 -10.53
C ILE A 245 19.18 -35.64 -10.54
N LEU A 246 19.26 -36.84 -11.14
CA LEU A 246 20.55 -37.50 -11.19
C LEU A 246 21.36 -36.82 -12.27
N LEU A 247 20.70 -36.56 -13.40
CA LEU A 247 21.38 -35.92 -14.52
C LEU A 247 22.11 -34.67 -14.12
N ARG A 248 21.34 -33.65 -13.72
CA ARG A 248 21.93 -32.37 -13.36
C ARG A 248 22.90 -32.38 -12.19
N THR A 249 22.84 -33.40 -11.35
CA THR A 249 23.80 -33.47 -10.24
C THR A 249 25.14 -33.84 -10.80
N LEU A 250 25.18 -34.88 -11.62
CA LEU A 250 26.44 -35.29 -12.23
C LEU A 250 26.96 -34.15 -13.10
N GLN A 251 26.06 -33.43 -13.76
CA GLN A 251 26.44 -32.33 -14.63
C GLN A 251 27.37 -31.39 -13.89
N ARG A 252 26.85 -30.82 -12.81
CA ARG A 252 27.62 -29.87 -12.01
C ARG A 252 29.03 -30.36 -11.77
N GLU A 253 29.17 -31.65 -11.46
CA GLU A 253 30.47 -32.24 -11.17
C GLU A 253 31.26 -32.60 -12.43
N LEU A 254 30.53 -32.84 -13.52
CA LEU A 254 31.15 -33.20 -14.80
C LEU A 254 31.60 -31.96 -15.54
N LEU A 255 30.84 -30.88 -15.42
CA LEU A 255 31.24 -29.65 -16.07
C LEU A 255 32.43 -29.14 -15.29
N LEU A 256 32.24 -29.00 -13.98
CA LEU A 256 33.28 -28.51 -13.10
C LEU A 256 34.55 -29.19 -13.55
N LEU A 257 34.42 -30.50 -13.79
CA LEU A 257 35.55 -31.31 -14.24
C LEU A 257 36.16 -30.87 -15.57
N VAL A 258 35.34 -30.32 -16.46
CA VAL A 258 35.86 -29.87 -17.73
C VAL A 258 36.79 -28.69 -17.49
N ASN A 259 36.28 -27.64 -16.84
CA ASN A 259 37.10 -26.48 -16.57
C ASN A 259 38.44 -26.87 -15.97
N LEU A 260 38.38 -27.43 -14.78
CA LEU A 260 39.58 -27.84 -14.09
C LEU A 260 40.62 -28.44 -15.02
N LYS A 261 40.24 -29.50 -15.76
CA LYS A 261 41.19 -30.14 -16.70
C LYS A 261 41.66 -29.09 -17.72
N ARG A 262 40.76 -28.16 -18.06
CA ARG A 262 41.02 -27.09 -19.04
C ARG A 262 42.03 -26.12 -18.53
N GLN A 263 42.12 -26.05 -17.21
CA GLN A 263 43.06 -25.15 -16.57
C GLN A 263 44.23 -25.86 -15.91
N SER A 264 45.04 -26.47 -16.79
CA SER A 264 46.28 -27.07 -16.46
C SER A 264 47.25 -26.14 -17.17
N ALA A 265 48.17 -25.54 -16.42
CA ALA A 265 49.13 -24.57 -16.92
C ALA A 265 48.47 -23.19 -16.81
N HIS A 266 47.22 -23.17 -16.35
CA HIS A 266 46.47 -21.95 -16.16
C HIS A 266 46.74 -21.51 -14.74
N THR A 267 46.83 -22.51 -13.87
CA THR A 267 47.07 -22.31 -12.45
C THR A 267 47.18 -23.70 -11.84
N PRO A 268 48.16 -23.89 -10.95
CA PRO A 268 48.31 -25.18 -10.29
C PRO A 268 47.03 -25.62 -9.56
N LEU A 269 46.63 -26.88 -9.85
CA LEU A 269 45.42 -27.54 -9.30
C LEU A 269 45.06 -26.95 -7.96
N ARG A 270 46.10 -26.60 -7.28
CA ARG A 270 45.89 -26.02 -5.98
C ARG A 270 44.96 -24.81 -6.10
N ALA A 271 45.60 -23.65 -6.29
CA ALA A 271 44.90 -22.39 -6.38
C ALA A 271 43.53 -22.48 -7.02
N LEU A 272 43.42 -23.31 -8.05
CA LEU A 272 42.18 -23.47 -8.74
C LEU A 272 41.05 -23.90 -7.81
N PHE A 273 41.21 -25.06 -7.16
CA PHE A 273 40.20 -25.60 -6.25
C PHE A 273 39.50 -24.58 -5.37
N ASP A 274 40.31 -23.79 -4.65
CA ASP A 274 39.78 -22.75 -3.79
C ASP A 274 38.85 -21.95 -4.67
N LYS A 275 39.44 -21.39 -5.73
CA LYS A 275 38.71 -20.56 -6.68
C LYS A 275 37.26 -20.99 -6.86
N HIS A 276 37.04 -22.23 -7.27
CA HIS A 276 35.67 -22.70 -7.48
C HIS A 276 34.99 -22.93 -6.15
N ARG A 277 35.75 -23.25 -5.12
CA ARG A 277 35.22 -23.41 -3.74
C ARG A 277 34.41 -24.68 -3.37
N VAL A 278 34.40 -25.76 -4.16
CA VAL A 278 33.66 -27.00 -3.85
C VAL A 278 34.64 -27.99 -3.19
N TRP A 279 35.93 -27.75 -3.47
CA TRP A 279 37.09 -28.50 -2.96
C TRP A 279 36.92 -28.65 -1.41
N GLN A 280 36.10 -29.57 -0.84
CA GLN A 280 35.94 -29.67 0.67
C GLN A 280 36.74 -30.75 1.39
N ASN A 281 37.03 -31.78 0.64
CA ASN A 281 37.86 -32.96 0.89
C ASN A 281 37.97 -33.51 -0.51
N ARG A 282 36.87 -33.35 -1.26
CA ARG A 282 36.77 -33.82 -2.62
C ARG A 282 38.09 -33.72 -3.35
N ARG A 283 38.97 -32.97 -2.68
CA ARG A 283 40.34 -32.75 -3.17
C ARG A 283 41.31 -33.68 -2.59
N GLY A 284 41.45 -34.53 -3.60
CA GLY A 284 42.24 -35.70 -3.76
C GLY A 284 41.55 -36.52 -4.88
N GLY A 287 41.02 -34.56 -7.88
CA GLY A 287 42.31 -34.49 -8.52
C GLY A 287 42.48 -35.81 -9.26
N GLU A 288 42.31 -36.92 -8.54
CA GLU A 288 42.45 -38.28 -9.08
C GLU A 288 41.71 -38.46 -10.40
N ALA A 289 40.51 -37.88 -10.48
CA ALA A 289 39.72 -37.94 -11.71
C ALA A 289 40.53 -37.18 -12.75
N LEU A 290 40.78 -35.90 -12.46
CA LEU A 290 41.54 -35.00 -13.33
C LEU A 290 42.88 -35.55 -13.79
N ASN A 291 43.15 -36.82 -13.46
CA ASN A 291 44.41 -37.47 -13.85
C ASN A 291 44.16 -38.59 -14.82
N ARG A 292 42.93 -39.12 -14.84
CA ARG A 292 42.65 -40.20 -15.76
C ARG A 292 41.56 -39.94 -16.78
N LEU A 293 40.87 -38.81 -16.63
CA LEU A 293 39.84 -38.47 -17.59
C LEU A 293 40.56 -37.63 -18.67
N SER A 294 40.57 -38.11 -19.90
CA SER A 294 41.21 -37.37 -20.97
C SER A 294 40.31 -36.19 -21.37
N GLN A 295 40.89 -35.12 -21.88
CA GLN A 295 40.10 -33.96 -22.29
C GLN A 295 38.89 -34.46 -23.07
N THR A 296 39.13 -35.44 -23.93
CA THR A 296 38.12 -36.07 -24.78
C THR A 296 37.12 -36.95 -24.02
N GLN A 297 37.60 -37.71 -23.03
CA GLN A 297 36.69 -38.56 -22.25
C GLN A 297 35.63 -37.63 -21.71
N LEU A 298 36.05 -36.49 -21.20
CA LEU A 298 35.10 -35.53 -20.67
C LEU A 298 33.99 -35.30 -21.67
N ARG A 299 34.31 -34.63 -22.77
CA ARG A 299 33.33 -34.31 -23.81
C ARG A 299 32.33 -35.42 -24.07
N GLN A 300 32.86 -36.61 -24.37
CA GLN A 300 32.04 -37.77 -24.65
C GLN A 300 30.99 -37.83 -23.57
N ALA A 301 31.44 -37.69 -22.34
CA ALA A 301 30.57 -37.74 -21.17
C ALA A 301 29.61 -36.58 -21.19
N VAL A 302 29.97 -35.53 -21.91
CA VAL A 302 29.11 -34.37 -21.97
C VAL A 302 28.12 -34.50 -23.09
N GLN A 303 28.54 -35.12 -24.18
CA GLN A 303 27.66 -35.33 -25.32
C GLN A 303 26.55 -36.25 -24.89
N LEU A 304 26.92 -37.34 -24.23
CA LEU A 304 25.97 -38.31 -23.74
C LEU A 304 24.96 -37.69 -22.77
N LEU A 305 25.47 -37.03 -21.74
CA LEU A 305 24.61 -36.41 -20.77
C LEU A 305 23.56 -35.66 -21.59
N THR A 306 24.01 -34.82 -22.50
CA THR A 306 23.08 -34.09 -23.33
C THR A 306 22.05 -35.00 -23.98
N ARG A 307 22.47 -35.93 -24.83
CA ARG A 307 21.53 -36.84 -25.51
C ARG A 307 20.48 -37.22 -24.48
N THR A 308 20.96 -37.73 -23.35
CA THR A 308 20.10 -38.14 -22.25
C THR A 308 19.11 -37.05 -21.90
N GLU A 309 19.62 -35.94 -21.35
CA GLU A 309 18.86 -34.75 -20.96
C GLU A 309 17.83 -34.39 -22.01
N LEU A 310 18.28 -34.36 -23.27
CA LEU A 310 17.40 -34.05 -24.38
C LEU A 310 16.41 -35.20 -24.56
N THR A 311 16.95 -36.37 -24.90
CA THR A 311 16.12 -37.55 -25.09
C THR A 311 15.15 -37.70 -23.92
N LEU A 312 15.52 -37.15 -22.77
CA LEU A 312 14.68 -37.23 -21.58
C LEU A 312 13.47 -36.35 -21.71
N LYS A 313 13.69 -35.15 -22.25
CA LYS A 313 12.66 -34.14 -22.42
C LYS A 313 12.04 -34.03 -23.80
N GLN A 314 12.27 -34.99 -24.68
CA GLN A 314 11.69 -34.88 -26.02
C GLN A 314 10.78 -36.07 -26.33
N ASP A 315 10.92 -37.12 -25.55
CA ASP A 315 10.11 -38.33 -25.67
C ASP A 315 9.84 -38.74 -24.23
N TYR A 316 9.59 -37.71 -23.43
CA TYR A 316 9.29 -37.72 -22.01
C TYR A 316 9.01 -39.08 -21.37
N GLY A 317 10.06 -39.83 -21.10
CA GLY A 317 9.91 -41.14 -20.49
C GLY A 317 10.35 -42.27 -21.40
N GLN A 318 11.60 -42.21 -21.87
CA GLN A 318 12.11 -43.26 -22.75
C GLN A 318 13.08 -44.10 -21.92
N SER A 319 12.82 -44.18 -20.62
CA SER A 319 13.68 -44.95 -19.73
C SER A 319 15.14 -44.55 -19.93
N VAL A 320 15.49 -43.40 -19.35
CA VAL A 320 16.82 -42.82 -19.44
C VAL A 320 17.89 -43.65 -18.75
N TRP A 321 17.51 -44.25 -17.62
CA TRP A 321 18.42 -45.08 -16.85
C TRP A 321 19.37 -45.85 -17.76
N ALA A 322 18.81 -46.43 -18.82
CA ALA A 322 19.60 -47.20 -19.77
C ALA A 322 20.89 -46.43 -19.97
N GLU A 323 20.78 -45.30 -20.68
CA GLU A 323 21.90 -44.42 -21.00
C GLU A 323 22.77 -44.04 -19.79
N LEU A 324 22.15 -43.57 -18.71
CA LEU A 324 22.93 -43.23 -17.53
C LEU A 324 23.95 -44.31 -17.25
N GLU A 325 23.49 -45.56 -17.27
CA GLU A 325 24.35 -46.70 -17.01
C GLU A 325 25.58 -46.68 -17.92
N GLY A 326 25.34 -46.61 -19.22
CA GLY A 326 26.42 -46.57 -20.18
C GLY A 326 27.29 -45.41 -19.74
N LEU A 327 26.69 -44.23 -19.73
CA LEU A 327 27.38 -43.02 -19.32
C LEU A 327 28.42 -43.28 -18.24
N SER A 328 27.98 -43.73 -17.07
CA SER A 328 28.93 -44.00 -15.98
C SER A 328 30.12 -44.83 -16.45
N LEU A 329 29.83 -45.98 -17.05
CA LEU A 329 30.92 -46.79 -17.53
C LEU A 329 31.93 -45.99 -18.36
N LEU A 330 31.48 -44.91 -18.99
CA LEU A 330 32.36 -44.09 -19.81
C LEU A 330 33.35 -43.40 -18.90
N LEU A 331 32.87 -42.81 -17.82
CA LEU A 331 33.73 -42.07 -16.88
C LEU A 331 34.67 -42.97 -16.09
N CYS A 332 34.76 -44.24 -16.49
CA CYS A 332 35.63 -45.20 -15.79
C CYS A 332 36.65 -45.95 -16.61
N HIS A 333 36.65 -45.77 -17.92
CA HIS A 333 37.62 -46.49 -18.73
C HIS A 333 37.92 -45.69 -20.00
N LYS A 334 38.98 -46.04 -20.70
CA LYS A 334 39.30 -45.30 -21.90
C LYS A 334 38.13 -45.49 -22.85
N PRO A 335 37.88 -44.49 -23.71
CA PRO A 335 36.77 -44.57 -24.67
C PRO A 335 37.16 -44.85 -26.14
N LEU A 336 36.15 -44.92 -27.03
CA LEU A 336 36.31 -45.22 -28.48
C LEU A 336 35.77 -44.12 -29.38
N ALA A 337 35.30 -44.45 -30.60
CA ALA A 337 34.80 -43.34 -31.49
C ALA A 337 33.34 -43.25 -32.09
N ASP A 338 32.34 -43.86 -31.41
CA ASP A 338 30.90 -43.89 -31.77
C ASP A 338 30.01 -44.36 -30.61
N VAL B 5 -7.84 -58.81 -3.84
CA VAL B 5 -6.44 -59.10 -4.31
C VAL B 5 -5.55 -59.52 -3.14
N LEU B 6 -4.68 -60.49 -3.40
CA LEU B 6 -3.72 -60.99 -2.41
C LEU B 6 -3.07 -59.85 -1.66
N ALA B 7 -3.20 -58.65 -2.22
CA ALA B 7 -2.63 -57.44 -1.64
C ALA B 7 -3.20 -57.20 -0.24
N ARG B 8 -4.53 -57.20 -0.14
CA ARG B 8 -5.20 -57.00 1.13
C ARG B 8 -5.20 -58.30 1.91
N LYS B 9 -5.48 -59.42 1.24
CA LYS B 9 -5.54 -60.70 1.91
C LYS B 9 -4.28 -61.07 2.68
N TRP B 10 -3.11 -60.59 2.27
CA TRP B 10 -1.91 -60.96 3.01
C TRP B 10 -1.24 -59.82 3.81
N ARG B 11 -1.94 -58.69 3.96
CA ARG B 11 -1.40 -57.57 4.71
C ARG B 11 -0.96 -57.97 6.12
N PRO B 12 0.27 -57.64 6.51
CA PRO B 12 0.82 -57.96 7.84
C PRO B 12 -0.07 -57.60 9.02
N GLN B 13 -0.17 -58.53 9.97
CA GLN B 13 -0.97 -58.33 11.18
C GLN B 13 -0.04 -58.28 12.37
N THR B 14 1.19 -58.73 12.16
CA THR B 14 2.18 -58.76 13.21
C THR B 14 3.58 -58.43 12.69
N PHE B 15 4.42 -57.89 13.56
CA PHE B 15 5.79 -57.55 13.20
C PHE B 15 6.54 -58.73 12.59
N ALA B 16 6.11 -59.94 12.91
CA ALA B 16 6.76 -61.13 12.38
C ALA B 16 6.30 -61.37 10.94
N ASP B 17 5.26 -60.62 10.55
CA ASP B 17 4.66 -60.72 9.21
C ASP B 17 5.24 -59.73 8.21
N VAL B 18 6.19 -58.90 8.62
CA VAL B 18 6.79 -57.91 7.71
C VAL B 18 8.08 -58.37 7.04
N VAL B 19 8.06 -58.27 5.67
CA VAL B 19 9.29 -58.58 4.87
C VAL B 19 10.28 -57.44 4.90
N GLY B 20 11.51 -57.88 5.07
CA GLY B 20 12.79 -57.17 5.15
C GLY B 20 12.80 -55.70 5.49
N GLN B 21 12.41 -55.33 6.69
CA GLN B 21 12.50 -53.93 7.06
C GLN B 21 13.07 -53.86 8.46
N GLU B 22 13.72 -54.96 8.81
CA GLU B 22 14.34 -55.16 10.11
C GLU B 22 14.73 -53.88 10.84
N HIS B 23 15.76 -53.19 10.34
CA HIS B 23 16.23 -51.96 10.98
C HIS B 23 15.09 -51.00 11.37
N VAL B 24 13.89 -51.21 10.84
CA VAL B 24 12.75 -50.36 11.17
C VAL B 24 11.85 -51.07 12.16
N LEU B 25 11.81 -52.39 12.03
CA LEU B 25 11.01 -53.24 12.89
C LEU B 25 11.67 -53.32 14.26
N THR B 26 12.92 -53.77 14.26
CA THR B 26 13.68 -53.89 15.49
C THR B 26 13.51 -52.61 16.29
N ALA B 27 13.68 -51.48 15.61
CA ALA B 27 13.55 -50.17 16.23
C ALA B 27 12.20 -49.94 16.88
N LEU B 28 11.15 -49.99 16.06
CA LEU B 28 9.79 -49.78 16.53
C LEU B 28 9.37 -50.78 17.60
N ALA B 29 9.77 -52.04 17.39
CA ALA B 29 9.46 -53.12 18.31
C ALA B 29 10.01 -52.82 19.69
N ASN B 30 11.29 -52.49 19.71
CA ASN B 30 11.99 -52.19 20.95
C ASN B 30 11.46 -50.94 21.65
N GLY B 31 11.27 -49.85 20.92
CA GLY B 31 10.75 -48.64 21.53
C GLY B 31 9.34 -48.86 22.08
N LEU B 32 8.78 -50.02 21.75
CA LEU B 32 7.45 -50.40 22.20
C LEU B 32 7.54 -51.34 23.39
N SER B 33 8.64 -52.08 23.46
CA SER B 33 8.87 -53.00 24.56
C SER B 33 9.29 -52.27 25.83
N LEU B 34 9.97 -51.13 25.67
CA LEU B 34 10.41 -50.34 26.82
C LEU B 34 9.61 -49.07 27.04
N GLY B 35 8.33 -49.12 26.66
CA GLY B 35 7.44 -47.98 26.81
C GLY B 35 7.93 -46.64 26.31
N ARG B 36 8.89 -46.65 25.38
CA ARG B 36 9.38 -45.38 24.86
C ARG B 36 8.61 -45.01 23.61
N ILE B 37 7.63 -44.12 23.80
CA ILE B 37 6.76 -43.67 22.74
C ILE B 37 6.87 -42.19 22.40
N HIS B 38 7.47 -41.90 21.24
CA HIS B 38 7.64 -40.52 20.79
C HIS B 38 6.29 -39.90 20.49
N HIS B 39 6.30 -38.64 20.11
CA HIS B 39 5.06 -37.93 19.82
C HIS B 39 4.67 -37.92 18.35
N ALA B 40 5.53 -38.45 17.49
CA ALA B 40 5.23 -38.47 16.05
C ALA B 40 6.28 -39.22 15.24
N TYR B 41 5.81 -40.08 14.35
CA TYR B 41 6.69 -40.88 13.50
C TYR B 41 6.58 -40.48 12.03
N LEU B 42 7.53 -40.93 11.23
CA LEU B 42 7.53 -40.64 9.79
C LEU B 42 8.20 -41.75 8.99
N PHE B 43 7.40 -42.45 8.21
CA PHE B 43 7.90 -43.54 7.39
C PHE B 43 8.07 -43.12 5.93
N SER B 44 9.30 -43.21 5.44
CA SER B 44 9.62 -42.82 4.07
C SER B 44 10.27 -43.92 3.27
N GLY B 45 9.82 -44.05 2.02
CA GLY B 45 10.36 -45.06 1.10
C GLY B 45 9.50 -45.09 -0.16
N THR B 46 9.75 -46.05 -1.04
CA THR B 46 8.98 -46.15 -2.28
C THR B 46 7.66 -46.89 -2.17
N ARG B 47 7.03 -46.98 -3.34
CA ARG B 47 5.76 -47.63 -3.54
C ARG B 47 5.81 -49.12 -3.18
N GLY B 48 4.83 -49.48 -2.33
CA GLY B 48 4.57 -50.84 -1.84
C GLY B 48 5.76 -51.57 -1.23
N VAL B 49 6.33 -50.88 -0.26
CA VAL B 49 7.44 -51.34 0.53
C VAL B 49 6.98 -51.67 1.94
N GLY B 50 5.78 -51.18 2.30
CA GLY B 50 5.15 -51.41 3.61
C GLY B 50 5.13 -50.21 4.55
N LYS B 51 5.13 -48.98 4.02
CA LYS B 51 5.07 -47.79 4.91
C LYS B 51 3.80 -47.85 5.72
N THR B 52 2.69 -48.03 4.96
CA THR B 52 1.33 -48.12 5.49
C THR B 52 1.23 -49.34 6.39
N SER B 53 1.74 -50.46 6.01
CA SER B 53 1.56 -51.69 6.85
C SER B 53 2.20 -51.54 8.23
N ILE B 54 3.40 -50.98 8.26
CA ILE B 54 4.11 -50.79 9.53
C ILE B 54 3.45 -49.68 10.36
N ALA B 55 2.94 -48.62 9.72
CA ALA B 55 2.24 -47.57 10.46
C ALA B 55 1.02 -48.15 11.19
N ARG B 56 0.26 -49.00 10.50
CA ARG B 56 -0.92 -49.64 11.05
C ARG B 56 -0.55 -50.60 12.16
N LEU B 57 0.53 -51.37 11.99
CA LEU B 57 0.96 -52.28 13.09
C LEU B 57 1.32 -51.46 14.31
N LEU B 58 1.96 -50.40 14.02
CA LEU B 58 2.41 -49.50 15.04
C LEU B 58 1.29 -48.92 15.88
N ALA B 59 0.26 -48.54 15.17
CA ALA B 59 -0.90 -47.94 15.82
C ALA B 59 -1.55 -49.03 16.72
N LYS B 60 -1.44 -50.32 16.26
CA LYS B 60 -2.01 -51.57 16.85
C LYS B 60 -1.34 -52.10 18.14
N GLY B 61 -0.03 -51.90 18.29
CA GLY B 61 0.68 -52.32 19.48
C GLY B 61 0.57 -51.24 20.54
N LEU B 62 0.13 -50.06 20.12
CA LEU B 62 -0.06 -48.90 20.99
C LEU B 62 -1.43 -48.94 21.62
N ASN B 63 -2.43 -49.40 20.85
CA ASN B 63 -3.81 -49.44 21.35
C ASN B 63 -4.32 -50.86 21.66
N CYS B 64 -3.39 -51.80 21.85
CA CYS B 64 -3.72 -53.19 22.18
C CYS B 64 -4.29 -53.22 23.59
N GLU B 65 -5.51 -53.70 23.76
CA GLU B 65 -6.09 -53.77 25.11
C GLU B 65 -5.16 -54.59 26.02
N THR B 66 -4.39 -55.50 25.44
CA THR B 66 -3.43 -56.34 26.20
C THR B 66 -2.35 -55.43 26.81
N GLY B 67 -2.24 -54.22 26.26
CA GLY B 67 -1.27 -53.25 26.73
C GLY B 67 -0.36 -52.77 25.62
N ILE B 68 0.43 -51.75 25.91
CA ILE B 68 1.36 -51.21 24.93
C ILE B 68 2.37 -52.33 24.63
N THR B 69 2.31 -52.90 23.42
CA THR B 69 3.20 -54.00 23.09
C THR B 69 3.73 -54.08 21.64
N ALA B 70 4.85 -54.80 21.50
CA ALA B 70 5.53 -55.01 20.24
C ALA B 70 4.88 -56.19 19.53
N THR B 71 3.91 -56.78 20.20
CA THR B 71 3.20 -57.93 19.67
C THR B 71 1.69 -57.86 19.94
N PRO B 72 0.98 -56.95 19.24
CA PRO B 72 -0.47 -56.84 19.46
C PRO B 72 -1.03 -58.27 19.46
N CYS B 73 -1.94 -58.58 20.38
CA CYS B 73 -2.49 -59.94 20.43
C CYS B 73 -3.28 -60.25 19.16
N GLY B 74 -3.92 -59.22 18.59
CA GLY B 74 -4.68 -59.39 17.35
C GLY B 74 -6.12 -59.89 17.42
N VAL B 75 -6.58 -60.18 18.64
CA VAL B 75 -7.93 -60.69 18.87
C VAL B 75 -8.81 -59.72 19.69
N CYS B 76 -8.20 -58.69 20.26
CA CYS B 76 -8.94 -57.71 21.05
C CYS B 76 -9.81 -56.90 20.08
N ASP B 77 -10.83 -56.22 20.61
CA ASP B 77 -11.71 -55.40 19.76
C ASP B 77 -10.95 -54.17 19.30
N ASN B 78 -9.82 -53.90 19.97
CA ASN B 78 -8.95 -52.78 19.62
C ASN B 78 -8.15 -53.17 18.39
N CYS B 79 -7.68 -54.41 18.39
CA CYS B 79 -6.88 -54.97 17.30
C CYS B 79 -7.71 -55.31 16.07
N ARG B 80 -8.94 -55.76 16.30
CA ARG B 80 -9.87 -56.15 15.23
C ARG B 80 -10.47 -55.01 14.39
N GLU B 81 -10.89 -53.94 15.07
CA GLU B 81 -11.49 -52.75 14.42
C GLU B 81 -10.41 -51.88 13.78
N ILE B 82 -9.16 -52.04 14.23
CA ILE B 82 -8.04 -51.30 13.66
C ILE B 82 -7.65 -52.03 12.38
N GLU B 83 -7.78 -53.37 12.42
CA GLU B 83 -7.48 -54.23 11.29
C GLU B 83 -8.52 -53.91 10.21
N GLN B 84 -9.75 -53.70 10.66
CA GLN B 84 -10.89 -53.38 9.80
C GLN B 84 -10.82 -51.96 9.25
N GLY B 85 -10.13 -51.06 9.96
CA GLY B 85 -10.07 -49.68 9.52
C GLY B 85 -11.23 -48.93 10.12
N ARG B 86 -11.99 -49.65 10.96
CA ARG B 86 -13.15 -49.07 11.62
C ARG B 86 -12.81 -48.84 13.09
N PHE B 87 -11.73 -48.11 13.36
CA PHE B 87 -11.37 -47.85 14.74
C PHE B 87 -11.49 -46.37 15.10
N VAL B 88 -12.44 -46.07 15.97
CA VAL B 88 -12.69 -44.70 16.41
C VAL B 88 -11.40 -43.94 16.63
N ASP B 89 -10.43 -44.61 17.24
CA ASP B 89 -9.14 -44.00 17.54
C ASP B 89 -8.08 -44.36 16.50
N LEU B 90 -8.42 -44.18 15.23
CA LEU B 90 -7.49 -44.46 14.16
C LEU B 90 -7.89 -43.64 12.94
N ILE B 91 -7.95 -42.32 13.13
CA ILE B 91 -8.31 -41.37 12.09
C ILE B 91 -7.30 -41.32 10.95
N GLU B 92 -7.64 -41.96 9.82
CA GLU B 92 -6.76 -41.98 8.65
C GLU B 92 -7.07 -40.83 7.71
N ILE B 93 -6.05 -40.06 7.35
CA ILE B 93 -6.22 -38.92 6.46
C ILE B 93 -5.34 -39.03 5.22
N ASP B 94 -5.91 -38.69 4.08
CA ASP B 94 -5.20 -38.76 2.82
C ASP B 94 -4.96 -37.35 2.29
N ALA B 95 -3.70 -36.95 2.26
CA ALA B 95 -3.33 -35.64 1.77
C ALA B 95 -3.15 -35.72 0.25
N ALA B 96 -3.38 -36.90 -0.29
CA ALA B 96 -3.24 -37.14 -1.73
C ALA B 96 -4.56 -37.02 -2.48
N SER B 97 -5.67 -37.33 -1.80
CA SER B 97 -6.99 -37.26 -2.41
C SER B 97 -7.41 -35.83 -2.78
N ARG B 98 -8.21 -35.73 -3.84
CA ARG B 98 -8.72 -34.45 -4.32
C ARG B 98 -10.09 -34.24 -3.70
N THR B 99 -10.83 -35.34 -3.55
CA THR B 99 -12.17 -35.36 -2.99
C THR B 99 -12.27 -35.02 -1.51
N LYS B 100 -11.39 -35.59 -0.69
CA LYS B 100 -11.41 -35.33 0.74
C LYS B 100 -10.49 -34.19 1.15
N VAL B 101 -10.38 -33.17 0.30
CA VAL B 101 -9.51 -32.01 0.60
C VAL B 101 -10.00 -31.17 1.78
N GLU B 102 -11.29 -31.28 2.11
CA GLU B 102 -11.85 -30.53 3.23
C GLU B 102 -11.81 -31.32 4.53
N ASP B 103 -12.11 -32.61 4.47
CA ASP B 103 -12.08 -33.45 5.66
C ASP B 103 -10.63 -33.70 6.08
N THR B 104 -9.71 -33.26 5.23
CA THR B 104 -8.28 -33.38 5.48
C THR B 104 -7.81 -32.07 6.09
N ARG B 105 -8.51 -30.99 5.77
CA ARG B 105 -8.18 -29.67 6.30
C ARG B 105 -8.81 -29.47 7.67
N ASP B 106 -9.98 -30.08 7.90
CA ASP B 106 -10.70 -29.94 9.16
C ASP B 106 -10.32 -30.90 10.28
N LEU B 107 -10.02 -32.15 9.93
CA LEU B 107 -9.63 -33.13 10.94
C LEU B 107 -8.38 -32.74 11.70
N LEU B 108 -7.64 -31.77 11.16
CA LEU B 108 -6.41 -31.30 11.79
C LEU B 108 -6.61 -29.97 12.54
N ASP B 109 -7.54 -29.15 12.08
CA ASP B 109 -7.83 -27.87 12.73
C ASP B 109 -8.63 -28.14 13.99
N ASN B 110 -9.08 -29.38 14.12
CA ASN B 110 -9.87 -29.81 15.25
C ASN B 110 -9.37 -31.12 15.81
N VAL B 111 -8.11 -31.14 16.23
CA VAL B 111 -7.53 -32.35 16.79
C VAL B 111 -8.33 -32.76 18.02
N GLN B 112 -8.50 -34.06 18.20
CA GLN B 112 -9.25 -34.61 19.33
C GLN B 112 -8.24 -35.10 20.36
N TYR B 113 -8.09 -34.33 21.44
CA TYR B 113 -7.14 -34.62 22.50
C TYR B 113 -7.44 -35.82 23.39
N ALA B 114 -8.71 -36.14 23.60
CA ALA B 114 -9.07 -37.27 24.45
C ALA B 114 -9.49 -38.51 23.66
N PRO B 115 -8.80 -39.64 23.90
CA PRO B 115 -9.08 -40.92 23.23
C PRO B 115 -10.52 -41.36 23.48
N ALA B 116 -11.16 -41.91 22.46
CA ALA B 116 -12.53 -42.37 22.59
C ALA B 116 -12.64 -43.80 23.16
N ARG B 117 -11.78 -44.70 22.70
CA ARG B 117 -11.80 -46.09 23.16
C ARG B 117 -10.47 -46.54 23.78
N GLY B 118 -9.50 -46.93 22.96
CA GLY B 118 -8.22 -47.37 23.49
C GLY B 118 -7.49 -46.28 24.25
N ARG B 119 -6.21 -46.51 24.54
CA ARG B 119 -5.41 -45.53 25.28
C ARG B 119 -4.92 -44.36 24.43
N PHE B 120 -4.83 -44.55 23.12
CA PHE B 120 -4.33 -43.50 22.23
C PHE B 120 -5.26 -43.03 21.10
N LYS B 121 -5.10 -41.76 20.73
CA LYS B 121 -5.88 -41.14 19.67
C LYS B 121 -4.95 -40.96 18.46
N VAL B 122 -4.53 -42.09 17.87
CA VAL B 122 -3.61 -42.13 16.73
C VAL B 122 -4.13 -41.57 15.40
N TYR B 123 -3.25 -40.86 14.68
CA TYR B 123 -3.56 -40.28 13.37
C TYR B 123 -2.56 -40.86 12.36
N LEU B 124 -2.99 -41.01 11.10
CA LEU B 124 -2.14 -41.57 10.05
C LEU B 124 -2.38 -40.86 8.70
N ILE B 125 -1.46 -39.97 8.33
CA ILE B 125 -1.57 -39.18 7.09
C ILE B 125 -0.71 -39.66 5.91
N ASP B 126 -1.33 -40.35 4.96
CA ASP B 126 -0.60 -40.85 3.79
C ASP B 126 -0.11 -39.70 2.91
N GLU B 127 1.09 -39.86 2.37
CA GLU B 127 1.69 -38.85 1.49
C GLU B 127 1.58 -37.48 2.15
N VAL B 128 1.98 -37.42 3.41
CA VAL B 128 1.93 -36.21 4.21
C VAL B 128 2.58 -34.97 3.57
N HIS B 129 3.27 -35.14 2.45
CA HIS B 129 3.91 -34.00 1.79
C HIS B 129 2.91 -33.26 0.92
N MET B 130 1.74 -33.87 0.75
CA MET B 130 0.70 -33.31 -0.09
C MET B 130 -0.29 -32.39 0.60
N LEU B 131 0.03 -31.95 1.82
CA LEU B 131 -0.88 -31.07 2.54
C LEU B 131 -0.79 -29.62 2.05
N SER B 132 -1.83 -28.84 2.36
CA SER B 132 -1.92 -27.43 1.98
C SER B 132 -1.13 -26.59 2.96
N ARG B 133 -0.53 -25.52 2.45
CA ARG B 133 0.28 -24.62 3.26
C ARG B 133 -0.43 -24.41 4.58
N HIS B 134 -1.75 -24.50 4.53
CA HIS B 134 -2.60 -24.35 5.70
C HIS B 134 -2.43 -25.55 6.64
N SER B 135 -2.77 -26.73 6.15
CA SER B 135 -2.66 -27.96 6.94
C SER B 135 -1.26 -28.19 7.49
N PHE B 136 -0.24 -27.66 6.82
CA PHE B 136 1.14 -27.82 7.28
C PHE B 136 1.29 -27.13 8.64
N ASN B 137 1.23 -25.81 8.60
CA ASN B 137 1.36 -24.98 9.81
C ASN B 137 0.44 -25.50 10.90
N ALA B 138 -0.61 -26.22 10.49
CA ALA B 138 -1.58 -26.79 11.41
C ALA B 138 -0.96 -27.95 12.16
N LEU B 139 -0.32 -28.84 11.41
CA LEU B 139 0.32 -30.01 11.98
C LEU B 139 1.60 -29.60 12.71
N LEU B 140 2.11 -28.42 12.35
CA LEU B 140 3.31 -27.87 12.97
C LEU B 140 2.95 -27.37 14.37
N LYS B 141 1.90 -26.55 14.41
CA LYS B 141 1.46 -26.00 15.69
C LYS B 141 1.07 -27.12 16.65
N THR B 142 0.74 -28.30 16.10
CA THR B 142 0.35 -29.43 16.93
C THR B 142 1.53 -30.23 17.44
N LEU B 143 2.52 -30.46 16.57
CA LEU B 143 3.68 -31.22 16.99
C LEU B 143 4.63 -30.33 17.80
N GLU B 144 4.45 -29.01 17.68
CA GLU B 144 5.27 -28.07 18.43
C GLU B 144 4.81 -28.20 19.89
N GLU B 145 3.52 -28.48 20.06
CA GLU B 145 2.91 -28.70 21.37
C GLU B 145 2.19 -30.05 21.33
N PRO B 146 2.95 -31.16 21.34
CA PRO B 146 2.46 -32.54 21.29
C PRO B 146 1.40 -32.90 22.32
N PRO B 147 0.11 -32.84 21.92
CA PRO B 147 -0.97 -33.17 22.84
C PRO B 147 -0.89 -34.65 23.22
N GLU B 148 -0.76 -34.93 24.51
CA GLU B 148 -0.68 -36.31 24.96
C GLU B 148 -1.96 -37.04 24.56
N HIS B 149 -1.90 -38.37 24.53
CA HIS B 149 -3.03 -39.20 24.14
C HIS B 149 -3.30 -39.00 22.66
N VAL B 150 -2.41 -38.23 22.02
CA VAL B 150 -2.52 -37.94 20.60
C VAL B 150 -1.17 -38.19 19.92
N LYS B 151 -1.10 -39.29 19.16
CA LYS B 151 0.12 -39.65 18.44
C LYS B 151 -0.04 -39.35 16.95
N PHE B 152 1.07 -39.19 16.26
CA PHE B 152 1.04 -38.90 14.82
C PHE B 152 1.90 -39.88 14.03
N LEU B 153 1.26 -40.64 13.16
CA LEU B 153 1.97 -41.59 12.31
C LEU B 153 1.96 -41.06 10.89
N LEU B 154 3.11 -40.58 10.42
CA LEU B 154 3.23 -40.03 9.06
C LEU B 154 3.88 -40.99 8.07
N ALA B 155 3.50 -40.85 6.81
CA ALA B 155 4.04 -41.67 5.73
C ALA B 155 4.21 -40.80 4.49
N THR B 156 5.31 -41.01 3.78
CA THR B 156 5.60 -40.24 2.57
C THR B 156 6.54 -40.99 1.67
N THR B 157 6.45 -40.67 0.38
CA THR B 157 7.31 -41.29 -0.59
C THR B 157 8.25 -40.19 -1.07
N ASP B 158 8.44 -39.18 -0.25
CA ASP B 158 9.32 -38.07 -0.60
C ASP B 158 9.43 -37.06 0.54
N PRO B 159 10.08 -37.47 1.62
CA PRO B 159 10.30 -36.67 2.82
C PRO B 159 11.12 -35.41 2.57
N GLN B 160 11.40 -35.13 1.30
CA GLN B 160 12.17 -33.95 0.94
C GLN B 160 11.28 -32.74 0.61
N LYS B 161 10.05 -33.01 0.17
CA LYS B 161 9.13 -31.93 -0.17
C LYS B 161 8.50 -31.40 1.11
N LEU B 162 8.94 -31.93 2.25
CA LEU B 162 8.43 -31.50 3.54
C LEU B 162 9.31 -30.42 4.14
N PRO B 163 8.70 -29.43 4.80
CA PRO B 163 9.49 -28.36 5.41
C PRO B 163 10.39 -29.02 6.45
N VAL B 164 11.58 -28.47 6.66
CA VAL B 164 12.49 -29.04 7.63
C VAL B 164 11.90 -29.04 9.04
N THR B 165 11.22 -27.94 9.38
CA THR B 165 10.61 -27.77 10.69
C THR B 165 9.82 -29.01 11.14
N ILE B 166 8.88 -29.47 10.32
CA ILE B 166 8.08 -30.64 10.68
C ILE B 166 8.92 -31.91 10.74
N LEU B 167 9.76 -32.10 9.72
CA LEU B 167 10.64 -33.25 9.67
C LEU B 167 11.51 -33.18 10.91
N SER B 168 11.66 -31.97 11.42
CA SER B 168 12.46 -31.73 12.61
C SER B 168 11.85 -32.36 13.87
N ARG B 169 10.53 -32.31 14.01
CA ARG B 169 9.88 -32.89 15.19
C ARG B 169 9.38 -34.32 15.00
N CYS B 170 10.04 -35.09 14.16
CA CYS B 170 9.60 -36.47 13.95
C CYS B 170 10.76 -37.46 14.06
N LEU B 171 10.44 -38.74 13.98
CA LEU B 171 11.47 -39.78 14.05
C LEU B 171 11.35 -40.57 12.74
N GLN B 172 12.17 -40.21 11.76
CA GLN B 172 12.13 -40.86 10.46
C GLN B 172 12.65 -42.29 10.42
N PHE B 173 12.04 -43.08 9.56
CA PHE B 173 12.40 -44.47 9.34
C PHE B 173 12.34 -44.80 7.86
N HIS B 174 13.51 -44.84 7.23
CA HIS B 174 13.63 -45.11 5.81
C HIS B 174 13.45 -46.60 5.51
N LEU B 175 12.41 -46.93 4.73
CA LEU B 175 12.17 -48.33 4.37
C LEU B 175 12.84 -48.56 3.02
N LYS B 176 13.50 -49.70 2.88
CA LYS B 176 14.19 -50.03 1.65
C LYS B 176 13.28 -50.83 0.77
N ALA B 177 13.53 -50.81 -0.53
CA ALA B 177 12.71 -51.60 -1.43
C ALA B 177 12.99 -53.03 -0.98
N LEU B 178 12.50 -54.00 -1.73
CA LEU B 178 12.74 -55.38 -1.34
C LEU B 178 13.64 -56.04 -2.35
N ASP B 179 14.34 -57.07 -1.90
CA ASP B 179 15.25 -57.78 -2.79
C ASP B 179 14.44 -58.62 -3.77
N VAL B 180 15.00 -58.86 -4.95
CA VAL B 180 14.34 -59.68 -5.98
C VAL B 180 14.26 -61.11 -5.43
N GLU B 181 15.22 -61.46 -4.60
CA GLU B 181 15.26 -62.77 -3.96
C GLU B 181 14.43 -62.70 -2.68
N GLN B 182 14.30 -61.49 -2.13
CA GLN B 182 13.51 -61.28 -0.92
C GLN B 182 12.04 -61.34 -1.25
N ILE B 183 11.74 -61.28 -2.54
CA ILE B 183 10.37 -61.32 -3.01
C ILE B 183 10.03 -62.69 -3.57
N ARG B 184 10.93 -63.23 -4.38
CA ARG B 184 10.71 -64.54 -4.96
C ARG B 184 10.51 -65.53 -3.81
N HIS B 185 11.31 -65.36 -2.77
CA HIS B 185 11.25 -66.23 -1.58
C HIS B 185 10.03 -65.92 -0.73
N GLN B 186 9.37 -64.80 -1.01
CA GLN B 186 8.17 -64.40 -0.27
C GLN B 186 6.93 -64.90 -1.00
N LEU B 187 7.09 -65.19 -2.28
CA LEU B 187 6.02 -65.70 -3.11
C LEU B 187 5.97 -67.21 -2.96
N GLU B 188 7.11 -67.85 -3.23
CA GLU B 188 7.25 -69.30 -3.14
C GLU B 188 6.49 -69.76 -1.89
N HIS B 189 6.45 -68.89 -0.88
CA HIS B 189 5.76 -69.18 0.36
C HIS B 189 4.26 -68.89 0.21
N ILE B 190 3.91 -67.61 0.01
CA ILE B 190 2.51 -67.20 -0.14
C ILE B 190 1.75 -68.11 -1.08
N LEU B 191 2.48 -68.70 -2.01
CA LEU B 191 1.86 -69.58 -2.99
C LEU B 191 1.68 -70.94 -2.35
N ASN B 192 2.77 -71.58 -1.98
CA ASN B 192 2.71 -72.91 -1.37
C ASN B 192 1.76 -73.09 -0.20
N GLU B 193 1.30 -71.99 0.40
CA GLU B 193 0.36 -72.11 1.52
C GLU B 193 -1.07 -71.93 1.03
N GLU B 194 -1.21 -71.52 -0.24
CA GLU B 194 -2.50 -71.31 -0.92
C GLU B 194 -2.66 -72.39 -1.97
N HIS B 195 -1.87 -73.46 -1.83
CA HIS B 195 -1.86 -74.57 -2.76
C HIS B 195 -2.16 -74.26 -4.23
N ILE B 196 -1.27 -73.49 -4.83
CA ILE B 196 -1.37 -73.13 -6.25
C ILE B 196 -0.09 -73.61 -6.92
N ALA B 197 -0.18 -73.94 -8.21
CA ALA B 197 0.98 -74.42 -8.95
C ALA B 197 1.92 -73.29 -9.36
N HIS B 198 3.19 -73.62 -9.59
CA HIS B 198 4.17 -72.63 -10.00
C HIS B 198 5.48 -73.26 -10.45
N GLU B 199 6.21 -72.54 -11.29
CA GLU B 199 7.50 -72.98 -11.80
C GLU B 199 8.52 -71.99 -11.24
N PRO B 200 9.70 -72.47 -10.81
CA PRO B 200 10.72 -71.55 -10.27
C PRO B 200 11.00 -70.36 -11.20
N ARG B 201 10.96 -70.59 -12.50
CA ARG B 201 11.19 -69.52 -13.47
C ARG B 201 10.15 -68.42 -13.27
N ALA B 202 8.89 -68.80 -13.41
CA ALA B 202 7.78 -67.87 -13.26
C ALA B 202 7.92 -66.95 -12.04
N LEU B 203 8.24 -67.53 -10.90
CA LEU B 203 8.38 -66.77 -9.66
C LEU B 203 9.42 -65.67 -9.76
N GLN B 204 10.47 -65.93 -10.54
CA GLN B 204 11.56 -64.97 -10.72
C GLN B 204 11.24 -63.96 -11.81
N LEU B 205 10.38 -64.34 -12.74
CA LEU B 205 9.97 -63.47 -13.82
C LEU B 205 9.04 -62.44 -13.21
N LEU B 206 8.40 -62.83 -12.11
CA LEU B 206 7.47 -61.97 -11.40
C LEU B 206 8.18 -61.04 -10.43
N ALA B 207 8.98 -61.61 -9.54
CA ALA B 207 9.70 -60.82 -8.55
C ALA B 207 10.43 -59.68 -9.21
N ARG B 208 11.26 -60.02 -10.19
CA ARG B 208 12.03 -59.06 -10.95
C ARG B 208 11.11 -57.95 -11.38
N ALA B 209 10.09 -58.32 -12.18
CA ALA B 209 9.07 -57.41 -12.72
C ALA B 209 8.70 -56.38 -11.68
N ALA B 210 8.20 -56.85 -10.54
CA ALA B 210 7.89 -55.93 -9.47
C ALA B 210 9.24 -55.26 -9.26
N GLU B 211 9.23 -53.93 -9.28
CA GLU B 211 10.45 -53.18 -9.12
C GLU B 211 10.66 -52.89 -7.66
N GLY B 212 10.86 -53.94 -6.87
CA GLY B 212 11.05 -53.75 -5.45
C GLY B 212 9.74 -53.40 -4.78
N SER B 213 8.65 -53.32 -5.56
CA SER B 213 7.33 -52.99 -5.00
C SER B 213 6.50 -54.24 -4.80
N LEU B 214 6.70 -54.90 -3.68
CA LEU B 214 5.98 -56.13 -3.36
C LEU B 214 4.52 -56.04 -3.73
N ARG B 215 3.89 -54.93 -3.33
CA ARG B 215 2.48 -54.74 -3.63
C ARG B 215 2.21 -55.08 -5.08
N ASP B 216 2.95 -54.44 -5.96
CA ASP B 216 2.80 -54.67 -7.37
C ASP B 216 2.99 -56.15 -7.73
N ALA B 217 4.09 -56.74 -7.27
CA ALA B 217 4.38 -58.16 -7.57
C ALA B 217 3.12 -59.01 -7.39
N LEU B 218 2.55 -58.91 -6.19
CA LEU B 218 1.35 -59.66 -5.88
C LEU B 218 0.22 -59.22 -6.81
N SER B 219 -0.04 -57.92 -6.91
CA SER B 219 -1.11 -57.44 -7.78
C SER B 219 -0.92 -58.00 -9.20
N LEU B 220 0.31 -58.37 -9.51
CA LEU B 220 0.62 -58.94 -10.82
C LEU B 220 0.37 -60.45 -10.80
N THR B 221 0.74 -61.07 -9.69
CA THR B 221 0.58 -62.52 -9.53
C THR B 221 -0.88 -62.96 -9.61
N ASP B 222 -1.79 -62.07 -9.22
CA ASP B 222 -3.21 -62.40 -9.27
C ASP B 222 -3.66 -62.51 -10.70
N GLN B 223 -3.21 -61.57 -11.52
CA GLN B 223 -3.57 -61.53 -12.92
C GLN B 223 -3.04 -62.77 -13.62
N ALA B 224 -1.79 -63.12 -13.32
CA ALA B 224 -1.15 -64.28 -13.92
C ALA B 224 -1.87 -65.61 -13.64
N ILE B 225 -2.75 -65.62 -12.65
CA ILE B 225 -3.50 -66.83 -12.35
C ILE B 225 -4.84 -66.58 -13.02
N ALA B 226 -5.23 -65.31 -13.06
CA ALA B 226 -6.48 -64.90 -13.69
C ALA B 226 -6.45 -65.30 -15.14
N SER B 227 -5.29 -65.09 -15.77
CA SER B 227 -5.08 -65.41 -17.17
C SER B 227 -4.54 -66.83 -17.34
N GLY B 228 -3.71 -67.29 -16.40
CA GLY B 228 -3.19 -68.64 -16.52
C GLY B 228 -4.26 -69.60 -16.05
N ASP B 229 -5.30 -69.02 -15.44
CA ASP B 229 -6.42 -69.77 -14.91
C ASP B 229 -5.95 -70.83 -13.93
N GLY B 230 -5.59 -70.39 -12.73
CA GLY B 230 -5.15 -71.31 -11.71
C GLY B 230 -3.66 -71.54 -11.58
N GLN B 231 -2.99 -71.91 -12.67
CA GLN B 231 -1.56 -72.17 -12.61
C GLN B 231 -0.70 -70.94 -12.83
N VAL B 232 0.43 -70.91 -12.12
CA VAL B 232 1.40 -69.82 -12.21
C VAL B 232 2.60 -70.30 -13.03
N SER B 233 2.32 -70.66 -14.27
CA SER B 233 3.35 -71.15 -15.17
C SER B 233 4.09 -70.01 -15.85
N THR B 234 5.35 -70.24 -16.18
CA THR B 234 6.18 -69.24 -16.86
C THR B 234 5.42 -68.68 -18.05
N GLN B 235 4.85 -69.59 -18.84
CA GLN B 235 4.09 -69.24 -20.03
C GLN B 235 3.08 -68.12 -19.80
N ALA B 236 2.25 -68.26 -18.78
CA ALA B 236 1.24 -67.25 -18.47
C ALA B 236 1.85 -65.98 -17.86
N VAL B 237 2.86 -66.17 -17.02
CA VAL B 237 3.54 -65.06 -16.37
C VAL B 237 4.22 -64.16 -17.38
N SER B 238 4.99 -64.78 -18.28
CA SER B 238 5.71 -64.08 -19.33
C SER B 238 4.71 -63.50 -20.34
N ALA B 239 3.53 -64.12 -20.41
CA ALA B 239 2.46 -63.68 -21.32
C ALA B 239 2.32 -62.18 -21.24
N MET B 240 2.17 -61.67 -20.03
CA MET B 240 2.02 -60.24 -19.83
C MET B 240 3.39 -59.61 -19.62
N LEU B 241 4.29 -60.36 -18.98
CA LEU B 241 5.65 -59.87 -18.75
C LEU B 241 6.52 -60.49 -19.84
N GLY B 242 6.71 -59.78 -20.94
CA GLY B 242 7.51 -60.32 -22.03
C GLY B 242 8.76 -61.07 -21.60
N THR B 243 9.37 -61.79 -22.53
CA THR B 243 10.59 -62.55 -22.24
C THR B 243 11.65 -61.56 -21.79
N LEU B 244 11.62 -61.25 -20.48
CA LEU B 244 12.50 -60.28 -19.85
C LEU B 244 13.97 -60.63 -19.61
N ASP B 245 14.71 -61.02 -20.65
CA ASP B 245 16.14 -61.31 -20.50
C ASP B 245 16.67 -62.14 -21.66
N ASP B 246 15.84 -63.07 -22.12
CA ASP B 246 16.15 -63.95 -23.23
C ASP B 246 17.60 -63.76 -23.69
N ASP B 247 18.47 -64.71 -23.37
CA ASP B 247 19.87 -64.63 -23.75
C ASP B 247 20.01 -64.77 -25.27
N GLN B 248 18.94 -64.52 -26.02
CA GLN B 248 18.97 -64.67 -27.48
C GLN B 248 19.29 -63.34 -28.11
N ALA B 249 18.97 -62.28 -27.40
CA ALA B 249 19.28 -60.96 -27.90
C ALA B 249 20.78 -60.98 -28.21
N LEU B 250 21.54 -61.77 -27.43
CA LEU B 250 22.98 -61.91 -27.62
C LEU B 250 23.26 -63.04 -28.61
N SER B 251 22.53 -64.14 -28.45
CA SER B 251 22.63 -65.30 -29.32
C SER B 251 22.51 -64.81 -30.75
N LEU B 252 21.85 -63.68 -30.91
CA LEU B 252 21.71 -63.14 -32.24
C LEU B 252 23.04 -62.49 -32.61
N VAL B 253 23.66 -61.74 -31.71
CA VAL B 253 24.96 -61.12 -32.01
C VAL B 253 26.00 -62.13 -32.57
N GLU B 254 26.13 -63.22 -31.81
CA GLU B 254 27.04 -64.31 -32.06
C GLU B 254 26.64 -64.91 -33.38
N ALA B 255 25.42 -65.44 -33.42
CA ALA B 255 24.89 -66.02 -34.62
C ALA B 255 25.31 -65.16 -35.82
N MET B 256 25.42 -63.85 -35.57
CA MET B 256 25.80 -62.87 -36.57
C MET B 256 27.31 -62.88 -36.92
N VAL B 257 28.18 -62.92 -35.91
CA VAL B 257 29.61 -62.94 -36.18
C VAL B 257 29.98 -64.28 -36.78
N GLU B 258 29.42 -65.36 -36.22
CA GLU B 258 29.67 -66.70 -36.71
C GLU B 258 29.25 -66.71 -38.15
N ALA B 259 28.46 -65.73 -38.54
CA ALA B 259 27.97 -65.66 -39.89
C ALA B 259 27.13 -66.90 -40.16
N ASN B 260 26.33 -67.31 -39.16
CA ASN B 260 25.45 -68.46 -39.32
C ASN B 260 24.06 -68.01 -39.72
N GLY B 261 23.92 -67.56 -40.95
CA GLY B 261 22.63 -67.09 -41.44
C GLY B 261 21.51 -67.89 -40.85
N GLU B 262 21.46 -69.18 -41.20
CA GLU B 262 20.44 -70.11 -40.76
C GLU B 262 20.00 -69.84 -39.34
N ARG B 263 20.96 -69.63 -38.45
CA ARG B 263 20.63 -69.36 -37.05
C ARG B 263 20.07 -67.96 -36.87
N VAL B 264 20.76 -66.97 -37.44
CA VAL B 264 20.30 -65.59 -37.34
C VAL B 264 18.83 -65.53 -37.65
N MET B 265 18.54 -65.84 -38.91
CA MET B 265 17.19 -65.88 -39.43
C MET B 265 16.28 -66.71 -38.54
N ALA B 266 16.77 -67.90 -38.20
CA ALA B 266 16.06 -68.85 -37.34
C ALA B 266 15.69 -68.16 -36.02
N LEU B 267 16.72 -67.60 -35.40
CA LEU B 267 16.59 -66.88 -34.14
C LEU B 267 15.59 -65.72 -34.23
N ILE B 268 15.61 -65.00 -35.33
CA ILE B 268 14.70 -63.91 -35.45
C ILE B 268 13.34 -64.55 -35.47
N ASN B 269 13.20 -65.62 -36.25
CA ASN B 269 11.88 -66.22 -36.32
C ASN B 269 11.35 -66.57 -34.97
N GLU B 270 12.24 -66.98 -34.08
CA GLU B 270 11.86 -67.36 -32.73
C GLU B 270 11.49 -66.12 -31.93
N ALA B 271 12.14 -65.00 -32.22
CA ALA B 271 11.80 -63.78 -31.51
C ALA B 271 10.46 -63.32 -32.05
N ALA B 272 10.37 -63.25 -33.37
CA ALA B 272 9.13 -62.82 -33.99
C ALA B 272 7.98 -63.69 -33.50
N ALA B 273 8.30 -64.97 -33.33
CA ALA B 273 7.35 -65.97 -32.87
C ALA B 273 6.75 -65.48 -31.60
N ARG B 274 7.60 -65.03 -30.69
CA ARG B 274 7.08 -64.51 -29.45
C ARG B 274 6.50 -63.16 -29.73
N GLY B 275 7.21 -62.43 -30.58
CA GLY B 275 6.78 -61.09 -30.91
C GLY B 275 7.48 -60.24 -29.88
N ILE B 276 8.43 -59.43 -30.34
CA ILE B 276 9.25 -58.57 -29.49
C ILE B 276 9.17 -57.18 -30.06
N GLU B 277 9.63 -56.15 -29.37
CA GLU B 277 9.55 -54.82 -29.97
C GLU B 277 10.70 -54.60 -30.95
N TRP B 278 10.71 -55.32 -32.07
CA TRP B 278 11.81 -55.22 -33.04
C TRP B 278 12.91 -54.24 -32.68
N GLU B 279 12.85 -53.02 -33.20
CA GLU B 279 13.82 -52.01 -32.85
C GLU B 279 14.36 -52.14 -31.42
N ALA B 280 13.62 -52.74 -30.50
CA ALA B 280 14.17 -52.90 -29.16
C ALA B 280 15.33 -53.83 -29.41
N LEU B 281 15.01 -54.93 -30.09
CA LEU B 281 15.99 -55.94 -30.45
C LEU B 281 17.21 -55.28 -31.01
N LEU B 282 17.04 -54.28 -31.86
CA LEU B 282 18.21 -53.61 -32.40
C LEU B 282 19.05 -52.94 -31.32
N VAL B 283 18.47 -51.96 -30.64
CA VAL B 283 19.21 -51.27 -29.58
C VAL B 283 19.89 -52.30 -28.67
N GLU B 284 19.13 -53.31 -28.24
CA GLU B 284 19.71 -54.29 -27.35
C GLU B 284 21.00 -54.76 -27.94
N MET B 285 20.90 -55.34 -29.14
CA MET B 285 22.03 -55.84 -29.92
C MET B 285 23.15 -54.82 -29.92
N LEU B 286 22.89 -53.71 -30.60
CA LEU B 286 23.86 -52.62 -30.64
C LEU B 286 24.61 -52.59 -29.32
N GLY B 287 23.90 -52.11 -28.31
CA GLY B 287 24.45 -51.96 -26.98
C GLY B 287 25.31 -53.08 -26.44
N LEU B 288 25.14 -54.29 -26.97
CA LEU B 288 25.97 -55.39 -26.53
C LEU B 288 27.31 -55.13 -27.20
N LEU B 289 27.19 -55.03 -28.51
CA LEU B 289 28.28 -54.74 -29.41
C LEU B 289 29.09 -53.63 -28.82
N HIS B 290 28.38 -52.65 -28.29
CA HIS B 290 29.00 -51.48 -27.69
C HIS B 290 29.82 -51.73 -26.43
N ARG B 291 29.44 -52.75 -25.63
CA ARG B 291 30.12 -53.09 -24.38
C ARG B 291 31.26 -54.01 -24.72
N ILE B 292 30.98 -54.95 -25.61
CA ILE B 292 32.00 -55.86 -26.06
C ILE B 292 33.14 -54.98 -26.59
N ALA B 293 32.78 -53.89 -27.27
CA ALA B 293 33.75 -52.97 -27.84
C ALA B 293 34.47 -52.23 -26.74
N MET B 294 33.77 -52.10 -25.61
CA MET B 294 34.27 -51.44 -24.40
C MET B 294 35.21 -52.44 -23.72
N VAL B 295 34.60 -53.55 -23.33
CA VAL B 295 35.31 -54.62 -22.67
C VAL B 295 36.70 -54.81 -23.17
N GLN B 296 36.86 -54.84 -24.49
CA GLN B 296 38.17 -55.09 -25.08
C GLN B 296 39.13 -53.94 -24.96
N LEU B 297 38.76 -52.94 -24.16
CA LEU B 297 39.64 -51.82 -23.93
C LEU B 297 39.98 -51.87 -22.44
N SER B 298 38.97 -52.02 -21.58
CA SER B 298 39.21 -52.09 -20.14
C SER B 298 38.38 -53.17 -19.42
N PRO B 299 38.61 -54.45 -19.79
CA PRO B 299 37.97 -55.67 -19.29
C PRO B 299 37.09 -55.50 -18.08
N ALA B 300 37.50 -54.67 -17.12
CA ALA B 300 36.64 -54.44 -15.97
C ALA B 300 35.50 -53.57 -16.50
N ALA B 301 34.90 -54.00 -17.61
CA ALA B 301 33.82 -53.28 -18.26
C ALA B 301 32.47 -54.03 -18.22
N LEU B 302 32.36 -55.00 -17.32
CA LEU B 302 31.14 -55.78 -17.17
C LEU B 302 30.44 -55.48 -15.86
N GLY B 303 29.38 -54.68 -15.93
CA GLY B 303 28.65 -54.29 -14.74
C GLY B 303 28.03 -55.41 -13.92
N ASN B 304 27.08 -55.05 -13.05
CA ASN B 304 26.36 -56.02 -12.17
C ASN B 304 25.91 -57.38 -12.77
N ASP B 305 24.69 -57.48 -13.39
CA ASP B 305 24.08 -58.69 -13.94
C ASP B 305 24.67 -59.21 -15.25
N MET B 306 25.95 -58.92 -15.52
CA MET B 306 26.62 -59.39 -16.73
C MET B 306 27.05 -60.83 -16.52
N ALA B 307 26.91 -61.26 -15.28
CA ALA B 307 27.31 -62.61 -14.79
C ALA B 307 26.95 -63.82 -15.62
N ALA B 308 25.67 -64.05 -15.92
CA ALA B 308 25.28 -65.21 -16.72
C ALA B 308 26.02 -65.16 -18.05
N ILE B 309 25.92 -63.99 -18.66
CA ILE B 309 26.52 -63.70 -19.94
C ILE B 309 28.06 -63.78 -19.90
N GLU B 310 28.68 -63.09 -18.94
CA GLU B 310 30.14 -63.02 -18.69
C GLU B 310 31.04 -63.79 -19.71
N LEU B 311 31.03 -65.12 -19.64
CA LEU B 311 31.84 -65.95 -20.53
C LEU B 311 31.53 -65.71 -22.02
N ARG B 312 30.25 -65.59 -22.34
CA ARG B 312 29.82 -65.39 -23.70
C ARG B 312 30.32 -64.12 -24.21
N MET B 313 30.20 -63.16 -23.39
CA MET B 313 30.60 -61.84 -23.82
C MET B 313 32.07 -61.67 -24.04
N ARG B 314 32.85 -62.13 -23.06
CA ARG B 314 34.32 -62.13 -23.09
C ARG B 314 34.82 -62.81 -24.34
N GLU B 315 34.28 -64.00 -24.60
CA GLU B 315 34.72 -64.78 -25.73
C GLU B 315 34.74 -63.90 -26.97
N LEU B 316 33.67 -63.14 -27.15
CA LEU B 316 33.56 -62.26 -28.30
C LEU B 316 34.60 -61.19 -28.18
N ALA B 317 34.60 -60.54 -27.02
CA ALA B 317 35.54 -59.49 -26.77
C ALA B 317 36.84 -59.86 -27.44
N ARG B 318 37.48 -60.92 -26.95
CA ARG B 318 38.76 -61.31 -27.51
C ARG B 318 38.69 -61.81 -28.95
N THR B 319 37.99 -62.91 -29.18
CA THR B 319 37.91 -63.52 -30.51
C THR B 319 37.49 -62.69 -31.70
N ILE B 320 37.22 -61.41 -31.53
CA ILE B 320 36.78 -60.61 -32.66
C ILE B 320 37.36 -59.22 -32.74
N PRO B 321 38.18 -58.95 -33.76
CA PRO B 321 38.86 -57.69 -34.06
C PRO B 321 38.03 -56.43 -33.88
N PRO B 322 38.51 -55.51 -33.06
CA PRO B 322 37.88 -54.23 -32.73
C PRO B 322 37.31 -53.50 -33.94
N THR B 323 37.91 -53.78 -35.09
CA THR B 323 37.50 -53.20 -36.36
C THR B 323 36.17 -53.84 -36.76
N ASP B 324 36.20 -55.15 -36.96
CA ASP B 324 35.03 -55.90 -37.36
C ASP B 324 33.87 -55.55 -36.46
N ILE B 325 34.17 -55.29 -35.21
CA ILE B 325 33.13 -54.95 -34.26
C ILE B 325 32.56 -53.58 -34.56
N GLN B 326 33.39 -52.65 -34.99
CA GLN B 326 32.89 -51.31 -35.33
C GLN B 326 32.04 -51.46 -36.56
N LEU B 327 32.48 -52.27 -37.51
CA LEU B 327 31.71 -52.52 -38.72
C LEU B 327 30.31 -52.96 -38.32
N TYR B 328 30.22 -53.91 -37.40
CA TYR B 328 28.91 -54.37 -36.96
C TYR B 328 28.20 -53.23 -36.28
N TYR B 329 28.74 -52.72 -35.18
CA TYR B 329 28.03 -51.63 -34.56
C TYR B 329 27.42 -50.84 -35.69
N GLN B 330 28.24 -50.20 -36.52
CA GLN B 330 27.71 -49.38 -37.61
C GLN B 330 26.57 -50.03 -38.42
N THR B 331 26.85 -51.11 -39.13
CA THR B 331 25.83 -51.80 -39.91
C THR B 331 24.56 -51.92 -39.08
N LEU B 332 24.65 -52.58 -37.95
CA LEU B 332 23.51 -52.74 -37.08
C LEU B 332 22.84 -51.39 -36.81
N LEU B 333 23.63 -50.43 -36.37
CA LEU B 333 23.15 -49.09 -36.05
C LEU B 333 22.25 -48.51 -37.12
N ILE B 334 22.79 -48.50 -38.33
CA ILE B 334 22.15 -48.00 -39.55
C ILE B 334 20.80 -48.63 -39.89
N GLY B 335 20.68 -49.93 -39.59
CA GLY B 335 19.49 -50.70 -39.91
C GLY B 335 18.31 -50.28 -39.10
N ARG B 336 18.62 -49.77 -37.91
CA ARG B 336 17.61 -49.27 -36.99
C ARG B 336 17.12 -47.98 -37.59
N LYS B 337 18.03 -47.04 -37.74
CA LYS B 337 17.71 -45.77 -38.31
C LYS B 337 16.74 -45.87 -39.53
N GLU B 338 16.82 -46.93 -40.32
CA GLU B 338 15.92 -47.06 -41.47
C GLU B 338 14.67 -47.90 -41.11
N LEU B 339 14.73 -48.69 -40.05
CA LEU B 339 13.63 -49.56 -39.71
C LEU B 339 12.19 -49.12 -40.03
N PRO B 340 11.78 -47.92 -39.61
CA PRO B 340 10.40 -47.54 -39.92
C PRO B 340 10.12 -47.34 -41.42
N TYR B 341 11.18 -47.18 -42.19
CA TYR B 341 11.09 -47.04 -43.62
C TYR B 341 11.36 -48.39 -44.31
N ALA B 342 11.15 -49.49 -43.61
CA ALA B 342 11.38 -50.79 -44.21
C ALA B 342 10.03 -51.30 -44.68
N PRO B 343 10.01 -52.14 -45.73
CA PRO B 343 8.67 -52.56 -46.11
C PRO B 343 7.82 -52.99 -44.94
N ASP B 344 8.45 -53.50 -43.89
CA ASP B 344 7.76 -54.03 -42.73
C ASP B 344 8.74 -54.22 -41.54
N ARG B 345 8.39 -53.90 -40.29
CA ARG B 345 9.42 -53.98 -39.22
C ARG B 345 10.37 -55.17 -39.15
N ARG B 346 9.86 -56.39 -39.13
CA ARG B 346 10.70 -57.58 -39.04
C ARG B 346 11.63 -57.66 -40.26
N MET B 347 11.02 -57.58 -41.43
CA MET B 347 11.74 -57.55 -42.68
C MET B 347 12.87 -56.58 -42.43
N GLY B 348 12.55 -55.33 -42.12
CA GLY B 348 13.59 -54.36 -41.84
C GLY B 348 14.76 -54.93 -41.04
N VAL B 349 14.47 -55.74 -40.04
CA VAL B 349 15.54 -56.30 -39.24
C VAL B 349 16.26 -57.39 -39.99
N GLU B 350 15.49 -58.36 -40.51
CA GLU B 350 16.07 -59.47 -41.28
C GLU B 350 16.96 -58.80 -42.28
N MET B 351 16.34 -58.05 -43.20
CA MET B 351 17.06 -57.36 -44.23
C MET B 351 18.26 -56.60 -43.75
N THR B 352 18.27 -56.11 -42.53
CA THR B 352 19.49 -55.41 -42.08
C THR B 352 20.62 -56.34 -41.65
N LEU B 353 20.26 -57.51 -41.17
CA LEU B 353 21.28 -58.46 -40.78
C LEU B 353 21.83 -58.98 -42.09
N LEU B 354 20.91 -59.31 -43.00
CA LEU B 354 21.35 -59.78 -44.27
C LEU B 354 22.47 -58.80 -44.66
N ARG B 355 22.27 -57.50 -44.43
CA ARG B 355 23.34 -56.58 -44.79
C ARG B 355 24.67 -57.15 -44.32
N ALA B 356 24.88 -57.10 -43.00
CA ALA B 356 26.08 -57.61 -42.35
C ALA B 356 26.56 -58.89 -42.99
N LEU B 357 25.65 -59.84 -43.10
CA LEU B 357 26.10 -61.08 -43.66
C LEU B 357 26.86 -60.97 -44.97
N ALA B 358 26.40 -60.16 -45.92
CA ALA B 358 27.13 -60.07 -47.18
C ALA B 358 28.21 -59.07 -47.02
N PHE B 359 28.07 -58.16 -46.08
CA PHE B 359 29.13 -57.19 -45.89
C PHE B 359 30.04 -57.57 -44.73
N HIS B 360 30.00 -58.85 -44.39
CA HIS B 360 30.80 -59.46 -43.32
C HIS B 360 32.31 -59.42 -43.61
N PRO B 361 33.15 -59.28 -42.55
CA PRO B 361 34.62 -59.22 -42.54
C PRO B 361 35.26 -60.48 -43.10
N ARG B 362 34.97 -61.56 -42.41
CA ARG B 362 35.39 -62.89 -42.80
C ARG B 362 34.07 -63.49 -43.23
N MET B 363 34.04 -64.72 -43.70
CA MET B 363 32.75 -65.31 -44.03
C MET B 363 31.65 -64.68 -44.96
N PRO B 364 31.80 -63.45 -45.47
CA PRO B 364 30.74 -62.93 -46.33
C PRO B 364 30.25 -63.87 -47.43
N LEU B 365 28.98 -63.74 -47.82
CA LEU B 365 28.42 -64.61 -48.86
C LEU B 365 29.13 -64.36 -50.16
N PRO B 366 28.81 -65.16 -51.17
CA PRO B 366 29.34 -65.17 -52.56
C PRO B 366 28.39 -64.92 -53.78
N GLU B 367 28.89 -65.15 -55.02
CA GLU B 367 28.12 -64.96 -56.31
C GLU B 367 28.76 -65.88 -57.33
N PRO B 368 28.00 -66.43 -58.29
CA PRO B 368 28.63 -67.35 -59.26
C PRO B 368 29.28 -66.87 -60.54
N TYR C 3 -24.51 -57.52 -50.44
CA TYR C 3 -24.94 -58.75 -49.72
C TYR C 3 -24.15 -59.01 -48.44
N GLN C 4 -24.69 -58.53 -47.33
CA GLN C 4 -24.05 -58.69 -46.03
C GLN C 4 -22.54 -58.45 -46.06
N VAL C 5 -22.14 -57.25 -45.69
CA VAL C 5 -20.72 -56.96 -45.65
C VAL C 5 -20.14 -57.62 -44.41
N LEU C 6 -19.28 -58.61 -44.60
CA LEU C 6 -18.70 -59.28 -43.46
C LEU C 6 -18.40 -58.33 -42.30
N ALA C 7 -18.01 -57.11 -42.62
CA ALA C 7 -17.71 -56.15 -41.58
C ALA C 7 -18.81 -56.14 -40.54
N ARG C 8 -19.98 -56.67 -40.88
CA ARG C 8 -21.11 -56.73 -39.95
C ARG C 8 -21.37 -58.18 -39.59
N LYS C 9 -21.30 -59.06 -40.59
CA LYS C 9 -21.55 -60.49 -40.39
C LYS C 9 -20.57 -61.22 -39.50
N TRP C 10 -19.42 -60.65 -39.22
CA TRP C 10 -18.46 -61.33 -38.34
C TRP C 10 -18.13 -60.46 -37.12
N ARG C 11 -18.87 -59.37 -36.97
CA ARG C 11 -18.70 -58.48 -35.85
C ARG C 11 -18.78 -59.41 -34.64
N PRO C 12 -17.75 -59.44 -33.75
CA PRO C 12 -17.82 -60.32 -32.57
C PRO C 12 -19.04 -60.17 -31.66
N GLN C 13 -19.65 -61.32 -31.32
CA GLN C 13 -20.85 -61.40 -30.49
C GLN C 13 -20.56 -61.87 -29.07
N THR C 14 -19.83 -62.98 -28.95
CA THR C 14 -19.47 -63.54 -27.64
C THR C 14 -18.07 -63.05 -27.35
N PHE C 15 -17.41 -63.67 -26.38
CA PHE C 15 -16.04 -63.31 -26.08
C PHE C 15 -15.22 -64.25 -26.95
N ALA C 16 -15.76 -65.44 -27.18
CA ALA C 16 -15.10 -66.45 -27.99
C ALA C 16 -14.80 -65.92 -29.39
N ASP C 17 -15.72 -65.12 -29.92
CA ASP C 17 -15.55 -64.56 -31.26
C ASP C 17 -14.37 -63.60 -31.42
N VAL C 18 -13.95 -62.96 -30.33
CA VAL C 18 -12.81 -62.05 -30.41
C VAL C 18 -11.62 -62.88 -30.90
N VAL C 19 -10.54 -62.20 -31.29
CA VAL C 19 -9.39 -62.91 -31.81
C VAL C 19 -8.06 -62.65 -31.10
N GLY C 20 -7.31 -63.74 -30.92
CA GLY C 20 -6.00 -63.72 -30.30
C GLY C 20 -5.76 -62.95 -29.02
N GLN C 21 -6.71 -62.15 -28.57
CA GLN C 21 -6.47 -61.42 -27.35
C GLN C 21 -6.93 -62.18 -26.14
N GLU C 22 -6.55 -63.46 -26.09
CA GLU C 22 -6.92 -64.34 -24.99
C GLU C 22 -6.65 -63.76 -23.61
N HIS C 23 -5.38 -63.58 -23.26
CA HIS C 23 -5.00 -63.07 -21.95
C HIS C 23 -5.89 -61.97 -21.44
N VAL C 24 -6.22 -61.01 -22.28
CA VAL C 24 -7.08 -59.92 -21.85
C VAL C 24 -8.55 -60.28 -21.82
N LEU C 25 -8.87 -61.48 -22.29
CA LEU C 25 -10.25 -61.94 -22.29
C LEU C 25 -10.39 -62.79 -21.05
N THR C 26 -9.40 -63.64 -20.81
CA THR C 26 -9.41 -64.52 -19.65
C THR C 26 -9.63 -63.67 -18.41
N ALA C 27 -8.95 -62.54 -18.33
CA ALA C 27 -9.09 -61.66 -17.19
C ALA C 27 -10.51 -61.14 -17.07
N LEU C 28 -11.23 -61.04 -18.19
CA LEU C 28 -12.61 -60.59 -18.12
C LEU C 28 -13.57 -61.75 -17.94
N ALA C 29 -13.09 -62.95 -18.26
CA ALA C 29 -13.89 -64.15 -18.12
C ALA C 29 -14.03 -64.44 -16.63
N ASN C 30 -12.99 -64.15 -15.86
CA ASN C 30 -13.02 -64.36 -14.42
C ASN C 30 -13.96 -63.33 -13.79
N GLY C 31 -13.49 -62.10 -13.70
CA GLY C 31 -14.29 -61.02 -13.14
C GLY C 31 -15.78 -61.22 -13.27
N LEU C 32 -16.27 -61.41 -14.49
CA LEU C 32 -17.69 -61.62 -14.73
C LEU C 32 -18.23 -62.90 -14.10
N SER C 33 -17.37 -63.91 -14.01
CA SER C 33 -17.76 -65.20 -13.45
C SER C 33 -17.77 -65.21 -11.93
N LEU C 34 -16.78 -64.56 -11.32
CA LEU C 34 -16.67 -64.47 -9.87
C LEU C 34 -17.34 -63.21 -9.36
N GLY C 35 -17.88 -62.42 -10.28
CA GLY C 35 -18.57 -61.19 -9.90
C GLY C 35 -17.67 -60.04 -9.51
N ARG C 36 -16.37 -60.29 -9.36
CA ARG C 36 -15.41 -59.25 -9.00
C ARG C 36 -15.45 -58.07 -9.95
N ILE C 37 -16.57 -57.36 -9.92
CA ILE C 37 -16.76 -56.20 -10.79
C ILE C 37 -16.24 -54.91 -10.19
N HIS C 38 -15.17 -54.38 -10.77
CA HIS C 38 -14.58 -53.14 -10.30
C HIS C 38 -15.42 -51.99 -10.80
N HIS C 39 -15.17 -50.79 -10.30
CA HIS C 39 -15.95 -49.62 -10.71
C HIS C 39 -15.51 -49.01 -12.04
N ALA C 40 -14.29 -49.32 -12.48
CA ALA C 40 -13.79 -48.77 -13.73
C ALA C 40 -12.91 -49.70 -14.55
N TYR C 41 -13.22 -49.80 -15.83
CA TYR C 41 -12.46 -50.63 -16.76
C TYR C 41 -11.75 -49.79 -17.80
N LEU C 42 -10.43 -49.95 -17.87
CA LEU C 42 -9.67 -49.19 -18.84
C LEU C 42 -9.16 -50.11 -19.94
N PHE C 43 -9.29 -49.65 -21.17
CA PHE C 43 -8.83 -50.38 -22.35
C PHE C 43 -7.97 -49.46 -23.23
N SER C 44 -6.69 -49.78 -23.26
CA SER C 44 -5.70 -49.02 -24.01
C SER C 44 -5.40 -49.73 -25.31
N GLY C 45 -4.94 -48.98 -26.31
CA GLY C 45 -4.61 -49.59 -27.59
C GLY C 45 -4.67 -48.69 -28.81
N THR C 46 -3.93 -49.08 -29.83
CA THR C 46 -3.96 -48.36 -31.08
C THR C 46 -5.45 -48.38 -31.44
N ARG C 47 -5.76 -47.75 -32.57
CA ARG C 47 -7.11 -47.73 -33.09
C ARG C 47 -7.20 -48.95 -34.01
N GLY C 48 -8.31 -49.65 -34.05
CA GLY C 48 -8.35 -50.83 -34.91
C GLY C 48 -8.33 -52.08 -34.05
N VAL C 49 -7.82 -51.91 -32.81
CA VAL C 49 -7.85 -53.03 -31.86
C VAL C 49 -9.22 -52.97 -31.16
N GLY C 50 -9.85 -54.12 -30.96
CA GLY C 50 -11.20 -54.25 -30.41
C GLY C 50 -11.48 -53.63 -29.03
N LYS C 51 -11.04 -52.38 -28.83
CA LYS C 51 -11.21 -51.65 -27.58
C LYS C 51 -12.67 -51.48 -27.26
N THR C 52 -13.37 -50.73 -28.14
CA THR C 52 -14.81 -50.52 -28.03
C THR C 52 -15.52 -51.86 -28.12
N SER C 53 -15.19 -52.64 -29.13
CA SER C 53 -15.80 -53.97 -29.43
C SER C 53 -15.78 -54.89 -28.24
N ILE C 54 -14.61 -54.96 -27.61
CA ILE C 54 -14.49 -55.77 -26.44
C ILE C 54 -15.18 -55.04 -25.29
N ALA C 55 -15.43 -53.75 -25.45
CA ALA C 55 -16.12 -53.01 -24.40
C ALA C 55 -17.60 -53.41 -24.39
N ARG C 56 -18.22 -53.55 -25.56
CA ARG C 56 -19.64 -53.93 -25.66
C ARG C 56 -19.83 -55.32 -25.09
N LEU C 57 -18.87 -56.20 -25.38
CA LEU C 57 -18.91 -57.57 -24.91
C LEU C 57 -18.84 -57.67 -23.39
N LEU C 58 -18.75 -56.53 -22.74
CA LEU C 58 -18.72 -56.51 -21.29
C LEU C 58 -20.13 -56.14 -20.87
N ALA C 59 -20.59 -55.03 -21.45
CA ALA C 59 -21.91 -54.47 -21.22
C ALA C 59 -23.02 -55.41 -21.73
N LYS C 60 -22.62 -56.45 -22.44
CA LYS C 60 -23.53 -57.44 -22.95
C LYS C 60 -23.53 -58.57 -21.92
N GLY C 61 -22.50 -58.56 -21.07
CA GLY C 61 -22.35 -59.57 -20.03
C GLY C 61 -22.60 -59.02 -18.64
N LEU C 62 -22.98 -57.75 -18.57
CA LEU C 62 -23.30 -57.08 -17.31
C LEU C 62 -24.81 -56.94 -17.13
N ASN C 63 -25.49 -56.40 -18.15
CA ASN C 63 -26.94 -56.20 -18.10
C ASN C 63 -27.79 -57.35 -18.63
N CYS C 64 -27.12 -58.41 -19.09
CA CYS C 64 -27.80 -59.57 -19.62
C CYS C 64 -28.79 -60.09 -18.56
N GLU C 65 -29.99 -60.45 -19.01
CA GLU C 65 -31.04 -60.96 -18.13
C GLU C 65 -30.70 -62.32 -17.56
N THR C 66 -29.82 -63.04 -18.24
CA THR C 66 -29.40 -64.36 -17.79
C THR C 66 -28.58 -64.14 -16.52
N GLY C 67 -28.44 -62.87 -16.15
CA GLY C 67 -27.65 -62.53 -14.98
C GLY C 67 -26.27 -62.15 -15.48
N ILE C 68 -25.36 -61.78 -14.56
CA ILE C 68 -24.00 -61.38 -14.93
C ILE C 68 -23.15 -62.54 -15.44
N THR C 69 -23.07 -62.68 -16.76
CA THR C 69 -22.33 -63.77 -17.38
C THR C 69 -21.13 -63.36 -18.24
N ALA C 70 -20.30 -64.36 -18.54
CA ALA C 70 -19.13 -64.21 -19.39
C ALA C 70 -19.59 -64.81 -20.70
N THR C 71 -20.72 -65.49 -20.63
CA THR C 71 -21.34 -66.15 -21.77
C THR C 71 -22.76 -65.66 -21.95
N PRO C 72 -22.92 -64.40 -22.36
CA PRO C 72 -24.25 -63.82 -22.55
C PRO C 72 -25.05 -64.60 -23.58
N CYS C 73 -26.37 -64.51 -23.54
CA CYS C 73 -27.21 -65.21 -24.51
C CYS C 73 -27.57 -64.16 -25.54
N GLY C 74 -27.46 -64.53 -26.81
CA GLY C 74 -27.75 -63.61 -27.89
C GLY C 74 -29.20 -63.27 -28.14
N VAL C 75 -30.13 -63.80 -27.35
CA VAL C 75 -31.54 -63.51 -27.58
C VAL C 75 -32.25 -62.53 -26.64
N CYS C 76 -31.93 -62.58 -25.35
CA CYS C 76 -32.56 -61.68 -24.39
C CYS C 76 -32.58 -60.26 -24.94
N ASP C 77 -33.69 -59.55 -24.69
CA ASP C 77 -33.86 -58.18 -25.16
C ASP C 77 -32.68 -57.26 -24.89
N ASN C 78 -31.95 -57.50 -23.80
CA ASN C 78 -30.78 -56.67 -23.48
C ASN C 78 -29.60 -56.95 -24.40
N CYS C 79 -29.35 -58.22 -24.66
CA CYS C 79 -28.24 -58.56 -25.52
C CYS C 79 -28.42 -58.04 -26.96
N ARG C 80 -29.64 -58.15 -27.51
CA ARG C 80 -29.92 -57.68 -28.87
C ARG C 80 -29.74 -56.17 -29.05
N GLU C 81 -30.35 -55.39 -28.16
CA GLU C 81 -30.25 -53.95 -28.23
C GLU C 81 -28.82 -53.48 -28.00
N ILE C 82 -28.06 -54.21 -27.18
CA ILE C 82 -26.69 -53.81 -26.95
C ILE C 82 -25.91 -53.98 -28.23
N GLU C 83 -26.21 -55.03 -28.99
CA GLU C 83 -25.49 -55.26 -30.24
C GLU C 83 -26.13 -54.48 -31.39
N GLN C 84 -26.62 -53.29 -31.07
CA GLN C 84 -27.25 -52.39 -32.04
C GLN C 84 -27.09 -50.93 -31.61
N GLY C 85 -26.06 -50.70 -30.78
CA GLY C 85 -25.76 -49.36 -30.29
C GLY C 85 -26.92 -48.55 -29.73
N ARG C 86 -27.99 -49.21 -29.31
CA ARG C 86 -29.15 -48.51 -28.77
C ARG C 86 -29.73 -49.23 -27.54
N PHE C 87 -29.19 -48.91 -26.37
CA PHE C 87 -29.62 -49.49 -25.11
C PHE C 87 -29.80 -48.37 -24.08
N VAL C 88 -30.94 -48.36 -23.41
CA VAL C 88 -31.29 -47.35 -22.42
C VAL C 88 -30.25 -47.05 -21.34
N ASP C 89 -29.43 -48.03 -21.00
CA ASP C 89 -28.42 -47.80 -19.97
C ASP C 89 -26.99 -47.81 -20.53
N LEU C 90 -26.88 -47.86 -21.85
CA LEU C 90 -25.59 -47.85 -22.51
C LEU C 90 -25.38 -46.51 -23.15
N ILE C 91 -24.72 -45.62 -22.44
CA ILE C 91 -24.45 -44.29 -22.97
C ILE C 91 -23.09 -44.34 -23.61
N GLU C 92 -23.03 -44.01 -24.89
CA GLU C 92 -21.78 -44.03 -25.63
C GLU C 92 -21.27 -42.62 -25.88
N ILE C 93 -20.19 -42.26 -25.19
CA ILE C 93 -19.62 -40.94 -25.33
C ILE C 93 -18.31 -40.99 -26.10
N ASP C 94 -18.14 -40.06 -27.04
CA ASP C 94 -16.92 -39.96 -27.86
C ASP C 94 -16.23 -38.65 -27.47
N ALA C 95 -15.26 -38.72 -26.56
CA ALA C 95 -14.56 -37.53 -26.09
C ALA C 95 -13.89 -36.77 -27.23
N ALA C 96 -13.52 -37.50 -28.29
CA ALA C 96 -12.87 -36.91 -29.44
C ALA C 96 -13.91 -36.23 -30.32
N SER C 97 -15.17 -36.32 -29.91
CA SER C 97 -16.23 -35.72 -30.69
C SER C 97 -16.38 -34.23 -30.45
N ARG C 98 -16.39 -33.49 -31.56
CA ARG C 98 -16.51 -32.03 -31.54
C ARG C 98 -17.96 -31.57 -31.38
N THR C 99 -18.85 -32.09 -32.23
CA THR C 99 -20.28 -31.78 -32.23
C THR C 99 -21.03 -32.13 -30.94
N LYS C 100 -20.54 -33.17 -30.27
CA LYS C 100 -21.16 -33.69 -29.06
C LYS C 100 -20.52 -33.18 -27.75
N VAL C 101 -19.61 -32.20 -27.84
CA VAL C 101 -18.95 -31.68 -26.64
C VAL C 101 -19.90 -31.25 -25.51
N GLU C 102 -21.06 -30.69 -25.85
CA GLU C 102 -22.01 -30.27 -24.81
C GLU C 102 -22.80 -31.47 -24.29
N ASP C 103 -22.90 -32.51 -25.11
CA ASP C 103 -23.58 -33.72 -24.69
C ASP C 103 -22.60 -34.53 -23.85
N THR C 104 -21.32 -34.19 -23.98
CA THR C 104 -20.25 -34.83 -23.24
C THR C 104 -20.19 -34.29 -21.82
N ARG C 105 -20.27 -32.95 -21.71
CA ARG C 105 -20.23 -32.27 -20.41
C ARG C 105 -21.47 -32.49 -19.56
N ASP C 106 -22.64 -32.32 -20.17
CA ASP C 106 -23.91 -32.49 -19.46
C ASP C 106 -24.16 -33.91 -18.97
N LEU C 107 -23.63 -34.90 -19.68
CA LEU C 107 -23.85 -36.30 -19.30
C LEU C 107 -22.92 -36.80 -18.19
N LEU C 108 -21.74 -36.21 -18.07
CA LEU C 108 -20.81 -36.63 -17.01
C LEU C 108 -21.06 -35.93 -15.68
N ASP C 109 -21.78 -34.81 -15.72
CA ASP C 109 -22.11 -34.07 -14.50
C ASP C 109 -23.51 -34.49 -14.05
N ASN C 110 -24.23 -35.11 -14.98
CA ASN C 110 -25.58 -35.58 -14.69
C ASN C 110 -25.65 -37.10 -14.68
N VAL C 111 -24.88 -37.72 -13.78
CA VAL C 111 -24.87 -39.17 -13.66
C VAL C 111 -26.16 -39.62 -12.99
N GLN C 112 -26.86 -40.55 -13.65
CA GLN C 112 -28.11 -41.10 -13.15
C GLN C 112 -27.81 -42.30 -12.26
N TYR C 113 -28.21 -42.22 -11.00
CA TYR C 113 -27.94 -43.30 -10.06
C TYR C 113 -29.06 -44.33 -9.96
N ALA C 114 -29.55 -44.80 -11.11
CA ALA C 114 -30.62 -45.79 -11.12
C ALA C 114 -30.83 -46.37 -12.51
N PRO C 115 -30.45 -47.65 -12.70
CA PRO C 115 -30.60 -48.32 -14.00
C PRO C 115 -32.07 -48.37 -14.44
N ALA C 116 -32.33 -47.98 -15.69
CA ALA C 116 -33.68 -47.98 -16.23
C ALA C 116 -34.15 -49.35 -16.74
N ARG C 117 -33.22 -50.19 -17.16
CA ARG C 117 -33.60 -51.51 -17.68
C ARG C 117 -32.56 -52.59 -17.44
N GLY C 118 -31.37 -52.19 -17.00
CA GLY C 118 -30.32 -53.15 -16.76
C GLY C 118 -29.83 -53.19 -15.32
N ARG C 119 -29.05 -54.21 -15.00
CA ARG C 119 -28.51 -54.36 -13.66
C ARG C 119 -27.74 -53.08 -13.34
N PHE C 120 -26.75 -52.78 -14.17
CA PHE C 120 -25.91 -51.59 -13.99
C PHE C 120 -26.16 -50.58 -15.10
N LYS C 121 -25.52 -49.41 -14.98
CA LYS C 121 -25.63 -48.38 -16.01
C LYS C 121 -24.24 -48.28 -16.61
N VAL C 122 -24.12 -48.66 -17.88
CA VAL C 122 -22.84 -48.66 -18.57
C VAL C 122 -22.48 -47.39 -19.33
N TYR C 123 -21.30 -46.87 -19.02
CA TYR C 123 -20.79 -45.67 -19.68
C TYR C 123 -19.56 -46.07 -20.49
N LEU C 124 -19.72 -46.05 -21.80
CA LEU C 124 -18.65 -46.40 -22.73
C LEU C 124 -18.02 -45.11 -23.24
N ILE C 125 -16.77 -44.87 -22.89
CA ILE C 125 -16.11 -43.65 -23.33
C ILE C 125 -14.86 -43.86 -24.18
N ASP C 126 -14.97 -43.46 -25.45
CA ASP C 126 -13.89 -43.59 -26.42
C ASP C 126 -12.88 -42.47 -26.23
N GLU C 127 -11.70 -42.86 -25.75
CA GLU C 127 -10.63 -41.92 -25.51
C GLU C 127 -11.04 -40.81 -24.58
N VAL C 128 -10.78 -41.03 -23.30
CA VAL C 128 -11.13 -40.09 -22.24
C VAL C 128 -10.05 -39.03 -22.05
N HIS C 129 -8.83 -39.35 -22.46
CA HIS C 129 -7.73 -38.41 -22.32
C HIS C 129 -8.00 -37.18 -23.19
N MET C 130 -9.05 -37.27 -24.00
CA MET C 130 -9.42 -36.18 -24.89
C MET C 130 -10.59 -35.36 -24.35
N LEU C 131 -10.99 -35.59 -23.11
CA LEU C 131 -12.12 -34.86 -22.52
C LEU C 131 -11.78 -33.41 -22.14
N SER C 132 -12.83 -32.62 -21.92
CA SER C 132 -12.68 -31.22 -21.53
C SER C 132 -12.22 -31.12 -20.08
N ARG C 133 -11.44 -30.10 -19.76
CA ARG C 133 -10.93 -29.92 -18.41
C ARG C 133 -12.07 -29.89 -17.39
N HIS C 134 -13.22 -29.42 -17.84
CA HIS C 134 -14.38 -29.33 -16.98
C HIS C 134 -14.98 -30.72 -16.67
N SER C 135 -15.61 -31.37 -17.65
CA SER C 135 -16.20 -32.68 -17.44
C SER C 135 -15.20 -33.75 -17.04
N PHE C 136 -13.91 -33.50 -17.31
CA PHE C 136 -12.88 -34.46 -16.96
C PHE C 136 -12.87 -34.63 -15.45
N ASN C 137 -13.07 -33.54 -14.74
CA ASN C 137 -13.10 -33.56 -13.28
C ASN C 137 -14.40 -34.16 -12.79
N ALA C 138 -15.44 -34.03 -13.61
CA ALA C 138 -16.75 -34.58 -13.26
C ALA C 138 -16.56 -36.07 -13.01
N LEU C 139 -15.71 -36.69 -13.82
CA LEU C 139 -15.41 -38.10 -13.69
C LEU C 139 -14.62 -38.31 -12.40
N LEU C 140 -13.45 -37.68 -12.33
CA LEU C 140 -12.56 -37.77 -11.18
C LEU C 140 -13.33 -38.01 -9.88
N LYS C 141 -14.24 -37.08 -9.58
CA LYS C 141 -15.06 -37.15 -8.37
C LYS C 141 -15.97 -38.37 -8.36
N THR C 142 -16.72 -38.57 -9.44
CA THR C 142 -17.64 -39.70 -9.52
C THR C 142 -16.89 -41.02 -9.42
N LEU C 143 -15.62 -41.01 -9.81
CA LEU C 143 -14.79 -42.20 -9.75
C LEU C 143 -14.24 -42.45 -8.35
N GLU C 144 -13.97 -41.37 -7.62
CA GLU C 144 -13.44 -41.52 -6.27
C GLU C 144 -14.48 -42.22 -5.42
N GLU C 145 -15.72 -41.75 -5.49
CA GLU C 145 -16.82 -42.38 -4.75
C GLU C 145 -17.89 -42.67 -5.80
N PRO C 146 -17.83 -43.86 -6.40
CA PRO C 146 -18.78 -44.29 -7.42
C PRO C 146 -19.95 -45.09 -6.87
N PRO C 147 -21.16 -44.86 -7.44
CA PRO C 147 -22.33 -45.61 -6.96
C PRO C 147 -22.12 -47.10 -7.24
N GLU C 148 -23.01 -47.95 -6.76
CA GLU C 148 -22.85 -49.40 -6.95
C GLU C 148 -23.29 -49.88 -8.33
N HIS C 149 -24.37 -49.27 -8.83
CA HIS C 149 -24.96 -49.63 -10.11
C HIS C 149 -24.25 -49.06 -11.34
N VAL C 150 -23.62 -47.90 -11.20
CA VAL C 150 -22.92 -47.27 -12.31
C VAL C 150 -21.49 -47.78 -12.50
N LYS C 151 -21.22 -48.35 -13.67
CA LYS C 151 -19.91 -48.87 -13.99
C LYS C 151 -19.34 -48.16 -15.21
N PHE C 152 -18.02 -48.10 -15.30
CA PHE C 152 -17.35 -47.41 -16.40
C PHE C 152 -16.47 -48.26 -17.32
N LEU C 153 -16.43 -47.86 -18.59
CA LEU C 153 -15.63 -48.55 -19.60
C LEU C 153 -14.87 -47.51 -20.43
N LEU C 154 -13.57 -47.36 -20.13
CA LEU C 154 -12.69 -46.39 -20.81
C LEU C 154 -11.78 -47.03 -21.85
N ALA C 155 -11.51 -46.29 -22.92
CA ALA C 155 -10.66 -46.78 -24.00
C ALA C 155 -9.69 -45.69 -24.43
N THR C 156 -8.40 -46.00 -24.57
CA THR C 156 -7.48 -44.95 -24.95
C THR C 156 -6.46 -45.32 -26.02
N THR C 157 -6.08 -44.32 -26.80
CA THR C 157 -5.10 -44.47 -27.85
C THR C 157 -3.76 -44.13 -27.22
N ASP C 158 -3.81 -43.69 -25.97
CA ASP C 158 -2.62 -43.30 -25.23
C ASP C 158 -2.98 -43.05 -23.77
N PRO C 159 -2.69 -44.03 -22.89
CA PRO C 159 -2.95 -43.98 -21.45
C PRO C 159 -2.00 -43.02 -20.74
N GLN C 160 -0.94 -42.63 -21.45
CA GLN C 160 0.06 -41.72 -20.93
C GLN C 160 -0.54 -40.38 -20.58
N LYS C 161 -1.18 -39.74 -21.54
CA LYS C 161 -1.80 -38.45 -21.30
C LYS C 161 -3.00 -38.52 -20.35
N LEU C 162 -3.13 -39.63 -19.65
CA LEU C 162 -4.21 -39.81 -18.68
C LEU C 162 -3.57 -39.72 -17.30
N PRO C 163 -4.03 -38.77 -16.47
CA PRO C 163 -3.46 -38.61 -15.13
C PRO C 163 -3.29 -39.97 -14.43
N VAL C 164 -2.40 -40.03 -13.44
CA VAL C 164 -2.18 -41.27 -12.71
C VAL C 164 -3.26 -41.32 -11.64
N THR C 165 -4.07 -40.27 -11.60
CA THR C 165 -5.17 -40.15 -10.64
C THR C 165 -6.33 -41.02 -11.07
N ILE C 166 -6.39 -41.31 -12.36
CA ILE C 166 -7.45 -42.15 -12.90
C ILE C 166 -6.97 -43.55 -13.26
N LEU C 167 -5.74 -43.64 -13.78
CA LEU C 167 -5.18 -44.93 -14.16
C LEU C 167 -5.19 -45.86 -12.96
N SER C 168 -4.78 -45.34 -11.81
CA SER C 168 -4.75 -46.13 -10.59
C SER C 168 -6.16 -46.50 -10.13
N ARG C 169 -7.14 -45.71 -10.55
CA ARG C 169 -8.54 -45.93 -10.18
C ARG C 169 -9.31 -46.83 -11.15
N CYS C 170 -8.61 -47.53 -12.03
CA CYS C 170 -9.29 -48.39 -13.00
C CYS C 170 -8.51 -49.67 -13.25
N LEU C 171 -9.18 -50.68 -13.82
CA LEU C 171 -8.50 -51.93 -14.12
C LEU C 171 -8.10 -51.91 -15.59
N GLN C 172 -6.86 -51.50 -15.83
CA GLN C 172 -6.29 -51.37 -17.17
C GLN C 172 -6.27 -52.71 -17.93
N PHE C 173 -6.32 -52.62 -19.26
CA PHE C 173 -6.28 -53.77 -20.17
C PHE C 173 -5.71 -53.33 -21.52
N HIS C 174 -4.46 -53.68 -21.79
CA HIS C 174 -3.84 -53.31 -23.05
C HIS C 174 -4.04 -54.39 -24.10
N LEU C 175 -4.69 -53.99 -25.18
CA LEU C 175 -4.99 -54.85 -26.32
C LEU C 175 -3.92 -54.68 -27.40
N LYS C 176 -3.12 -55.71 -27.63
CA LYS C 176 -2.07 -55.61 -28.65
C LYS C 176 -2.67 -55.74 -30.04
N ALA C 177 -2.10 -55.03 -31.00
CA ALA C 177 -2.57 -55.11 -32.37
C ALA C 177 -2.33 -56.56 -32.77
N LEU C 178 -2.84 -56.97 -33.91
CA LEU C 178 -2.67 -58.36 -34.35
C LEU C 178 -1.61 -58.57 -35.42
N ASP C 179 -0.79 -59.61 -35.26
CA ASP C 179 0.25 -59.90 -36.25
C ASP C 179 -0.35 -59.96 -37.65
N VAL C 180 0.49 -59.90 -38.70
CA VAL C 180 0.00 -59.95 -40.08
C VAL C 180 -0.59 -61.31 -40.37
N GLU C 181 0.22 -62.33 -40.11
CA GLU C 181 -0.18 -63.70 -40.37
C GLU C 181 -1.34 -64.18 -39.55
N GLN C 182 -1.79 -63.38 -38.57
CA GLN C 182 -2.95 -63.75 -37.75
C GLN C 182 -4.17 -63.30 -38.51
N ILE C 183 -4.17 -62.05 -38.94
CA ILE C 183 -5.27 -61.54 -39.74
C ILE C 183 -5.27 -62.34 -41.03
N ARG C 184 -4.08 -62.64 -41.52
CA ARG C 184 -4.01 -63.39 -42.77
C ARG C 184 -4.76 -64.68 -42.61
N HIS C 185 -4.64 -65.25 -41.43
CA HIS C 185 -5.28 -66.51 -41.14
C HIS C 185 -6.76 -66.29 -40.94
N GLN C 186 -7.14 -65.25 -40.22
CA GLN C 186 -8.55 -65.09 -40.06
C GLN C 186 -9.19 -64.99 -41.42
N LEU C 187 -8.87 -63.93 -42.18
CA LEU C 187 -9.46 -63.72 -43.49
C LEU C 187 -9.57 -64.95 -44.36
N GLU C 188 -8.59 -65.84 -44.23
CA GLU C 188 -8.62 -67.08 -45.01
C GLU C 188 -9.73 -67.96 -44.48
N HIS C 189 -9.78 -68.09 -43.17
CA HIS C 189 -10.81 -68.89 -42.55
C HIS C 189 -12.19 -68.27 -42.70
N ILE C 190 -12.25 -67.00 -43.05
CA ILE C 190 -13.55 -66.38 -43.20
C ILE C 190 -14.06 -66.53 -44.61
N LEU C 191 -13.14 -66.56 -45.57
CA LEU C 191 -13.53 -66.67 -46.97
C LEU C 191 -13.75 -68.13 -47.34
N ASN C 192 -13.07 -68.98 -46.60
CA ASN C 192 -13.20 -70.40 -46.83
C ASN C 192 -14.54 -70.78 -46.24
N GLU C 193 -14.95 -70.05 -45.21
CA GLU C 193 -16.22 -70.35 -44.59
C GLU C 193 -17.36 -69.53 -45.12
N GLU C 194 -17.11 -68.82 -46.20
CA GLU C 194 -18.14 -68.05 -46.83
C GLU C 194 -18.20 -68.52 -48.26
N HIS C 195 -17.40 -69.55 -48.52
CA HIS C 195 -17.29 -70.18 -49.82
C HIS C 195 -16.93 -69.25 -50.94
N ILE C 196 -15.89 -68.42 -50.73
CA ILE C 196 -15.45 -67.48 -51.75
C ILE C 196 -14.08 -67.89 -52.31
N ALA C 197 -13.93 -67.86 -53.64
CA ALA C 197 -12.66 -68.25 -54.26
C ALA C 197 -11.63 -67.33 -53.64
N HIS C 198 -10.35 -67.44 -53.98
CA HIS C 198 -9.37 -66.53 -53.41
C HIS C 198 -7.92 -66.95 -53.53
N GLU C 199 -7.18 -66.05 -54.13
CA GLU C 199 -5.76 -66.18 -54.34
C GLU C 199 -4.97 -65.75 -53.12
N PRO C 200 -4.22 -66.67 -52.54
CA PRO C 200 -3.39 -66.41 -51.37
C PRO C 200 -2.73 -65.04 -51.38
N ARG C 201 -1.89 -64.84 -52.39
CA ARG C 201 -1.15 -63.58 -52.55
C ARG C 201 -2.01 -62.37 -52.19
N ALA C 202 -3.28 -62.44 -52.58
CA ALA C 202 -4.25 -61.38 -52.36
C ALA C 202 -4.72 -61.21 -50.92
N LEU C 203 -4.68 -62.28 -50.15
CA LEU C 203 -5.11 -62.21 -48.76
C LEU C 203 -4.07 -61.45 -47.96
N GLN C 204 -2.81 -61.81 -48.11
CA GLN C 204 -1.76 -61.12 -47.39
C GLN C 204 -1.88 -59.66 -47.67
N LEU C 205 -2.26 -59.33 -48.89
CA LEU C 205 -2.41 -57.93 -49.21
C LEU C 205 -3.52 -57.32 -48.35
N LEU C 206 -4.74 -57.85 -48.45
CA LEU C 206 -5.78 -57.31 -47.63
C LEU C 206 -5.26 -57.28 -46.19
N ALA C 207 -4.54 -58.33 -45.78
CA ALA C 207 -3.97 -58.45 -44.44
C ALA C 207 -3.19 -57.24 -44.03
N ARG C 208 -1.93 -57.17 -44.47
CA ARG C 208 -1.05 -56.03 -44.16
C ARG C 208 -1.77 -54.70 -44.40
N ALA C 209 -2.56 -54.61 -45.46
CA ALA C 209 -3.32 -53.40 -45.76
C ALA C 209 -3.99 -52.87 -44.50
N ALA C 210 -4.74 -53.73 -43.82
CA ALA C 210 -5.37 -53.34 -42.58
C ALA C 210 -4.23 -53.46 -41.59
N GLU C 211 -3.88 -52.40 -40.86
CA GLU C 211 -2.74 -52.56 -39.95
C GLU C 211 -3.04 -53.12 -38.56
N GLY C 212 -2.96 -54.46 -38.48
CA GLY C 212 -3.20 -55.22 -37.26
C GLY C 212 -4.62 -55.04 -36.80
N SER C 213 -5.43 -54.45 -37.68
CA SER C 213 -6.81 -54.11 -37.43
C SER C 213 -7.86 -55.03 -38.06
N LEU C 214 -8.14 -56.16 -37.42
CA LEU C 214 -9.15 -57.09 -37.98
C LEU C 214 -10.45 -56.42 -38.40
N ARG C 215 -11.02 -55.56 -37.55
CA ARG C 215 -12.22 -54.86 -37.98
C ARG C 215 -12.03 -54.38 -39.42
N ASP C 216 -10.97 -53.59 -39.64
CA ASP C 216 -10.57 -53.03 -40.94
C ASP C 216 -10.27 -54.10 -41.95
N ALA C 217 -9.56 -55.14 -41.51
CA ALA C 217 -9.22 -56.25 -42.37
C ALA C 217 -10.46 -56.81 -43.07
N LEU C 218 -11.58 -56.74 -42.40
CA LEU C 218 -12.81 -57.19 -42.94
C LEU C 218 -13.40 -56.09 -43.80
N SER C 219 -13.25 -54.86 -43.35
CA SER C 219 -13.78 -53.73 -44.11
C SER C 219 -13.25 -53.75 -45.53
N LEU C 220 -11.94 -53.96 -45.66
CA LEU C 220 -11.30 -54.01 -46.98
C LEU C 220 -11.75 -55.28 -47.65
N THR C 221 -11.53 -56.40 -46.98
CA THR C 221 -11.96 -57.66 -47.57
C THR C 221 -13.27 -57.52 -48.34
N ASP C 222 -14.13 -56.60 -47.91
CA ASP C 222 -15.40 -56.38 -48.55
C ASP C 222 -15.26 -55.58 -49.79
N GLN C 223 -14.41 -54.58 -49.77
CA GLN C 223 -14.29 -53.76 -50.96
C GLN C 223 -13.74 -54.61 -52.04
N ALA C 224 -12.78 -55.42 -51.67
CA ALA C 224 -12.14 -56.29 -52.63
C ALA C 224 -13.19 -57.19 -53.25
N ILE C 225 -14.00 -57.80 -52.40
CA ILE C 225 -15.05 -58.68 -52.87
C ILE C 225 -16.03 -57.94 -53.77
N ALA C 226 -16.21 -56.64 -53.56
CA ALA C 226 -17.12 -55.89 -54.40
C ALA C 226 -16.50 -55.64 -55.79
N SER C 227 -15.23 -55.28 -55.82
CA SER C 227 -14.56 -55.05 -57.10
C SER C 227 -14.22 -56.36 -57.79
N GLY C 228 -13.88 -57.37 -57.00
CA GLY C 228 -13.54 -58.65 -57.59
C GLY C 228 -14.73 -59.44 -58.12
N ASP C 229 -15.93 -58.87 -58.00
CA ASP C 229 -17.10 -59.60 -58.46
C ASP C 229 -17.02 -60.97 -57.78
N GLY C 230 -17.37 -60.98 -56.50
CA GLY C 230 -17.38 -62.21 -55.75
C GLY C 230 -16.09 -63.02 -55.64
N GLN C 231 -14.95 -62.37 -55.69
CA GLN C 231 -13.69 -63.11 -55.51
C GLN C 231 -12.67 -62.19 -54.91
N VAL C 232 -11.77 -62.74 -54.13
CA VAL C 232 -10.73 -61.88 -53.64
C VAL C 232 -9.55 -62.32 -54.49
N SER C 233 -9.29 -61.63 -55.59
CA SER C 233 -8.19 -61.96 -56.49
C SER C 233 -7.07 -60.97 -56.30
N THR C 234 -5.83 -61.40 -56.43
CA THR C 234 -4.74 -60.45 -56.27
C THR C 234 -5.11 -59.29 -57.14
N GLN C 235 -5.63 -59.56 -58.32
CA GLN C 235 -5.92 -58.47 -59.22
C GLN C 235 -6.95 -57.51 -58.76
N ALA C 236 -8.03 -57.95 -58.14
CA ALA C 236 -9.01 -56.99 -57.61
C ALA C 236 -8.29 -56.29 -56.47
N VAL C 237 -7.91 -57.02 -55.43
CA VAL C 237 -7.19 -56.39 -54.33
C VAL C 237 -6.16 -55.31 -54.71
N SER C 238 -5.00 -55.75 -55.20
CA SER C 238 -3.95 -54.84 -55.61
C SER C 238 -4.58 -53.63 -56.30
N ALA C 239 -5.67 -53.87 -56.99
CA ALA C 239 -6.37 -52.80 -57.65
C ALA C 239 -6.70 -51.79 -56.58
N MET C 240 -7.70 -52.07 -55.74
CA MET C 240 -8.09 -51.17 -54.66
C MET C 240 -6.91 -50.52 -53.94
N LEU C 241 -6.11 -51.33 -53.27
CA LEU C 241 -4.96 -50.82 -52.54
C LEU C 241 -4.15 -49.89 -53.42
N GLY C 242 -4.11 -50.21 -54.70
CA GLY C 242 -3.39 -49.37 -55.62
C GLY C 242 -1.97 -49.61 -55.27
N THR C 243 -1.60 -50.89 -55.40
CA THR C 243 -0.26 -51.44 -55.17
C THR C 243 0.20 -52.14 -56.43
N LEU C 244 1.26 -52.90 -56.37
CA LEU C 244 1.67 -53.61 -57.55
C LEU C 244 1.38 -55.09 -57.39
N ASP C 245 0.86 -55.68 -58.46
CA ASP C 245 0.56 -57.10 -58.52
C ASP C 245 1.92 -57.82 -58.57
N ASP C 246 2.33 -58.42 -57.44
CA ASP C 246 3.60 -59.16 -57.36
C ASP C 246 4.29 -59.28 -58.71
N ASP C 247 3.56 -59.53 -59.79
CA ASP C 247 4.24 -59.62 -61.07
C ASP C 247 4.92 -58.32 -61.43
N GLN C 248 4.12 -57.26 -61.45
CA GLN C 248 4.60 -55.94 -61.81
C GLN C 248 5.68 -55.37 -60.90
N ALA C 249 5.62 -55.70 -59.61
CA ALA C 249 6.65 -55.17 -58.75
C ALA C 249 7.92 -55.80 -59.29
N LEU C 250 8.04 -57.11 -59.21
CA LEU C 250 9.24 -57.75 -59.73
C LEU C 250 9.61 -57.37 -61.18
N SER C 251 8.62 -57.10 -62.03
CA SER C 251 8.90 -56.73 -63.41
C SER C 251 9.57 -55.37 -63.50
N LEU C 252 9.67 -54.65 -62.39
CA LEU C 252 10.31 -53.34 -62.38
C LEU C 252 11.70 -53.64 -61.96
N VAL C 253 11.77 -54.25 -60.78
CA VAL C 253 13.02 -54.66 -60.16
C VAL C 253 13.87 -55.32 -61.21
N GLU C 254 13.23 -56.22 -61.91
CA GLU C 254 13.91 -56.96 -62.94
C GLU C 254 14.53 -56.00 -63.87
N ALA C 255 13.74 -55.06 -64.31
CA ALA C 255 14.18 -54.04 -65.23
C ALA C 255 15.15 -53.07 -64.58
N MET C 256 15.02 -52.84 -63.27
CA MET C 256 15.92 -51.92 -62.54
C MET C 256 17.29 -52.53 -62.54
N VAL C 257 17.33 -53.82 -62.17
CA VAL C 257 18.59 -54.58 -62.14
C VAL C 257 19.23 -54.55 -63.48
N GLU C 258 18.45 -54.85 -64.51
CA GLU C 258 18.92 -54.88 -65.89
C GLU C 258 19.51 -53.57 -66.33
N ALA C 259 19.34 -52.56 -65.50
CA ALA C 259 19.93 -51.31 -65.83
C ALA C 259 19.29 -50.61 -66.98
N ASN C 260 18.14 -51.05 -67.45
CA ASN C 260 17.57 -50.28 -68.56
C ASN C 260 16.43 -49.40 -68.09
N GLY C 261 16.69 -48.08 -68.17
CA GLY C 261 15.73 -47.08 -67.75
C GLY C 261 14.46 -47.36 -68.48
N GLU C 262 14.38 -46.85 -69.69
CA GLU C 262 13.25 -47.07 -70.55
C GLU C 262 12.21 -48.00 -69.95
N ARG C 263 12.55 -49.29 -69.86
CA ARG C 263 11.62 -50.29 -69.32
C ARG C 263 11.07 -49.82 -68.02
N VAL C 264 11.95 -49.37 -67.13
CA VAL C 264 11.54 -48.83 -65.82
C VAL C 264 10.49 -47.70 -65.99
N MET C 265 10.98 -46.55 -66.44
CA MET C 265 10.19 -45.36 -66.66
C MET C 265 8.95 -45.73 -67.40
N ALA C 266 9.08 -46.73 -68.24
CA ALA C 266 7.96 -47.16 -69.05
C ALA C 266 6.91 -47.74 -68.16
N LEU C 267 7.31 -48.66 -67.31
CA LEU C 267 6.44 -49.39 -66.40
C LEU C 267 5.85 -48.47 -65.37
N ILE C 268 6.58 -47.41 -65.07
CA ILE C 268 6.05 -46.48 -64.09
C ILE C 268 4.79 -45.90 -64.67
N ASN C 269 4.83 -45.41 -65.92
CA ASN C 269 3.66 -44.85 -66.59
C ASN C 269 2.60 -45.89 -66.61
N GLU C 270 2.94 -46.94 -67.34
CA GLU C 270 2.10 -48.13 -67.53
C GLU C 270 1.37 -48.34 -66.23
N ALA C 271 2.10 -48.05 -65.17
CA ALA C 271 1.63 -48.19 -63.81
C ALA C 271 0.85 -46.95 -63.28
N ALA C 272 1.37 -45.76 -63.58
CA ALA C 272 0.75 -44.53 -63.18
C ALA C 272 -0.58 -44.53 -63.86
N ALA C 273 -0.67 -45.30 -64.92
CA ALA C 273 -1.92 -45.43 -65.64
C ALA C 273 -2.98 -46.05 -64.72
N ARG C 274 -2.62 -47.16 -64.08
CA ARG C 274 -3.53 -47.86 -63.18
C ARG C 274 -3.78 -47.07 -61.90
N GLY C 275 -3.21 -45.87 -61.86
CA GLY C 275 -3.33 -45.03 -60.69
C GLY C 275 -2.76 -45.73 -59.48
N ILE C 276 -1.44 -45.83 -59.36
CA ILE C 276 -0.82 -46.51 -58.24
C ILE C 276 -0.73 -45.56 -57.09
N GLU C 277 -0.28 -46.04 -55.96
CA GLU C 277 -0.08 -45.20 -54.76
C GLU C 277 1.43 -45.13 -54.72
N TRP C 278 2.02 -44.05 -55.22
CA TRP C 278 3.46 -43.99 -55.37
C TRP C 278 4.34 -44.56 -54.29
N GLU C 279 4.11 -44.20 -53.05
CA GLU C 279 4.92 -44.78 -51.98
C GLU C 279 4.93 -46.36 -52.04
N ALA C 280 3.81 -46.92 -52.47
CA ALA C 280 3.70 -48.36 -52.51
C ALA C 280 4.38 -48.95 -53.68
N LEU C 281 4.76 -48.18 -54.67
CA LEU C 281 5.45 -48.88 -55.76
C LEU C 281 6.87 -49.22 -55.29
N LEU C 282 7.23 -48.67 -54.13
CA LEU C 282 8.53 -48.88 -53.55
C LEU C 282 8.27 -49.85 -52.45
N VAL C 283 7.28 -49.59 -51.60
CA VAL C 283 7.04 -50.56 -50.53
C VAL C 283 7.05 -51.96 -51.15
N GLU C 284 6.45 -52.12 -52.32
CA GLU C 284 6.40 -53.44 -52.93
C GLU C 284 7.73 -53.94 -53.55
N MET C 285 8.53 -53.06 -54.13
CA MET C 285 9.80 -53.53 -54.68
C MET C 285 10.59 -53.95 -53.44
N LEU C 286 10.97 -52.98 -52.60
CA LEU C 286 11.70 -53.29 -51.37
C LEU C 286 11.29 -54.67 -50.90
N GLY C 287 9.99 -54.90 -50.88
CA GLY C 287 9.50 -56.18 -50.44
C GLY C 287 10.28 -57.29 -51.10
N LEU C 288 10.15 -57.41 -52.42
CA LEU C 288 10.84 -58.43 -53.21
C LEU C 288 12.32 -58.47 -53.00
N LEU C 289 13.02 -57.37 -53.26
CA LEU C 289 14.47 -57.32 -53.05
C LEU C 289 14.84 -58.08 -51.77
N HIS C 290 14.05 -57.82 -50.74
CA HIS C 290 14.22 -58.44 -49.44
C HIS C 290 14.30 -59.96 -49.64
N ARG C 291 13.19 -60.49 -50.16
CA ARG C 291 13.01 -61.89 -50.42
C ARG C 291 14.10 -62.48 -51.26
N ILE C 292 14.54 -61.75 -52.28
CA ILE C 292 15.57 -62.25 -53.15
C ILE C 292 16.76 -62.56 -52.31
N ALA C 293 17.47 -61.54 -51.88
CA ALA C 293 18.65 -61.73 -51.07
C ALA C 293 18.50 -62.71 -49.90
N MET C 294 17.27 -63.12 -49.61
CA MET C 294 16.94 -64.04 -48.50
C MET C 294 17.05 -65.46 -48.97
N VAL C 295 16.79 -65.66 -50.24
CA VAL C 295 16.85 -66.98 -50.83
C VAL C 295 18.31 -67.26 -51.19
N GLN C 296 19.12 -66.21 -51.22
CA GLN C 296 20.50 -66.39 -51.54
C GLN C 296 21.16 -66.90 -50.29
N LEU C 297 20.49 -66.72 -49.17
CA LEU C 297 21.01 -67.18 -47.90
C LEU C 297 20.45 -68.58 -47.58
N SER C 298 19.23 -68.86 -48.01
CA SER C 298 18.60 -70.15 -47.80
C SER C 298 17.60 -70.29 -48.94
N PRO C 299 17.90 -71.18 -49.89
CA PRO C 299 16.93 -71.32 -50.98
C PRO C 299 15.53 -71.68 -50.49
N ALA C 300 15.48 -72.17 -49.26
CA ALA C 300 14.23 -72.55 -48.61
C ALA C 300 13.35 -71.32 -48.33
N ALA C 301 14.00 -70.20 -48.04
CA ALA C 301 13.30 -68.98 -47.74
C ALA C 301 12.39 -68.48 -48.83
N LEU C 302 11.50 -69.30 -49.34
CA LEU C 302 10.64 -68.76 -50.37
C LEU C 302 9.22 -69.23 -50.15
N GLY C 303 8.33 -68.24 -49.97
CA GLY C 303 6.92 -68.51 -49.70
C GLY C 303 6.23 -69.62 -50.48
N ASN C 304 4.90 -69.56 -50.53
CA ASN C 304 4.23 -70.60 -51.25
C ASN C 304 3.34 -70.09 -52.34
N ASP C 305 3.35 -68.79 -52.54
CA ASP C 305 2.55 -68.34 -53.66
C ASP C 305 3.51 -67.58 -54.52
N MET C 306 4.67 -67.31 -53.92
CA MET C 306 5.68 -66.67 -54.71
C MET C 306 5.82 -67.46 -56.05
N ALA C 307 5.46 -68.75 -56.01
CA ALA C 307 5.49 -69.68 -57.14
C ALA C 307 5.34 -69.03 -58.53
N ALA C 308 4.24 -68.31 -58.72
CA ALA C 308 3.93 -67.67 -60.00
C ALA C 308 5.07 -66.78 -60.46
N ILE C 309 5.93 -66.42 -59.53
CA ILE C 309 7.04 -65.58 -59.90
C ILE C 309 8.32 -66.27 -59.44
N GLU C 310 8.19 -67.43 -58.79
CA GLU C 310 9.34 -68.18 -58.26
C GLU C 310 10.53 -68.38 -59.22
N LEU C 311 10.28 -68.94 -60.40
CA LEU C 311 11.40 -69.15 -61.28
C LEU C 311 12.16 -67.84 -61.36
N ARG C 312 11.43 -66.74 -61.44
CA ARG C 312 12.11 -65.46 -61.55
C ARG C 312 12.73 -65.00 -60.23
N MET C 313 12.19 -65.43 -59.13
CA MET C 313 12.78 -64.96 -57.91
C MET C 313 14.15 -65.55 -57.88
N ARG C 314 14.16 -66.89 -57.93
CA ARG C 314 15.38 -67.67 -57.91
C ARG C 314 16.43 -67.18 -58.92
N GLU C 315 16.06 -66.95 -60.18
CA GLU C 315 17.05 -66.44 -61.09
C GLU C 315 17.72 -65.25 -60.41
N LEU C 316 17.22 -64.04 -60.54
CA LEU C 316 17.76 -62.85 -59.83
C LEU C 316 18.63 -63.11 -58.60
N ALA C 317 18.09 -63.93 -57.70
CA ALA C 317 18.74 -64.33 -56.46
C ALA C 317 20.06 -64.99 -56.82
N ARG C 318 20.00 -66.17 -57.41
CA ARG C 318 21.23 -66.81 -57.74
C ARG C 318 22.09 -65.92 -58.63
N THR C 319 21.54 -64.98 -59.41
CA THR C 319 22.39 -64.20 -60.32
C THR C 319 22.95 -62.83 -59.95
N ILE C 320 22.39 -62.17 -58.94
CA ILE C 320 22.87 -60.86 -58.52
C ILE C 320 23.60 -60.93 -57.18
N PRO C 321 24.69 -60.18 -57.02
CA PRO C 321 25.46 -60.18 -55.79
C PRO C 321 24.66 -59.71 -54.64
N PRO C 322 24.59 -60.52 -53.57
CA PRO C 322 23.81 -60.07 -52.41
C PRO C 322 24.23 -58.64 -52.07
N THR C 323 25.54 -58.40 -52.03
CA THR C 323 26.12 -57.07 -51.83
C THR C 323 25.27 -56.09 -52.66
N ASP C 324 25.22 -56.36 -53.95
CA ASP C 324 24.47 -55.56 -54.89
C ASP C 324 23.06 -55.27 -54.48
N ILE C 325 22.31 -56.33 -54.27
CA ILE C 325 20.91 -56.25 -53.89
C ILE C 325 20.70 -55.42 -52.66
N GLN C 326 21.62 -55.55 -51.72
CA GLN C 326 21.58 -54.80 -50.49
C GLN C 326 21.65 -53.36 -50.80
N LEU C 327 22.03 -53.03 -52.02
CA LEU C 327 22.15 -51.63 -52.45
C LEU C 327 20.83 -51.12 -53.03
N TYR C 328 20.22 -51.89 -53.93
CA TYR C 328 18.98 -51.41 -54.50
C TYR C 328 18.04 -51.30 -53.32
N TYR C 329 18.00 -52.32 -52.48
CA TYR C 329 17.13 -52.28 -51.31
C TYR C 329 17.38 -50.96 -50.67
N GLN C 330 18.56 -50.74 -50.16
CA GLN C 330 18.76 -49.46 -49.53
C GLN C 330 18.53 -48.24 -50.44
N THR C 331 18.72 -48.39 -51.74
CA THR C 331 18.55 -47.20 -52.57
C THR C 331 17.15 -46.71 -52.66
N LEU C 332 16.21 -47.66 -52.63
CA LEU C 332 14.77 -47.37 -52.71
C LEU C 332 14.31 -47.04 -51.34
N LEU C 333 14.96 -47.67 -50.39
CA LEU C 333 14.61 -47.47 -49.03
C LEU C 333 14.73 -45.99 -48.86
N ILE C 334 15.93 -45.47 -48.70
CA ILE C 334 16.09 -44.03 -48.57
C ILE C 334 15.22 -43.30 -49.60
N GLY C 335 14.77 -44.03 -50.62
CA GLY C 335 13.90 -43.45 -51.61
C GLY C 335 12.61 -42.99 -50.92
N ARG C 336 11.90 -43.98 -50.35
CA ARG C 336 10.67 -43.83 -49.57
C ARG C 336 10.91 -42.64 -48.64
N LYS C 337 11.98 -42.73 -47.89
CA LYS C 337 12.36 -41.69 -46.97
C LYS C 337 12.04 -40.28 -47.50
N GLU C 338 12.65 -39.88 -48.60
CA GLU C 338 12.46 -38.54 -49.14
C GLU C 338 11.14 -38.15 -49.70
N LEU C 339 10.38 -39.10 -50.17
CA LEU C 339 9.08 -38.81 -50.77
C LEU C 339 8.33 -37.53 -50.26
N PRO C 340 8.08 -37.46 -48.96
CA PRO C 340 7.37 -36.31 -48.42
C PRO C 340 8.02 -35.01 -48.82
N TYR C 341 9.30 -35.03 -49.17
CA TYR C 341 9.95 -33.80 -49.51
C TYR C 341 10.21 -33.67 -50.99
N ALA C 342 9.95 -34.74 -51.73
CA ALA C 342 10.15 -34.66 -53.17
C ALA C 342 8.94 -33.87 -53.55
N PRO C 343 9.11 -32.87 -54.40
CA PRO C 343 8.11 -31.94 -54.92
C PRO C 343 7.01 -32.63 -55.65
N ASP C 344 6.67 -33.86 -55.32
CA ASP C 344 5.63 -34.53 -56.09
C ASP C 344 5.87 -36.00 -55.79
N ARG C 345 4.88 -36.77 -55.35
CA ARG C 345 5.21 -38.14 -55.00
C ARG C 345 5.65 -38.98 -56.17
N ARG C 346 5.28 -38.58 -57.40
CA ARG C 346 5.72 -39.35 -58.55
C ARG C 346 7.17 -39.04 -58.78
N MET C 347 7.43 -37.77 -59.01
CA MET C 347 8.77 -37.30 -59.24
C MET C 347 9.67 -38.04 -58.32
N GLY C 348 9.53 -37.82 -57.03
CA GLY C 348 10.41 -38.54 -56.11
C GLY C 348 10.64 -39.99 -56.53
N VAL C 349 9.54 -40.68 -56.86
CA VAL C 349 9.61 -42.07 -57.24
C VAL C 349 10.35 -42.37 -58.54
N GLU C 350 10.28 -41.45 -59.51
CA GLU C 350 11.01 -41.60 -60.76
C GLU C 350 12.44 -41.19 -60.40
N MET C 351 12.61 -39.98 -59.89
CA MET C 351 13.93 -39.55 -59.56
C MET C 351 14.70 -40.68 -58.89
N THR C 352 14.07 -41.34 -57.92
CA THR C 352 14.73 -42.40 -57.17
C THR C 352 15.19 -43.61 -57.97
N LEU C 353 14.38 -44.11 -58.89
CA LEU C 353 14.84 -45.25 -59.70
C LEU C 353 16.02 -44.77 -60.62
N LEU C 354 15.99 -43.50 -61.02
CA LEU C 354 17.07 -42.99 -61.85
C LEU C 354 18.29 -43.15 -60.97
N ARG C 355 18.26 -42.54 -59.79
CA ARG C 355 19.42 -42.64 -58.90
C ARG C 355 19.95 -44.07 -58.95
N ALA C 356 19.08 -45.05 -58.71
CA ALA C 356 19.47 -46.44 -58.75
C ALA C 356 20.20 -46.67 -60.04
N LEU C 357 19.61 -46.17 -61.11
CA LEU C 357 20.17 -46.34 -62.45
C LEU C 357 21.49 -45.57 -62.69
N ALA C 358 21.58 -44.38 -62.09
CA ALA C 358 22.73 -43.53 -62.21
C ALA C 358 23.86 -44.14 -61.42
N PHE C 359 23.49 -44.79 -60.32
CA PHE C 359 24.42 -45.45 -59.43
C PHE C 359 24.35 -46.98 -59.52
N HIS C 360 23.93 -47.50 -60.66
CA HIS C 360 23.87 -48.95 -60.80
C HIS C 360 25.27 -49.47 -60.52
N PRO C 361 25.41 -50.74 -60.12
CA PRO C 361 26.81 -51.08 -59.92
C PRO C 361 27.42 -51.93 -61.03
N ARG C 362 26.67 -52.16 -62.10
CA ARG C 362 27.27 -52.95 -63.15
C ARG C 362 27.25 -52.20 -64.45
N MET C 363 26.30 -51.27 -64.59
CA MET C 363 26.15 -50.47 -65.80
C MET C 363 25.51 -49.15 -65.40
N PRO C 364 26.31 -48.23 -64.85
CA PRO C 364 25.70 -46.97 -64.46
C PRO C 364 25.47 -46.07 -65.64
N LEU C 365 24.70 -45.02 -65.43
CA LEU C 365 24.42 -44.03 -66.47
C LEU C 365 25.76 -43.34 -66.73
N PRO C 366 26.15 -43.23 -67.99
CA PRO C 366 27.33 -42.69 -68.67
C PRO C 366 27.44 -41.18 -68.82
N GLU C 367 28.65 -40.60 -68.73
CA GLU C 367 28.77 -39.14 -68.88
C GLU C 367 29.84 -38.66 -69.82
N PRO C 368 29.50 -38.12 -71.01
CA PRO C 368 30.54 -37.63 -71.97
C PRO C 368 31.51 -36.54 -71.55
N VAL D 5 -19.31 -20.87 -63.64
CA VAL D 5 -18.02 -21.33 -63.07
C VAL D 5 -17.65 -22.74 -63.60
N LEU D 6 -16.41 -23.01 -64.10
CA LEU D 6 -16.00 -24.35 -64.65
C LEU D 6 -16.28 -25.59 -63.75
N ALA D 7 -15.98 -25.48 -62.44
CA ALA D 7 -16.20 -26.57 -61.46
C ALA D 7 -17.61 -27.16 -61.58
N ARG D 8 -18.62 -26.27 -61.55
CA ARG D 8 -20.00 -26.73 -61.68
C ARG D 8 -20.25 -27.26 -63.06
N LYS D 9 -19.72 -26.54 -64.06
CA LYS D 9 -19.95 -26.94 -65.45
C LYS D 9 -19.46 -28.35 -65.74
N TRP D 10 -18.30 -28.74 -65.22
CA TRP D 10 -17.69 -30.04 -65.57
C TRP D 10 -17.90 -31.19 -64.60
N ARG D 11 -18.92 -31.06 -63.78
CA ARG D 11 -19.31 -32.05 -62.81
C ARG D 11 -19.47 -33.34 -63.58
N PRO D 12 -18.88 -34.47 -63.14
CA PRO D 12 -19.06 -35.68 -63.99
C PRO D 12 -20.53 -36.02 -64.31
N GLN D 13 -20.88 -36.46 -65.52
CA GLN D 13 -22.30 -36.85 -65.80
C GLN D 13 -22.41 -38.35 -65.89
N THR D 14 -21.38 -38.97 -66.46
CA THR D 14 -21.32 -40.40 -66.61
C THR D 14 -20.05 -40.85 -65.94
N PHE D 15 -19.97 -42.11 -65.56
CA PHE D 15 -18.75 -42.56 -64.89
C PHE D 15 -17.54 -42.28 -65.76
N ALA D 16 -17.63 -42.64 -67.03
CA ALA D 16 -16.53 -42.44 -67.96
C ALA D 16 -15.86 -41.07 -67.85
N ASP D 17 -16.52 -40.10 -67.14
CA ASP D 17 -16.01 -38.73 -66.99
C ASP D 17 -15.38 -38.44 -65.66
N VAL D 18 -15.43 -39.42 -64.75
CA VAL D 18 -14.81 -39.31 -63.46
C VAL D 18 -13.32 -39.55 -63.64
N VAL D 19 -12.50 -38.73 -62.99
CA VAL D 19 -11.07 -38.86 -63.11
C VAL D 19 -10.42 -39.60 -61.92
N GLY D 20 -9.57 -40.61 -62.21
CA GLY D 20 -8.72 -41.38 -61.27
C GLY D 20 -9.25 -42.04 -59.96
N GLN D 21 -10.42 -42.64 -59.95
CA GLN D 21 -10.93 -43.31 -58.76
C GLN D 21 -11.36 -44.77 -59.15
N GLU D 22 -10.75 -45.30 -60.22
CA GLU D 22 -11.08 -46.64 -60.77
C GLU D 22 -11.51 -47.74 -59.80
N HIS D 23 -10.68 -48.07 -58.81
CA HIS D 23 -11.04 -49.14 -57.89
C HIS D 23 -12.39 -48.87 -57.36
N VAL D 24 -12.89 -47.66 -57.58
CA VAL D 24 -14.24 -47.39 -57.15
C VAL D 24 -15.16 -47.60 -58.34
N LEU D 25 -15.37 -46.63 -59.21
CA LEU D 25 -16.26 -46.86 -60.33
C LEU D 25 -16.28 -48.33 -60.75
N THR D 26 -15.11 -49.00 -60.68
CA THR D 26 -14.98 -50.44 -61.01
C THR D 26 -16.04 -51.16 -60.20
N ALA D 27 -15.91 -51.12 -58.86
CA ALA D 27 -16.91 -51.74 -57.99
C ALA D 27 -18.27 -51.20 -58.41
N LEU D 28 -18.73 -50.13 -57.76
CA LEU D 28 -20.02 -49.53 -58.10
C LEU D 28 -20.57 -50.04 -59.40
N ALA D 29 -19.88 -49.74 -60.50
CA ALA D 29 -20.33 -50.20 -61.80
C ALA D 29 -20.66 -51.68 -61.79
N ASN D 30 -19.65 -52.49 -61.46
CA ASN D 30 -19.83 -53.93 -61.41
C ASN D 30 -20.99 -54.29 -60.47
N GLY D 31 -21.24 -53.42 -59.51
CA GLY D 31 -22.32 -53.63 -58.55
C GLY D 31 -23.62 -53.49 -59.30
N LEU D 32 -23.80 -52.34 -59.90
CA LEU D 32 -25.00 -52.09 -60.65
C LEU D 32 -25.22 -53.14 -61.73
N SER D 33 -24.42 -53.11 -62.79
CA SER D 33 -24.58 -54.06 -63.90
C SER D 33 -24.94 -55.51 -63.55
N LEU D 34 -25.03 -55.83 -62.27
CA LEU D 34 -25.41 -57.17 -61.85
C LEU D 34 -26.46 -57.08 -60.76
N GLY D 35 -27.20 -55.97 -60.75
CA GLY D 35 -28.24 -55.77 -59.77
C GLY D 35 -27.78 -55.98 -58.34
N ARG D 36 -26.47 -56.14 -58.15
CA ARG D 36 -25.95 -56.32 -56.81
C ARG D 36 -25.73 -54.96 -56.20
N ILE D 37 -26.64 -54.56 -55.33
CA ILE D 37 -26.58 -53.28 -54.65
C ILE D 37 -26.54 -53.53 -53.15
N HIS D 38 -26.16 -52.51 -52.40
CA HIS D 38 -26.16 -52.63 -50.94
C HIS D 38 -27.16 -51.57 -50.45
N HIS D 39 -27.26 -51.32 -49.15
CA HIS D 39 -28.20 -50.31 -48.74
C HIS D 39 -27.48 -49.12 -48.14
N ALA D 40 -26.18 -49.25 -47.96
CA ALA D 40 -25.40 -48.17 -47.39
C ALA D 40 -23.95 -48.15 -47.86
N TYR D 41 -23.65 -47.17 -48.69
CA TYR D 41 -22.32 -46.98 -49.19
C TYR D 41 -21.69 -45.81 -48.48
N LEU D 42 -20.45 -45.95 -48.04
CA LEU D 42 -19.78 -44.85 -47.36
C LEU D 42 -18.53 -44.45 -48.13
N PHE D 43 -18.53 -43.19 -48.57
CA PHE D 43 -17.44 -42.61 -49.36
C PHE D 43 -16.53 -41.70 -48.55
N SER D 44 -15.30 -42.16 -48.30
CA SER D 44 -14.34 -41.38 -47.53
C SER D 44 -13.34 -40.73 -48.45
N GLY D 45 -12.98 -39.49 -48.13
CA GLY D 45 -12.04 -38.77 -48.96
C GLY D 45 -11.85 -37.31 -48.57
N THR D 46 -10.63 -36.83 -48.86
CA THR D 46 -10.30 -35.46 -48.63
C THR D 46 -11.12 -34.58 -49.49
N ARG D 47 -10.73 -33.35 -49.56
CA ARG D 47 -11.49 -32.37 -50.27
C ARG D 47 -11.56 -32.49 -51.81
N GLY D 48 -12.71 -32.30 -52.43
CA GLY D 48 -12.78 -32.26 -53.92
C GLY D 48 -12.02 -33.36 -54.73
N VAL D 49 -12.18 -34.59 -54.26
CA VAL D 49 -11.60 -35.72 -54.93
C VAL D 49 -12.71 -36.47 -55.67
N GLY D 50 -13.99 -36.12 -55.52
CA GLY D 50 -15.01 -36.85 -56.30
C GLY D 50 -16.12 -37.56 -55.53
N LYS D 51 -16.24 -37.37 -54.20
CA LYS D 51 -17.22 -38.01 -53.34
C LYS D 51 -18.63 -37.78 -53.78
N THR D 52 -18.99 -36.49 -53.79
CA THR D 52 -20.32 -36.07 -54.16
C THR D 52 -20.56 -36.42 -55.65
N SER D 53 -19.51 -36.37 -56.47
CA SER D 53 -19.71 -36.68 -57.90
C SER D 53 -20.10 -38.16 -58.10
N ILE D 54 -19.38 -39.05 -57.41
CA ILE D 54 -19.65 -40.45 -57.55
C ILE D 54 -20.94 -40.79 -56.88
N ALA D 55 -21.18 -40.36 -55.67
CA ALA D 55 -22.46 -40.78 -55.11
C ALA D 55 -23.62 -40.34 -56.02
N ARG D 56 -23.61 -39.08 -56.36
CA ARG D 56 -24.59 -38.47 -57.24
C ARG D 56 -24.71 -39.29 -58.52
N LEU D 57 -23.58 -39.78 -59.06
CA LEU D 57 -23.51 -40.53 -60.34
C LEU D 57 -24.02 -41.98 -60.16
N LEU D 58 -23.95 -42.47 -58.93
CA LEU D 58 -24.42 -43.79 -58.59
C LEU D 58 -25.92 -43.63 -58.56
N ALA D 59 -26.40 -42.75 -57.69
CA ALA D 59 -27.84 -42.56 -57.57
C ALA D 59 -28.46 -42.34 -58.94
N LYS D 60 -27.75 -41.64 -59.81
CA LYS D 60 -28.24 -41.34 -61.15
C LYS D 60 -28.51 -42.59 -61.94
N GLY D 61 -27.68 -43.63 -61.75
CA GLY D 61 -27.84 -44.89 -62.47
C GLY D 61 -28.78 -45.86 -61.77
N LEU D 62 -28.92 -45.69 -60.46
CA LEU D 62 -29.82 -46.54 -59.68
C LEU D 62 -31.24 -46.25 -60.11
N ASN D 63 -31.55 -44.97 -60.29
CA ASN D 63 -32.87 -44.52 -60.68
C ASN D 63 -33.12 -44.31 -62.16
N CYS D 64 -32.14 -44.46 -63.05
CA CYS D 64 -32.46 -44.20 -64.44
C CYS D 64 -33.61 -45.02 -65.00
N GLU D 65 -34.58 -44.30 -65.53
CA GLU D 65 -35.75 -44.90 -66.16
C GLU D 65 -35.32 -46.06 -67.10
N THR D 66 -34.11 -46.02 -67.68
CA THR D 66 -33.69 -47.10 -68.58
C THR D 66 -33.52 -48.44 -67.87
N GLY D 67 -33.11 -48.39 -66.62
CA GLY D 67 -32.92 -49.62 -65.87
C GLY D 67 -31.83 -49.44 -64.86
N ILE D 68 -31.64 -50.40 -63.98
CA ILE D 68 -30.58 -50.25 -63.03
C ILE D 68 -29.39 -50.45 -63.92
N THR D 69 -28.60 -49.38 -64.08
CA THR D 69 -27.43 -49.40 -64.94
C THR D 69 -26.31 -48.56 -64.39
N ALA D 70 -25.10 -48.97 -64.75
CA ALA D 70 -23.87 -48.27 -64.37
C ALA D 70 -23.64 -47.25 -65.48
N THR D 71 -24.58 -47.22 -66.43
CA THR D 71 -24.49 -46.28 -67.53
C THR D 71 -25.77 -45.45 -67.68
N PRO D 72 -25.94 -44.44 -66.79
CA PRO D 72 -27.12 -43.61 -66.89
C PRO D 72 -27.21 -43.17 -68.34
N CYS D 73 -28.41 -43.25 -68.90
CA CYS D 73 -28.65 -42.87 -70.27
C CYS D 73 -28.48 -41.36 -70.36
N GLY D 74 -28.85 -40.68 -69.28
CA GLY D 74 -28.71 -39.25 -69.18
C GLY D 74 -29.62 -38.37 -70.02
N VAL D 75 -30.73 -38.94 -70.52
CA VAL D 75 -31.69 -38.16 -71.34
C VAL D 75 -33.14 -38.36 -70.89
N CYS D 76 -33.35 -39.38 -70.07
CA CYS D 76 -34.66 -39.71 -69.53
C CYS D 76 -34.89 -38.67 -68.46
N ASP D 77 -36.13 -38.49 -68.03
CA ASP D 77 -36.44 -37.48 -67.03
C ASP D 77 -35.74 -37.61 -65.67
N ASN D 78 -35.61 -38.82 -65.15
CA ASN D 78 -34.97 -39.00 -63.85
C ASN D 78 -33.54 -38.55 -63.88
N CYS D 79 -32.89 -38.73 -65.01
CA CYS D 79 -31.51 -38.33 -65.10
C CYS D 79 -31.40 -36.83 -65.21
N ARG D 80 -32.15 -36.25 -66.15
CA ARG D 80 -32.14 -34.80 -66.30
C ARG D 80 -32.45 -34.17 -64.96
N GLU D 81 -33.49 -34.66 -64.29
CA GLU D 81 -33.87 -34.12 -63.00
C GLU D 81 -32.80 -34.26 -61.93
N ILE D 82 -32.05 -35.37 -61.95
CA ILE D 82 -31.00 -35.59 -60.96
C ILE D 82 -29.86 -34.65 -61.24
N GLU D 83 -29.76 -34.24 -62.50
CA GLU D 83 -28.68 -33.37 -62.88
C GLU D 83 -28.89 -31.96 -62.35
N GLN D 84 -30.12 -31.46 -62.35
CA GLN D 84 -30.33 -30.13 -61.81
C GLN D 84 -30.51 -30.20 -60.29
N GLY D 85 -30.58 -31.41 -59.75
CA GLY D 85 -30.75 -31.56 -58.31
C GLY D 85 -32.20 -31.58 -57.91
N ARG D 86 -33.07 -31.29 -58.88
CA ARG D 86 -34.50 -31.26 -58.65
C ARG D 86 -35.12 -32.65 -58.72
N PHE D 87 -34.51 -33.63 -58.05
CA PHE D 87 -35.07 -34.96 -58.07
C PHE D 87 -35.68 -35.26 -56.72
N VAL D 88 -37.00 -35.22 -56.69
CA VAL D 88 -37.75 -35.48 -55.47
C VAL D 88 -37.15 -36.64 -54.70
N ASP D 89 -36.70 -37.65 -55.45
CA ASP D 89 -36.14 -38.83 -54.82
C ASP D 89 -34.62 -38.80 -54.62
N LEU D 90 -34.08 -37.58 -54.54
CA LEU D 90 -32.64 -37.36 -54.30
C LEU D 90 -32.49 -36.39 -53.12
N ILE D 91 -32.76 -36.92 -51.93
CA ILE D 91 -32.73 -36.17 -50.68
C ILE D 91 -31.31 -35.84 -50.18
N GLU D 92 -30.84 -34.64 -50.50
CA GLU D 92 -29.49 -34.18 -50.12
C GLU D 92 -29.38 -33.52 -48.76
N ILE D 93 -28.75 -34.22 -47.84
CA ILE D 93 -28.60 -33.69 -46.52
C ILE D 93 -27.18 -33.23 -46.25
N ASP D 94 -27.07 -32.05 -45.65
CA ASP D 94 -25.77 -31.50 -45.32
C ASP D 94 -25.65 -31.60 -43.82
N ALA D 95 -24.93 -32.62 -43.35
CA ALA D 95 -24.76 -32.81 -41.91
C ALA D 95 -23.77 -31.85 -41.31
N ALA D 96 -23.36 -30.86 -42.09
CA ALA D 96 -22.41 -29.88 -41.61
C ALA D 96 -23.09 -28.51 -41.57
N SER D 97 -24.29 -28.42 -42.14
CA SER D 97 -24.99 -27.16 -42.17
C SER D 97 -25.66 -26.85 -40.84
N ARG D 98 -25.42 -25.64 -40.35
CA ARG D 98 -25.94 -25.15 -39.08
C ARG D 98 -27.31 -24.51 -39.29
N THR D 99 -27.51 -24.01 -40.51
CA THR D 99 -28.75 -23.32 -40.90
C THR D 99 -30.00 -24.19 -40.90
N LYS D 100 -29.93 -25.34 -41.57
CA LYS D 100 -31.06 -26.25 -41.71
C LYS D 100 -31.16 -27.37 -40.66
N VAL D 101 -30.36 -27.29 -39.61
CA VAL D 101 -30.38 -28.31 -38.56
C VAL D 101 -31.74 -28.90 -38.22
N GLU D 102 -32.80 -28.11 -38.36
CA GLU D 102 -34.14 -28.59 -38.06
C GLU D 102 -34.73 -29.43 -39.19
N ASP D 103 -34.69 -28.93 -40.43
CA ASP D 103 -35.21 -29.68 -41.58
C ASP D 103 -34.67 -31.11 -41.58
N THR D 104 -33.41 -31.24 -41.17
CA THR D 104 -32.71 -32.52 -41.10
C THR D 104 -33.48 -33.54 -40.26
N ARG D 105 -33.61 -33.23 -38.99
CA ARG D 105 -34.31 -34.06 -38.02
C ARG D 105 -35.73 -34.35 -38.49
N ASP D 106 -36.45 -33.31 -38.92
CA ASP D 106 -37.83 -33.43 -39.38
C ASP D 106 -38.03 -34.45 -40.51
N LEU D 107 -37.41 -34.19 -41.66
CA LEU D 107 -37.53 -35.07 -42.81
C LEU D 107 -37.20 -36.54 -42.52
N LEU D 108 -36.12 -36.80 -41.80
CA LEU D 108 -35.72 -38.16 -41.46
C LEU D 108 -36.76 -38.85 -40.58
N ASP D 109 -37.31 -38.13 -39.60
CA ASP D 109 -38.32 -38.74 -38.75
C ASP D 109 -39.59 -38.95 -39.59
N ASN D 110 -39.87 -38.01 -40.48
CA ASN D 110 -41.01 -38.05 -41.39
C ASN D 110 -40.50 -38.72 -42.67
N VAL D 111 -39.86 -39.89 -42.50
CA VAL D 111 -39.28 -40.62 -43.63
C VAL D 111 -40.28 -40.98 -44.75
N GLN D 112 -39.78 -41.24 -45.96
CA GLN D 112 -40.66 -41.61 -47.06
C GLN D 112 -40.26 -43.02 -47.49
N TYR D 113 -40.89 -44.03 -46.93
CA TYR D 113 -40.55 -45.40 -47.32
C TYR D 113 -40.97 -45.58 -48.80
N ALA D 114 -41.82 -44.67 -49.29
CA ALA D 114 -42.36 -44.74 -50.65
C ALA D 114 -41.90 -43.65 -51.63
N PRO D 115 -41.03 -43.99 -52.59
CA PRO D 115 -40.49 -43.06 -53.59
C PRO D 115 -41.48 -42.57 -54.61
N ALA D 116 -41.53 -41.26 -54.77
CA ALA D 116 -42.44 -40.55 -55.67
C ALA D 116 -42.24 -40.67 -57.18
N ARG D 117 -40.99 -40.77 -57.62
CA ARG D 117 -40.77 -40.82 -59.05
C ARG D 117 -39.85 -41.98 -59.46
N GLY D 118 -38.64 -42.01 -58.92
CA GLY D 118 -37.72 -43.07 -59.26
C GLY D 118 -37.90 -44.34 -58.46
N ARG D 119 -37.24 -45.41 -58.89
CA ARG D 119 -37.36 -46.71 -58.23
C ARG D 119 -36.74 -46.82 -56.84
N PHE D 120 -35.97 -45.81 -56.43
CA PHE D 120 -35.33 -45.85 -55.11
C PHE D 120 -35.33 -44.49 -54.45
N LYS D 121 -35.59 -44.44 -53.15
CA LYS D 121 -35.53 -43.15 -52.47
C LYS D 121 -34.05 -43.15 -52.10
N VAL D 122 -33.26 -42.24 -52.68
CA VAL D 122 -31.84 -42.17 -52.37
C VAL D 122 -31.44 -41.04 -51.41
N TYR D 123 -30.96 -41.37 -50.22
CA TYR D 123 -30.52 -40.31 -49.33
C TYR D 123 -29.02 -40.08 -49.51
N LEU D 124 -28.65 -38.84 -49.82
CA LEU D 124 -27.25 -38.48 -49.99
C LEU D 124 -26.82 -37.56 -48.86
N ILE D 125 -25.98 -38.08 -47.99
CA ILE D 125 -25.49 -37.35 -46.85
C ILE D 125 -24.06 -36.93 -47.01
N ASP D 126 -23.83 -35.63 -46.91
CA ASP D 126 -22.48 -35.09 -47.03
C ASP D 126 -21.94 -35.01 -45.61
N GLU D 127 -20.63 -35.13 -45.47
CA GLU D 127 -19.98 -35.05 -44.17
C GLU D 127 -20.75 -35.75 -43.04
N VAL D 128 -21.18 -36.97 -43.30
CA VAL D 128 -21.95 -37.74 -42.33
C VAL D 128 -21.44 -37.70 -40.88
N HIS D 129 -20.13 -37.82 -40.69
CA HIS D 129 -19.55 -37.83 -39.35
C HIS D 129 -19.91 -36.66 -38.46
N MET D 130 -20.35 -35.55 -39.06
CA MET D 130 -20.69 -34.39 -38.26
C MET D 130 -22.16 -34.41 -37.81
N LEU D 131 -22.72 -35.61 -37.63
CA LEU D 131 -24.12 -35.76 -37.21
C LEU D 131 -24.37 -35.77 -35.70
N SER D 132 -25.51 -35.23 -35.31
CA SER D 132 -25.92 -35.15 -33.91
C SER D 132 -26.17 -36.54 -33.34
N ARG D 133 -25.58 -36.83 -32.18
CA ARG D 133 -25.74 -38.14 -31.54
C ARG D 133 -27.14 -38.67 -31.79
N HIS D 134 -28.11 -37.77 -31.79
CA HIS D 134 -29.50 -38.14 -32.02
C HIS D 134 -29.68 -38.69 -33.44
N SER D 135 -29.29 -37.91 -34.45
CA SER D 135 -29.44 -38.40 -35.80
C SER D 135 -28.74 -39.74 -35.94
N PHE D 136 -27.51 -39.83 -35.45
CA PHE D 136 -26.73 -41.07 -35.53
C PHE D 136 -27.56 -42.33 -35.27
N ASN D 137 -28.33 -42.31 -34.20
CA ASN D 137 -29.16 -43.46 -33.82
C ASN D 137 -30.43 -43.51 -34.64
N ALA D 138 -30.94 -42.35 -35.02
CA ALA D 138 -32.15 -42.30 -35.84
C ALA D 138 -31.82 -43.10 -37.10
N LEU D 139 -30.68 -42.77 -37.70
CA LEU D 139 -30.21 -43.43 -38.91
C LEU D 139 -29.93 -44.90 -38.60
N LEU D 140 -28.98 -45.12 -37.70
CA LEU D 140 -28.56 -46.45 -37.30
C LEU D 140 -29.72 -47.42 -37.17
N LYS D 141 -30.85 -46.92 -36.68
CA LYS D 141 -32.02 -47.75 -36.51
C LYS D 141 -32.60 -48.15 -37.86
N THR D 142 -32.49 -47.25 -38.84
CA THR D 142 -33.01 -47.51 -40.18
C THR D 142 -32.08 -48.42 -40.94
N LEU D 143 -30.80 -48.40 -40.57
CA LEU D 143 -29.80 -49.23 -41.22
C LEU D 143 -29.92 -50.66 -40.71
N GLU D 144 -30.33 -50.79 -39.45
CA GLU D 144 -30.49 -52.12 -38.87
C GLU D 144 -31.66 -52.78 -39.59
N GLU D 145 -32.69 -51.99 -39.83
CA GLU D 145 -33.90 -52.47 -40.51
C GLU D 145 -34.06 -51.69 -41.81
N PRO D 146 -33.11 -51.85 -42.76
CA PRO D 146 -33.13 -51.16 -44.05
C PRO D 146 -34.50 -51.22 -44.72
N PRO D 147 -35.23 -50.12 -44.72
CA PRO D 147 -36.54 -50.23 -45.39
C PRO D 147 -36.26 -50.45 -46.86
N GLU D 148 -36.85 -51.44 -47.51
CA GLU D 148 -36.56 -51.57 -48.94
C GLU D 148 -37.00 -50.30 -49.68
N HIS D 149 -36.59 -50.17 -50.94
CA HIS D 149 -36.96 -48.99 -51.74
C HIS D 149 -36.24 -47.80 -51.17
N VAL D 150 -35.05 -48.06 -50.63
CA VAL D 150 -34.23 -47.03 -50.00
C VAL D 150 -32.74 -47.43 -49.99
N LYS D 151 -31.88 -46.43 -50.22
CA LYS D 151 -30.45 -46.64 -50.25
C LYS D 151 -29.82 -45.44 -49.58
N PHE D 152 -28.74 -45.68 -48.85
CA PHE D 152 -28.04 -44.63 -48.17
C PHE D 152 -26.64 -44.38 -48.69
N LEU D 153 -26.38 -43.19 -49.22
CA LEU D 153 -25.05 -42.87 -49.72
C LEU D 153 -24.38 -41.91 -48.75
N LEU D 154 -23.38 -42.41 -48.04
CA LEU D 154 -22.64 -41.61 -47.08
C LEU D 154 -21.31 -41.12 -47.63
N ALA D 155 -21.00 -39.86 -47.35
CA ALA D 155 -19.77 -39.26 -47.84
C ALA D 155 -19.10 -38.50 -46.71
N THR D 156 -17.88 -38.87 -46.34
CA THR D 156 -17.18 -38.16 -45.28
C THR D 156 -15.72 -37.93 -45.61
N THR D 157 -15.15 -36.85 -45.09
CA THR D 157 -13.74 -36.56 -45.33
C THR D 157 -12.92 -37.03 -44.15
N ASP D 158 -13.61 -37.60 -43.18
CA ASP D 158 -12.96 -38.17 -42.01
C ASP D 158 -13.93 -39.20 -41.53
N PRO D 159 -13.76 -40.43 -42.03
CA PRO D 159 -14.61 -41.58 -41.72
C PRO D 159 -14.46 -42.01 -40.27
N GLN D 160 -13.26 -41.83 -39.72
CA GLN D 160 -12.99 -42.22 -38.34
C GLN D 160 -13.92 -41.60 -37.30
N LYS D 161 -14.30 -40.35 -37.50
CA LYS D 161 -15.19 -39.65 -36.59
C LYS D 161 -16.51 -40.41 -36.43
N LEU D 162 -16.65 -41.50 -37.18
CA LEU D 162 -17.86 -42.31 -37.16
C LEU D 162 -17.86 -43.49 -36.20
N PRO D 163 -19.04 -43.84 -35.68
CA PRO D 163 -19.36 -44.92 -34.74
C PRO D 163 -19.24 -46.26 -35.45
N VAL D 164 -18.37 -47.12 -34.93
CA VAL D 164 -18.14 -48.43 -35.52
C VAL D 164 -19.44 -49.12 -35.89
N THR D 165 -20.51 -48.77 -35.21
CA THR D 165 -21.79 -49.39 -35.51
C THR D 165 -22.29 -48.95 -36.88
N ILE D 166 -22.19 -47.66 -37.18
CA ILE D 166 -22.63 -47.20 -38.49
C ILE D 166 -21.67 -47.71 -39.54
N LEU D 167 -20.37 -47.54 -39.28
CA LEU D 167 -19.34 -48.00 -40.20
C LEU D 167 -19.64 -49.41 -40.72
N SER D 168 -19.68 -50.37 -39.79
CA SER D 168 -19.94 -51.79 -40.03
C SER D 168 -21.13 -52.16 -40.94
N ARG D 169 -22.21 -51.39 -40.89
CA ARG D 169 -23.38 -51.67 -41.72
C ARG D 169 -23.06 -51.33 -43.18
N CYS D 170 -22.08 -50.46 -43.38
CA CYS D 170 -21.70 -49.99 -44.70
C CYS D 170 -20.65 -50.68 -45.57
N LEU D 171 -20.81 -50.44 -46.86
CA LEU D 171 -19.87 -50.89 -47.85
C LEU D 171 -18.99 -49.64 -47.92
N GLN D 172 -17.70 -49.77 -47.58
CA GLN D 172 -16.75 -48.64 -47.63
C GLN D 172 -15.88 -48.54 -48.91
N PHE D 173 -15.92 -47.35 -49.52
CA PHE D 173 -15.13 -47.00 -50.72
C PHE D 173 -14.31 -45.73 -50.47
N HIS D 174 -12.98 -45.85 -50.35
CA HIS D 174 -12.09 -44.71 -50.10
C HIS D 174 -11.73 -43.99 -51.39
N LEU D 175 -11.52 -42.67 -51.31
CA LEU D 175 -11.18 -41.88 -52.50
C LEU D 175 -9.82 -41.23 -52.39
N LYS D 176 -8.90 -41.76 -53.19
CA LYS D 176 -7.52 -41.28 -53.23
C LYS D 176 -7.34 -39.93 -53.91
N ALA D 177 -6.39 -39.14 -53.41
CA ALA D 177 -6.13 -37.84 -53.99
C ALA D 177 -5.55 -38.02 -55.38
N LEU D 178 -5.88 -37.08 -56.26
CA LEU D 178 -5.45 -37.12 -57.64
C LEU D 178 -4.01 -36.68 -57.85
N ASP D 179 -3.23 -37.54 -58.54
CA ASP D 179 -1.83 -37.28 -58.89
C ASP D 179 -1.86 -36.02 -59.73
N VAL D 180 -0.76 -35.29 -59.79
CA VAL D 180 -0.78 -34.06 -60.56
C VAL D 180 -1.15 -34.17 -62.03
N GLU D 181 -0.32 -34.81 -62.85
CA GLU D 181 -0.65 -34.94 -64.25
C GLU D 181 -2.15 -35.06 -64.36
N GLN D 182 -2.73 -36.07 -63.70
CA GLN D 182 -4.18 -36.31 -63.72
C GLN D 182 -4.97 -35.02 -63.72
N ILE D 183 -4.81 -34.20 -62.69
CA ILE D 183 -5.53 -32.92 -62.62
C ILE D 183 -5.20 -31.98 -63.77
N ARG D 184 -3.91 -31.82 -64.01
CA ARG D 184 -3.48 -30.97 -65.09
C ARG D 184 -4.00 -31.44 -66.44
N HIS D 185 -3.95 -32.74 -66.71
CA HIS D 185 -4.40 -33.27 -68.00
C HIS D 185 -5.85 -32.99 -68.23
N GLN D 186 -6.62 -32.81 -67.16
CA GLN D 186 -8.04 -32.53 -67.27
C GLN D 186 -8.17 -31.09 -67.61
N LEU D 187 -7.52 -30.24 -66.82
CA LEU D 187 -7.57 -28.83 -67.10
C LEU D 187 -7.35 -28.63 -68.60
N GLU D 188 -6.33 -29.27 -69.16
CA GLU D 188 -6.07 -29.13 -70.59
C GLU D 188 -7.39 -29.39 -71.31
N HIS D 189 -7.84 -30.64 -71.30
CA HIS D 189 -9.12 -30.98 -71.91
C HIS D 189 -10.14 -29.90 -71.68
N ILE D 190 -10.49 -29.67 -70.41
CA ILE D 190 -11.47 -28.64 -70.11
C ILE D 190 -11.26 -27.47 -71.03
N LEU D 191 -10.20 -26.75 -70.76
CA LEU D 191 -9.86 -25.57 -71.50
C LEU D 191 -10.00 -25.68 -72.99
N ASN D 192 -9.66 -26.83 -73.54
CA ASN D 192 -9.82 -26.94 -74.97
C ASN D 192 -11.30 -26.97 -75.27
N GLU D 193 -11.97 -28.01 -74.82
CA GLU D 193 -13.37 -28.11 -75.10
C GLU D 193 -14.12 -26.79 -74.86
N GLU D 194 -13.65 -25.95 -73.97
CA GLU D 194 -14.32 -24.67 -73.72
C GLU D 194 -13.73 -23.55 -74.62
N HIS D 195 -12.81 -23.93 -75.52
CA HIS D 195 -12.18 -23.00 -76.43
C HIS D 195 -11.46 -21.83 -75.80
N ILE D 196 -10.83 -22.01 -74.65
CA ILE D 196 -10.12 -20.89 -74.02
C ILE D 196 -8.63 -20.92 -74.24
N ALA D 197 -7.96 -19.79 -74.02
CA ALA D 197 -6.53 -19.72 -74.23
C ALA D 197 -5.79 -20.28 -73.03
N HIS D 198 -4.67 -20.95 -73.27
CA HIS D 198 -3.91 -21.51 -72.18
C HIS D 198 -2.48 -21.82 -72.59
N GLU D 199 -1.56 -21.74 -71.64
CA GLU D 199 -0.15 -22.01 -71.88
C GLU D 199 0.22 -23.13 -70.95
N PRO D 200 1.09 -24.05 -71.40
CA PRO D 200 1.52 -25.17 -70.56
C PRO D 200 1.71 -24.83 -69.07
N ARG D 201 2.73 -24.03 -68.79
CA ARG D 201 3.00 -23.70 -67.41
C ARG D 201 1.78 -23.41 -66.58
N ALA D 202 1.04 -22.35 -66.92
CA ALA D 202 -0.17 -21.98 -66.18
C ALA D 202 -0.93 -23.25 -65.84
N LEU D 203 -0.89 -24.24 -66.73
CA LEU D 203 -1.57 -25.49 -66.41
C LEU D 203 -0.79 -26.29 -65.36
N GLN D 204 0.54 -26.30 -65.46
CA GLN D 204 1.37 -27.02 -64.50
C GLN D 204 1.07 -26.42 -63.17
N LEU D 205 1.32 -25.10 -63.07
CA LEU D 205 1.13 -24.29 -61.84
C LEU D 205 -0.23 -24.48 -61.23
N LEU D 206 -1.25 -24.36 -62.07
CA LEU D 206 -2.58 -24.57 -61.61
C LEU D 206 -2.69 -25.96 -60.97
N ALA D 207 -2.33 -27.02 -61.67
CA ALA D 207 -2.43 -28.33 -61.05
C ALA D 207 -1.72 -28.31 -59.72
N ARG D 208 -0.42 -28.06 -59.74
CA ARG D 208 0.33 -28.07 -58.50
C ARG D 208 -0.33 -27.30 -57.41
N ALA D 209 -1.05 -26.25 -57.77
CA ALA D 209 -1.77 -25.41 -56.78
C ALA D 209 -2.81 -26.16 -56.03
N ALA D 210 -3.86 -26.61 -56.71
CA ALA D 210 -4.92 -27.35 -56.05
C ALA D 210 -4.34 -28.64 -55.54
N GLU D 211 -3.78 -28.62 -54.35
CA GLU D 211 -3.18 -29.82 -53.82
C GLU D 211 -4.08 -31.03 -54.10
N GLY D 212 -3.60 -31.95 -54.94
CA GLY D 212 -4.37 -33.16 -55.26
C GLY D 212 -5.90 -33.10 -55.40
N SER D 213 -6.45 -31.90 -55.48
CA SER D 213 -7.87 -31.69 -55.65
C SER D 213 -8.15 -31.20 -57.04
N LEU D 214 -9.14 -31.81 -57.69
CA LEU D 214 -9.52 -31.40 -59.04
C LEU D 214 -10.53 -30.28 -58.99
N ARG D 215 -11.19 -30.19 -57.84
CA ARG D 215 -12.21 -29.19 -57.56
C ARG D 215 -11.60 -27.89 -57.25
N ASP D 216 -10.50 -27.93 -56.51
CA ASP D 216 -9.88 -26.68 -56.18
C ASP D 216 -9.19 -26.28 -57.47
N ALA D 217 -8.70 -27.29 -58.19
CA ALA D 217 -7.99 -27.08 -59.44
C ALA D 217 -8.82 -26.34 -60.48
N LEU D 218 -10.12 -26.62 -60.50
CA LEU D 218 -10.98 -25.94 -61.44
C LEU D 218 -11.31 -24.58 -60.86
N SER D 219 -11.96 -24.55 -59.70
CA SER D 219 -12.32 -23.27 -59.08
C SER D 219 -11.14 -22.31 -59.10
N LEU D 220 -9.92 -22.86 -59.19
CA LEU D 220 -8.76 -21.97 -59.25
C LEU D 220 -8.57 -21.45 -60.66
N THR D 221 -8.97 -22.24 -61.64
CA THR D 221 -8.85 -21.86 -63.02
C THR D 221 -9.84 -20.73 -63.20
N ASP D 222 -10.96 -20.80 -62.50
CA ASP D 222 -11.94 -19.74 -62.61
C ASP D 222 -11.34 -18.43 -62.13
N GLN D 223 -10.91 -18.40 -60.88
CA GLN D 223 -10.33 -17.17 -60.36
C GLN D 223 -9.22 -16.67 -61.27
N ALA D 224 -8.44 -17.59 -61.85
CA ALA D 224 -7.34 -17.23 -62.76
C ALA D 224 -7.84 -16.67 -64.07
N ILE D 225 -8.99 -17.12 -64.51
CA ILE D 225 -9.51 -16.57 -65.74
C ILE D 225 -9.96 -15.18 -65.33
N ALA D 226 -10.72 -15.11 -64.25
CA ALA D 226 -11.21 -13.84 -63.73
C ALA D 226 -10.10 -12.81 -63.53
N SER D 227 -8.97 -13.23 -62.97
CA SER D 227 -7.82 -12.34 -62.72
C SER D 227 -7.35 -11.64 -64.02
N GLY D 228 -6.54 -12.31 -64.84
CA GLY D 228 -6.07 -11.69 -66.07
C GLY D 228 -7.21 -11.52 -67.05
N ASP D 229 -6.92 -11.51 -68.35
CA ASP D 229 -7.95 -11.41 -69.38
C ASP D 229 -8.48 -12.83 -69.41
N GLY D 230 -9.62 -13.07 -70.06
CA GLY D 230 -10.13 -14.44 -70.11
C GLY D 230 -9.03 -15.27 -70.75
N GLN D 231 -7.95 -15.48 -70.01
CA GLN D 231 -6.81 -16.19 -70.54
C GLN D 231 -5.92 -16.84 -69.49
N VAL D 232 -6.03 -18.15 -69.34
CA VAL D 232 -5.24 -18.89 -68.37
C VAL D 232 -3.82 -18.95 -68.90
N SER D 233 -2.99 -17.99 -68.48
CA SER D 233 -1.60 -17.91 -68.90
C SER D 233 -0.69 -17.86 -67.70
N THR D 234 0.56 -18.17 -67.92
CA THR D 234 1.52 -18.16 -66.84
C THR D 234 1.40 -16.91 -65.96
N GLN D 235 1.46 -15.72 -66.57
CA GLN D 235 1.34 -14.48 -65.81
C GLN D 235 0.05 -14.49 -65.01
N ALA D 236 -1.06 -14.42 -65.73
CA ALA D 236 -2.38 -14.41 -65.13
C ALA D 236 -2.41 -15.29 -63.89
N VAL D 237 -2.07 -16.58 -64.04
CA VAL D 237 -2.06 -17.49 -62.90
C VAL D 237 -1.06 -17.12 -61.81
N SER D 238 0.24 -17.28 -62.02
CA SER D 238 1.17 -16.92 -60.94
C SER D 238 0.79 -15.53 -60.35
N ALA D 239 0.00 -14.77 -61.08
CA ALA D 239 -0.43 -13.50 -60.57
C ALA D 239 -1.48 -13.67 -59.43
N MET D 240 -2.03 -14.87 -59.25
CA MET D 240 -2.98 -15.09 -58.16
C MET D 240 -2.17 -15.67 -57.03
N LEU D 241 -1.33 -16.64 -57.38
CA LEU D 241 -0.48 -17.36 -56.43
C LEU D 241 0.78 -16.58 -56.13
N GLY D 242 0.95 -15.47 -56.86
CA GLY D 242 2.10 -14.61 -56.67
C GLY D 242 3.45 -15.23 -56.95
N THR D 243 3.43 -16.40 -57.61
CA THR D 243 4.64 -17.13 -57.96
C THR D 243 5.63 -16.24 -58.68
N LEU D 244 6.90 -16.63 -58.61
CA LEU D 244 7.97 -15.89 -59.26
C LEU D 244 7.71 -15.62 -60.74
N ASP D 245 7.61 -16.71 -61.50
CA ASP D 245 7.43 -16.67 -62.94
C ASP D 245 8.65 -16.00 -63.53
N ASP D 246 9.83 -16.52 -63.20
CA ASP D 246 11.10 -15.99 -63.70
C ASP D 246 12.14 -17.09 -63.67
N ASP D 247 12.98 -17.14 -64.69
CA ASP D 247 14.02 -18.15 -64.76
C ASP D 247 15.11 -18.09 -63.70
N GLN D 248 14.92 -17.35 -62.61
CA GLN D 248 15.95 -17.32 -61.57
C GLN D 248 16.02 -18.72 -60.98
N ALA D 249 14.92 -19.43 -61.15
CA ALA D 249 14.76 -20.79 -60.68
C ALA D 249 15.99 -21.46 -61.16
N LEU D 250 16.04 -21.62 -62.49
CA LEU D 250 17.13 -22.25 -63.21
C LEU D 250 18.40 -21.40 -63.19
N SER D 251 18.26 -20.12 -63.53
CA SER D 251 19.38 -19.18 -63.54
C SER D 251 20.24 -19.39 -62.30
N LEU D 252 19.61 -19.95 -61.27
CA LEU D 252 20.27 -20.20 -60.00
C LEU D 252 21.03 -21.52 -60.01
N VAL D 253 20.42 -22.55 -60.58
CA VAL D 253 21.04 -23.88 -60.69
C VAL D 253 22.32 -23.74 -61.49
N GLU D 254 22.15 -23.31 -62.73
CA GLU D 254 23.27 -23.13 -63.63
C GLU D 254 24.48 -22.79 -62.78
N ALA D 255 24.45 -21.61 -62.04
CA ALA D 255 25.56 -21.04 -61.27
C ALA D 255 26.11 -22.07 -60.33
N MET D 256 25.21 -22.61 -59.51
CA MET D 256 25.53 -23.65 -58.53
C MET D 256 26.41 -24.70 -59.14
N VAL D 257 26.03 -25.20 -60.30
CA VAL D 257 26.82 -26.24 -60.91
C VAL D 257 28.16 -25.84 -61.51
N GLU D 258 28.42 -24.54 -61.63
CA GLU D 258 29.71 -24.12 -62.16
C GLU D 258 30.61 -23.76 -60.98
N ALA D 259 29.96 -23.69 -59.82
CA ALA D 259 30.60 -23.33 -58.55
C ALA D 259 30.90 -21.86 -58.62
N ASN D 260 29.88 -21.07 -58.90
CA ASN D 260 30.05 -19.64 -59.01
C ASN D 260 29.86 -18.87 -57.70
N GLY D 261 29.35 -19.51 -56.66
CA GLY D 261 29.15 -18.86 -55.36
C GLY D 261 28.74 -17.40 -55.40
N GLU D 262 29.70 -16.56 -55.76
CA GLU D 262 29.52 -15.13 -55.92
C GLU D 262 28.16 -14.86 -56.57
N ARG D 263 27.97 -15.81 -57.61
CA ARG D 263 26.82 -15.59 -58.47
C ARG D 263 25.57 -16.05 -57.74
N VAL D 264 25.64 -17.31 -57.31
CA VAL D 264 24.54 -17.95 -56.59
C VAL D 264 24.09 -17.05 -55.45
N MET D 265 25.06 -16.69 -54.63
CA MET D 265 24.90 -15.85 -53.47
C MET D 265 24.22 -14.60 -53.93
N ALA D 266 24.81 -14.05 -54.98
CA ALA D 266 24.34 -12.85 -55.62
C ALA D 266 22.87 -13.07 -55.97
N LEU D 267 22.68 -14.01 -56.88
CA LEU D 267 21.36 -14.35 -57.38
C LEU D 267 20.27 -14.44 -56.33
N ILE D 268 20.62 -14.89 -55.13
CA ILE D 268 19.66 -15.01 -54.07
C ILE D 268 19.28 -13.67 -53.45
N ASN D 269 20.29 -12.92 -53.02
CA ASN D 269 20.08 -11.62 -52.40
C ASN D 269 19.11 -10.80 -53.29
N GLU D 270 19.44 -10.75 -54.56
CA GLU D 270 18.65 -10.03 -55.52
C GLU D 270 17.26 -10.64 -55.60
N ALA D 271 17.16 -11.86 -55.09
CA ALA D 271 15.93 -12.63 -55.07
C ALA D 271 15.20 -12.32 -53.78
N ALA D 272 15.97 -12.15 -52.72
CA ALA D 272 15.39 -11.84 -51.42
C ALA D 272 14.59 -10.58 -51.61
N ALA D 273 15.25 -9.58 -52.16
CA ALA D 273 14.65 -8.30 -52.43
C ALA D 273 13.28 -8.37 -53.15
N ARG D 274 13.12 -9.33 -54.06
CA ARG D 274 11.86 -9.44 -54.78
C ARG D 274 10.80 -9.90 -53.80
N GLY D 275 11.20 -10.81 -52.91
CA GLY D 275 10.28 -11.34 -51.93
C GLY D 275 9.89 -12.79 -52.23
N ILE D 276 10.85 -13.55 -52.76
CA ILE D 276 10.61 -14.95 -53.13
C ILE D 276 9.93 -15.80 -52.05
N GLU D 277 9.49 -17.00 -52.44
CA GLU D 277 8.82 -17.96 -51.55
C GLU D 277 9.77 -19.04 -51.07
N TRP D 278 11.00 -18.66 -50.82
CA TRP D 278 12.06 -19.53 -50.34
C TRP D 278 11.92 -21.08 -50.46
N GLU D 279 10.95 -21.67 -49.75
CA GLU D 279 10.72 -23.11 -49.84
C GLU D 279 10.35 -23.39 -51.28
N ALA D 280 9.42 -22.59 -51.80
CA ALA D 280 8.97 -22.69 -53.20
C ALA D 280 10.16 -22.76 -54.17
N LEU D 281 11.14 -21.86 -54.01
CA LEU D 281 12.33 -21.84 -54.85
C LEU D 281 13.02 -23.21 -54.89
N LEU D 282 13.20 -23.81 -53.72
CA LEU D 282 13.87 -25.10 -53.63
C LEU D 282 13.08 -26.07 -54.48
N VAL D 283 11.84 -26.22 -54.10
CA VAL D 283 10.91 -27.06 -54.80
C VAL D 283 11.18 -27.01 -56.33
N GLU D 284 11.36 -25.81 -56.89
CA GLU D 284 11.60 -25.64 -58.31
C GLU D 284 12.95 -26.19 -58.72
N MET D 285 13.98 -25.89 -57.94
CA MET D 285 15.31 -26.39 -58.29
C MET D 285 15.19 -27.91 -58.35
N LEU D 286 14.90 -28.57 -57.25
CA LEU D 286 14.73 -30.01 -57.34
C LEU D 286 13.96 -30.27 -58.65
N GLY D 287 12.88 -29.53 -58.85
CA GLY D 287 12.10 -29.73 -60.05
C GLY D 287 12.89 -29.83 -61.32
N LEU D 288 13.82 -28.90 -61.49
CA LEU D 288 14.64 -28.93 -62.69
C LEU D 288 15.64 -30.08 -62.62
N LEU D 289 16.35 -30.22 -61.51
CA LEU D 289 17.31 -31.31 -61.32
C LEU D 289 16.71 -32.64 -61.74
N HIS D 290 15.41 -32.65 -61.89
CA HIS D 290 14.71 -33.85 -62.28
C HIS D 290 14.46 -33.89 -63.82
N ARG D 291 13.70 -32.91 -64.36
CA ARG D 291 13.43 -32.90 -65.79
C ARG D 291 14.77 -33.06 -66.45
N ILE D 292 15.82 -32.62 -65.75
CA ILE D 292 17.19 -32.76 -66.26
C ILE D 292 17.64 -34.18 -66.23
N ALA D 293 17.75 -34.70 -65.00
CA ALA D 293 18.18 -36.07 -64.75
C ALA D 293 17.42 -37.03 -65.62
N MET D 294 16.23 -36.59 -66.00
CA MET D 294 15.41 -37.46 -66.77
C MET D 294 15.61 -37.29 -68.22
N VAL D 295 16.03 -36.10 -68.60
CA VAL D 295 16.31 -35.81 -69.98
C VAL D 295 17.52 -36.68 -70.34
N GLN D 296 18.34 -36.95 -69.32
CA GLN D 296 19.52 -37.74 -69.46
C GLN D 296 19.19 -39.20 -69.71
N LEU D 297 18.11 -39.72 -69.12
CA LEU D 297 17.76 -41.14 -69.33
C LEU D 297 17.14 -41.34 -70.66
N SER D 298 16.54 -40.30 -71.21
CA SER D 298 15.95 -40.32 -72.56
C SER D 298 15.66 -38.91 -73.03
N PRO D 299 16.33 -38.48 -74.11
CA PRO D 299 16.18 -37.15 -74.73
C PRO D 299 14.84 -36.90 -75.39
N ALA D 300 13.82 -36.86 -74.52
CA ALA D 300 12.44 -36.66 -74.88
C ALA D 300 11.79 -36.24 -73.57
N ALA D 301 12.48 -36.54 -72.49
CA ALA D 301 12.00 -36.22 -71.14
C ALA D 301 11.53 -34.77 -71.03
N LEU D 302 12.22 -33.87 -71.72
CA LEU D 302 11.85 -32.46 -71.70
C LEU D 302 10.43 -32.45 -72.14
N GLY D 303 9.67 -31.39 -71.91
CA GLY D 303 8.30 -31.52 -72.34
C GLY D 303 7.44 -30.48 -73.02
N ASN D 304 6.80 -29.65 -72.21
CA ASN D 304 5.89 -28.69 -72.76
C ASN D 304 6.31 -27.30 -72.56
N ASP D 305 6.46 -26.87 -71.32
CA ASP D 305 6.83 -25.48 -71.20
C ASP D 305 8.29 -25.24 -71.30
N MET D 306 9.11 -26.19 -70.89
CA MET D 306 10.54 -25.91 -70.97
C MET D 306 11.14 -25.80 -72.35
N ALA D 307 10.30 -25.63 -73.37
CA ALA D 307 10.83 -25.45 -74.69
C ALA D 307 11.32 -24.02 -74.61
N ALA D 308 11.11 -23.43 -73.45
CA ALA D 308 11.52 -22.07 -73.20
C ALA D 308 12.97 -21.96 -72.74
N ILE D 309 13.49 -23.07 -72.24
CA ILE D 309 14.83 -23.15 -71.68
C ILE D 309 15.40 -24.41 -72.21
N GLU D 310 14.70 -24.97 -73.17
CA GLU D 310 15.15 -26.21 -73.77
C GLU D 310 16.66 -26.23 -73.83
N LEU D 311 17.21 -25.38 -74.68
CA LEU D 311 18.65 -25.33 -74.86
C LEU D 311 19.35 -25.43 -73.51
N ARG D 312 19.10 -24.49 -72.61
CA ARG D 312 19.77 -24.53 -71.31
C ARG D 312 19.68 -25.89 -70.65
N MET D 313 18.45 -26.34 -70.40
CA MET D 313 18.19 -27.61 -69.76
C MET D 313 19.04 -28.66 -70.40
N ARG D 314 18.92 -28.79 -71.70
CA ARG D 314 19.74 -29.73 -72.40
C ARG D 314 21.22 -29.51 -72.15
N GLU D 315 21.67 -28.26 -72.03
CA GLU D 315 23.10 -28.03 -71.82
C GLU D 315 23.52 -28.65 -70.52
N LEU D 316 22.78 -28.40 -69.45
CA LEU D 316 23.14 -29.04 -68.19
C LEU D 316 23.22 -30.53 -68.49
N ALA D 317 22.08 -31.07 -68.90
CA ALA D 317 21.94 -32.46 -69.24
C ALA D 317 23.15 -33.09 -69.87
N ARG D 318 23.70 -32.45 -70.87
CA ARG D 318 24.86 -33.07 -71.54
C ARG D 318 26.18 -32.76 -70.93
N THR D 319 26.25 -31.84 -69.98
CA THR D 319 27.54 -31.51 -69.41
C THR D 319 27.78 -32.00 -67.97
N ILE D 320 26.78 -31.88 -67.11
CA ILE D 320 26.91 -32.36 -65.74
C ILE D 320 26.69 -33.86 -65.66
N PRO D 321 27.47 -34.58 -64.85
CA PRO D 321 27.34 -36.02 -64.72
C PRO D 321 26.12 -36.53 -64.01
N PRO D 322 25.37 -37.44 -64.66
CA PRO D 322 24.17 -38.00 -64.03
C PRO D 322 24.41 -38.25 -62.55
N THR D 323 25.45 -38.99 -62.26
CA THR D 323 25.80 -39.25 -60.87
C THR D 323 25.73 -37.96 -60.07
N ASP D 324 26.54 -36.97 -60.45
CA ASP D 324 26.57 -35.66 -59.74
C ASP D 324 25.23 -34.93 -59.59
N ILE D 325 24.31 -35.12 -60.52
CA ILE D 325 23.03 -34.43 -60.39
C ILE D 325 22.22 -35.07 -59.30
N GLN D 326 22.36 -36.36 -59.09
CA GLN D 326 21.60 -36.94 -58.02
C GLN D 326 22.02 -36.18 -56.77
N LEU D 327 23.30 -36.29 -56.41
CA LEU D 327 23.82 -35.61 -55.24
C LEU D 327 23.28 -34.15 -55.10
N TYR D 328 23.26 -33.35 -56.16
CA TYR D 328 22.69 -32.03 -56.00
C TYR D 328 21.26 -32.23 -55.50
N TYR D 329 20.43 -32.80 -56.38
CA TYR D 329 19.02 -33.06 -56.10
C TYR D 329 18.90 -33.44 -54.66
N GLN D 330 19.51 -34.55 -54.32
CA GLN D 330 19.44 -35.04 -52.96
C GLN D 330 19.78 -34.00 -51.90
N THR D 331 20.85 -33.23 -52.11
CA THR D 331 21.18 -32.27 -51.07
C THR D 331 20.06 -31.30 -50.89
N LEU D 332 19.62 -30.68 -51.97
CA LEU D 332 18.54 -29.74 -51.83
C LEU D 332 17.35 -30.38 -51.12
N LEU D 333 16.94 -31.57 -51.54
CA LEU D 333 15.81 -32.24 -50.90
C LEU D 333 16.04 -32.10 -49.40
N ILE D 334 17.20 -32.54 -48.95
CA ILE D 334 17.48 -32.44 -47.53
C ILE D 334 17.21 -31.03 -46.97
N GLY D 335 17.83 -30.02 -47.56
CA GLY D 335 17.62 -28.67 -47.09
C GLY D 335 16.15 -28.30 -47.05
N ARG D 336 15.36 -28.85 -47.93
CA ARG D 336 13.98 -28.49 -47.87
C ARG D 336 13.43 -28.97 -46.58
N LYS D 337 13.94 -30.10 -46.10
CA LYS D 337 13.42 -30.63 -44.85
C LYS D 337 13.82 -29.70 -43.71
N GLU D 338 15.11 -29.42 -43.60
CA GLU D 338 15.67 -28.55 -42.57
C GLU D 338 15.28 -27.07 -42.78
N LEU D 339 14.54 -26.79 -43.83
CA LEU D 339 14.17 -25.41 -44.09
C LEU D 339 13.66 -24.72 -42.84
N PRO D 340 12.96 -25.43 -41.97
CA PRO D 340 12.52 -24.69 -40.81
C PRO D 340 13.40 -24.66 -39.57
N TYR D 341 14.49 -25.42 -39.55
CA TYR D 341 15.36 -25.38 -38.38
C TYR D 341 16.14 -24.09 -38.43
N ALA D 342 16.70 -23.79 -39.59
CA ALA D 342 17.46 -22.57 -39.72
C ALA D 342 16.56 -21.36 -39.37
N PRO D 343 17.09 -20.44 -38.56
CA PRO D 343 16.42 -19.21 -38.09
C PRO D 343 15.78 -18.40 -39.20
N ASP D 344 16.45 -18.40 -40.34
CA ASP D 344 16.05 -17.64 -41.50
C ASP D 344 15.69 -18.53 -42.67
N ARG D 345 14.45 -18.45 -43.13
CA ARG D 345 14.07 -19.30 -44.23
C ARG D 345 14.99 -19.14 -45.43
N ARG D 346 15.80 -18.09 -45.41
CA ARG D 346 16.75 -17.82 -46.49
C ARG D 346 18.11 -18.34 -46.13
N MET D 347 18.52 -18.10 -44.90
CA MET D 347 19.82 -18.61 -44.52
C MET D 347 19.64 -20.07 -44.92
N GLY D 348 18.47 -20.62 -44.62
CA GLY D 348 18.20 -22.00 -44.99
C GLY D 348 18.58 -22.28 -46.44
N VAL D 349 17.95 -21.55 -47.37
CA VAL D 349 18.22 -21.67 -48.81
C VAL D 349 19.70 -21.54 -49.21
N GLU D 350 20.35 -20.50 -48.69
CA GLU D 350 21.76 -20.25 -48.96
C GLU D 350 22.55 -21.37 -48.29
N MET D 351 22.25 -21.62 -47.04
CA MET D 351 22.93 -22.65 -46.29
C MET D 351 23.07 -23.92 -47.11
N THR D 352 22.01 -24.13 -47.89
CA THR D 352 21.75 -25.30 -48.73
C THR D 352 22.44 -25.37 -50.10
N LEU D 353 22.58 -24.23 -50.76
CA LEU D 353 23.24 -24.16 -52.04
C LEU D 353 24.75 -24.16 -51.77
N LEU D 354 25.18 -23.39 -50.79
CA LEU D 354 26.58 -23.32 -50.40
C LEU D 354 27.03 -24.72 -50.02
N ARG D 355 26.04 -25.58 -49.82
CA ARG D 355 26.25 -26.96 -49.45
C ARG D 355 26.47 -27.79 -50.71
N ALA D 356 25.62 -27.62 -51.72
CA ALA D 356 25.76 -28.39 -52.94
C ALA D 356 26.91 -27.81 -53.66
N LEU D 357 27.34 -26.63 -53.24
CA LEU D 357 28.46 -26.02 -53.92
C LEU D 357 29.69 -26.87 -53.62
N ALA D 358 30.18 -26.78 -52.40
CA ALA D 358 31.35 -27.53 -52.04
C ALA D 358 31.23 -28.95 -52.60
N PHE D 359 30.32 -29.74 -52.01
CA PHE D 359 30.10 -31.12 -52.42
C PHE D 359 29.86 -31.26 -53.91
N HIS D 360 30.73 -30.61 -54.68
CA HIS D 360 30.75 -30.59 -56.14
C HIS D 360 32.08 -31.19 -56.56
N PRO D 361 32.20 -31.49 -57.86
CA PRO D 361 33.42 -32.06 -58.45
C PRO D 361 34.43 -30.93 -58.78
N ARG D 362 35.34 -30.67 -57.82
CA ARG D 362 36.43 -29.67 -57.91
C ARG D 362 36.19 -28.31 -57.22
N MET D 363 35.00 -28.08 -56.67
CA MET D 363 34.66 -26.80 -55.99
C MET D 363 35.61 -26.31 -54.89
N PRO D 364 35.26 -25.18 -54.23
CA PRO D 364 36.08 -24.61 -53.16
C PRO D 364 36.74 -25.55 -52.17
N LEU D 365 38.01 -25.25 -51.87
CA LEU D 365 38.80 -26.06 -50.96
C LEU D 365 39.52 -25.14 -49.94
N PRO D 366 39.75 -25.65 -48.71
CA PRO D 366 40.38 -25.06 -47.51
C PRO D 366 41.69 -24.27 -47.54
N GLU D 367 41.91 -23.51 -46.47
CA GLU D 367 43.10 -22.68 -46.26
C GLU D 367 43.00 -21.87 -44.95
N PRO D 368 44.15 -21.55 -44.31
CA PRO D 368 44.26 -20.79 -43.05
C PRO D 368 44.26 -19.26 -43.22
N ARG E 2 3.08 2.57 -34.94
CA ARG E 2 3.93 3.73 -35.14
C ARG E 2 4.11 4.00 -36.63
N TRP E 3 3.19 4.74 -37.22
CA TRP E 3 3.28 5.03 -38.64
C TRP E 3 4.63 5.63 -39.02
N TYR E 4 5.46 4.84 -39.69
CA TYR E 4 6.78 5.28 -40.15
C TYR E 4 6.60 6.01 -41.48
N PRO E 5 7.65 6.67 -41.97
CA PRO E 5 7.48 7.36 -43.25
C PRO E 5 7.21 6.46 -44.45
N TRP E 6 8.16 5.60 -44.78
CA TRP E 6 8.01 4.73 -45.94
C TRP E 6 6.61 4.14 -46.20
N LEU E 7 5.72 4.21 -45.22
CA LEU E 7 4.37 3.70 -45.37
C LEU E 7 3.41 4.68 -46.07
N ARG E 8 3.94 5.72 -46.67
CA ARG E 8 3.08 6.70 -47.33
C ARG E 8 2.92 6.38 -48.81
N PRO E 9 4.03 6.09 -49.49
CA PRO E 9 3.95 5.77 -50.92
C PRO E 9 2.95 4.67 -51.19
N ASP E 10 2.90 3.72 -50.26
CA ASP E 10 2.00 2.60 -50.35
C ASP E 10 0.62 2.98 -49.83
N PHE E 11 0.57 3.72 -48.73
CA PHE E 11 -0.72 4.15 -48.19
C PHE E 11 -1.45 5.02 -49.20
N GLU E 12 -0.69 5.73 -50.02
CA GLU E 12 -1.29 6.58 -51.02
C GLU E 12 -2.15 5.79 -51.99
N LYS E 13 -1.53 4.99 -52.85
CA LYS E 13 -2.29 4.22 -53.83
C LYS E 13 -3.40 3.41 -53.20
N LEU E 14 -3.08 2.60 -52.21
CA LEU E 14 -4.10 1.79 -51.56
C LEU E 14 -5.40 2.57 -51.31
N VAL E 15 -5.30 3.79 -50.79
CA VAL E 15 -6.49 4.61 -50.53
C VAL E 15 -7.07 5.05 -51.87
N ALA E 16 -6.18 5.24 -52.83
CA ALA E 16 -6.58 5.67 -54.17
C ALA E 16 -7.61 4.72 -54.78
N SER E 17 -7.60 3.47 -54.36
CA SER E 17 -8.54 2.49 -54.89
C SER E 17 -9.81 2.43 -54.06
N TYR E 18 -9.70 2.80 -52.80
CA TYR E 18 -10.85 2.79 -51.91
C TYR E 18 -11.69 4.04 -52.15
N GLN E 19 -11.08 4.98 -52.85
CA GLN E 19 -11.72 6.25 -53.16
C GLN E 19 -12.19 6.25 -54.61
N ALA E 20 -11.61 5.37 -55.42
CA ALA E 20 -11.96 5.28 -56.83
C ALA E 20 -12.83 4.06 -57.16
N GLY E 21 -12.99 3.16 -56.20
CA GLY E 21 -13.82 1.98 -56.41
C GLY E 21 -13.07 0.69 -56.70
N ARG E 22 -11.79 0.80 -57.04
CA ARG E 22 -10.99 -0.38 -57.35
C ARG E 22 -10.27 -0.97 -56.15
N GLY E 23 -11.00 -1.16 -55.05
CA GLY E 23 -10.39 -1.73 -53.86
C GLY E 23 -10.73 -3.20 -53.73
N HIS E 24 -9.78 -4.01 -53.31
CA HIS E 24 -10.07 -5.43 -53.14
C HIS E 24 -10.50 -5.64 -51.71
N HIS E 25 -11.57 -6.42 -51.55
CA HIS E 25 -12.12 -6.72 -50.24
C HIS E 25 -11.17 -7.59 -49.41
N ALA E 26 -10.14 -8.11 -50.08
CA ALA E 26 -9.15 -8.97 -49.44
C ALA E 26 -7.73 -8.50 -49.73
N LEU E 27 -7.10 -7.88 -48.74
CA LEU E 27 -5.75 -7.36 -48.90
C LEU E 27 -4.70 -8.06 -48.01
N LEU E 28 -3.86 -8.86 -48.66
CA LEU E 28 -2.81 -9.61 -47.98
C LEU E 28 -1.51 -8.83 -48.13
N ILE E 29 -1.00 -8.29 -47.02
CA ILE E 29 0.23 -7.50 -47.04
C ILE E 29 1.41 -8.36 -46.65
N GLN E 30 2.26 -8.72 -47.61
CA GLN E 30 3.43 -9.53 -47.26
C GLN E 30 4.49 -8.51 -46.87
N ALA E 31 4.95 -8.60 -45.62
CA ALA E 31 5.95 -7.67 -45.12
C ALA E 31 6.69 -8.15 -43.88
N LEU E 32 7.96 -7.78 -43.75
CA LEU E 32 8.78 -8.15 -42.61
C LEU E 32 8.18 -7.64 -41.31
N PRO E 33 8.84 -7.89 -40.18
CA PRO E 33 8.26 -7.39 -38.94
C PRO E 33 8.96 -6.05 -38.66
N GLY E 34 8.23 -5.10 -38.07
CA GLY E 34 8.84 -3.82 -37.79
C GLY E 34 9.17 -3.09 -39.07
N GLY E 36 6.42 -2.00 -40.66
CA GLY E 36 5.22 -1.17 -40.73
C GLY E 36 3.87 -1.84 -40.95
N ASP E 37 3.87 -3.13 -41.27
CA ASP E 37 2.61 -3.84 -41.48
C ASP E 37 1.58 -3.16 -40.60
N ASP E 38 1.68 -3.47 -39.32
CA ASP E 38 0.83 -2.97 -38.27
C ASP E 38 0.06 -1.69 -38.52
N ALA E 39 0.78 -0.58 -38.64
CA ALA E 39 0.19 0.75 -38.83
C ALA E 39 -0.54 1.02 -40.15
N LEU E 40 -0.11 0.39 -41.22
CA LEU E 40 -0.73 0.61 -42.52
C LEU E 40 -2.11 0.00 -42.61
N ILE E 41 -2.37 -1.01 -41.79
CA ILE E 41 -3.68 -1.65 -41.81
C ILE E 41 -4.59 -0.78 -40.98
N TYR E 42 -4.13 -0.42 -39.79
CA TYR E 42 -4.89 0.41 -38.90
C TYR E 42 -5.21 1.74 -39.60
N ALA E 43 -4.23 2.23 -40.35
CA ALA E 43 -4.36 3.49 -41.08
C ALA E 43 -5.44 3.44 -42.14
N LEU E 44 -5.33 2.50 -43.06
CA LEU E 44 -6.32 2.38 -44.12
C LEU E 44 -7.71 2.22 -43.53
N SER E 45 -7.85 1.24 -42.65
CA SER E 45 -9.12 0.96 -42.00
C SER E 45 -9.77 2.24 -41.48
N ARG E 46 -8.99 3.08 -40.81
CA ARG E 46 -9.52 4.33 -40.27
C ARG E 46 -10.12 5.21 -41.37
N TYR E 47 -9.50 5.20 -42.56
CA TYR E 47 -10.02 6.00 -43.67
C TYR E 47 -11.39 5.50 -44.10
N LEU E 48 -11.50 4.18 -44.21
CA LEU E 48 -12.73 3.53 -44.62
C LEU E 48 -13.85 3.63 -43.59
N LEU E 49 -13.47 3.79 -42.33
CA LEU E 49 -14.42 3.90 -41.24
C LEU E 49 -14.73 5.35 -40.85
N CYS E 50 -14.52 6.25 -41.81
CA CYS E 50 -14.76 7.69 -41.62
C CYS E 50 -16.16 8.07 -42.12
N GLN E 51 -16.98 8.73 -41.28
CA GLN E 51 -18.34 9.12 -41.70
C GLN E 51 -18.28 10.35 -42.61
N GLN E 52 -17.33 11.23 -42.31
CA GLN E 52 -17.15 12.47 -43.07
C GLN E 52 -15.64 12.67 -43.31
N PRO E 53 -15.06 11.88 -44.22
CA PRO E 53 -13.64 11.97 -44.54
C PRO E 53 -13.34 13.31 -45.17
N GLN E 54 -12.15 13.82 -44.93
CA GLN E 54 -11.75 15.11 -45.47
C GLN E 54 -10.88 15.00 -46.72
N GLY E 55 -10.84 13.82 -47.33
CA GLY E 55 -10.05 13.66 -48.54
C GLY E 55 -9.09 12.49 -48.58
N HIS E 56 -7.99 12.61 -47.85
CA HIS E 56 -6.99 11.55 -47.80
C HIS E 56 -7.04 10.96 -46.42
N LYS E 57 -7.52 11.78 -45.47
CA LYS E 57 -7.64 11.33 -44.10
C LYS E 57 -8.98 11.69 -43.46
N SER E 58 -9.16 11.18 -42.25
CA SER E 58 -10.38 11.37 -41.49
C SER E 58 -10.54 12.77 -40.93
N CYS E 59 -11.66 13.03 -40.25
CA CYS E 59 -11.91 14.32 -39.64
C CYS E 59 -11.64 14.28 -38.13
N GLY E 60 -11.86 13.12 -37.52
CA GLY E 60 -11.62 12.98 -36.10
C GLY E 60 -12.81 13.26 -35.22
N HIS E 61 -13.88 13.82 -35.79
CA HIS E 61 -15.07 14.11 -35.01
C HIS E 61 -16.10 12.99 -35.10
N CYS E 62 -16.58 12.74 -36.31
CA CYS E 62 -17.58 11.71 -36.61
C CYS E 62 -17.60 10.50 -35.69
N ARG E 63 -18.77 9.90 -35.56
CA ARG E 63 -18.98 8.71 -34.74
C ARG E 63 -17.86 7.71 -34.99
N GLY E 64 -17.56 7.47 -36.26
CA GLY E 64 -16.50 6.54 -36.62
C GLY E 64 -15.17 6.98 -36.04
N CYS E 65 -14.68 8.13 -36.49
CA CYS E 65 -13.41 8.63 -35.99
C CYS E 65 -13.35 8.61 -34.47
N GLN E 66 -14.45 8.95 -33.82
CA GLN E 66 -14.47 8.95 -32.36
C GLN E 66 -14.47 7.56 -31.74
N LEU E 67 -15.39 6.69 -32.16
CA LEU E 67 -15.48 5.32 -31.65
C LEU E 67 -14.18 4.54 -31.86
N GLN E 69 -11.11 5.97 -32.11
CA GLN E 69 -10.04 6.52 -31.30
C GLN E 69 -10.35 5.95 -29.94
N ALA E 70 -11.64 5.90 -29.65
CA ALA E 70 -12.12 5.35 -28.39
C ALA E 70 -11.61 3.93 -28.34
N GLY E 71 -11.53 3.32 -29.51
CA GLY E 71 -11.06 1.97 -29.60
C GLY E 71 -12.22 1.10 -30.04
N THR E 72 -13.16 0.88 -29.13
CA THR E 72 -14.30 0.04 -29.47
C THR E 72 -15.21 0.70 -30.47
N HIS E 73 -15.55 -0.08 -31.50
CA HIS E 73 -16.42 0.35 -32.59
C HIS E 73 -17.26 -0.87 -32.93
N PRO E 74 -18.34 -0.67 -33.70
CA PRO E 74 -19.23 -1.77 -34.09
C PRO E 74 -18.88 -2.53 -35.38
N ASP E 75 -17.82 -2.12 -36.08
CA ASP E 75 -17.46 -2.79 -37.32
C ASP E 75 -15.97 -3.10 -37.49
N TYR E 76 -15.20 -2.90 -36.44
CA TYR E 76 -13.77 -3.15 -36.46
C TYR E 76 -13.49 -4.39 -35.63
N TYR E 77 -13.30 -5.51 -36.31
CA TYR E 77 -13.04 -6.80 -35.66
C TYR E 77 -11.56 -7.19 -35.77
N THR E 78 -10.96 -7.55 -34.64
CA THR E 78 -9.56 -7.94 -34.57
C THR E 78 -9.39 -9.44 -34.32
N LEU E 79 -9.12 -10.23 -35.36
CA LEU E 79 -8.94 -11.67 -35.19
C LEU E 79 -7.53 -12.13 -34.89
N ALA E 80 -7.04 -11.75 -33.72
CA ALA E 80 -5.70 -12.11 -33.28
C ALA E 80 -5.65 -13.58 -32.88
N PRO E 81 -4.47 -14.07 -32.49
CA PRO E 81 -4.34 -15.48 -32.10
C PRO E 81 -4.80 -15.71 -30.65
N GLU E 82 -5.53 -16.80 -30.43
CA GLU E 82 -6.02 -17.13 -29.09
C GLU E 82 -5.01 -16.69 -28.04
N LYS E 83 -5.46 -15.85 -27.11
CA LYS E 83 -4.58 -15.35 -26.06
C LYS E 83 -3.93 -16.45 -25.24
N GLY E 84 -2.69 -16.80 -25.59
CA GLY E 84 -1.98 -17.85 -24.88
C GLY E 84 -1.24 -18.77 -25.83
N LYS E 85 -1.97 -19.64 -26.49
CA LYS E 85 -1.39 -20.57 -27.45
C LYS E 85 -0.74 -19.71 -28.53
N ASN E 86 -0.30 -20.32 -29.62
CA ASN E 86 0.33 -19.55 -30.68
C ASN E 86 -0.32 -19.88 -32.01
N THR E 87 -1.65 -19.94 -32.01
CA THR E 87 -2.40 -20.27 -33.21
C THR E 87 -3.80 -19.63 -33.16
N LEU E 88 -4.46 -19.55 -34.31
CA LEU E 88 -5.78 -18.98 -34.38
C LEU E 88 -6.77 -20.12 -34.57
N GLY E 89 -7.90 -20.06 -33.87
CA GLY E 89 -8.87 -21.14 -33.96
C GLY E 89 -10.01 -20.98 -34.95
N VAL E 90 -10.56 -22.12 -35.36
CA VAL E 90 -11.66 -22.14 -36.30
C VAL E 90 -12.84 -21.36 -35.73
N ASP E 91 -12.98 -21.44 -34.42
CA ASP E 91 -14.06 -20.75 -33.71
C ASP E 91 -14.02 -19.23 -33.89
N ALA E 92 -13.05 -18.58 -33.26
CA ALA E 92 -12.89 -17.14 -33.32
C ALA E 92 -13.42 -16.57 -34.62
N VAL E 93 -13.03 -17.20 -35.71
CA VAL E 93 -13.43 -16.79 -37.06
C VAL E 93 -14.92 -16.98 -37.33
N ARG E 94 -15.39 -18.21 -37.16
CA ARG E 94 -16.78 -18.54 -37.41
C ARG E 94 -17.78 -17.62 -36.71
N GLU E 95 -17.38 -17.03 -35.59
CA GLU E 95 -18.26 -16.11 -34.86
C GLU E 95 -18.16 -14.71 -35.44
N VAL E 96 -16.99 -14.39 -35.99
CA VAL E 96 -16.75 -13.09 -36.61
C VAL E 96 -17.28 -13.13 -38.04
N THR E 97 -17.49 -14.34 -38.52
CA THR E 97 -18.01 -14.57 -39.86
C THR E 97 -19.46 -14.11 -39.93
N GLU E 98 -20.31 -14.83 -39.22
CA GLU E 98 -21.74 -14.53 -39.17
C GLU E 98 -21.89 -13.09 -38.69
N LYS E 99 -20.99 -12.70 -37.79
CA LYS E 99 -20.99 -11.37 -37.20
C LYS E 99 -20.97 -10.25 -38.24
N LEU E 100 -20.86 -10.63 -39.52
CA LEU E 100 -20.84 -9.68 -40.61
C LEU E 100 -22.13 -9.81 -41.41
N ASN E 101 -22.67 -11.02 -41.44
CA ASN E 101 -23.89 -11.33 -42.17
C ASN E 101 -25.02 -10.37 -41.84
N GLU E 102 -24.88 -9.67 -40.72
CA GLU E 102 -25.87 -8.69 -40.30
C GLU E 102 -25.34 -7.33 -40.73
N HIS E 103 -26.22 -6.44 -41.16
CA HIS E 103 -25.81 -5.11 -41.63
C HIS E 103 -24.94 -4.32 -40.66
N ALA E 104 -24.22 -3.34 -41.21
CA ALA E 104 -23.31 -2.50 -40.44
C ALA E 104 -24.02 -1.68 -39.37
N ARG E 105 -23.60 -1.82 -38.13
CA ARG E 105 -24.21 -1.07 -37.03
C ARG E 105 -24.16 0.42 -37.29
N LEU E 106 -23.15 0.87 -38.02
CA LEU E 106 -23.02 2.28 -38.37
C LEU E 106 -23.48 2.49 -39.80
N GLY E 107 -23.93 1.39 -40.42
CA GLY E 107 -24.40 1.46 -41.78
C GLY E 107 -23.36 2.08 -42.70
N GLY E 108 -22.46 1.24 -43.21
CA GLY E 108 -21.42 1.72 -44.08
C GLY E 108 -20.49 0.59 -44.49
N ALA E 109 -19.27 0.62 -43.99
CA ALA E 109 -18.29 -0.42 -44.30
C ALA E 109 -17.79 -1.09 -43.03
N LYS E 110 -17.69 -2.41 -43.07
CA LYS E 110 -17.20 -3.20 -41.94
C LYS E 110 -15.74 -3.51 -42.22
N VAL E 111 -14.94 -3.81 -41.19
CA VAL E 111 -13.52 -4.13 -41.40
C VAL E 111 -12.94 -5.19 -40.47
N VAL E 112 -12.13 -6.08 -41.04
CA VAL E 112 -11.49 -7.15 -40.28
C VAL E 112 -9.97 -7.06 -40.43
N TRP E 113 -9.26 -7.39 -39.36
CA TRP E 113 -7.82 -7.35 -39.41
C TRP E 113 -7.25 -8.58 -38.72
N VAL E 114 -6.35 -9.27 -39.41
CA VAL E 114 -5.70 -10.45 -38.88
C VAL E 114 -4.23 -10.22 -38.54
N THR E 115 -3.83 -10.62 -37.34
CA THR E 115 -2.45 -10.45 -36.90
C THR E 115 -1.48 -11.05 -37.90
N ASP E 116 -1.58 -12.35 -38.10
CA ASP E 116 -0.66 -13.01 -39.00
C ASP E 116 -1.18 -14.31 -39.62
N ALA E 117 -2.16 -14.17 -40.53
CA ALA E 117 -2.79 -15.30 -41.22
C ALA E 117 -1.97 -16.59 -41.31
N ALA E 118 -0.64 -16.50 -41.30
CA ALA E 118 0.19 -17.69 -41.36
C ALA E 118 0.18 -18.35 -39.98
N LEU E 119 -0.83 -18.03 -39.17
CA LEU E 119 -0.98 -18.57 -37.82
C LEU E 119 -2.36 -19.16 -37.56
N LEU E 120 -3.08 -19.58 -38.59
CA LEU E 120 -4.37 -20.19 -38.32
C LEU E 120 -4.34 -21.67 -38.74
N THR E 121 -5.25 -22.47 -38.20
CA THR E 121 -5.30 -23.89 -38.49
C THR E 121 -5.92 -24.16 -39.83
N ASP E 122 -5.43 -25.19 -40.52
CA ASP E 122 -5.94 -25.55 -41.82
C ASP E 122 -7.45 -25.46 -41.77
N ALA E 123 -8.00 -25.74 -40.59
CA ALA E 123 -9.44 -25.67 -40.39
C ALA E 123 -9.85 -24.20 -40.32
N ALA E 124 -9.22 -23.46 -39.42
CA ALA E 124 -9.49 -22.03 -39.22
C ALA E 124 -9.42 -21.27 -40.53
N ALA E 125 -8.63 -21.78 -41.45
CA ALA E 125 -8.48 -21.17 -42.76
C ALA E 125 -9.73 -21.37 -43.58
N ASN E 126 -9.89 -22.58 -44.13
CA ASN E 126 -11.05 -22.90 -44.95
C ASN E 126 -12.30 -22.20 -44.42
N ALA E 127 -12.50 -22.27 -43.11
CA ALA E 127 -13.66 -21.62 -42.49
C ALA E 127 -13.76 -20.20 -43.04
N LEU E 128 -12.60 -19.61 -43.26
CA LEU E 128 -12.47 -18.26 -43.77
C LEU E 128 -12.88 -18.12 -45.23
N LEU E 129 -12.10 -18.74 -46.10
CA LEU E 129 -12.33 -18.70 -47.54
C LEU E 129 -13.80 -18.62 -47.96
N LYS E 130 -14.61 -19.51 -47.41
CA LYS E 130 -16.03 -19.56 -47.74
C LYS E 130 -16.67 -18.19 -47.53
N THR E 131 -16.02 -17.37 -46.72
CA THR E 131 -16.49 -16.03 -46.43
C THR E 131 -16.05 -15.14 -47.59
N LEU E 132 -14.84 -15.39 -48.06
CA LEU E 132 -14.23 -14.63 -49.14
C LEU E 132 -14.80 -14.99 -50.49
N GLU E 133 -15.39 -16.17 -50.58
CA GLU E 133 -16.01 -16.62 -51.82
C GLU E 133 -17.32 -15.86 -51.88
N GLU E 134 -17.96 -15.77 -50.72
CA GLU E 134 -19.22 -15.06 -50.56
C GLU E 134 -18.95 -13.78 -49.77
N PRO E 135 -18.45 -12.73 -50.45
CA PRO E 135 -18.13 -11.45 -49.80
C PRO E 135 -19.34 -10.64 -49.31
N PRO E 136 -19.39 -10.34 -47.99
CA PRO E 136 -20.43 -9.57 -47.30
C PRO E 136 -20.50 -8.08 -47.66
N ALA E 137 -21.24 -7.75 -48.71
CA ALA E 137 -21.42 -6.38 -49.19
C ALA E 137 -20.63 -5.29 -48.46
N GLU E 138 -20.05 -4.37 -49.24
CA GLU E 138 -19.26 -3.26 -48.72
C GLU E 138 -18.65 -3.56 -47.35
N THR E 139 -17.68 -4.47 -47.38
CA THR E 139 -16.97 -4.89 -46.19
C THR E 139 -15.51 -4.97 -46.63
N TRP E 140 -14.59 -4.94 -45.68
CA TRP E 140 -13.18 -4.99 -46.03
C TRP E 140 -12.32 -5.87 -45.13
N PHE E 141 -11.57 -6.77 -45.75
CA PHE E 141 -10.68 -7.67 -45.05
C PHE E 141 -9.25 -7.24 -45.27
N PHE E 142 -8.39 -7.58 -44.33
CA PHE E 142 -6.99 -7.25 -44.39
C PHE E 142 -6.20 -8.36 -43.71
N LEU E 143 -5.42 -9.08 -44.51
CA LEU E 143 -4.62 -10.16 -43.99
C LEU E 143 -3.17 -9.74 -44.10
N ALA E 144 -2.36 -10.18 -43.17
CA ALA E 144 -0.96 -9.82 -43.22
C ALA E 144 -0.19 -11.06 -42.83
N THR E 145 0.93 -11.32 -43.51
CA THR E 145 1.75 -12.48 -43.19
C THR E 145 3.17 -12.11 -43.39
N ARG E 146 4.09 -12.89 -42.81
CA ARG E 146 5.48 -12.58 -43.04
C ARG E 146 5.85 -13.27 -44.36
N GLU E 147 5.37 -14.50 -44.49
CA GLU E 147 5.61 -15.37 -45.64
C GLU E 147 4.27 -15.78 -46.26
N PRO E 148 3.89 -15.15 -47.39
CA PRO E 148 2.63 -15.47 -48.07
C PRO E 148 2.59 -16.89 -48.63
N GLU E 149 3.77 -17.49 -48.75
CA GLU E 149 3.91 -18.85 -49.28
C GLU E 149 3.25 -19.89 -48.37
N ARG E 150 3.56 -19.82 -47.08
CA ARG E 150 3.02 -20.73 -46.11
C ARG E 150 1.51 -20.53 -45.97
N LEU E 151 0.92 -19.89 -46.95
CA LEU E 151 -0.49 -19.63 -46.88
C LEU E 151 -1.27 -20.38 -47.96
N LEU E 152 -2.32 -21.10 -47.59
CA LEU E 152 -3.10 -21.91 -48.55
C LEU E 152 -3.34 -21.31 -49.92
N ALA E 153 -2.78 -21.94 -50.95
CA ALA E 153 -2.93 -21.51 -52.34
C ALA E 153 -4.37 -21.11 -52.68
N THR E 154 -5.29 -22.03 -52.48
CA THR E 154 -6.68 -21.73 -52.75
C THR E 154 -7.06 -20.45 -52.05
N LEU E 155 -6.53 -20.23 -50.85
CA LEU E 155 -6.88 -19.01 -50.09
C LEU E 155 -6.34 -17.75 -50.77
N ARG E 156 -5.03 -17.62 -50.70
CA ARG E 156 -4.27 -16.51 -51.25
C ARG E 156 -4.65 -16.23 -52.68
N SER E 157 -5.54 -17.04 -53.25
CA SER E 157 -5.95 -16.83 -54.62
C SER E 157 -7.23 -16.03 -54.62
N ARG E 158 -7.65 -15.68 -53.41
CA ARG E 158 -8.86 -14.92 -53.20
C ARG E 158 -8.57 -13.51 -52.70
N CYS E 159 -7.31 -13.12 -52.63
CA CYS E 159 -7.01 -11.77 -52.17
C CYS E 159 -5.90 -11.12 -53.00
N ARG E 160 -5.70 -9.82 -52.81
CA ARG E 160 -4.68 -9.06 -53.54
C ARG E 160 -3.41 -9.00 -52.70
N LEU E 161 -2.31 -9.54 -53.22
CA LEU E 161 -1.06 -9.54 -52.45
C LEU E 161 -0.39 -8.18 -52.48
N HIS E 162 -0.11 -7.58 -51.33
CA HIS E 162 0.58 -6.28 -51.34
C HIS E 162 1.92 -6.32 -50.60
N TYR E 163 3.00 -6.28 -51.38
CA TYR E 163 4.34 -6.36 -50.83
C TYR E 163 4.89 -5.05 -50.29
N LEU E 164 4.78 -4.89 -48.98
CA LEU E 164 5.28 -3.73 -48.30
C LEU E 164 6.80 -3.92 -48.30
N ALA E 165 7.42 -3.77 -49.47
CA ALA E 165 8.87 -3.94 -49.61
C ALA E 165 9.59 -2.92 -48.79
N PRO E 166 10.76 -3.27 -48.24
CA PRO E 166 11.47 -2.27 -47.44
C PRO E 166 12.13 -1.17 -48.27
N PRO E 167 12.52 -0.07 -47.61
CA PRO E 167 13.18 1.08 -48.26
C PRO E 167 14.65 0.87 -48.56
N PRO E 168 15.22 1.65 -49.48
CA PRO E 168 16.63 1.57 -49.88
C PRO E 168 17.56 1.52 -48.65
N GLU E 169 18.77 0.99 -48.81
CA GLU E 169 19.62 0.90 -47.65
C GLU E 169 19.97 2.27 -47.08
N GLN E 170 20.52 3.14 -47.93
CA GLN E 170 20.89 4.47 -47.50
C GLN E 170 19.76 5.16 -46.75
N TYR E 171 18.55 5.09 -47.30
CA TYR E 171 17.40 5.72 -46.66
C TYR E 171 17.24 5.21 -45.24
N ALA E 172 17.10 3.89 -45.12
CA ALA E 172 16.92 3.25 -43.83
C ALA E 172 17.99 3.65 -42.85
N VAL E 173 19.24 3.59 -43.31
CA VAL E 173 20.34 3.96 -42.44
C VAL E 173 20.11 5.38 -41.91
N THR E 174 19.94 6.32 -42.83
CA THR E 174 19.73 7.73 -42.46
C THR E 174 18.63 7.74 -41.42
N TRP E 175 17.47 7.25 -41.80
CA TRP E 175 16.36 7.21 -40.88
C TRP E 175 16.75 6.68 -39.51
N LEU E 176 17.81 5.87 -39.45
CA LEU E 176 18.25 5.33 -38.16
C LEU E 176 19.35 6.16 -37.56
N SER E 177 20.11 6.85 -38.42
CA SER E 177 21.20 7.68 -37.94
C SER E 177 20.61 8.80 -37.10
N ARG E 178 19.29 8.94 -37.18
CA ARG E 178 18.56 9.95 -36.41
C ARG E 178 18.04 9.37 -35.12
N GLU E 179 17.41 8.22 -35.20
CA GLU E 179 16.84 7.60 -34.02
C GLU E 179 17.84 7.15 -32.97
N VAL E 180 19.10 7.02 -33.34
CA VAL E 180 20.18 6.59 -32.43
C VAL E 180 21.51 6.77 -33.11
N THR E 181 22.47 7.38 -32.41
CA THR E 181 23.77 7.58 -33.01
C THR E 181 24.63 6.38 -32.76
N SER E 183 28.09 4.19 -35.09
CA SER E 183 28.95 4.11 -36.26
C SER E 183 28.10 3.59 -37.40
N GLN E 184 28.06 4.31 -38.51
CA GLN E 184 27.20 3.89 -39.60
C GLN E 184 27.25 2.45 -40.07
N ASP E 185 28.33 1.75 -39.75
CA ASP E 185 28.45 0.35 -40.14
C ASP E 185 27.72 -0.51 -39.12
N ALA E 186 27.50 0.05 -37.95
CA ALA E 186 26.81 -0.66 -36.88
C ALA E 186 25.38 -0.35 -37.10
N LEU E 187 25.14 0.61 -37.99
CA LEU E 187 23.78 0.97 -38.33
C LEU E 187 23.39 0.11 -39.52
N LEU E 188 24.36 -0.21 -40.36
CA LEU E 188 24.03 -1.02 -41.51
C LEU E 188 23.78 -2.41 -41.01
N ALA E 189 24.80 -2.99 -40.38
CA ALA E 189 24.69 -4.35 -39.86
C ALA E 189 23.39 -4.51 -39.06
N ALA E 190 23.07 -3.50 -38.26
CA ALA E 190 21.86 -3.52 -37.45
C ALA E 190 20.61 -3.62 -38.31
N LEU E 191 20.77 -3.24 -39.58
CA LEU E 191 19.69 -3.23 -40.53
C LEU E 191 19.65 -4.56 -41.23
N ARG E 192 20.82 -5.00 -41.71
CA ARG E 192 20.92 -6.27 -42.41
C ARG E 192 20.54 -7.45 -41.54
N LEU E 193 20.94 -7.40 -40.28
CA LEU E 193 20.59 -8.46 -39.37
C LEU E 193 19.10 -8.40 -39.11
N SER E 194 18.39 -7.56 -39.85
CA SER E 194 16.97 -7.46 -39.62
C SER E 194 16.17 -7.56 -40.90
N ALA E 195 16.79 -8.07 -41.95
CA ALA E 195 16.11 -8.24 -43.22
C ALA E 195 15.93 -6.91 -43.90
N GLY E 196 16.37 -5.83 -43.24
CA GLY E 196 16.23 -4.51 -43.83
C GLY E 196 15.05 -3.71 -43.31
N SER E 197 14.42 -4.24 -42.26
CA SER E 197 13.30 -3.58 -41.63
C SER E 197 13.89 -2.59 -40.65
N PRO E 198 13.75 -1.28 -40.90
CA PRO E 198 14.30 -0.30 -39.96
C PRO E 198 13.82 -0.49 -38.53
N GLY E 199 12.49 -0.52 -38.35
CA GLY E 199 11.92 -0.71 -37.03
C GLY E 199 12.62 -1.82 -36.27
N ALA E 200 12.84 -2.95 -36.94
CA ALA E 200 13.52 -4.08 -36.34
C ALA E 200 14.89 -3.65 -35.88
N ALA E 201 15.67 -3.08 -36.79
CA ALA E 201 17.03 -2.64 -36.46
C ALA E 201 17.01 -1.76 -35.21
N LEU E 202 15.96 -0.96 -35.10
CA LEU E 202 15.76 -0.02 -34.00
C LEU E 202 15.70 -0.67 -32.62
N ALA E 203 14.84 -1.67 -32.46
CA ALA E 203 14.73 -2.33 -31.17
C ALA E 203 15.93 -3.22 -30.82
N LEU E 204 16.90 -3.33 -31.71
CA LEU E 204 18.09 -4.13 -31.42
C LEU E 204 18.90 -3.32 -30.46
N PHE E 205 19.18 -2.10 -30.90
CA PHE E 205 19.94 -1.16 -30.13
C PHE E 205 19.16 -0.93 -28.84
N GLN E 206 17.89 -0.57 -29.00
CA GLN E 206 16.92 -0.26 -27.92
C GLN E 206 16.90 -1.09 -26.60
N GLY E 207 17.98 -1.82 -26.33
CA GLY E 207 18.09 -2.62 -25.11
C GLY E 207 19.58 -2.70 -24.89
N ASP E 208 20.07 -3.52 -23.97
CA ASP E 208 21.51 -3.57 -23.80
C ASP E 208 22.04 -4.51 -24.88
N ASN E 209 21.08 -5.05 -25.64
CA ASN E 209 21.29 -5.99 -26.74
C ASN E 209 22.48 -5.76 -27.63
N TRP E 210 22.38 -4.74 -28.49
CA TRP E 210 23.43 -4.45 -29.45
C TRP E 210 24.84 -4.35 -28.86
N GLN E 211 24.93 -4.22 -27.55
CA GLN E 211 26.22 -4.14 -26.90
C GLN E 211 26.51 -5.57 -26.48
N ALA E 212 25.44 -6.31 -26.28
CA ALA E 212 25.51 -7.70 -25.87
C ALA E 212 26.18 -8.45 -26.98
N ARG E 213 25.91 -7.97 -28.19
CA ARG E 213 26.46 -8.50 -29.43
C ARG E 213 27.98 -8.34 -29.36
N GLU E 214 28.38 -7.07 -29.30
CA GLU E 214 29.76 -6.65 -29.22
C GLU E 214 30.50 -7.61 -28.30
N THR E 215 29.93 -7.83 -27.11
CA THR E 215 30.50 -8.73 -26.10
C THR E 215 30.87 -10.06 -26.76
N LEU E 216 29.88 -10.64 -27.45
CA LEU E 216 30.04 -11.92 -28.13
C LEU E 216 31.12 -11.83 -29.18
N CYS E 217 30.91 -10.93 -30.13
CA CYS E 217 31.83 -10.71 -31.24
C CYS E 217 33.24 -10.73 -30.78
N GLN E 218 33.49 -9.97 -29.74
CA GLN E 218 34.83 -9.91 -29.21
C GLN E 218 35.27 -11.34 -28.93
N ALA E 219 34.46 -12.05 -28.15
CA ALA E 219 34.74 -13.45 -27.81
C ALA E 219 35.29 -14.18 -29.05
N LEU E 220 34.43 -14.47 -30.01
CA LEU E 220 34.84 -15.13 -31.24
C LEU E 220 36.21 -14.66 -31.68
N ALA E 221 36.35 -13.33 -31.74
CA ALA E 221 37.58 -12.66 -32.17
C ALA E 221 38.83 -13.38 -31.69
N TYR E 222 38.75 -13.88 -30.46
CA TYR E 222 39.82 -14.62 -29.83
C TYR E 222 39.53 -16.09 -30.05
N SER E 223 38.31 -16.47 -29.71
CA SER E 223 37.89 -17.84 -29.85
C SER E 223 38.30 -18.47 -31.16
N VAL E 224 38.29 -17.71 -32.26
CA VAL E 224 38.67 -18.28 -33.58
C VAL E 224 40.14 -18.72 -33.80
N PRO E 225 41.09 -17.80 -33.63
CA PRO E 225 42.50 -18.12 -33.81
C PRO E 225 43.02 -18.95 -32.65
N SER E 226 42.51 -18.66 -31.46
CA SER E 226 42.92 -19.40 -30.27
C SER E 226 42.52 -20.85 -30.41
N GLY E 227 41.32 -21.10 -30.92
CA GLY E 227 40.83 -22.45 -31.08
C GLY E 227 39.94 -22.75 -29.89
N ASP E 228 39.89 -21.81 -28.93
CA ASP E 228 39.06 -21.99 -27.75
C ASP E 228 37.64 -21.46 -27.97
N TRP E 229 36.70 -22.34 -28.28
CA TRP E 229 35.33 -21.91 -28.48
C TRP E 229 34.60 -22.08 -27.20
N TYR E 230 35.12 -22.90 -26.29
CA TYR E 230 34.41 -23.10 -25.03
C TYR E 230 34.12 -21.76 -24.35
N SER E 231 35.06 -20.83 -24.53
CA SER E 231 34.97 -19.50 -23.95
C SER E 231 33.68 -18.78 -24.35
N LEU E 232 33.12 -19.16 -25.49
CA LEU E 232 31.91 -18.51 -25.96
C LEU E 232 30.82 -18.71 -24.94
N LEU E 233 30.89 -19.82 -24.21
CA LEU E 233 29.86 -20.11 -23.22
C LEU E 233 29.38 -18.79 -22.65
N ALA E 234 30.33 -18.06 -22.10
CA ALA E 234 30.08 -16.77 -21.53
C ALA E 234 28.98 -16.02 -22.26
N ALA E 235 29.31 -15.54 -23.45
CA ALA E 235 28.38 -14.72 -24.24
C ALA E 235 27.09 -15.33 -24.76
N LEU E 236 27.10 -16.63 -24.99
CA LEU E 236 25.93 -17.32 -25.54
C LEU E 236 24.99 -17.83 -24.49
N ASN E 237 25.55 -18.15 -23.33
CA ASN E 237 24.74 -18.67 -22.24
C ASN E 237 23.90 -17.52 -21.75
N HIS E 238 22.58 -17.68 -21.69
CA HIS E 238 21.69 -16.60 -21.23
C HIS E 238 20.31 -16.73 -21.84
N GLU E 239 19.32 -16.07 -21.22
CA GLU E 239 17.94 -16.08 -21.68
C GLU E 239 17.86 -15.86 -23.19
N GLN E 240 18.62 -14.91 -23.72
CA GLN E 240 18.61 -14.61 -25.15
C GLN E 240 19.44 -15.53 -26.03
N ALA E 241 19.64 -16.75 -25.56
CA ALA E 241 20.41 -17.73 -26.29
C ALA E 241 20.01 -17.81 -27.76
N PRO E 242 18.72 -18.07 -28.03
CA PRO E 242 18.34 -18.15 -29.44
C PRO E 242 18.82 -16.91 -30.14
N ALA E 243 18.27 -15.78 -29.73
CA ALA E 243 18.65 -14.50 -30.29
C ALA E 243 20.14 -14.37 -30.58
N ARG E 244 20.96 -14.64 -29.57
CA ARG E 244 22.39 -14.53 -29.74
C ARG E 244 22.91 -15.61 -30.69
N LEU E 245 22.42 -16.84 -30.51
CA LEU E 245 22.83 -17.94 -31.35
C LEU E 245 22.69 -17.52 -32.80
N HIS E 246 21.53 -16.97 -33.12
CA HIS E 246 21.26 -16.47 -34.47
C HIS E 246 22.39 -15.54 -34.95
N TRP E 247 22.95 -14.76 -34.02
CA TRP E 247 24.04 -13.87 -34.39
C TRP E 247 25.25 -14.69 -34.77
N LEU E 248 25.74 -15.52 -33.84
CA LEU E 248 26.93 -16.32 -34.15
C LEU E 248 26.79 -16.97 -35.52
N ALA E 249 25.55 -17.29 -35.88
CA ALA E 249 25.32 -17.92 -37.18
C ALA E 249 25.68 -16.94 -38.29
N THR E 250 24.87 -15.90 -38.43
CA THR E 250 25.05 -14.87 -39.42
C THR E 250 26.54 -14.73 -39.74
N LEU E 251 27.33 -14.32 -38.75
CA LEU E 251 28.75 -14.20 -38.95
C LEU E 251 29.20 -15.45 -39.65
N LEU E 252 29.05 -16.59 -38.99
CA LEU E 252 29.44 -17.83 -39.61
C LEU E 252 29.17 -17.79 -41.11
N ASP E 254 28.77 -15.60 -42.98
CA ASP E 254 29.50 -14.51 -43.65
C ASP E 254 30.86 -14.99 -44.03
N ALA E 255 31.39 -15.89 -43.21
CA ALA E 255 32.69 -16.47 -43.45
C ALA E 255 32.58 -17.34 -44.71
N LEU E 256 31.51 -18.12 -44.77
CA LEU E 256 31.29 -18.95 -45.93
C LEU E 256 31.04 -18.02 -47.06
N LYS E 257 30.25 -17.00 -46.79
CA LYS E 257 29.92 -16.06 -47.84
C LYS E 257 31.18 -15.49 -48.48
N ARG E 258 32.20 -15.23 -47.66
CA ARG E 258 33.45 -14.70 -48.19
C ARG E 258 34.19 -15.80 -48.89
N HIS E 259 34.30 -16.95 -48.24
CA HIS E 259 35.01 -18.08 -48.82
C HIS E 259 34.74 -18.31 -50.32
N HIS E 260 33.53 -17.96 -50.78
CA HIS E 260 33.11 -18.14 -52.18
C HIS E 260 33.20 -16.85 -52.98
N GLY E 261 33.37 -15.73 -52.28
CA GLY E 261 33.51 -14.42 -52.90
C GLY E 261 32.26 -13.57 -53.04
N ALA E 262 31.28 -13.86 -52.21
CA ALA E 262 30.03 -13.12 -52.24
C ALA E 262 30.29 -11.65 -52.07
N ALA E 263 29.56 -10.82 -52.78
CA ALA E 263 29.76 -9.40 -52.63
C ALA E 263 29.05 -8.88 -51.35
N GLN E 264 28.13 -9.64 -50.76
CA GLN E 264 27.48 -9.06 -49.60
C GLN E 264 27.55 -9.80 -48.28
N VAL E 265 28.18 -9.14 -47.30
CA VAL E 265 28.29 -9.67 -45.93
C VAL E 265 27.35 -8.88 -44.99
N THR E 266 26.67 -9.60 -44.10
CA THR E 266 25.70 -9.00 -43.18
C THR E 266 26.32 -8.24 -42.06
N ASN E 267 27.22 -8.88 -41.33
CA ASN E 267 27.87 -8.19 -40.22
C ASN E 267 29.05 -7.41 -40.82
N VAL E 268 28.70 -6.29 -41.46
CA VAL E 268 29.64 -5.36 -42.09
C VAL E 268 30.30 -4.63 -40.95
N ASP E 269 29.64 -4.76 -39.82
CA ASP E 269 30.05 -4.18 -38.58
C ASP E 269 31.50 -4.52 -38.28
N VAL E 270 31.82 -5.79 -38.34
CA VAL E 270 33.14 -6.21 -37.99
C VAL E 270 33.85 -6.98 -39.07
N PRO E 271 34.15 -6.34 -40.21
CA PRO E 271 34.86 -7.13 -41.23
C PRO E 271 36.11 -7.88 -40.77
N GLY E 272 36.74 -7.38 -39.71
CA GLY E 272 37.92 -8.04 -39.21
C GLY E 272 37.58 -9.45 -38.74
N LEU E 273 36.51 -9.53 -37.96
CA LEU E 273 36.04 -10.78 -37.40
C LEU E 273 35.67 -11.81 -38.42
N VAL E 274 34.85 -11.45 -39.40
CA VAL E 274 34.44 -12.42 -40.41
C VAL E 274 35.61 -12.92 -41.30
N ALA E 275 36.56 -12.06 -41.60
CA ALA E 275 37.67 -12.54 -42.40
C ALA E 275 38.51 -13.50 -41.56
N GLU E 276 38.66 -13.20 -40.28
CA GLU E 276 39.48 -14.08 -39.49
C GLU E 276 38.84 -15.45 -39.50
N LEU E 277 37.51 -15.50 -39.49
CA LEU E 277 36.83 -16.79 -39.52
C LEU E 277 37.07 -17.48 -40.84
N ALA E 278 36.92 -16.73 -41.91
CA ALA E 278 37.12 -17.28 -43.24
C ALA E 278 38.57 -17.69 -43.38
N ASN E 279 39.25 -17.93 -42.26
CA ASN E 279 40.64 -18.36 -42.28
C ASN E 279 40.89 -19.66 -41.52
N HIS E 280 40.87 -19.58 -40.19
CA HIS E 280 41.11 -20.77 -39.38
C HIS E 280 39.93 -21.71 -39.53
N LEU E 281 39.09 -21.44 -40.51
CA LEU E 281 37.94 -22.30 -40.72
C LEU E 281 37.55 -22.57 -42.16
N SER E 282 38.13 -23.64 -42.71
CA SER E 282 37.84 -24.05 -44.07
C SER E 282 36.35 -23.91 -44.32
N PRO E 283 35.94 -23.97 -45.59
CA PRO E 283 34.50 -23.84 -45.82
C PRO E 283 33.75 -24.89 -45.00
N SER E 284 33.96 -26.15 -45.38
CA SER E 284 33.32 -27.32 -44.74
C SER E 284 33.21 -27.37 -43.22
N ARG E 285 34.00 -26.56 -42.52
CA ARG E 285 33.94 -26.57 -41.06
C ARG E 285 33.01 -25.47 -40.54
N LEU E 286 32.88 -24.39 -41.29
CA LEU E 286 31.95 -23.37 -40.86
C LEU E 286 30.73 -24.23 -40.96
N GLN E 287 30.41 -24.60 -42.18
CA GLN E 287 29.25 -25.45 -42.52
C GLN E 287 28.71 -26.26 -41.36
N ALA E 288 29.59 -27.08 -40.79
CA ALA E 288 29.19 -27.93 -39.68
C ALA E 288 28.78 -27.06 -38.50
N ILE E 289 29.65 -26.14 -38.11
CA ILE E 289 29.37 -25.23 -37.00
C ILE E 289 28.05 -24.49 -37.23
N LEU E 290 27.90 -23.85 -38.39
CA LEU E 290 26.67 -23.16 -38.76
C LEU E 290 25.56 -24.18 -38.49
N GLY E 291 25.89 -25.42 -38.83
CA GLY E 291 24.97 -26.52 -38.62
C GLY E 291 24.57 -26.61 -37.17
N ASP E 292 25.38 -27.25 -36.34
CA ASP E 292 25.05 -27.41 -34.92
C ASP E 292 24.42 -26.17 -34.31
N VAL E 293 24.93 -24.99 -34.66
CA VAL E 293 24.41 -23.75 -34.10
C VAL E 293 22.97 -23.51 -34.48
N CYS E 294 22.63 -23.68 -35.74
CA CYS E 294 21.25 -23.48 -36.12
C CYS E 294 20.36 -24.53 -35.47
N HIS E 295 20.95 -25.68 -35.19
CA HIS E 295 20.18 -26.75 -34.60
C HIS E 295 20.01 -26.45 -33.14
N ILE E 296 21.08 -26.62 -32.36
CA ILE E 296 21.00 -26.37 -30.92
C ILE E 296 20.09 -25.21 -30.64
N ARG E 297 20.38 -24.03 -31.20
CA ARG E 297 19.51 -22.89 -30.97
C ARG E 297 18.08 -23.40 -30.96
N GLU E 298 17.66 -23.89 -32.10
CA GLU E 298 16.32 -24.40 -32.27
C GLU E 298 15.88 -25.35 -31.15
N GLN E 299 16.76 -26.22 -30.66
CA GLN E 299 16.37 -27.14 -29.58
C GLN E 299 15.83 -26.29 -28.44
N LEU E 300 16.66 -25.36 -27.95
CA LEU E 300 16.26 -24.47 -26.87
C LEU E 300 14.91 -23.88 -27.20
N SER E 302 12.39 -24.70 -29.02
CA SER E 302 11.29 -25.62 -28.92
C SER E 302 11.16 -26.43 -27.65
N VAL E 303 12.11 -27.33 -27.41
CA VAL E 303 12.09 -28.19 -26.23
C VAL E 303 11.89 -27.47 -24.93
N THR E 304 10.63 -27.28 -24.57
CA THR E 304 10.22 -26.60 -23.35
C THR E 304 11.29 -26.13 -22.40
N GLY E 305 11.88 -27.02 -21.61
CA GLY E 305 12.91 -26.55 -20.68
C GLY E 305 14.26 -27.24 -20.58
N ILE E 306 15.02 -27.28 -21.67
CA ILE E 306 16.30 -27.96 -21.60
C ILE E 306 17.24 -27.22 -20.68
N ASN E 307 18.41 -27.80 -20.44
CA ASN E 307 19.38 -27.20 -19.54
C ASN E 307 20.36 -26.29 -20.24
N ARG E 308 19.86 -25.28 -20.94
CA ARG E 308 20.69 -24.33 -21.68
C ARG E 308 22.19 -24.47 -21.47
N GLU E 309 22.65 -24.45 -20.21
CA GLU E 309 24.07 -24.57 -19.94
C GLU E 309 24.64 -25.80 -20.62
N LEU E 310 24.03 -26.95 -20.31
CA LEU E 310 24.44 -28.21 -20.88
C LEU E 310 24.54 -28.06 -22.40
N LEU E 311 23.39 -27.92 -23.05
CA LEU E 311 23.34 -27.74 -24.50
C LEU E 311 24.53 -26.92 -25.02
N ILE E 312 24.48 -25.62 -24.78
CA ILE E 312 25.54 -24.72 -25.24
C ILE E 312 26.95 -25.16 -24.87
N THR E 313 27.13 -25.70 -23.67
CA THR E 313 28.45 -26.16 -23.22
C THR E 313 28.88 -27.42 -23.95
N ASP E 314 27.94 -28.00 -24.70
CA ASP E 314 28.20 -29.24 -25.46
C ASP E 314 28.54 -28.92 -26.90
N LEU E 315 27.74 -27.99 -27.42
CA LEU E 315 27.86 -27.48 -28.76
C LEU E 315 29.28 -27.03 -28.92
N LEU E 316 29.67 -26.14 -28.02
CA LEU E 316 30.99 -25.59 -28.02
C LEU E 316 32.09 -26.60 -28.05
N LEU E 317 32.22 -27.40 -26.99
CA LEU E 317 33.26 -28.41 -26.94
C LEU E 317 33.33 -29.22 -28.24
N ARG E 318 32.15 -29.64 -28.73
CA ARG E 318 32.07 -30.41 -29.97
C ARG E 318 32.64 -29.57 -31.13
N ILE E 319 32.27 -28.30 -31.22
CA ILE E 319 32.83 -27.51 -32.31
C ILE E 319 34.32 -27.71 -32.33
N GLU E 320 34.91 -27.53 -31.15
CA GLU E 320 36.32 -27.70 -30.97
C GLU E 320 36.72 -29.04 -31.56
N HIS E 321 35.90 -30.04 -31.30
CA HIS E 321 36.18 -31.35 -31.83
C HIS E 321 36.26 -31.28 -33.35
N TYR E 322 35.25 -30.65 -33.98
CA TYR E 322 35.22 -30.56 -35.45
C TYR E 322 36.55 -30.06 -35.95
N LEU E 323 37.04 -29.05 -35.26
CA LEU E 323 38.29 -28.43 -35.61
C LEU E 323 39.41 -29.45 -35.63
N GLN E 324 39.62 -30.14 -34.51
CA GLN E 324 40.69 -31.14 -34.44
C GLN E 324 40.77 -31.86 -35.77
N PRO E 325 41.99 -32.09 -36.29
CA PRO E 325 42.06 -32.77 -37.58
C PRO E 325 41.74 -34.23 -37.42
N GLY E 326 41.45 -34.88 -38.55
CA GLY E 326 41.13 -36.29 -38.52
C GLY E 326 39.67 -36.43 -38.18
N VAL E 327 39.18 -35.62 -37.25
CA VAL E 327 37.79 -35.69 -36.86
C VAL E 327 36.92 -35.68 -38.12
N VAL E 328 35.79 -36.38 -38.11
CA VAL E 328 34.89 -36.39 -39.27
C VAL E 328 33.65 -35.52 -39.01
N LEU E 329 33.23 -34.77 -40.03
CA LEU E 329 32.10 -33.83 -39.94
C LEU E 329 30.66 -34.17 -40.28
N PRO E 330 29.73 -33.68 -39.45
CA PRO E 330 28.28 -33.81 -39.50
C PRO E 330 27.64 -33.37 -40.81
N VAL E 331 26.75 -34.20 -41.34
CA VAL E 331 26.04 -33.90 -42.58
C VAL E 331 24.53 -33.91 -42.34
N PRO E 332 23.77 -33.09 -43.06
CA PRO E 332 22.32 -33.09 -42.85
C PRO E 332 21.77 -34.47 -43.20
N HIS E 333 20.67 -34.87 -42.54
CA HIS E 333 20.19 -36.24 -42.70
C HIS E 333 18.76 -36.71 -43.03
N LEU E 334 18.68 -38.02 -42.84
CA LEU E 334 17.53 -38.87 -43.08
C LEU E 334 17.89 -39.63 -44.35
N ILE F 2 -38.79 -2.69 53.01
CA ILE F 2 -37.99 -3.77 52.46
C ILE F 2 -36.80 -3.21 51.72
N ARG F 3 -35.61 -3.30 52.32
CA ARG F 3 -34.41 -2.83 51.66
C ARG F 3 -33.90 -3.94 50.74
N LEU F 4 -33.77 -3.64 49.46
CA LEU F 4 -33.32 -4.64 48.50
C LEU F 4 -32.54 -4.03 47.34
N TYR F 5 -31.99 -4.91 46.49
CA TYR F 5 -31.21 -4.49 45.34
C TYR F 5 -32.04 -4.48 44.06
N PRO F 6 -31.66 -3.63 43.09
CA PRO F 6 -32.34 -3.50 41.80
C PRO F 6 -32.58 -4.84 41.11
N GLU F 7 -31.91 -5.88 41.58
CA GLU F 7 -32.02 -7.22 41.01
C GLU F 7 -33.21 -7.98 41.57
N GLN F 8 -33.65 -7.57 42.75
CA GLN F 8 -34.75 -8.20 43.45
C GLN F 8 -36.04 -7.38 43.42
N LEU F 9 -36.00 -6.24 42.74
CA LEU F 9 -37.15 -5.35 42.64
C LEU F 9 -38.28 -5.98 41.80
N ARG F 10 -37.91 -6.57 40.66
CA ARG F 10 -38.88 -7.19 39.77
C ARG F 10 -39.62 -8.35 40.43
N ALA F 11 -39.01 -8.99 41.41
CA ALA F 11 -39.64 -10.12 42.09
C ALA F 11 -40.62 -9.63 43.16
N GLN F 12 -40.27 -8.53 43.81
CA GLN F 12 -41.11 -7.95 44.85
C GLN F 12 -42.28 -7.20 44.23
N LEU F 13 -42.07 -6.67 43.04
CA LEU F 13 -43.10 -5.93 42.32
C LEU F 13 -44.22 -6.83 41.79
N ASN F 14 -44.01 -8.14 41.87
CA ASN F 14 -45.00 -9.10 41.40
C ASN F 14 -45.97 -9.47 42.50
N GLU F 15 -45.45 -9.55 43.73
CA GLU F 15 -46.27 -9.88 44.88
C GLU F 15 -47.33 -8.81 45.07
N GLY F 16 -46.90 -7.54 45.15
CA GLY F 16 -47.84 -6.47 45.33
C GLY F 16 -47.27 -5.07 45.45
N LEU F 17 -47.66 -4.20 44.53
CA LEU F 17 -47.21 -2.82 44.50
C LEU F 17 -47.36 -2.22 45.90
N ARG F 18 -46.34 -1.47 46.32
CA ARG F 18 -46.36 -0.84 47.64
C ARG F 18 -46.68 0.64 47.57
N ALA F 19 -46.68 1.28 48.73
CA ALA F 19 -46.98 2.70 48.86
C ALA F 19 -46.01 3.59 48.10
N ALA F 20 -44.80 3.70 48.64
CA ALA F 20 -43.76 4.51 48.04
C ALA F 20 -42.47 3.72 47.84
N TYR F 21 -41.69 4.13 46.84
CA TYR F 21 -40.43 3.49 46.55
C TYR F 21 -39.31 4.50 46.70
N LEU F 22 -38.22 4.08 47.34
CA LEU F 22 -37.07 4.95 47.58
C LEU F 22 -35.81 4.53 46.82
N LEU F 23 -35.54 5.21 45.72
CA LEU F 23 -34.36 4.91 44.91
C LEU F 23 -33.18 5.72 45.42
N LEU F 24 -32.36 5.11 46.27
CA LEU F 24 -31.19 5.78 46.84
C LEU F 24 -29.89 5.20 46.28
N GLY F 25 -29.15 6.01 45.53
CA GLY F 25 -27.91 5.56 44.96
C GLY F 25 -27.19 6.61 44.12
N ASN F 26 -26.18 6.18 43.38
CA ASN F 26 -25.42 7.10 42.54
C ASN F 26 -25.40 6.69 41.08
N ASP F 27 -25.58 5.40 40.81
CA ASP F 27 -25.56 4.88 39.45
C ASP F 27 -26.74 5.26 38.56
N PRO F 28 -26.53 6.20 37.63
CA PRO F 28 -27.53 6.71 36.68
C PRO F 28 -28.30 5.64 35.93
N LEU F 29 -27.75 4.44 35.83
CA LEU F 29 -28.46 3.37 35.15
C LEU F 29 -29.29 2.58 36.13
N LEU F 30 -28.74 2.30 37.30
CA LEU F 30 -29.46 1.55 38.32
C LEU F 30 -30.70 2.29 38.81
N LEU F 31 -30.68 3.61 38.71
CA LEU F 31 -31.82 4.42 39.13
C LEU F 31 -32.85 4.44 38.01
N GLN F 32 -32.36 4.51 36.78
CA GLN F 32 -33.23 4.51 35.60
C GLN F 32 -34.08 3.24 35.51
N GLU F 33 -33.42 2.08 35.52
CA GLU F 33 -34.10 0.79 35.41
C GLU F 33 -35.04 0.44 36.55
N SER F 34 -34.67 0.80 37.77
CA SER F 34 -35.53 0.51 38.92
C SER F 34 -36.75 1.42 38.88
N GLN F 35 -36.55 2.65 38.39
CA GLN F 35 -37.62 3.61 38.30
C GLN F 35 -38.59 3.25 37.17
N ASP F 36 -38.03 2.85 36.03
CA ASP F 36 -38.87 2.47 34.90
C ASP F 36 -39.56 1.14 35.21
N ALA F 37 -38.94 0.36 36.08
CA ALA F 37 -39.49 -0.93 36.47
C ALA F 37 -40.82 -0.73 37.19
N VAL F 38 -40.87 0.29 38.05
CA VAL F 38 -42.06 0.61 38.82
C VAL F 38 -43.19 1.17 37.96
N ARG F 39 -42.92 2.27 37.27
CA ARG F 39 -43.93 2.91 36.42
C ARG F 39 -44.44 1.99 35.31
N GLN F 40 -43.78 0.85 35.14
CA GLN F 40 -44.19 -0.11 34.12
C GLN F 40 -45.29 -1.00 34.70
N VAL F 41 -45.17 -1.32 35.99
CA VAL F 41 -46.14 -2.15 36.69
C VAL F 41 -47.33 -1.30 37.14
N ALA F 42 -47.08 -0.01 37.28
CA ALA F 42 -48.11 0.95 37.70
C ALA F 42 -49.00 1.31 36.52
N ALA F 43 -48.39 1.83 35.46
CA ALA F 43 -49.13 2.22 34.26
C ALA F 43 -50.03 1.06 33.81
N ALA F 44 -49.64 -0.16 34.17
CA ALA F 44 -50.39 -1.35 33.82
C ALA F 44 -51.63 -1.50 34.69
N GLN F 45 -51.64 -0.79 35.82
CA GLN F 45 -52.78 -0.84 36.73
C GLN F 45 -53.79 0.23 36.33
N GLY F 46 -53.35 1.50 36.32
CA GLY F 46 -54.24 2.57 35.95
C GLY F 46 -53.72 3.96 36.29
N PHE F 47 -52.42 4.08 36.49
CA PHE F 47 -51.82 5.37 36.82
C PHE F 47 -51.49 6.14 35.54
N GLU F 48 -52.48 6.80 34.98
CA GLU F 48 -52.29 7.55 33.74
C GLU F 48 -51.33 8.73 33.97
N GLU F 49 -51.67 9.57 34.94
CA GLU F 49 -50.85 10.74 35.26
C GLU F 49 -49.54 10.36 35.94
N HIS F 50 -48.47 11.04 35.54
CA HIS F 50 -47.15 10.83 36.11
C HIS F 50 -46.57 12.21 36.34
N HIS F 51 -46.02 12.46 37.52
CA HIS F 51 -45.43 13.76 37.82
C HIS F 51 -44.03 13.62 38.40
N THR F 52 -43.18 14.59 38.09
CA THR F 52 -41.80 14.61 38.56
C THR F 52 -41.48 16.03 39.01
N PHE F 53 -40.59 16.17 39.99
CA PHE F 53 -40.25 17.49 40.51
C PHE F 53 -38.79 17.89 40.59
N SER F 54 -38.57 19.20 40.63
CA SER F 54 -37.24 19.78 40.76
C SER F 54 -37.20 20.27 42.20
N ILE F 55 -36.94 19.35 43.13
CA ILE F 55 -36.92 19.65 44.55
C ILE F 55 -35.63 20.34 45.03
N ASP F 56 -34.90 20.94 44.10
CA ASP F 56 -33.67 21.61 44.46
C ASP F 56 -33.84 23.12 44.69
N PRO F 57 -34.74 23.77 43.96
CA PRO F 57 -34.93 25.21 44.15
C PRO F 57 -35.61 25.55 45.48
N ASN F 58 -36.53 24.70 45.91
CA ASN F 58 -37.27 24.94 47.14
C ASN F 58 -38.15 26.14 46.81
N THR F 59 -38.01 26.61 45.57
CA THR F 59 -38.77 27.76 45.08
C THR F 59 -40.25 27.43 45.01
N ASP F 60 -41.03 28.03 45.92
CA ASP F 60 -42.47 27.85 45.99
C ASP F 60 -42.96 26.59 46.70
N TRP F 61 -43.34 26.76 47.96
CA TRP F 61 -43.88 25.68 48.76
C TRP F 61 -45.27 25.55 48.18
N ASN F 62 -45.66 26.61 47.48
CA ASN F 62 -46.96 26.70 46.82
C ASN F 62 -47.00 25.63 45.74
N ALA F 63 -45.83 25.17 45.32
CA ALA F 63 -45.73 24.12 44.29
C ALA F 63 -45.98 22.77 44.95
N ILE F 64 -45.49 22.61 46.17
CA ILE F 64 -45.67 21.37 46.93
C ILE F 64 -47.16 21.23 47.29
N PHE F 65 -47.74 22.28 47.87
CA PHE F 65 -49.15 22.27 48.23
C PHE F 65 -49.97 22.00 46.97
N SER F 66 -49.65 22.73 45.90
CA SER F 66 -50.33 22.58 44.63
C SER F 66 -50.32 21.12 44.22
N LEU F 67 -49.19 20.47 44.49
CA LEU F 67 -49.04 19.06 44.17
C LEU F 67 -49.95 18.25 45.09
N CYS F 68 -49.72 18.37 46.39
CA CYS F 68 -50.48 17.67 47.40
C CYS F 68 -51.96 17.61 47.01
N GLN F 69 -52.47 18.71 46.47
CA GLN F 69 -53.87 18.79 46.04
C GLN F 69 -54.09 17.85 44.86
N ALA F 70 -53.18 17.90 43.89
CA ALA F 70 -53.29 17.06 42.71
C ALA F 70 -53.26 15.59 43.11
N SER F 72 -54.47 14.51 46.12
CA SER F 72 -55.68 14.24 46.93
C SER F 72 -57.01 14.60 46.22
N LEU F 73 -57.03 15.48 45.20
CA LEU F 73 -58.33 15.75 44.56
C LEU F 73 -58.53 14.99 43.27
N PHE F 74 -57.49 14.29 42.83
CA PHE F 74 -57.58 13.46 41.61
C PHE F 74 -58.16 12.11 42.00
N ALA F 75 -59.17 11.68 41.28
CA ALA F 75 -59.94 10.48 41.64
C ALA F 75 -59.40 9.10 41.33
N SER F 76 -58.52 8.94 40.34
CA SER F 76 -58.09 7.55 40.08
C SER F 76 -56.60 7.28 40.10
N ARG F 77 -56.25 6.04 39.80
CA ARG F 77 -54.86 5.60 39.83
C ARG F 77 -53.84 6.61 39.23
N GLN F 78 -52.79 7.06 40.02
CA GLN F 78 -51.74 8.05 39.52
C GLN F 78 -50.27 7.88 40.16
N THR F 79 -49.28 8.90 40.14
CA THR F 79 -47.89 8.71 40.75
C THR F 79 -46.85 9.83 40.49
N LEU F 80 -46.31 10.39 41.61
CA LEU F 80 -45.32 11.48 41.56
C LEU F 80 -43.89 11.01 41.86
N LEU F 81 -42.92 11.75 41.30
CA LEU F 81 -41.52 11.43 41.46
C LEU F 81 -40.75 12.60 42.06
N LEU F 82 -40.29 12.42 43.28
CA LEU F 82 -39.53 13.44 43.99
C LEU F 82 -38.03 13.31 43.69
N LEU F 83 -37.41 14.41 43.30
CA LEU F 83 -35.99 14.41 43.00
C LEU F 83 -35.23 15.14 44.10
N LEU F 84 -34.60 14.36 44.98
CA LEU F 84 -33.84 14.90 46.10
C LEU F 84 -32.61 15.69 45.65
N PRO F 85 -32.20 16.68 46.46
CA PRO F 85 -31.03 17.50 46.16
C PRO F 85 -29.82 16.62 45.94
N GLU F 86 -28.77 17.18 45.34
CA GLU F 86 -27.57 16.42 45.10
C GLU F 86 -26.85 16.24 46.44
N ASN F 87 -27.11 17.18 47.35
CA ASN F 87 -26.51 17.14 48.68
C ASN F 87 -27.38 16.32 49.62
N GLY F 88 -28.50 15.83 49.09
CA GLY F 88 -29.40 15.02 49.89
C GLY F 88 -30.43 15.88 50.59
N PRO F 89 -31.42 15.25 51.24
CA PRO F 89 -32.48 15.96 51.97
C PRO F 89 -31.92 16.75 53.15
N ASN F 90 -31.96 18.08 53.05
CA ASN F 90 -31.46 18.93 54.13
C ASN F 90 -32.43 18.99 55.30
N ALA F 91 -32.19 19.93 56.21
CA ALA F 91 -33.04 20.09 57.39
C ALA F 91 -34.46 20.51 57.04
N ALA F 92 -34.60 21.40 56.05
CA ALA F 92 -35.89 21.90 55.61
C ALA F 92 -36.76 20.84 54.93
N ILE F 93 -36.15 20.02 54.08
CA ILE F 93 -36.88 18.98 53.36
C ILE F 93 -37.46 17.91 54.28
N ASN F 94 -36.75 17.57 55.34
CA ASN F 94 -37.21 16.56 56.29
C ASN F 94 -38.55 16.92 56.88
N GLU F 95 -39.04 18.10 56.55
CA GLU F 95 -40.33 18.59 57.03
C GLU F 95 -41.33 18.66 55.89
N GLN F 96 -40.87 19.14 54.74
CA GLN F 96 -41.74 19.25 53.58
C GLN F 96 -42.18 17.86 53.17
N LEU F 97 -41.32 16.87 53.44
CA LEU F 97 -41.61 15.48 53.12
C LEU F 97 -42.45 14.80 54.20
N LEU F 98 -42.17 15.09 55.46
CA LEU F 98 -42.95 14.50 56.54
C LEU F 98 -44.40 14.88 56.29
N THR F 99 -44.61 16.14 55.91
CA THR F 99 -45.95 16.65 55.64
C THR F 99 -46.59 15.85 54.51
N LEU F 100 -45.76 15.26 53.66
CA LEU F 100 -46.24 14.47 52.54
C LEU F 100 -46.49 13.01 52.90
N THR F 101 -45.93 12.56 54.01
CA THR F 101 -46.13 11.17 54.41
C THR F 101 -47.50 10.98 55.03
N GLY F 102 -48.02 12.04 55.62
CA GLY F 102 -49.34 11.97 56.21
C GLY F 102 -50.41 12.17 55.16
N LEU F 103 -50.00 12.19 53.89
CA LEU F 103 -50.92 12.36 52.77
C LEU F 103 -50.97 11.09 51.94
N LEU F 104 -50.48 10.00 52.52
CA LEU F 104 -50.43 8.71 51.85
C LEU F 104 -51.76 7.95 51.77
N HIS F 105 -52.05 7.43 50.59
CA HIS F 105 -53.27 6.65 50.38
C HIS F 105 -53.11 5.72 49.19
N ASP F 106 -53.79 4.58 49.24
CA ASP F 106 -53.72 3.58 48.18
C ASP F 106 -53.83 4.14 46.76
N ASP F 107 -54.35 5.35 46.59
CA ASP F 107 -54.49 5.93 45.25
C ASP F 107 -53.56 7.11 45.01
N LEU F 108 -52.26 6.83 45.11
CA LEU F 108 -51.22 7.83 44.93
C LEU F 108 -49.91 7.11 45.24
N LEU F 109 -49.14 6.78 44.21
CA LEU F 109 -47.87 6.07 44.41
C LEU F 109 -46.67 7.01 44.37
N LEU F 110 -45.94 7.05 45.47
CA LEU F 110 -44.76 7.92 45.58
C LEU F 110 -43.47 7.25 45.13
N ILE F 111 -42.63 8.04 44.48
CA ILE F 111 -41.34 7.56 43.99
C ILE F 111 -40.31 8.64 44.30
N VAL F 112 -39.43 8.36 45.26
CA VAL F 112 -38.40 9.32 45.62
C VAL F 112 -37.03 8.77 45.24
N ARG F 113 -36.22 9.59 44.58
CA ARG F 113 -34.90 9.14 44.19
C ARG F 113 -33.82 10.19 44.38
N GLY F 114 -32.63 9.71 44.74
CA GLY F 114 -31.49 10.57 44.98
C GLY F 114 -30.38 9.69 45.51
N ASN F 115 -29.23 10.27 45.80
CA ASN F 115 -28.10 9.51 46.33
C ASN F 115 -28.37 8.99 47.74
N LYS F 116 -27.76 7.85 48.07
CA LYS F 116 -27.94 7.24 49.38
C LYS F 116 -27.93 8.28 50.51
N LEU F 117 -28.65 7.97 51.58
CA LEU F 117 -28.77 8.87 52.73
C LEU F 117 -27.85 8.48 53.87
N SER F 118 -27.32 9.48 54.58
CA SER F 118 -26.44 9.22 55.71
C SER F 118 -27.26 8.69 56.87
N LYS F 119 -26.58 8.41 57.98
CA LYS F 119 -27.21 7.90 59.18
C LYS F 119 -28.17 8.90 59.82
N ALA F 120 -27.92 10.19 59.58
CA ALA F 120 -28.77 11.25 60.14
C ALA F 120 -30.03 11.46 59.31
N GLN F 121 -29.88 11.45 57.99
CA GLN F 121 -31.02 11.65 57.09
C GLN F 121 -32.00 10.49 57.11
N GLU F 122 -31.63 9.38 57.75
CA GLU F 122 -32.50 8.20 57.82
C GLU F 122 -33.33 8.08 59.09
N ASN F 123 -33.26 9.09 59.96
CA ASN F 123 -34.04 9.10 61.19
C ASN F 123 -35.19 10.08 60.97
N ALA F 124 -34.90 11.10 60.17
CA ALA F 124 -35.85 12.16 59.83
C ALA F 124 -37.28 11.66 59.75
N ALA F 125 -38.16 12.37 60.44
CA ALA F 125 -39.58 12.03 60.48
C ALA F 125 -40.12 11.47 59.18
N TRP F 126 -39.93 12.20 58.08
CA TRP F 126 -40.44 11.77 56.78
C TRP F 126 -40.04 10.35 56.40
N PHE F 127 -38.80 9.97 56.72
CA PHE F 127 -38.28 8.65 56.40
C PHE F 127 -38.92 7.54 57.25
N THR F 128 -38.67 7.56 58.55
CA THR F 128 -39.22 6.57 59.47
C THR F 128 -40.72 6.36 59.29
N ALA F 129 -41.39 7.32 58.65
CA ALA F 129 -42.82 7.23 58.42
C ALA F 129 -43.09 6.12 57.43
N LEU F 130 -42.42 6.19 56.28
CA LEU F 130 -42.58 5.19 55.22
C LEU F 130 -41.98 3.86 55.65
N ALA F 131 -41.37 3.85 56.83
CA ALA F 131 -40.73 2.67 57.39
C ALA F 131 -41.71 1.52 57.63
N ASN F 132 -42.50 1.18 56.62
CA ASN F 132 -43.47 0.10 56.74
C ASN F 132 -44.29 -0.05 55.46
N ARG F 133 -44.71 1.08 54.90
CA ARG F 133 -45.51 1.09 53.68
C ARG F 133 -44.64 0.95 52.42
N SER F 134 -43.49 1.62 52.45
CA SER F 134 -42.57 1.65 51.32
C SER F 134 -41.52 0.54 51.21
N VAL F 135 -40.66 0.67 50.22
CA VAL F 135 -39.59 -0.26 49.94
C VAL F 135 -38.37 0.55 49.50
N GLN F 136 -37.17 0.09 49.82
CA GLN F 136 -35.93 0.79 49.45
C GLN F 136 -34.96 -0.03 48.58
N VAL F 137 -34.66 0.52 47.40
CA VAL F 137 -33.76 -0.12 46.45
C VAL F 137 -32.39 0.58 46.44
N THR F 138 -31.33 -0.16 46.77
CA THR F 138 -29.99 0.41 46.80
C THR F 138 -29.40 0.47 45.40
N CYS F 139 -29.40 1.67 44.81
CA CYS F 139 -28.86 1.88 43.47
C CYS F 139 -27.46 2.47 43.50
N GLN F 140 -26.51 1.70 44.00
CA GLN F 140 -25.12 2.18 44.05
C GLN F 140 -24.27 1.49 42.99
N THR F 141 -23.40 2.26 42.34
CA THR F 141 -22.53 1.66 41.33
C THR F 141 -21.62 0.68 42.05
N PRO F 142 -21.69 -0.60 41.65
CA PRO F 142 -20.88 -1.67 42.25
C PRO F 142 -19.38 -1.37 42.33
N GLU F 143 -18.77 -1.77 43.45
CA GLU F 143 -17.35 -1.56 43.68
C GLU F 143 -16.49 -2.28 42.64
N GLN F 144 -15.18 -2.27 42.87
CA GLN F 144 -14.27 -2.91 41.95
C GLN F 144 -14.47 -4.42 41.98
N ALA F 145 -14.76 -4.94 43.17
CA ALA F 145 -14.97 -6.37 43.36
C ALA F 145 -16.22 -6.88 42.64
N GLN F 146 -17.34 -6.20 42.83
CA GLN F 146 -18.59 -6.61 42.22
C GLN F 146 -18.84 -6.11 40.81
N LEU F 147 -17.98 -5.24 40.31
CA LEU F 147 -18.15 -4.73 38.94
C LEU F 147 -18.19 -5.92 37.98
N PRO F 148 -17.35 -6.94 38.20
CA PRO F 148 -17.32 -8.13 37.33
C PRO F 148 -18.53 -9.02 37.62
N ARG F 149 -18.99 -8.96 38.86
CA ARG F 149 -20.15 -9.72 39.31
C ARG F 149 -21.44 -9.18 38.70
N TRP F 150 -21.57 -7.85 38.69
CA TRP F 150 -22.75 -7.18 38.13
C TRP F 150 -22.92 -7.48 36.65
N VAL F 151 -21.80 -7.48 35.92
CA VAL F 151 -21.82 -7.73 34.48
C VAL F 151 -22.11 -9.20 34.19
N ALA F 152 -21.67 -10.07 35.11
CA ALA F 152 -21.91 -11.49 34.95
C ALA F 152 -23.42 -11.71 35.05
N ALA F 153 -24.03 -11.07 36.04
CA ALA F 153 -25.46 -11.18 36.27
C ALA F 153 -26.28 -10.45 35.21
N ARG F 154 -25.86 -9.23 34.86
CA ARG F 154 -26.55 -8.42 33.87
C ARG F 154 -26.51 -9.01 32.46
N ALA F 155 -25.52 -9.85 32.19
CA ALA F 155 -25.37 -10.47 30.88
C ALA F 155 -26.13 -11.79 30.84
N LYS F 156 -26.09 -12.54 31.93
CA LYS F 156 -26.78 -13.82 32.01
C LYS F 156 -28.28 -13.63 31.79
N GLN F 157 -28.82 -12.53 32.29
CA GLN F 157 -30.25 -12.24 32.13
C GLN F 157 -30.54 -11.72 30.74
N LEU F 158 -29.47 -11.48 29.98
CA LEU F 158 -29.59 -11.01 28.61
C LEU F 158 -29.18 -12.20 27.75
N ASN F 159 -29.49 -13.40 28.25
CA ASN F 159 -29.15 -14.67 27.61
C ASN F 159 -27.81 -14.68 26.87
N LEU F 160 -26.73 -14.47 27.62
CA LEU F 160 -25.39 -14.44 27.05
C LEU F 160 -24.37 -15.27 27.85
N GLU F 161 -23.39 -15.83 27.14
CA GLU F 161 -22.33 -16.63 27.77
C GLU F 161 -21.03 -15.86 27.82
N LEU F 162 -20.86 -15.04 28.85
CA LEU F 162 -19.65 -14.23 29.00
C LEU F 162 -18.53 -14.95 29.73
N ASP F 163 -17.39 -15.05 29.05
CA ASP F 163 -16.21 -15.69 29.63
C ASP F 163 -15.59 -14.79 30.69
N ASP F 164 -15.17 -15.41 31.79
CA ASP F 164 -14.55 -14.67 32.88
C ASP F 164 -13.52 -13.72 32.31
N ALA F 165 -12.88 -14.14 31.22
CA ALA F 165 -11.87 -13.33 30.55
C ALA F 165 -12.52 -12.15 29.86
N ALA F 166 -13.42 -12.45 28.92
CA ALA F 166 -14.12 -11.43 28.17
C ALA F 166 -14.76 -10.43 29.12
N ASN F 167 -15.10 -10.90 30.32
CA ASN F 167 -15.73 -10.09 31.36
C ASN F 167 -14.86 -8.92 31.80
N GLN F 168 -13.72 -9.23 32.42
CA GLN F 168 -12.80 -8.19 32.89
C GLN F 168 -12.39 -7.28 31.74
N VAL F 169 -12.41 -7.81 30.52
CA VAL F 169 -12.06 -7.05 29.33
C VAL F 169 -13.01 -5.87 29.26
N LEU F 170 -14.27 -6.16 29.47
CA LEU F 170 -15.31 -5.16 29.45
C LEU F 170 -15.28 -4.34 30.73
N CYS F 171 -14.63 -4.88 31.75
CA CYS F 171 -14.52 -4.21 33.05
C CYS F 171 -13.47 -3.11 33.06
N TYR F 172 -12.27 -3.41 32.57
CA TYR F 172 -11.19 -2.44 32.54
C TYR F 172 -11.39 -1.39 31.47
N CYS F 173 -12.34 -1.63 30.58
CA CYS F 173 -12.71 -0.68 29.55
C CYS F 173 -14.09 -0.29 30.05
N TYR F 174 -14.51 0.94 29.80
CA TYR F 174 -15.80 1.39 30.30
C TYR F 174 -15.84 1.10 31.82
N GLU F 175 -14.75 1.34 32.53
CA GLU F 175 -14.72 1.06 33.96
C GLU F 175 -15.47 2.11 34.79
N GLY F 176 -16.63 1.71 35.32
CA GLY F 176 -17.42 2.64 36.12
C GLY F 176 -18.70 3.08 35.43
N ASN F 177 -18.71 3.04 34.10
CA ASN F 177 -19.88 3.44 33.33
C ASN F 177 -20.75 2.23 33.02
N LEU F 178 -21.64 1.88 33.94
CA LEU F 178 -22.52 0.72 33.75
C LEU F 178 -23.42 0.87 32.53
N LEU F 179 -23.67 2.11 32.10
CA LEU F 179 -24.52 2.37 30.94
C LEU F 179 -23.85 1.82 29.67
N ALA F 180 -22.53 1.98 29.60
CA ALA F 180 -21.76 1.52 28.46
C ALA F 180 -21.61 -0.01 28.52
N LEU F 181 -21.21 -0.51 29.68
CA LEU F 181 -21.05 -1.95 29.87
C LEU F 181 -22.30 -2.67 29.41
N ALA F 182 -23.44 -2.03 29.61
CA ALA F 182 -24.73 -2.59 29.21
C ALA F 182 -24.89 -2.38 27.70
N GLN F 183 -24.69 -1.15 27.25
CA GLN F 183 -24.81 -0.81 25.83
C GLN F 183 -23.89 -1.69 25.02
N ALA F 184 -22.79 -2.09 25.64
CA ALA F 184 -21.83 -2.95 24.99
C ALA F 184 -22.35 -4.38 24.96
N LEU F 185 -22.98 -4.80 26.05
CA LEU F 185 -23.52 -6.16 26.14
C LEU F 185 -24.66 -6.44 25.15
N GLU F 186 -25.33 -5.38 24.69
CA GLU F 186 -26.43 -5.55 23.74
C GLU F 186 -25.98 -5.44 22.28
N ARG F 187 -24.83 -4.79 22.07
CA ARG F 187 -24.27 -4.63 20.73
C ARG F 187 -23.42 -5.88 20.41
N LEU F 188 -22.94 -6.54 21.46
CA LEU F 188 -22.13 -7.75 21.33
C LEU F 188 -23.08 -8.93 21.12
N SER F 189 -24.37 -8.66 21.28
CA SER F 189 -25.42 -9.65 21.12
C SER F 189 -25.95 -9.56 19.68
N LEU F 190 -25.53 -8.51 18.98
CA LEU F 190 -25.93 -8.28 17.59
C LEU F 190 -24.85 -8.75 16.62
N LEU F 191 -23.61 -8.77 17.09
CA LEU F 191 -22.49 -9.21 16.27
C LEU F 191 -22.38 -10.73 16.30
N TRP F 192 -22.63 -11.29 17.49
CA TRP F 192 -22.56 -12.73 17.67
C TRP F 192 -23.88 -13.29 18.19
N PRO F 193 -24.86 -13.50 17.28
CA PRO F 193 -26.16 -14.04 17.67
C PRO F 193 -25.96 -15.35 18.45
N ASP F 194 -24.74 -15.87 18.40
CA ASP F 194 -24.34 -17.09 19.08
C ASP F 194 -24.73 -17.06 20.56
N GLY F 195 -24.35 -15.96 21.21
CA GLY F 195 -24.63 -15.83 22.63
C GLY F 195 -23.36 -16.18 23.37
N LYS F 196 -22.51 -16.97 22.71
CA LYS F 196 -21.23 -17.38 23.29
C LYS F 196 -20.21 -16.26 23.12
N LEU F 197 -20.03 -15.49 24.18
CA LEU F 197 -19.08 -14.39 24.13
C LEU F 197 -17.73 -14.86 24.67
N THR F 198 -16.88 -15.33 23.76
CA THR F 198 -15.55 -15.82 24.11
C THR F 198 -14.55 -14.68 24.18
N LEU F 199 -13.47 -14.88 24.93
CA LEU F 199 -12.44 -13.86 25.06
C LEU F 199 -12.03 -13.36 23.66
N PRO F 200 -11.88 -14.28 22.69
CA PRO F 200 -11.49 -13.94 21.31
C PRO F 200 -12.51 -13.08 20.53
N ARG F 201 -13.78 -13.27 20.83
CA ARG F 201 -14.84 -12.52 20.16
C ARG F 201 -14.97 -11.15 20.80
N VAL F 202 -15.10 -11.15 22.12
CA VAL F 202 -15.22 -9.93 22.93
C VAL F 202 -14.10 -8.94 22.66
N GLU F 203 -12.88 -9.35 23.00
CA GLU F 203 -11.69 -8.53 22.81
C GLU F 203 -11.61 -7.92 21.41
N GLN F 204 -11.72 -8.75 20.38
CA GLN F 204 -11.66 -8.27 19.00
C GLN F 204 -12.62 -7.11 18.80
N ALA F 205 -13.88 -7.33 19.16
CA ALA F 205 -14.90 -6.31 19.04
C ALA F 205 -14.55 -5.08 19.87
N VAL F 206 -13.97 -5.31 21.04
CA VAL F 206 -13.57 -4.23 21.94
C VAL F 206 -12.50 -3.36 21.29
N ASN F 207 -11.44 -4.03 20.85
CA ASN F 207 -10.31 -3.37 20.22
C ASN F 207 -10.70 -2.70 18.89
N ASP F 208 -11.61 -3.32 18.15
CA ASP F 208 -12.06 -2.78 16.88
C ASP F 208 -12.97 -1.56 17.02
N ALA F 209 -13.72 -1.48 18.12
CA ALA F 209 -14.61 -0.34 18.36
C ALA F 209 -13.75 0.84 18.80
N ALA F 210 -12.47 0.55 19.02
CA ALA F 210 -11.46 1.51 19.42
C ALA F 210 -11.96 2.82 20.02
N HIS F 211 -12.16 2.82 21.33
CA HIS F 211 -12.59 4.00 22.07
C HIS F 211 -11.95 3.87 23.46
N PHE F 212 -10.76 4.46 23.57
CA PHE F 212 -9.98 4.40 24.80
C PHE F 212 -10.44 5.22 25.97
N THR F 213 -10.14 4.70 27.15
CA THR F 213 -10.44 5.36 28.41
C THR F 213 -9.19 6.18 28.68
N PRO F 214 -9.35 7.39 29.22
CA PRO F 214 -8.17 8.20 29.51
C PRO F 214 -7.39 7.62 30.68
N PHE F 215 -7.72 6.38 31.03
CA PHE F 215 -7.06 5.68 32.11
C PHE F 215 -6.02 4.76 31.50
N HIS F 216 -6.41 4.10 30.40
CA HIS F 216 -5.51 3.20 29.70
C HIS F 216 -4.23 3.96 29.40
N TRP F 217 -4.40 5.20 28.99
CA TRP F 217 -3.28 6.07 28.68
C TRP F 217 -2.37 6.07 29.88
N VAL F 218 -2.96 6.00 31.08
CA VAL F 218 -2.17 5.97 32.30
C VAL F 218 -1.65 4.55 32.52
N ASP F 219 -2.53 3.56 32.35
CA ASP F 219 -2.12 2.18 32.53
C ASP F 219 -0.88 1.90 31.70
N ALA F 220 -0.91 2.33 30.44
CA ALA F 220 0.24 2.14 29.56
C ALA F 220 1.41 2.90 30.17
N LEU F 221 1.26 4.22 30.30
CA LEU F 221 2.30 5.06 30.87
C LEU F 221 2.78 4.61 32.24
N LEU F 222 2.22 3.51 32.74
CA LEU F 222 2.66 2.99 34.03
C LEU F 222 3.90 2.16 33.73
N GLY F 224 4.96 1.11 31.02
CA GLY F 224 4.83 0.44 29.73
C GLY F 224 5.46 1.30 28.64
N LYS F 225 5.60 0.74 27.45
CA LYS F 225 6.22 1.51 26.36
C LYS F 225 5.43 2.73 25.97
N SER F 226 6.15 3.84 25.82
CA SER F 226 5.56 5.11 25.45
C SER F 226 4.94 5.06 24.05
N LYS F 227 5.31 4.07 23.24
CA LYS F 227 4.76 3.98 21.89
C LYS F 227 3.24 3.86 21.85
N ARG F 228 2.69 2.83 22.50
CA ARG F 228 1.24 2.69 22.51
C ARG F 228 0.66 3.85 23.30
N ALA F 229 1.44 4.34 24.26
CA ALA F 229 1.02 5.47 25.08
C ALA F 229 0.77 6.66 24.16
N LEU F 230 1.75 7.03 23.36
CA LEU F 230 1.59 8.16 22.45
C LEU F 230 0.59 7.82 21.34
N HIS F 231 0.16 6.56 21.28
CA HIS F 231 -0.83 6.17 20.29
C HIS F 231 -2.17 6.51 20.95
N ILE F 232 -2.31 6.08 22.21
CA ILE F 232 -3.53 6.36 22.99
C ILE F 232 -3.74 7.86 23.10
N LEU F 233 -2.72 8.57 23.58
CA LEU F 233 -2.78 10.02 23.74
C LEU F 233 -3.36 10.67 22.49
N GLN F 234 -2.67 10.49 21.37
CA GLN F 234 -3.11 11.06 20.11
C GLN F 234 -4.41 10.44 19.61
N GLN F 235 -4.81 9.34 20.23
CA GLN F 235 -6.06 8.68 19.88
C GLN F 235 -7.16 9.26 20.75
N LEU F 236 -6.80 9.65 21.97
CA LEU F 236 -7.76 10.24 22.88
C LEU F 236 -8.05 11.66 22.41
N ARG F 237 -7.48 12.02 21.26
CA ARG F 237 -7.72 13.34 20.69
C ARG F 237 -8.58 13.18 19.44
N LEU F 238 -9.48 12.20 19.49
CA LEU F 238 -10.39 11.91 18.39
C LEU F 238 -11.69 11.30 18.93
N GLU F 239 -11.80 11.27 20.25
CA GLU F 239 -12.99 10.77 20.94
C GLU F 239 -13.64 11.97 21.60
N GLY F 240 -12.96 13.12 21.49
CA GLY F 240 -13.46 14.34 22.07
C GLY F 240 -13.15 14.46 23.54
N SER F 241 -11.92 14.15 23.93
CA SER F 241 -11.52 14.23 25.32
C SER F 241 -10.80 15.53 25.67
N GLU F 242 -11.33 16.24 26.65
CA GLU F 242 -10.74 17.51 27.07
C GLU F 242 -9.34 17.29 27.61
N PRO F 243 -8.51 18.34 27.60
CA PRO F 243 -7.15 18.22 28.11
C PRO F 243 -7.13 18.18 29.64
N VAL F 244 -7.83 19.14 30.25
CA VAL F 244 -7.90 19.23 31.69
C VAL F 244 -8.26 17.86 32.27
N ILE F 245 -9.26 17.22 31.70
CA ILE F 245 -9.70 15.92 32.20
C ILE F 245 -8.55 14.93 32.33
N LEU F 246 -7.66 14.91 31.34
CA LEU F 246 -6.53 14.00 31.39
C LEU F 246 -5.59 14.43 32.50
N LEU F 247 -5.22 15.70 32.48
CA LEU F 247 -4.31 16.25 33.46
C LEU F 247 -4.44 15.70 34.88
N ARG F 248 -5.65 15.72 35.41
CA ARG F 248 -5.86 15.24 36.76
C ARG F 248 -5.92 13.72 36.86
N THR F 249 -6.29 13.07 35.77
CA THR F 249 -6.37 11.61 35.77
C THR F 249 -5.01 11.09 36.23
N LEU F 250 -3.97 11.55 35.55
CA LEU F 250 -2.59 11.17 35.81
C LEU F 250 -2.11 11.75 37.12
N GLN F 251 -2.61 12.93 37.47
CA GLN F 251 -2.21 13.57 38.71
C GLN F 251 -2.55 12.66 39.87
N ARG F 252 -3.76 12.10 39.83
CA ARG F 252 -4.21 11.20 40.89
C ARG F 252 -3.25 10.03 40.96
N GLU F 253 -3.02 9.37 39.83
CA GLU F 253 -2.13 8.23 39.79
C GLU F 253 -0.69 8.63 40.09
N LEU F 254 -0.25 9.76 39.53
CA LEU F 254 1.11 10.23 39.75
C LEU F 254 1.34 10.49 41.23
N LEU F 255 0.66 11.51 41.77
CA LEU F 255 0.79 11.85 43.17
C LEU F 255 0.76 10.57 44.00
N LEU F 256 0.01 9.60 43.50
CA LEU F 256 -0.10 8.31 44.16
C LEU F 256 1.28 7.70 44.36
N LEU F 257 1.96 7.45 43.26
CA LEU F 257 3.29 6.85 43.31
C LEU F 257 4.20 7.62 44.24
N VAL F 258 4.17 8.94 44.13
CA VAL F 258 5.00 9.81 44.96
C VAL F 258 4.93 9.42 46.44
N ASN F 259 3.71 9.22 46.94
CA ASN F 259 3.54 8.83 48.32
C ASN F 259 4.07 7.41 48.50
N LEU F 260 3.91 6.61 47.46
CA LEU F 260 4.36 5.23 47.49
C LEU F 260 5.89 5.14 47.57
N LYS F 261 6.56 5.43 46.47
CA LYS F 261 8.01 5.36 46.42
C LYS F 261 8.64 5.91 47.69
N ARG F 262 8.15 7.06 48.15
CA ARG F 262 8.66 7.69 49.35
C ARG F 262 8.54 6.81 50.58
N GLN F 263 7.67 5.81 50.51
CA GLN F 263 7.46 4.94 51.66
C GLN F 263 8.09 3.55 51.58
N SER F 264 9.27 3.47 50.98
CA SER F 264 9.98 2.20 50.90
C SER F 264 10.86 2.21 52.15
N ALA F 265 10.77 1.14 52.94
CA ALA F 265 11.50 1.00 54.20
C ALA F 265 10.47 1.36 55.26
N HIS F 266 9.37 1.94 54.80
CA HIS F 266 8.30 2.33 55.68
C HIS F 266 7.35 1.14 55.85
N THR F 267 6.88 0.61 54.73
CA THR F 267 5.97 -0.54 54.73
C THR F 267 6.09 -1.37 53.47
N PRO F 268 6.15 -2.70 53.61
CA PRO F 268 6.26 -3.60 52.46
C PRO F 268 5.13 -3.30 51.46
N LEU F 269 5.51 -3.10 50.21
CA LEU F 269 4.58 -2.80 49.13
C LEU F 269 3.17 -3.36 49.30
N ARG F 270 3.07 -4.56 49.87
CA ARG F 270 1.79 -5.23 50.07
C ARG F 270 0.73 -4.46 50.87
N ALA F 271 0.86 -4.51 52.19
CA ALA F 271 -0.09 -3.84 53.08
C ALA F 271 -0.30 -2.37 52.68
N LEU F 272 0.75 -1.79 52.12
CA LEU F 272 0.69 -0.40 51.68
C LEU F 272 -0.38 -0.28 50.59
N PHE F 273 -0.33 -1.13 49.58
CA PHE F 273 -1.34 -1.15 48.53
C PHE F 273 -2.83 -1.08 48.97
N ASP F 274 -3.16 -1.87 50.03
CA ASP F 274 -4.43 -1.99 50.71
C ASP F 274 -4.84 -0.67 51.31
N LYS F 275 -3.87 -0.09 52.01
CA LYS F 275 -4.01 1.19 52.67
C LYS F 275 -4.51 2.30 51.77
N HIS F 276 -4.05 2.30 50.52
CA HIS F 276 -4.47 3.32 49.58
C HIS F 276 -5.74 2.97 48.79
N ARG F 277 -6.19 1.73 48.97
CA ARG F 277 -7.46 1.22 48.40
C ARG F 277 -7.68 1.37 46.86
N VAL F 278 -6.61 1.38 46.07
CA VAL F 278 -6.75 1.46 44.61
C VAL F 278 -6.19 0.17 43.98
N TRP F 279 -5.24 -0.45 44.74
CA TRP F 279 -4.56 -1.72 44.39
C TRP F 279 -5.68 -2.75 43.98
N GLN F 280 -6.18 -2.79 42.76
CA GLN F 280 -7.35 -3.73 42.56
C GLN F 280 -7.16 -4.84 41.51
N ASN F 281 -5.92 -4.85 40.95
CA ASN F 281 -5.15 -5.71 40.03
C ASN F 281 -3.91 -4.87 39.69
N ARG F 282 -4.13 -3.56 39.64
CA ARG F 282 -3.06 -2.62 39.30
C ARG F 282 -1.78 -3.00 39.99
N ARG F 283 -1.96 -3.95 40.96
CA ARG F 283 -0.87 -4.45 41.76
C ARG F 283 -0.33 -5.70 41.11
N GLY F 284 0.81 -5.19 40.58
CA GLY F 284 1.87 -5.77 39.79
C GLY F 284 2.44 -4.62 38.93
N GLY F 287 3.64 -1.85 41.17
CA GLY F 287 4.89 -2.25 41.80
C GLY F 287 6.03 -2.25 40.81
N GLU F 288 5.68 -2.52 39.56
CA GLU F 288 6.65 -2.57 38.47
C GLU F 288 7.12 -1.16 38.15
N ALA F 289 6.17 -0.25 38.00
CA ALA F 289 6.46 1.14 37.70
C ALA F 289 7.25 1.75 38.85
N LEU F 290 6.97 1.29 40.07
CA LEU F 290 7.68 1.77 41.25
C LEU F 290 9.12 1.31 41.22
N ASN F 291 9.30 0.10 40.69
CA ASN F 291 10.62 -0.50 40.62
C ASN F 291 11.62 0.25 39.74
N ARG F 292 11.21 0.64 38.52
CA ARG F 292 12.14 1.32 37.62
C ARG F 292 12.05 2.84 37.49
N LEU F 293 11.23 3.48 38.30
CA LEU F 293 11.14 4.93 38.26
C LEU F 293 11.75 5.43 39.57
N SER F 294 12.82 6.20 39.45
CA SER F 294 13.54 6.70 40.61
C SER F 294 12.88 7.91 41.24
N GLN F 295 13.03 8.00 42.56
CA GLN F 295 12.47 9.09 43.35
C GLN F 295 12.63 10.42 42.63
N THR F 296 13.76 10.59 41.94
CA THR F 296 14.01 11.84 41.24
C THR F 296 13.27 11.98 39.92
N GLN F 297 13.03 10.87 39.23
CA GLN F 297 12.30 10.92 37.97
C GLN F 297 10.90 11.43 38.26
N LEU F 298 10.24 10.73 39.17
CA LEU F 298 8.89 11.07 39.59
C LEU F 298 8.81 12.57 39.85
N ARG F 299 9.65 13.05 40.76
CA ARG F 299 9.68 14.47 41.11
C ARG F 299 9.47 15.36 39.90
N GLN F 300 10.29 15.13 38.88
CA GLN F 300 10.23 15.90 37.65
C GLN F 300 8.88 15.74 36.96
N ALA F 301 8.37 14.51 36.94
CA ALA F 301 7.07 14.27 36.32
C ALA F 301 6.10 15.28 36.93
N VAL F 302 6.23 15.50 38.24
CA VAL F 302 5.40 16.47 38.97
C VAL F 302 5.61 17.86 38.40
N GLN F 303 6.86 18.30 38.43
CA GLN F 303 7.25 19.60 37.93
C GLN F 303 6.50 19.91 36.64
N LEU F 304 6.70 19.06 35.64
CA LEU F 304 6.04 19.24 34.35
C LEU F 304 4.52 19.39 34.49
N LEU F 305 3.89 18.41 35.13
CA LEU F 305 2.44 18.45 35.31
C LEU F 305 2.04 19.81 35.85
N THR F 306 2.88 20.35 36.72
CA THR F 306 2.64 21.66 37.30
C THR F 306 2.59 22.68 36.17
N ARG F 307 3.72 22.87 35.48
CA ARG F 307 3.79 23.83 34.39
C ARG F 307 2.73 23.57 33.31
N THR F 308 2.21 22.34 33.25
CA THR F 308 1.17 22.02 32.26
C THR F 308 -0.13 22.65 32.73
N GLU F 309 -0.57 22.26 33.91
CA GLU F 309 -1.79 22.79 34.51
C GLU F 309 -1.78 24.29 34.29
N LEU F 310 -0.79 24.95 34.90
CA LEU F 310 -0.66 26.40 34.75
C LEU F 310 -0.80 26.77 33.29
N THR F 311 0.17 26.37 32.46
CA THR F 311 0.14 26.67 31.04
C THR F 311 -1.28 26.54 30.48
N LEU F 312 -2.03 25.58 31.01
CA LEU F 312 -3.40 25.34 30.59
C LEU F 312 -4.35 26.47 30.96
N LYS F 313 -4.07 27.12 32.08
CA LYS F 313 -4.92 28.21 32.55
C LYS F 313 -4.20 29.52 32.85
N GLN F 314 -3.05 29.73 32.20
CA GLN F 314 -2.30 30.98 32.38
C GLN F 314 -2.57 31.75 31.10
N ASP F 315 -2.60 31.02 30.00
CA ASP F 315 -2.86 31.58 28.68
C ASP F 315 -3.93 30.75 28.01
N TYR F 316 -4.71 30.05 28.82
CA TYR F 316 -5.79 29.18 28.38
C TYR F 316 -5.75 29.01 26.86
N GLY F 317 -5.06 27.96 26.41
CA GLY F 317 -4.97 27.71 24.99
C GLY F 317 -3.56 27.68 24.43
N GLN F 318 -2.62 27.12 25.19
CA GLN F 318 -1.24 27.00 24.75
C GLN F 318 -1.00 25.54 24.37
N SER F 319 -1.91 25.01 23.56
CA SER F 319 -1.84 23.63 23.09
C SER F 319 -1.07 22.74 24.06
N VAL F 320 -1.69 22.44 25.18
CA VAL F 320 -1.08 21.59 26.20
C VAL F 320 -0.71 20.24 25.61
N TRP F 321 -1.55 19.77 24.70
CA TRP F 321 -1.32 18.49 24.03
C TRP F 321 0.16 18.26 23.78
N ALA F 322 0.83 19.31 23.29
CA ALA F 322 2.25 19.25 23.03
C ALA F 322 2.92 18.80 24.32
N GLU F 323 2.80 19.65 25.35
CA GLU F 323 3.37 19.39 26.67
C GLU F 323 3.13 17.94 27.05
N LEU F 324 1.86 17.56 27.13
CA LEU F 324 1.45 16.21 27.49
C LEU F 324 2.32 15.12 26.87
N GLU F 325 2.38 15.10 25.55
CA GLU F 325 3.18 14.09 24.86
C GLU F 325 4.56 14.07 25.52
N GLY F 326 5.11 15.27 25.76
CA GLY F 326 6.41 15.37 26.39
C GLY F 326 6.49 14.69 27.75
N LEU F 327 5.40 14.75 28.50
CA LEU F 327 5.36 14.14 29.82
C LEU F 327 5.28 12.62 29.73
N SER F 328 4.61 12.15 28.69
CA SER F 328 4.44 10.72 28.44
C SER F 328 5.79 10.07 28.23
N LEU F 329 6.74 10.84 27.73
CA LEU F 329 8.07 10.32 27.47
C LEU F 329 8.95 10.32 28.71
N LEU F 330 8.88 11.39 29.49
CA LEU F 330 9.69 11.48 30.69
C LEU F 330 9.38 10.36 31.68
N LEU F 331 8.34 9.59 31.38
CA LEU F 331 7.92 8.51 32.28
C LEU F 331 8.38 7.11 31.93
N CYS F 332 9.07 6.96 30.80
CA CYS F 332 9.56 5.65 30.40
C CYS F 332 11.09 5.56 30.44
N HIS F 333 11.76 6.61 30.00
CA HIS F 333 13.21 6.63 29.96
C HIS F 333 13.76 7.62 30.99
N LYS F 334 14.95 7.33 31.49
CA LYS F 334 15.61 8.18 32.48
C LYS F 334 15.73 9.61 31.94
N PRO F 335 15.98 10.59 32.83
CA PRO F 335 16.10 11.99 32.41
C PRO F 335 17.40 12.75 32.75
N LEU F 336 17.42 14.04 32.42
CA LEU F 336 18.57 14.93 32.67
C LEU F 336 18.12 16.16 33.46
N ALA F 337 19.07 16.87 34.07
CA ALA F 337 18.75 18.06 34.86
C ALA F 337 18.51 19.34 34.05
N ASP F 338 17.59 19.28 33.10
CA ASP F 338 17.26 20.42 32.25
C ASP F 338 15.83 20.31 31.76
N VAL G 5 -20.20 19.14 -5.34
CA VAL G 5 -18.83 18.86 -4.98
C VAL G 5 -18.61 17.37 -4.78
N LEU G 6 -17.37 16.99 -4.51
CA LEU G 6 -17.02 15.59 -4.30
C LEU G 6 -17.81 14.98 -3.13
N ALA G 7 -17.99 15.76 -2.07
CA ALA G 7 -18.68 15.27 -0.89
C ALA G 7 -20.15 14.95 -1.20
N ARG G 8 -20.74 15.71 -2.13
CA ARG G 8 -22.16 15.53 -2.46
C ARG G 8 -22.47 14.46 -3.53
N LYS G 9 -21.62 14.37 -4.55
CA LYS G 9 -21.82 13.38 -5.62
C LYS G 9 -21.44 12.00 -5.13
N TRP G 10 -20.74 11.91 -3.99
CA TRP G 10 -20.31 10.59 -3.46
C TRP G 10 -20.92 10.21 -2.08
N ARG G 11 -22.24 10.49 -1.81
CA ARG G 11 -22.91 10.17 -0.48
C ARG G 11 -23.22 8.67 -0.44
N PRO G 12 -22.67 7.87 0.49
CA PRO G 12 -22.92 6.43 0.38
C PRO G 12 -24.39 6.07 0.12
N GLN G 13 -24.66 5.54 -1.07
CA GLN G 13 -26.03 5.18 -1.47
C GLN G 13 -26.43 3.83 -0.89
N THR G 14 -25.47 3.17 -0.26
CA THR G 14 -25.70 1.85 0.35
C THR G 14 -24.68 1.64 1.47
N PHE G 15 -25.03 0.82 2.45
CA PHE G 15 -24.15 0.54 3.57
C PHE G 15 -22.77 0.08 3.09
N ALA G 16 -22.71 -0.46 1.87
CA ALA G 16 -21.45 -0.92 1.32
C ALA G 16 -20.60 0.29 0.90
N ASP G 17 -21.30 1.36 0.49
CA ASP G 17 -20.61 2.58 0.07
C ASP G 17 -19.90 3.25 1.23
N VAL G 18 -20.33 2.99 2.47
CA VAL G 18 -19.73 3.63 3.62
C VAL G 18 -18.35 3.15 3.94
N VAL G 19 -17.50 4.08 4.28
CA VAL G 19 -16.13 3.77 4.63
C VAL G 19 -15.91 3.58 6.12
N GLY G 20 -15.25 2.44 6.44
CA GLY G 20 -14.77 1.94 7.75
C GLY G 20 -15.53 2.26 9.05
N GLN G 21 -16.75 1.81 9.18
CA GLN G 21 -17.54 1.97 10.37
C GLN G 21 -18.19 0.60 10.62
N GLU G 22 -17.40 -0.46 10.36
CA GLU G 22 -17.73 -1.92 10.40
C GLU G 22 -18.58 -2.35 11.56
N HIS G 23 -18.05 -2.25 12.79
CA HIS G 23 -18.77 -2.60 14.01
C HIS G 23 -20.14 -1.92 14.06
N VAL G 24 -20.28 -0.81 13.33
CA VAL G 24 -21.54 -0.05 13.27
C VAL G 24 -22.49 -0.62 12.21
N LEU G 25 -21.95 -0.91 11.03
CA LEU G 25 -22.75 -1.43 9.93
C LEU G 25 -23.10 -2.91 10.09
N THR G 26 -22.38 -3.63 10.96
CA THR G 26 -22.65 -5.05 11.18
C THR G 26 -23.86 -5.25 12.08
N ALA G 27 -23.97 -4.41 13.11
CA ALA G 27 -25.09 -4.50 14.03
C ALA G 27 -26.35 -3.99 13.34
N LEU G 28 -26.23 -2.84 12.67
CA LEU G 28 -27.35 -2.24 11.96
C LEU G 28 -27.85 -3.16 10.85
N ALA G 29 -26.93 -3.90 10.24
CA ALA G 29 -27.28 -4.82 9.18
C ALA G 29 -27.91 -6.08 9.77
N ASN G 30 -27.43 -6.49 10.94
CA ASN G 30 -27.95 -7.68 11.59
C ASN G 30 -29.35 -7.46 12.17
N GLY G 31 -29.65 -6.21 12.52
CA GLY G 31 -30.95 -5.89 13.08
C GLY G 31 -32.03 -5.60 12.05
N LEU G 32 -31.63 -5.04 10.91
CA LEU G 32 -32.57 -4.71 9.83
C LEU G 32 -33.06 -5.92 9.05
N SER G 33 -32.19 -6.91 8.85
CA SER G 33 -32.54 -8.12 8.12
C SER G 33 -33.23 -9.16 9.01
N LEU G 34 -33.11 -9.01 10.32
CA LEU G 34 -33.75 -9.92 11.26
C LEU G 34 -34.96 -9.23 11.90
N GLY G 35 -35.31 -8.07 11.36
CA GLY G 35 -36.46 -7.32 11.82
C GLY G 35 -36.54 -6.86 13.26
N ARG G 36 -35.41 -6.67 13.94
CA ARG G 36 -35.46 -6.20 15.32
C ARG G 36 -35.10 -4.71 15.37
N ILE G 37 -36.05 -3.88 14.97
CA ILE G 37 -35.86 -2.42 14.93
C ILE G 37 -36.21 -1.78 16.28
N HIS G 38 -35.30 -0.94 16.80
CA HIS G 38 -35.53 -0.25 18.07
C HIS G 38 -36.23 1.08 17.81
N HIS G 39 -36.64 1.75 18.87
CA HIS G 39 -37.33 3.02 18.72
C HIS G 39 -36.39 4.19 18.42
N ALA G 40 -35.18 4.14 18.97
CA ALA G 40 -34.22 5.23 18.74
C ALA G 40 -32.78 4.80 18.54
N TYR G 41 -32.07 5.53 17.69
CA TYR G 41 -30.66 5.27 17.39
C TYR G 41 -29.83 6.55 17.58
N LEU G 42 -28.62 6.40 18.12
CA LEU G 42 -27.75 7.55 18.35
C LEU G 42 -26.38 7.33 17.70
N PHE G 43 -26.06 8.18 16.74
CA PHE G 43 -24.78 8.11 16.03
C PHE G 43 -23.83 9.21 16.48
N SER G 44 -22.84 8.85 17.29
CA SER G 44 -21.87 9.83 17.78
C SER G 44 -20.58 9.79 16.96
N GLY G 45 -19.70 10.76 17.21
CA GLY G 45 -18.44 10.83 16.49
C GLY G 45 -18.08 12.26 16.12
N THR G 46 -16.82 12.50 15.81
CA THR G 46 -16.39 13.85 15.44
C THR G 46 -16.96 14.25 14.08
N ARG G 47 -16.26 15.11 13.36
CA ARG G 47 -16.66 15.65 12.04
C ARG G 47 -16.48 14.83 10.76
N GLY G 48 -17.43 14.91 9.84
CA GLY G 48 -17.33 14.20 8.58
C GLY G 48 -16.89 12.75 8.66
N VAL G 49 -17.31 12.01 9.75
CA VAL G 49 -17.02 10.53 9.99
C VAL G 49 -18.14 9.66 9.35
N GLY G 50 -19.26 10.27 9.06
CA GLY G 50 -20.32 9.50 8.39
C GLY G 50 -21.53 9.28 9.25
N LYS G 51 -21.78 10.14 10.27
CA LYS G 51 -22.93 9.98 11.13
C LYS G 51 -24.22 10.23 10.39
N THR G 52 -24.30 11.31 9.60
CA THR G 52 -25.51 11.58 8.78
C THR G 52 -25.69 10.59 7.62
N SER G 53 -24.60 10.14 7.03
CA SER G 53 -24.63 9.17 5.93
C SER G 53 -25.35 7.90 6.39
N ILE G 54 -24.86 7.32 7.50
CA ILE G 54 -25.45 6.10 8.04
C ILE G 54 -26.86 6.35 8.57
N ALA G 55 -27.16 7.46 9.26
CA ALA G 55 -28.52 7.68 9.72
C ALA G 55 -29.50 7.64 8.50
N ARG G 56 -29.05 8.33 7.45
CA ARG G 56 -29.87 8.43 6.23
C ARG G 56 -30.02 7.06 5.51
N LEU G 57 -29.05 6.18 5.63
CA LEU G 57 -29.15 4.83 5.04
C LEU G 57 -30.13 3.96 5.82
N LEU G 58 -30.09 4.14 7.17
CA LEU G 58 -30.95 3.42 8.08
C LEU G 58 -32.43 3.74 7.85
N ALA G 59 -32.71 5.02 7.56
CA ALA G 59 -34.09 5.46 7.33
C ALA G 59 -34.60 5.13 5.92
N LYS G 60 -33.65 4.81 5.03
CA LYS G 60 -33.89 4.47 3.61
C LYS G 60 -34.21 2.97 3.59
N GLY G 61 -33.59 2.22 4.51
CA GLY G 61 -33.82 0.77 4.60
C GLY G 61 -35.05 0.42 5.43
N LEU G 62 -35.49 1.39 6.22
CA LEU G 62 -36.68 1.21 7.04
C LEU G 62 -37.92 1.49 6.17
N ASN G 63 -37.83 2.48 5.28
CA ASN G 63 -38.95 2.86 4.39
C ASN G 63 -38.88 2.38 2.93
N CYS G 64 -37.91 1.49 2.65
CA CYS G 64 -37.73 0.89 1.32
C CYS G 64 -39.03 0.16 0.93
N GLU G 65 -39.65 0.56 -0.18
CA GLU G 65 -40.90 -0.09 -0.63
C GLU G 65 -40.69 -1.60 -0.71
N THR G 66 -39.48 -2.00 -1.05
CA THR G 66 -39.10 -3.41 -1.17
C THR G 66 -39.35 -4.09 0.19
N GLY G 67 -39.40 -3.28 1.25
CA GLY G 67 -39.62 -3.78 2.59
C GLY G 67 -38.46 -3.37 3.51
N ILE G 68 -38.60 -3.61 4.81
CA ILE G 68 -37.52 -3.27 5.75
C ILE G 68 -36.25 -4.04 5.38
N THR G 69 -35.23 -3.34 4.90
CA THR G 69 -33.99 -4.02 4.49
C THR G 69 -32.68 -3.28 4.79
N ALA G 70 -31.61 -4.07 4.89
CA ALA G 70 -30.26 -3.57 5.17
C ALA G 70 -29.63 -3.13 3.85
N THR G 71 -30.37 -3.31 2.78
CA THR G 71 -29.90 -2.97 1.44
C THR G 71 -31.00 -2.30 0.61
N PRO G 72 -31.34 -1.02 0.95
CA PRO G 72 -32.37 -0.28 0.21
C PRO G 72 -32.14 -0.43 -1.29
N CYS G 73 -33.16 -0.83 -2.03
CA CYS G 73 -32.99 -1.00 -3.47
C CYS G 73 -32.42 0.30 -4.07
N GLY G 74 -32.86 1.44 -3.53
CA GLY G 74 -32.37 2.73 -4.01
C GLY G 74 -32.99 3.28 -5.28
N VAL G 75 -33.97 2.55 -5.81
CA VAL G 75 -34.67 2.95 -7.04
C VAL G 75 -36.19 3.13 -6.87
N CYS G 76 -36.71 2.80 -5.68
CA CYS G 76 -38.15 2.98 -5.44
C CYS G 76 -38.31 4.48 -5.15
N ASP G 77 -39.54 4.99 -5.22
CA ASP G 77 -39.82 6.41 -4.97
C ASP G 77 -39.43 6.86 -3.56
N ASN G 78 -39.58 5.95 -2.60
CA ASN G 78 -39.24 6.20 -1.20
C ASN G 78 -37.73 6.41 -1.07
N CYS G 79 -36.98 5.55 -1.74
CA CYS G 79 -35.53 5.59 -1.74
C CYS G 79 -35.01 6.82 -2.44
N ARG G 80 -35.62 7.15 -3.58
CA ARG G 80 -35.26 8.31 -4.39
C ARG G 80 -35.53 9.64 -3.68
N GLU G 81 -36.69 9.73 -3.05
CA GLU G 81 -37.10 10.94 -2.33
C GLU G 81 -36.29 11.20 -1.07
N ILE G 82 -35.92 10.14 -0.35
CA ILE G 82 -35.11 10.28 0.87
C ILE G 82 -33.73 10.83 0.50
N GLU G 83 -33.22 10.37 -0.65
CA GLU G 83 -31.92 10.80 -1.15
C GLU G 83 -32.00 12.26 -1.59
N GLN G 84 -33.13 12.60 -2.21
CA GLN G 84 -33.39 13.95 -2.69
C GLN G 84 -33.59 14.84 -1.48
N GLY G 85 -33.89 14.23 -0.35
CA GLY G 85 -34.14 14.96 0.87
C GLY G 85 -35.57 15.47 0.86
N ARG G 86 -36.34 14.98 -0.12
CA ARG G 86 -37.73 15.38 -0.28
C ARG G 86 -38.73 14.23 -0.04
N PHE G 87 -38.56 13.50 1.06
CA PHE G 87 -39.46 12.41 1.39
C PHE G 87 -40.37 12.90 2.52
N VAL G 88 -41.68 12.76 2.32
CA VAL G 88 -42.69 13.21 3.28
C VAL G 88 -42.56 12.60 4.68
N ASP G 89 -41.94 11.43 4.78
CA ASP G 89 -41.78 10.78 6.07
C ASP G 89 -40.37 10.79 6.64
N LEU G 90 -39.54 11.70 6.13
CA LEU G 90 -38.17 11.84 6.62
C LEU G 90 -37.97 13.28 7.08
N ILE G 91 -38.40 13.57 8.29
CA ILE G 91 -38.30 14.91 8.85
C ILE G 91 -36.93 15.19 9.48
N GLU G 92 -36.11 15.94 8.75
CA GLU G 92 -34.78 16.30 9.22
C GLU G 92 -34.87 17.58 10.06
N ILE G 93 -34.30 17.55 11.26
CA ILE G 93 -34.31 18.70 12.14
C ILE G 93 -32.88 19.13 12.50
N ASP G 94 -32.65 20.44 12.48
CA ASP G 94 -31.34 20.99 12.78
C ASP G 94 -31.37 21.83 14.05
N ALA G 95 -30.94 21.23 15.17
CA ALA G 95 -30.91 21.90 16.46
C ALA G 95 -29.75 22.89 16.48
N ALA G 96 -28.66 22.51 15.82
CA ALA G 96 -27.47 23.36 15.73
C ALA G 96 -27.81 24.60 14.92
N SER G 97 -28.98 24.58 14.30
CA SER G 97 -29.45 25.70 13.49
C SER G 97 -30.05 26.77 14.40
N ARG G 98 -29.79 28.02 14.09
CA ARG G 98 -30.29 29.13 14.90
C ARG G 98 -31.47 29.86 14.28
N THR G 99 -31.86 29.48 13.07
CA THR G 99 -33.00 30.13 12.42
C THR G 99 -34.18 29.16 12.34
N LYS G 100 -33.89 27.87 12.48
CA LYS G 100 -34.93 26.86 12.44
C LYS G 100 -35.24 26.46 13.89
N VAL G 101 -34.87 27.34 14.82
CA VAL G 101 -35.10 27.11 16.24
C VAL G 101 -36.57 26.99 16.62
N GLU G 102 -37.45 27.56 15.79
CA GLU G 102 -38.89 27.49 16.05
C GLU G 102 -39.49 26.30 15.33
N ASP G 103 -38.99 26.02 14.13
CA ASP G 103 -39.46 24.88 13.35
C ASP G 103 -39.03 23.65 14.11
N THR G 104 -37.86 23.76 14.75
CA THR G 104 -37.28 22.69 15.55
C THR G 104 -38.04 22.53 16.86
N ARG G 105 -38.62 23.62 17.34
CA ARG G 105 -39.38 23.60 18.59
C ARG G 105 -40.84 23.22 18.37
N ASP G 106 -41.35 23.45 17.16
CA ASP G 106 -42.73 23.11 16.86
C ASP G 106 -42.87 21.65 16.42
N LEU G 107 -42.09 21.23 15.44
CA LEU G 107 -42.14 19.85 14.94
C LEU G 107 -42.00 18.82 16.06
N LEU G 108 -41.09 19.08 16.99
CA LEU G 108 -40.89 18.16 18.12
C LEU G 108 -42.05 18.22 19.09
N ASP G 109 -42.74 19.36 19.13
CA ASP G 109 -43.88 19.54 20.01
C ASP G 109 -45.15 18.97 19.37
N ASN G 110 -45.06 18.65 18.08
CA ASN G 110 -46.20 18.09 17.36
C ASN G 110 -45.76 16.92 16.45
N VAL G 111 -45.46 15.78 17.07
CA VAL G 111 -45.03 14.59 16.35
C VAL G 111 -46.22 13.94 15.63
N GLN G 112 -45.97 13.51 14.40
CA GLN G 112 -47.01 12.86 13.60
C GLN G 112 -46.92 11.34 13.79
N TYR G 113 -47.83 10.79 14.60
CA TYR G 113 -47.85 9.37 14.91
C TYR G 113 -48.24 8.44 13.76
N ALA G 114 -48.63 9.01 12.62
CA ALA G 114 -49.02 8.19 11.48
C ALA G 114 -48.30 8.59 10.20
N PRO G 115 -47.53 7.66 9.62
CA PRO G 115 -46.78 7.90 8.38
C PRO G 115 -47.70 8.35 7.26
N ALA G 116 -47.17 9.16 6.34
CA ALA G 116 -47.96 9.66 5.22
C ALA G 116 -47.74 8.85 3.95
N ARG G 117 -46.53 8.32 3.78
CA ARG G 117 -46.20 7.52 2.60
C ARG G 117 -45.58 6.17 2.96
N GLY G 118 -44.48 6.20 3.71
CA GLY G 118 -43.81 4.97 4.10
C GLY G 118 -44.40 4.30 5.33
N ARG G 119 -43.74 3.22 5.77
CA ARG G 119 -44.19 2.46 6.93
C ARG G 119 -43.67 3.05 8.25
N PHE G 120 -42.72 3.96 8.14
CA PHE G 120 -42.14 4.60 9.33
C PHE G 120 -41.97 6.11 9.15
N LYS G 121 -42.46 6.87 10.14
CA LYS G 121 -42.36 8.33 10.13
C LYS G 121 -41.06 8.67 10.86
N VAL G 122 -39.95 8.63 10.14
CA VAL G 122 -38.63 8.90 10.72
C VAL G 122 -38.24 10.36 10.89
N TYR G 123 -37.58 10.64 12.01
CA TYR G 123 -37.10 11.98 12.34
C TYR G 123 -35.57 11.88 12.50
N LEU G 124 -34.83 12.74 11.80
CA LEU G 124 -33.38 12.74 11.87
C LEU G 124 -32.85 14.05 12.45
N ILE G 125 -32.44 14.02 13.72
CA ILE G 125 -31.95 15.21 14.40
C ILE G 125 -30.43 15.37 14.34
N ASP G 126 -30.00 16.51 13.80
CA ASP G 126 -28.58 16.82 13.67
C ASP G 126 -28.13 17.59 14.91
N GLU G 127 -26.97 17.22 15.45
CA GLU G 127 -26.44 17.89 16.64
C GLU G 127 -27.58 18.03 17.65
N VAL G 128 -28.08 16.90 18.12
CA VAL G 128 -29.18 16.88 19.07
C VAL G 128 -28.89 17.52 20.42
N HIS G 129 -27.65 17.41 20.89
CA HIS G 129 -27.28 17.98 22.19
C HIS G 129 -27.49 19.50 22.25
N MET G 130 -27.74 20.10 21.10
CA MET G 130 -27.95 21.54 21.01
C MET G 130 -29.42 21.93 21.08
N LEU G 131 -30.28 20.97 21.43
CA LEU G 131 -31.70 21.24 21.56
C LEU G 131 -31.94 22.03 22.83
N SER G 132 -32.97 22.87 22.82
CA SER G 132 -33.30 23.67 24.00
C SER G 132 -33.76 22.76 25.12
N ARG G 133 -33.73 23.29 26.35
CA ARG G 133 -34.17 22.52 27.51
C ARG G 133 -35.62 22.09 27.31
N HIS G 134 -36.35 22.93 26.57
CA HIS G 134 -37.77 22.70 26.27
C HIS G 134 -37.97 21.45 25.42
N SER G 135 -37.32 21.41 24.26
CA SER G 135 -37.43 20.28 23.34
C SER G 135 -36.82 18.98 23.83
N PHE G 136 -35.80 19.06 24.69
CA PHE G 136 -35.18 17.87 25.24
C PHE G 136 -36.26 17.03 25.92
N ASN G 137 -36.96 17.67 26.85
CA ASN G 137 -38.03 17.01 27.60
C ASN G 137 -39.04 16.50 26.58
N ALA G 138 -39.30 17.31 25.56
CA ALA G 138 -40.24 16.95 24.51
C ALA G 138 -39.82 15.63 23.87
N LEU G 139 -38.53 15.51 23.59
CA LEU G 139 -37.99 14.31 22.97
C LEU G 139 -37.98 13.13 23.95
N LEU G 140 -37.66 13.40 25.21
CA LEU G 140 -37.61 12.36 26.23
C LEU G 140 -38.99 11.75 26.43
N LYS G 141 -39.99 12.62 26.57
CA LYS G 141 -41.39 12.23 26.78
C LYS G 141 -41.87 11.22 25.76
N THR G 142 -41.52 11.44 24.49
CA THR G 142 -41.93 10.56 23.41
C THR G 142 -41.15 9.26 23.41
N LEU G 143 -39.88 9.32 23.80
CA LEU G 143 -39.02 8.14 23.84
C LEU G 143 -39.37 7.25 25.03
N GLU G 144 -40.05 7.83 26.02
CA GLU G 144 -40.47 7.09 27.19
C GLU G 144 -41.77 6.35 26.87
N GLU G 145 -42.52 6.90 25.94
CA GLU G 145 -43.78 6.31 25.48
C GLU G 145 -43.65 6.18 23.96
N PRO G 146 -42.70 5.34 23.51
CA PRO G 146 -42.38 5.07 22.10
C PRO G 146 -43.57 4.90 21.16
N PRO G 147 -43.94 5.97 20.44
CA PRO G 147 -45.06 5.90 19.49
C PRO G 147 -44.64 5.03 18.33
N GLU G 148 -45.47 4.06 17.97
CA GLU G 148 -45.10 3.17 16.87
C GLU G 148 -45.37 3.87 15.54
N HIS G 149 -44.63 3.45 14.52
CA HIS G 149 -44.70 4.02 13.17
C HIS G 149 -43.80 5.25 13.14
N VAL G 150 -43.07 5.45 14.24
CA VAL G 150 -42.15 6.59 14.35
C VAL G 150 -40.77 6.14 14.87
N LYS G 151 -39.73 6.53 14.14
CA LYS G 151 -38.36 6.18 14.52
C LYS G 151 -37.48 7.41 14.66
N PHE G 152 -36.72 7.46 15.76
CA PHE G 152 -35.83 8.59 16.03
C PHE G 152 -34.36 8.26 15.78
N LEU G 153 -33.73 9.04 14.91
CA LEU G 153 -32.33 8.86 14.57
C LEU G 153 -31.57 10.13 14.96
N LEU G 154 -30.82 10.07 16.05
CA LEU G 154 -30.08 11.22 16.54
C LEU G 154 -28.60 11.22 16.15
N ALA G 155 -28.07 12.41 15.89
CA ALA G 155 -26.67 12.58 15.51
C ALA G 155 -26.04 13.65 16.40
N THR G 156 -24.77 13.45 16.77
CA THR G 156 -24.06 14.40 17.63
C THR G 156 -22.54 14.18 17.66
N THR G 157 -21.81 15.24 18.00
CA THR G 157 -20.35 15.17 18.08
C THR G 157 -19.87 15.24 19.51
N ASP G 158 -20.82 15.32 20.45
CA ASP G 158 -20.50 15.38 21.87
C ASP G 158 -21.67 14.81 22.66
N PRO G 159 -21.76 13.47 22.74
CA PRO G 159 -22.80 12.71 23.45
C PRO G 159 -22.96 13.05 24.92
N GLN G 160 -21.87 13.43 25.56
CA GLN G 160 -21.87 13.78 26.97
C GLN G 160 -22.82 14.92 27.27
N LYS G 161 -22.98 15.83 26.30
CA LYS G 161 -23.84 17.00 26.44
C LYS G 161 -25.33 16.63 26.48
N LEU G 162 -25.63 15.35 26.30
CA LEU G 162 -27.00 14.88 26.32
C LEU G 162 -27.39 14.32 27.67
N PRO G 163 -28.65 14.50 28.08
CA PRO G 163 -29.12 13.99 29.36
C PRO G 163 -29.06 12.46 29.37
N VAL G 164 -28.60 11.89 30.49
CA VAL G 164 -28.49 10.44 30.63
C VAL G 164 -29.85 9.77 30.43
N THR G 165 -30.92 10.51 30.68
CA THR G 165 -32.28 9.99 30.55
C THR G 165 -32.63 9.69 29.09
N ILE G 166 -32.34 10.65 28.22
CA ILE G 166 -32.61 10.51 26.78
C ILE G 166 -31.64 9.52 26.16
N LEU G 167 -30.36 9.75 26.43
CA LEU G 167 -29.31 8.92 25.91
C LEU G 167 -29.49 7.46 26.31
N SER G 168 -30.08 7.22 27.48
CA SER G 168 -30.30 5.86 27.98
C SER G 168 -31.37 5.09 27.20
N ARG G 169 -32.21 5.83 26.46
CA ARG G 169 -33.30 5.23 25.67
C ARG G 169 -32.92 4.99 24.20
N CYS G 170 -31.70 5.35 23.82
CA CYS G 170 -31.27 5.17 22.44
C CYS G 170 -30.27 4.04 22.22
N LEU G 171 -30.03 3.73 20.96
CA LEU G 171 -29.11 2.67 20.58
C LEU G 171 -27.85 3.40 20.11
N GLN G 172 -26.84 3.46 21.00
CA GLN G 172 -25.60 4.16 20.68
C GLN G 172 -24.61 3.48 19.77
N PHE G 173 -24.13 4.26 18.82
CA PHE G 173 -23.12 3.79 17.87
C PHE G 173 -22.02 4.84 17.79
N HIS G 174 -20.89 4.54 18.40
CA HIS G 174 -19.76 5.44 18.43
C HIS G 174 -18.88 5.39 17.17
N LEU G 175 -19.19 6.27 16.22
CA LEU G 175 -18.44 6.36 14.97
C LEU G 175 -17.10 7.04 15.16
N LYS G 176 -16.03 6.30 14.89
CA LYS G 176 -14.69 6.86 15.01
C LYS G 176 -14.23 7.31 13.63
N ALA G 177 -13.37 8.32 13.60
CA ALA G 177 -12.86 8.83 12.34
C ALA G 177 -12.07 7.70 11.69
N LEU G 178 -11.27 8.02 10.68
CA LEU G 178 -10.49 6.99 10.02
C LEU G 178 -9.08 7.43 9.64
N ASP G 179 -8.21 6.43 9.48
CA ASP G 179 -6.81 6.60 9.11
C ASP G 179 -6.60 7.75 8.13
N VAL G 180 -5.37 8.26 8.06
CA VAL G 180 -5.03 9.33 7.14
C VAL G 180 -4.92 8.72 5.74
N GLU G 181 -4.56 7.44 5.68
CA GLU G 181 -4.45 6.71 4.42
C GLU G 181 -5.83 6.23 4.01
N GLN G 182 -6.78 6.39 4.94
CA GLN G 182 -8.16 6.01 4.72
C GLN G 182 -8.82 7.19 4.01
N ILE G 183 -8.39 8.40 4.38
CA ILE G 183 -8.92 9.64 3.80
C ILE G 183 -8.36 9.88 2.40
N ARG G 184 -7.15 9.42 2.13
CA ARG G 184 -6.56 9.62 0.81
C ARG G 184 -7.22 8.66 -0.18
N HIS G 185 -7.58 7.47 0.31
CA HIS G 185 -8.23 6.45 -0.51
C HIS G 185 -9.68 6.85 -0.79
N GLN G 186 -10.21 7.73 0.05
CA GLN G 186 -11.59 8.21 -0.10
C GLN G 186 -11.63 9.46 -0.98
N LEU G 187 -10.52 10.18 -1.05
CA LEU G 187 -10.43 11.39 -1.87
C LEU G 187 -9.99 10.97 -3.26
N GLU G 188 -9.23 9.87 -3.31
CA GLU G 188 -8.72 9.31 -4.54
C GLU G 188 -9.85 8.59 -5.27
N HIS G 189 -10.87 8.22 -4.52
CA HIS G 189 -12.03 7.51 -5.05
C HIS G 189 -13.12 8.51 -5.46
N ILE G 190 -13.19 9.64 -4.75
CA ILE G 190 -14.18 10.68 -5.02
C ILE G 190 -13.88 11.51 -6.27
N LEU G 191 -12.61 11.75 -6.55
CA LEU G 191 -12.22 12.53 -7.71
C LEU G 191 -12.23 11.75 -9.02
N ASN G 192 -12.26 10.42 -8.93
CA ASN G 192 -12.27 9.57 -10.12
C ASN G 192 -13.61 9.57 -10.86
N GLU G 193 -14.71 9.57 -10.12
CA GLU G 193 -16.03 9.57 -10.73
C GLU G 193 -16.50 11.00 -11.00
N GLU G 194 -15.67 11.96 -10.60
CA GLU G 194 -15.96 13.37 -10.80
C GLU G 194 -15.11 13.87 -11.96
N HIS G 195 -14.19 13.00 -12.39
CA HIS G 195 -13.29 13.31 -13.49
C HIS G 195 -12.47 14.58 -13.21
N ILE G 196 -11.99 14.70 -11.98
CA ILE G 196 -11.19 15.85 -11.57
C ILE G 196 -9.72 15.45 -11.48
N ALA G 197 -8.85 16.26 -12.09
CA ALA G 197 -7.41 16.02 -12.11
C ALA G 197 -6.72 16.15 -10.76
N HIS G 198 -5.88 15.18 -10.42
CA HIS G 198 -5.15 15.19 -9.15
C HIS G 198 -3.84 14.39 -9.18
N GLU G 199 -2.88 14.82 -8.39
CA GLU G 199 -1.57 14.17 -8.29
C GLU G 199 -1.53 13.39 -6.99
N PRO G 200 -0.89 12.21 -6.98
CA PRO G 200 -0.79 11.38 -5.78
C PRO G 200 -0.18 12.10 -4.58
N ARG G 201 0.46 13.24 -4.82
CA ARG G 201 1.08 14.00 -3.74
C ARG G 201 0.14 15.01 -3.09
N ALA G 202 -0.76 15.59 -3.88
CA ALA G 202 -1.70 16.57 -3.39
C ALA G 202 -2.72 15.99 -2.41
N LEU G 203 -3.21 14.79 -2.69
CA LEU G 203 -4.19 14.14 -1.82
C LEU G 203 -3.61 13.74 -0.46
N GLN G 204 -2.29 13.69 -0.38
CA GLN G 204 -1.63 13.33 0.87
C GLN G 204 -1.40 14.60 1.68
N LEU G 205 -1.38 15.72 0.98
CA LEU G 205 -1.21 17.03 1.62
C LEU G 205 -2.57 17.53 2.08
N LEU G 206 -3.63 16.80 1.71
CA LEU G 206 -5.00 17.16 2.10
C LEU G 206 -5.54 16.23 3.19
N ALA G 207 -5.20 14.95 3.10
CA ALA G 207 -5.63 13.97 4.10
C ALA G 207 -4.88 14.23 5.39
N ARG G 208 -3.69 14.82 5.26
CA ARG G 208 -2.86 15.14 6.41
C ARG G 208 -3.38 16.42 7.07
N ALA G 209 -3.89 17.33 6.25
CA ALA G 209 -4.44 18.60 6.73
C ALA G 209 -5.71 18.32 7.51
N ALA G 210 -6.78 17.96 6.80
CA ALA G 210 -8.04 17.63 7.44
C ALA G 210 -7.70 16.63 8.54
N GLU G 211 -7.62 17.13 9.77
CA GLU G 211 -7.25 16.30 10.92
C GLU G 211 -8.28 15.26 11.36
N GLY G 212 -8.21 14.07 10.77
CA GLY G 212 -9.10 12.99 11.13
C GLY G 212 -10.55 13.08 10.71
N SER G 213 -10.89 14.04 9.85
CA SER G 213 -12.27 14.19 9.40
C SER G 213 -12.37 14.30 7.88
N LEU G 214 -13.37 13.64 7.32
CA LEU G 214 -13.56 13.63 5.87
C LEU G 214 -14.23 14.90 5.36
N ARG G 215 -15.21 15.41 6.10
CA ARG G 215 -15.90 16.62 5.68
C ARG G 215 -14.90 17.77 5.54
N ASP G 216 -13.89 17.81 6.39
CA ASP G 216 -12.86 18.86 6.30
C ASP G 216 -12.00 18.55 5.10
N ALA G 217 -11.80 17.26 4.83
CA ALA G 217 -11.00 16.84 3.69
C ALA G 217 -11.73 17.28 2.43
N LEU G 218 -13.02 16.94 2.35
CA LEU G 218 -13.85 17.31 1.20
C LEU G 218 -13.95 18.82 1.05
N SER G 219 -14.01 19.52 2.18
CA SER G 219 -14.09 20.98 2.19
C SER G 219 -12.74 21.58 1.82
N LEU G 220 -11.67 20.90 2.22
CA LEU G 220 -10.30 21.34 1.93
C LEU G 220 -9.95 21.17 0.46
N THR G 221 -10.49 20.13 -0.14
CA THR G 221 -10.23 19.85 -1.55
C THR G 221 -11.04 20.80 -2.41
N ASP G 222 -12.21 21.21 -1.91
CA ASP G 222 -13.07 22.13 -2.64
C ASP G 222 -12.39 23.47 -2.85
N GLN G 223 -11.48 23.84 -1.95
CA GLN G 223 -10.75 25.10 -2.08
C GLN G 223 -9.58 24.80 -3.01
N ALA G 224 -8.93 23.65 -2.77
CA ALA G 224 -7.80 23.22 -3.57
C ALA G 224 -8.18 23.34 -5.04
N ILE G 225 -9.44 23.03 -5.33
CA ILE G 225 -9.98 23.10 -6.69
C ILE G 225 -10.21 24.54 -7.13
N ALA G 226 -10.68 25.38 -6.22
CA ALA G 226 -10.95 26.79 -6.52
C ALA G 226 -9.69 27.60 -6.74
N SER G 227 -8.67 27.38 -5.91
CA SER G 227 -7.42 28.12 -6.03
C SER G 227 -6.60 27.60 -7.21
N GLY G 228 -6.75 26.30 -7.51
CA GLY G 228 -6.02 25.70 -8.61
C GLY G 228 -6.80 25.69 -9.91
N ASP G 229 -8.01 26.25 -9.86
CA ASP G 229 -8.87 26.33 -11.03
C ASP G 229 -9.01 25.01 -11.79
N GLY G 230 -9.77 24.07 -11.24
CA GLY G 230 -9.98 22.78 -11.89
C GLY G 230 -9.22 21.57 -11.37
N GLN G 231 -7.89 21.63 -11.42
CA GLN G 231 -7.06 20.52 -10.98
C GLN G 231 -6.72 20.63 -9.49
N VAL G 232 -6.31 19.52 -8.90
CA VAL G 232 -5.91 19.50 -7.49
C VAL G 232 -4.42 19.15 -7.47
N SER G 233 -3.62 20.12 -7.87
CA SER G 233 -2.17 19.99 -7.95
C SER G 233 -1.45 20.20 -6.61
N THR G 234 -0.32 19.51 -6.44
CA THR G 234 0.48 19.61 -5.22
C THR G 234 0.92 21.06 -5.04
N GLN G 235 0.79 21.84 -6.11
CA GLN G 235 1.16 23.26 -6.09
C GLN G 235 0.01 24.13 -5.63
N ALA G 236 -1.20 23.80 -6.07
CA ALA G 236 -2.38 24.56 -5.69
C ALA G 236 -2.82 24.09 -4.31
N VAL G 237 -2.19 23.01 -3.82
CA VAL G 237 -2.50 22.45 -2.52
C VAL G 237 -1.49 22.84 -1.45
N SER G 238 -0.20 22.82 -1.79
CA SER G 238 0.83 23.20 -0.82
C SER G 238 0.89 24.72 -0.76
N ALA G 239 -0.10 25.36 -1.38
CA ALA G 239 -0.21 26.82 -1.42
C ALA G 239 -0.97 27.34 -0.20
N MET G 240 -1.99 26.59 0.21
CA MET G 240 -2.80 26.93 1.38
C MET G 240 -2.21 26.11 2.53
N LEU G 241 -2.40 24.78 2.46
CA LEU G 241 -1.86 23.84 3.43
C LEU G 241 -0.50 23.53 2.81
N GLY G 242 0.58 23.81 3.52
CA GLY G 242 1.85 23.59 2.86
C GLY G 242 3.01 22.98 3.67
N THR G 243 3.92 23.86 4.16
CA THR G 243 5.12 23.43 4.91
C THR G 243 4.88 22.93 6.34
N LEU G 244 4.03 21.88 6.54
CA LEU G 244 3.73 21.46 7.90
C LEU G 244 4.61 20.36 8.37
N ASP G 245 5.04 19.61 7.45
CA ASP G 245 6.02 18.70 7.81
C ASP G 245 7.22 19.20 7.05
N ASP G 246 8.28 19.44 7.76
CA ASP G 246 9.46 19.80 7.08
C ASP G 246 10.67 19.09 7.68
N ASP G 247 11.30 18.35 6.78
CA ASP G 247 12.44 17.52 7.10
C ASP G 247 13.68 18.32 7.55
N GLN G 248 13.77 19.56 7.12
CA GLN G 248 14.83 20.40 7.56
C GLN G 248 14.65 20.73 9.09
N ALA G 249 13.49 21.21 9.60
CA ALA G 249 13.41 21.53 11.06
C ALA G 249 14.57 20.84 11.74
N LEU G 250 14.78 19.64 11.27
CA LEU G 250 15.87 18.78 11.70
C LEU G 250 17.17 19.21 11.04
N SER G 251 17.15 19.25 9.72
CA SER G 251 18.29 19.64 8.90
C SER G 251 19.08 20.79 9.49
N LEU G 252 18.36 21.78 10.04
CA LEU G 252 19.00 22.95 10.61
C LEU G 252 19.84 22.62 11.83
N VAL G 253 19.42 21.63 12.60
CA VAL G 253 20.18 21.23 13.77
C VAL G 253 21.43 20.55 13.24
N GLU G 254 21.23 19.64 12.29
CA GLU G 254 22.35 18.93 11.69
C GLU G 254 23.35 19.96 11.22
N ALA G 255 22.88 20.85 10.35
CA ALA G 255 23.71 21.92 9.79
C ALA G 255 24.30 22.77 10.92
N MET G 256 23.75 22.63 12.11
CA MET G 256 24.23 23.38 13.27
C MET G 256 25.44 22.68 13.86
N VAL G 257 25.29 21.38 14.12
CA VAL G 257 26.36 20.58 14.71
C VAL G 257 27.50 20.40 13.72
N GLU G 258 27.23 20.67 12.45
CA GLU G 258 28.24 20.55 11.42
C GLU G 258 28.99 21.88 11.27
N ALA G 259 28.52 22.90 11.99
CA ALA G 259 29.12 24.23 12.00
C ALA G 259 29.05 24.93 10.64
N ASN G 260 28.46 24.25 9.65
CA ASN G 260 28.34 24.80 8.30
C ASN G 260 27.43 26.03 8.24
N GLY G 261 27.88 27.13 8.85
CA GLY G 261 27.10 28.35 8.85
C GLY G 261 26.47 28.65 7.51
N GLU G 262 27.14 28.24 6.44
CA GLU G 262 26.63 28.45 5.10
C GLU G 262 25.27 27.82 4.88
N ARG G 263 25.17 26.52 5.16
CA ARG G 263 23.90 25.81 4.99
C ARG G 263 22.88 26.38 5.97
N VAL G 264 23.32 26.56 7.22
CA VAL G 264 22.47 27.11 8.29
C VAL G 264 21.63 28.31 7.85
N MET G 265 22.31 29.37 7.43
CA MET G 265 21.66 30.59 6.97
C MET G 265 20.75 30.38 5.77
N ALA G 266 21.18 29.51 4.87
CA ALA G 266 20.43 29.19 3.66
C ALA G 266 19.09 28.56 3.99
N LEU G 267 19.07 27.78 5.06
CA LEU G 267 17.85 27.12 5.52
C LEU G 267 16.93 28.15 6.14
N ILE G 268 17.52 29.09 6.87
CA ILE G 268 16.78 30.16 7.51
C ILE G 268 16.10 31.03 6.46
N ASN G 269 16.90 31.56 5.54
CA ASN G 269 16.38 32.41 4.47
C ASN G 269 15.41 31.62 3.60
N GLU G 270 15.66 30.31 3.50
CA GLU G 270 14.81 29.41 2.72
C GLU G 270 13.50 29.19 3.46
N ALA G 271 13.59 29.19 4.79
CA ALA G 271 12.43 29.01 5.63
C ALA G 271 11.64 30.31 5.70
N ALA G 272 12.34 31.42 5.82
CA ALA G 272 11.70 32.73 5.89
C ALA G 272 10.75 32.96 4.71
N ALA G 273 11.06 32.34 3.57
CA ALA G 273 10.26 32.50 2.37
C ALA G 273 8.97 31.69 2.37
N ARG G 274 8.74 30.96 3.46
CA ARG G 274 7.53 30.15 3.56
C ARG G 274 6.72 30.57 4.79
N GLY G 275 7.01 31.76 5.30
CA GLY G 275 6.30 32.28 6.47
C GLY G 275 6.30 31.31 7.64
N ILE G 276 7.28 31.45 8.53
CA ILE G 276 7.39 30.55 9.67
C ILE G 276 7.28 31.21 11.04
N GLU G 277 6.50 30.58 11.91
CA GLU G 277 6.36 31.04 13.28
C GLU G 277 7.76 30.80 13.81
N TRP G 278 8.58 31.84 13.76
CA TRP G 278 9.97 31.75 14.20
C TRP G 278 10.16 31.04 15.52
N GLU G 279 9.21 31.16 16.42
CA GLU G 279 9.34 30.47 17.70
C GLU G 279 9.07 28.98 17.49
N ALA G 280 8.03 28.67 16.72
CA ALA G 280 7.65 27.27 16.43
C ALA G 280 8.82 26.44 15.99
N LEU G 281 9.77 27.09 15.33
CA LEU G 281 10.97 26.41 14.86
C LEU G 281 11.84 26.10 16.07
N LEU G 282 12.21 27.13 16.82
CA LEU G 282 13.03 26.98 18.01
C LEU G 282 12.52 25.88 18.93
N VAL G 283 11.22 25.63 18.88
CA VAL G 283 10.61 24.60 19.71
C VAL G 283 10.90 23.23 19.14
N GLU G 284 10.65 23.06 17.85
CA GLU G 284 10.89 21.78 17.19
C GLU G 284 12.31 21.29 17.39
N MET G 285 13.28 22.20 17.22
CA MET G 285 14.69 21.84 17.41
C MET G 285 14.94 21.44 18.86
N LEU G 286 14.52 22.29 19.79
CA LEU G 286 14.70 22.02 21.21
C LEU G 286 14.04 20.71 21.64
N GLY G 287 12.89 20.42 21.04
CA GLY G 287 12.16 19.20 21.38
C GLY G 287 12.78 17.97 20.74
N LEU G 288 13.46 18.18 19.63
CA LEU G 288 14.13 17.10 18.92
C LEU G 288 15.49 16.92 19.57
N LEU G 289 16.10 18.04 19.95
CA LEU G 289 17.40 18.02 20.62
C LEU G 289 17.20 17.29 21.95
N HIS G 290 15.97 17.31 22.46
CA HIS G 290 15.64 16.64 23.71
C HIS G 290 15.40 15.16 23.45
N ARG G 291 14.60 14.87 22.44
CA ARG G 291 14.27 13.50 22.08
C ARG G 291 15.51 12.71 21.68
N ILE G 292 16.62 13.41 21.47
CA ILE G 292 17.86 12.76 21.09
C ILE G 292 18.76 12.50 22.30
N ALA G 293 18.65 13.37 23.30
CA ALA G 293 19.45 13.20 24.51
C ALA G 293 18.90 11.99 25.25
N MET G 294 17.72 11.54 24.83
CA MET G 294 17.07 10.39 25.45
C MET G 294 17.39 9.06 24.77
N VAL G 295 17.33 9.03 23.44
CA VAL G 295 17.66 7.78 22.75
C VAL G 295 19.09 7.44 23.12
N GLN G 296 19.80 8.44 23.63
CA GLN G 296 21.19 8.30 24.04
C GLN G 296 21.34 7.72 25.43
N LEU G 297 20.28 7.07 25.92
CA LEU G 297 20.32 6.46 27.24
C LEU G 297 19.43 5.21 27.13
N SER G 298 18.67 5.17 26.05
CA SER G 298 17.77 4.06 25.74
C SER G 298 17.40 4.18 24.27
N PRO G 299 17.57 3.10 23.49
CA PRO G 299 17.27 3.05 22.06
C PRO G 299 15.79 3.10 21.68
N ALA G 300 14.93 2.65 22.58
CA ALA G 300 13.50 2.64 22.32
C ALA G 300 12.87 4.02 22.39
N ALA G 301 13.61 5.06 21.99
CA ALA G 301 13.08 6.42 22.04
C ALA G 301 12.54 7.00 20.73
N LEU G 302 12.09 6.13 19.84
CA LEU G 302 11.53 6.55 18.56
C LEU G 302 10.04 6.19 18.55
N GLY G 303 9.20 7.22 18.64
CA GLY G 303 7.77 7.03 18.68
C GLY G 303 7.07 6.41 17.48
N ASN G 304 5.89 6.95 17.18
CA ASN G 304 5.06 6.47 16.10
C ASN G 304 5.41 6.96 14.69
N ASP G 305 5.64 8.27 14.55
CA ASP G 305 5.94 8.83 13.23
C ASP G 305 7.39 9.23 13.00
N MET G 306 8.29 8.76 13.85
CA MET G 306 9.70 9.09 13.70
C MET G 306 10.32 8.19 12.62
N ALA G 307 9.47 7.48 11.89
CA ALA G 307 9.91 6.57 10.83
C ALA G 307 10.77 7.26 9.77
N ALA G 308 10.17 8.20 9.04
CA ALA G 308 10.88 8.92 7.99
C ALA G 308 12.25 9.43 8.44
N ILE G 309 12.32 9.96 9.66
CA ILE G 309 13.56 10.50 10.19
C ILE G 309 14.51 9.45 10.76
N GLU G 310 14.01 8.64 11.69
CA GLU G 310 14.78 7.59 12.35
C GLU G 310 16.29 7.67 12.15
N LEU G 311 16.72 7.23 10.97
CA LEU G 311 18.13 7.23 10.61
C LEU G 311 18.78 8.55 11.01
N ARG G 312 18.43 9.62 10.29
CA ARG G 312 18.96 10.96 10.54
C ARG G 312 19.11 11.21 12.03
N MET G 313 18.07 10.84 12.77
CA MET G 313 18.08 11.00 14.22
C MET G 313 19.13 10.07 14.80
N ARG G 314 18.77 8.79 14.86
CA ARG G 314 19.64 7.76 15.38
C ARG G 314 21.10 8.13 15.19
N GLU G 315 21.41 8.62 13.98
CA GLU G 315 22.75 9.03 13.61
C GLU G 315 23.37 10.01 14.60
N LEU G 316 22.64 11.09 14.86
CA LEU G 316 23.11 12.11 15.78
C LEU G 316 23.17 11.59 17.21
N ALA G 317 22.38 10.57 17.49
CA ALA G 317 22.34 9.99 18.82
C ALA G 317 23.69 9.39 19.19
N ARG G 318 24.26 8.62 18.27
CA ARG G 318 25.55 7.95 18.48
C ARG G 318 26.75 8.83 18.22
N THR G 319 26.77 9.45 17.04
CA THR G 319 27.87 10.30 16.62
C THR G 319 28.08 11.60 17.40
N ILE G 320 27.10 12.01 18.20
CA ILE G 320 27.23 13.25 18.97
C ILE G 320 27.37 13.00 20.47
N PRO G 321 28.39 13.61 21.10
CA PRO G 321 28.66 13.47 22.54
C PRO G 321 27.47 13.91 23.36
N PRO G 322 27.37 13.46 24.62
CA PRO G 322 26.25 13.84 25.48
C PRO G 322 26.35 15.27 26.02
N THR G 323 27.50 15.62 26.60
CA THR G 323 27.73 16.96 27.16
C THR G 323 27.48 18.06 26.12
N ASP G 324 27.67 17.72 24.85
CA ASP G 324 27.46 18.67 23.75
C ASP G 324 25.97 18.92 23.51
N ILE G 325 25.18 17.86 23.50
CA ILE G 325 23.75 17.97 23.29
C ILE G 325 23.18 18.96 24.30
N GLN G 326 23.78 18.98 25.48
CA GLN G 326 23.36 19.85 26.56
C GLN G 326 23.74 21.32 26.35
N LEU G 327 24.85 21.55 25.66
CA LEU G 327 25.28 22.91 25.39
C LEU G 327 24.46 23.53 24.25
N TYR G 328 23.99 22.68 23.34
CA TYR G 328 23.18 23.13 22.20
C TYR G 328 21.75 23.41 22.69
N TYR G 329 21.22 22.47 23.45
CA TYR G 329 19.87 22.57 24.02
C TYR G 329 19.84 23.87 24.82
N GLN G 330 20.79 24.00 25.75
CA GLN G 330 20.91 25.16 26.61
C GLN G 330 20.95 26.49 25.84
N THR G 331 21.74 26.52 24.77
CA THR G 331 21.88 27.74 23.96
C THR G 331 20.66 28.00 23.07
N LEU G 332 19.99 26.93 22.62
CA LEU G 332 18.81 27.10 21.78
C LEU G 332 17.65 27.48 22.71
N LEU G 333 17.83 27.16 23.99
CA LEU G 333 16.85 27.43 25.03
C LEU G 333 16.86 28.94 25.32
N ILE G 334 18.02 29.42 25.76
CA ILE G 334 18.18 30.83 26.05
C ILE G 334 17.66 31.64 24.86
N GLY G 335 18.04 31.21 23.67
CA GLY G 335 17.61 31.89 22.46
C GLY G 335 16.12 32.14 22.43
N ARG G 336 15.33 31.08 22.56
CA ARG G 336 13.89 31.22 22.57
C ARG G 336 13.53 32.39 23.47
N LYS G 337 14.14 32.40 24.66
CA LYS G 337 13.91 33.44 25.65
C LYS G 337 14.15 34.87 25.16
N GLU G 338 15.30 35.12 24.55
CA GLU G 338 15.63 36.45 24.06
C GLU G 338 14.81 36.82 22.83
N LEU G 339 14.31 35.80 22.12
CA LEU G 339 13.56 35.97 20.88
C LEU G 339 12.62 37.17 20.70
N PRO G 340 11.49 37.21 21.44
CA PRO G 340 10.58 38.35 21.27
C PRO G 340 11.28 39.68 21.47
N TYR G 341 12.13 39.74 22.48
CA TYR G 341 12.88 40.95 22.78
C TYR G 341 13.89 41.32 21.70
N ALA G 342 14.00 40.48 20.67
CA ALA G 342 14.94 40.76 19.59
C ALA G 342 14.39 41.84 18.68
N PRO G 343 15.26 42.68 18.12
CA PRO G 343 14.83 43.76 17.22
C PRO G 343 14.02 43.24 16.04
N ASP G 344 13.89 41.92 15.98
CA ASP G 344 13.16 41.24 14.92
C ASP G 344 13.24 39.75 15.26
N ARG G 345 12.15 39.02 15.12
CA ARG G 345 12.16 37.60 15.45
C ARG G 345 13.08 36.80 14.55
N ARG G 346 13.06 37.12 13.26
CA ARG G 346 13.93 36.42 12.31
C ARG G 346 15.36 36.65 12.76
N MET G 347 15.72 37.91 12.96
CA MET G 347 17.05 38.32 13.39
C MET G 347 17.49 37.64 14.68
N GLY G 348 16.51 37.29 15.53
CA GLY G 348 16.84 36.62 16.77
C GLY G 348 17.21 35.18 16.48
N VAL G 349 16.54 34.60 15.48
CA VAL G 349 16.79 33.23 15.07
C VAL G 349 18.22 33.08 14.55
N GLU G 350 18.57 33.89 13.55
CA GLU G 350 19.90 33.86 12.96
C GLU G 350 20.97 34.08 14.02
N MET G 351 20.78 35.11 14.85
CA MET G 351 21.74 35.46 15.90
C MET G 351 21.91 34.37 16.95
N THR G 352 20.84 33.63 17.23
CA THR G 352 20.90 32.55 18.20
C THR G 352 21.82 31.46 17.66
N LEU G 353 21.48 30.96 16.48
CA LEU G 353 22.29 29.95 15.84
C LEU G 353 23.71 30.50 15.81
N LEU G 354 23.83 31.75 15.41
CA LEU G 354 25.12 32.42 15.33
C LEU G 354 25.82 32.47 16.69
N ARG G 355 25.13 32.05 17.74
CA ARG G 355 25.72 32.04 19.07
C ARG G 355 26.28 30.64 19.28
N ALA G 356 25.52 29.65 18.82
CA ALA G 356 25.92 28.26 18.92
C ALA G 356 27.19 28.05 18.10
N LEU G 357 27.20 28.67 16.92
CA LEU G 357 28.35 28.58 15.99
C LEU G 357 29.57 29.32 16.54
N ALA G 358 29.36 30.16 17.55
CA ALA G 358 30.44 30.93 18.16
C ALA G 358 30.98 30.27 19.43
N PHE G 359 30.29 29.24 19.90
CA PHE G 359 30.69 28.50 21.09
C PHE G 359 30.76 27.01 20.76
N HIS G 360 30.40 26.69 19.52
CA HIS G 360 30.39 25.33 19.00
C HIS G 360 31.67 24.62 19.45
N PRO G 361 31.53 23.40 19.99
CA PRO G 361 32.70 22.64 20.46
C PRO G 361 33.76 22.37 19.39
N ARG G 362 33.33 21.86 18.24
CA ARG G 362 34.24 21.54 17.16
C ARG G 362 34.05 22.47 15.96
N MET G 363 35.12 23.22 15.65
CA MET G 363 35.12 24.16 14.54
C MET G 363 34.54 25.53 14.89
N PRO G 364 35.06 26.16 15.95
CA PRO G 364 34.58 27.49 16.37
C PRO G 364 35.13 28.61 15.49
N LEU G 365 34.39 29.72 15.42
CA LEU G 365 34.76 30.87 14.61
C LEU G 365 36.18 31.39 14.81
N PRO G 366 36.82 31.83 13.72
CA PRO G 366 38.19 32.36 13.72
C PRO G 366 38.35 33.81 14.22
N GLU G 367 39.58 34.29 14.18
CA GLU G 367 39.94 35.64 14.62
C GLU G 367 41.44 35.92 14.37
N PRO G 368 41.75 36.93 13.52
CA PRO G 368 43.13 37.32 13.18
C PRO G 368 43.78 38.25 14.20
N TYR H 3 -2.22 67.34 -3.77
CA TYR H 3 -3.28 66.98 -2.80
C TYR H 3 -3.63 65.49 -2.85
N GLN H 4 -2.76 64.67 -2.28
CA GLN H 4 -2.99 63.23 -2.27
C GLN H 4 -2.00 62.48 -1.41
N VAL H 5 -2.52 61.56 -0.62
CA VAL H 5 -1.68 60.74 0.24
C VAL H 5 -1.74 59.31 -0.26
N LEU H 6 -0.56 58.72 -0.46
CA LEU H 6 -0.44 57.37 -0.95
C LEU H 6 -1.44 56.39 -0.34
N ALA H 7 -1.75 56.55 0.94
CA ALA H 7 -2.71 55.67 1.61
C ALA H 7 -4.04 55.63 0.86
N ARG H 8 -4.33 56.71 0.14
CA ARG H 8 -5.56 56.80 -0.62
C ARG H 8 -5.29 56.65 -2.12
N LYS H 9 -4.13 57.10 -2.56
CA LYS H 9 -3.76 57.03 -3.98
C LYS H 9 -3.64 55.62 -4.54
N TRP H 10 -3.11 54.68 -3.75
CA TRP H 10 -2.97 53.31 -4.21
C TRP H 10 -3.92 52.35 -3.50
N ARG H 11 -5.04 52.88 -3.04
CA ARG H 11 -6.06 52.08 -2.36
C ARG H 11 -6.58 51.09 -3.41
N PRO H 12 -6.17 49.81 -3.31
CA PRO H 12 -6.58 48.73 -4.22
C PRO H 12 -7.99 48.85 -4.80
N GLN H 13 -8.08 48.97 -6.12
CA GLN H 13 -9.35 49.09 -6.81
C GLN H 13 -9.78 47.77 -7.47
N THR H 14 -8.80 46.97 -7.90
CA THR H 14 -9.08 45.67 -8.51
C THR H 14 -8.42 44.58 -7.67
N PHE H 15 -8.88 43.34 -7.85
CA PHE H 15 -8.33 42.22 -7.11
C PHE H 15 -6.85 42.04 -7.38
N ALA H 16 -6.40 42.60 -8.50
CA ALA H 16 -5.00 42.50 -8.90
C ALA H 16 -4.07 43.36 -8.07
N ASP H 17 -4.58 44.50 -7.59
CA ASP H 17 -3.76 45.41 -6.79
C ASP H 17 -3.47 44.92 -5.38
N VAL H 18 -4.24 43.93 -4.92
CA VAL H 18 -4.04 43.37 -3.58
C VAL H 18 -2.66 42.71 -3.51
N VAL H 19 -1.98 42.88 -2.38
CA VAL H 19 -0.64 42.33 -2.20
C VAL H 19 -0.50 41.03 -1.42
N GLY H 20 0.44 40.19 -1.85
CA GLY H 20 0.75 38.93 -1.21
C GLY H 20 -0.25 37.80 -1.08
N GLN H 21 -1.48 38.13 -0.69
CA GLN H 21 -2.51 37.11 -0.49
C GLN H 21 -3.19 36.65 -1.77
N GLU H 22 -2.47 35.83 -2.55
CA GLU H 22 -2.97 35.32 -3.83
C GLU H 22 -4.07 34.27 -3.72
N HIS H 23 -3.88 33.30 -2.83
CA HIS H 23 -4.86 32.22 -2.68
C HIS H 23 -6.15 32.59 -1.99
N VAL H 24 -6.23 33.79 -1.42
CA VAL H 24 -7.45 34.25 -0.79
C VAL H 24 -8.11 35.11 -1.87
N LEU H 25 -7.34 35.38 -2.93
CA LEU H 25 -7.80 36.16 -4.07
C LEU H 25 -8.14 35.25 -5.24
N THR H 26 -7.65 34.01 -5.18
CA THR H 26 -7.91 33.02 -6.23
C THR H 26 -9.20 32.27 -5.91
N ALA H 27 -9.49 32.10 -4.62
CA ALA H 27 -10.69 31.40 -4.18
C ALA H 27 -11.93 32.22 -4.52
N LEU H 28 -11.90 33.51 -4.17
CA LEU H 28 -13.02 34.41 -4.43
C LEU H 28 -13.13 34.71 -5.93
N ALA H 29 -12.04 34.53 -6.66
CA ALA H 29 -12.03 34.76 -8.09
C ALA H 29 -12.87 33.68 -8.76
N ASN H 30 -12.78 32.46 -8.23
CA ASN H 30 -13.53 31.32 -8.75
C ASN H 30 -15.00 31.47 -8.39
N GLY H 31 -15.26 32.08 -7.24
CA GLY H 31 -16.62 32.28 -6.79
C GLY H 31 -17.35 33.32 -7.62
N LEU H 32 -16.69 34.46 -7.89
CA LEU H 32 -17.29 35.54 -8.67
C LEU H 32 -17.32 35.25 -10.17
N SER H 33 -16.83 34.07 -10.55
CA SER H 33 -16.82 33.67 -11.95
C SER H 33 -17.83 32.56 -12.22
N LEU H 34 -17.78 31.50 -11.42
CA LEU H 34 -18.69 30.38 -11.58
C LEU H 34 -20.04 30.65 -10.91
N GLY H 35 -20.05 31.66 -10.03
CA GLY H 35 -21.29 32.01 -9.35
C GLY H 35 -21.56 31.24 -8.06
N ARG H 36 -20.50 30.78 -7.40
CA ARG H 36 -20.63 30.04 -6.15
C ARG H 36 -20.54 30.97 -4.96
N ILE H 37 -21.57 31.79 -4.77
CA ILE H 37 -21.59 32.74 -3.66
C ILE H 37 -22.25 32.16 -2.43
N HIS H 38 -21.55 32.23 -1.30
CA HIS H 38 -22.08 31.71 -0.04
C HIS H 38 -22.75 32.83 0.75
N HIS H 39 -23.66 32.44 1.63
CA HIS H 39 -24.41 33.40 2.45
C HIS H 39 -23.58 34.01 3.57
N ALA H 40 -22.33 33.58 3.71
CA ALA H 40 -21.46 34.11 4.77
C ALA H 40 -19.96 33.90 4.53
N TYR H 41 -19.21 34.99 4.53
CA TYR H 41 -17.75 34.95 4.35
C TYR H 41 -17.05 35.52 5.58
N LEU H 42 -16.10 34.75 6.12
CA LEU H 42 -15.35 35.18 7.30
C LEU H 42 -13.90 35.50 6.96
N PHE H 43 -13.48 36.73 7.25
CA PHE H 43 -12.11 37.16 6.98
C PHE H 43 -11.38 37.48 8.28
N SER H 44 -10.52 36.59 8.73
CA SER H 44 -9.77 36.81 9.95
C SER H 44 -8.37 37.34 9.61
N GLY H 45 -7.56 37.57 10.64
CA GLY H 45 -6.22 38.07 10.40
C GLY H 45 -5.96 39.31 11.23
N THR H 46 -4.68 39.56 11.55
CA THR H 46 -4.31 40.72 12.35
C THR H 46 -4.80 42.03 11.75
N ARG H 47 -5.15 42.98 12.60
CA ARG H 47 -5.61 44.28 12.16
C ARG H 47 -4.48 44.81 11.32
N GLY H 48 -4.75 45.52 10.23
CA GLY H 48 -3.66 45.99 9.35
C GLY H 48 -3.70 45.25 8.02
N VAL H 49 -4.11 43.99 8.02
CA VAL H 49 -4.21 43.21 6.79
C VAL H 49 -5.49 43.62 6.10
N GLY H 50 -5.57 43.43 4.78
CA GLY H 50 -6.71 43.85 3.99
C GLY H 50 -8.03 43.08 4.16
N LYS H 51 -8.41 42.81 5.40
CA LYS H 51 -9.68 42.12 5.69
C LYS H 51 -10.87 42.94 5.16
N THR H 52 -10.97 44.22 5.61
CA THR H 52 -12.07 45.08 5.16
C THR H 52 -11.81 45.39 3.68
N SER H 53 -10.55 45.69 3.38
CA SER H 53 -10.09 46.05 2.05
C SER H 53 -10.52 45.04 0.99
N ILE H 54 -10.36 43.74 1.28
CA ILE H 54 -10.72 42.70 0.31
C ILE H 54 -12.22 42.41 0.31
N ALA H 55 -12.89 42.86 1.37
CA ALA H 55 -14.33 42.67 1.49
C ALA H 55 -15.08 43.67 0.60
N ARG H 56 -14.44 44.80 0.27
CA ARG H 56 -15.06 45.82 -0.57
C ARG H 56 -14.97 45.39 -2.02
N LEU H 57 -13.82 44.87 -2.41
CA LEU H 57 -13.58 44.44 -3.78
C LEU H 57 -14.41 43.23 -4.14
N LEU H 58 -15.09 42.68 -3.13
CA LEU H 58 -15.96 41.54 -3.34
C LEU H 58 -17.38 42.03 -3.65
N ALA H 59 -17.87 42.95 -2.82
CA ALA H 59 -19.20 43.55 -2.99
C ALA H 59 -19.14 44.54 -4.15
N LYS H 60 -17.93 44.81 -4.64
CA LYS H 60 -17.69 45.72 -5.75
C LYS H 60 -17.86 44.87 -7.02
N GLY H 61 -17.84 43.55 -6.84
CA GLY H 61 -18.00 42.63 -7.95
C GLY H 61 -19.33 41.90 -7.89
N LEU H 62 -20.05 42.09 -6.79
CA LEU H 62 -21.37 41.48 -6.58
C LEU H 62 -22.48 42.35 -7.16
N ASN H 63 -22.48 43.63 -6.81
CA ASN H 63 -23.49 44.59 -7.26
C ASN H 63 -23.10 45.30 -8.54
N CYS H 64 -21.84 45.16 -8.93
CA CYS H 64 -21.31 45.76 -10.15
C CYS H 64 -22.34 45.63 -11.28
N GLU H 65 -22.51 46.72 -12.03
CA GLU H 65 -23.46 46.75 -13.14
C GLU H 65 -22.95 45.92 -14.31
N THR H 66 -21.63 45.76 -14.38
CA THR H 66 -20.99 44.97 -15.43
C THR H 66 -21.39 43.51 -15.21
N GLY H 67 -22.10 43.25 -14.11
CA GLY H 67 -22.52 41.91 -13.77
C GLY H 67 -21.64 41.40 -12.63
N ILE H 68 -21.94 40.22 -12.07
CA ILE H 68 -21.14 39.67 -10.98
C ILE H 68 -19.75 39.32 -11.53
N THR H 69 -18.79 40.21 -11.29
CA THR H 69 -17.42 40.04 -11.79
C THR H 69 -16.35 39.86 -10.71
N ALA H 70 -15.20 39.34 -11.14
CA ALA H 70 -14.04 39.16 -10.27
C ALA H 70 -13.14 40.31 -10.69
N THR H 71 -13.52 40.92 -11.81
CA THR H 71 -12.83 42.05 -12.41
C THR H 71 -13.87 43.17 -12.56
N PRO H 72 -14.12 43.93 -11.48
CA PRO H 72 -15.09 45.03 -11.49
C PRO H 72 -14.58 46.24 -12.28
N CYS H 73 -15.47 47.03 -12.87
CA CYS H 73 -14.97 48.22 -13.57
C CYS H 73 -15.03 49.40 -12.61
N GLY H 74 -13.90 50.09 -12.50
CA GLY H 74 -13.77 51.21 -11.59
C GLY H 74 -14.62 52.43 -11.85
N VAL H 75 -15.41 52.43 -12.93
CA VAL H 75 -16.23 53.57 -13.29
C VAL H 75 -17.75 53.57 -13.05
N CYS H 76 -18.42 52.44 -13.26
CA CYS H 76 -19.87 52.38 -13.06
C CYS H 76 -20.25 52.93 -11.67
N ASP H 77 -21.41 53.58 -11.59
CA ASP H 77 -21.89 54.18 -10.34
C ASP H 77 -21.81 53.30 -9.08
N ASN H 78 -22.04 51.99 -9.21
CA ASN H 78 -21.98 51.07 -8.06
C ASN H 78 -20.56 50.87 -7.54
N CYS H 79 -19.57 50.90 -8.44
CA CYS H 79 -18.19 50.70 -8.04
C CYS H 79 -17.56 51.93 -7.37
N ARG H 80 -17.89 53.12 -7.85
CA ARG H 80 -17.37 54.36 -7.28
C ARG H 80 -17.91 54.61 -5.86
N GLU H 81 -19.21 54.41 -5.68
CA GLU H 81 -19.85 54.60 -4.38
C GLU H 81 -19.45 53.53 -3.35
N ILE H 82 -18.99 52.37 -3.83
CA ILE H 82 -18.56 51.29 -2.94
C ILE H 82 -17.14 51.57 -2.45
N GLU H 83 -16.32 52.13 -3.34
CA GLU H 83 -14.94 52.46 -3.02
C GLU H 83 -14.85 53.70 -2.12
N GLN H 84 -15.98 54.38 -1.91
CA GLN H 84 -16.03 55.57 -1.08
C GLN H 84 -16.82 55.32 0.20
N GLY H 85 -16.95 54.05 0.54
CA GLY H 85 -17.66 53.60 1.72
C GLY H 85 -19.15 53.86 1.74
N ARG H 86 -19.61 54.65 0.77
CA ARG H 86 -21.02 55.02 0.67
C ARG H 86 -21.82 54.32 -0.41
N PHE H 87 -22.58 53.30 -0.02
CA PHE H 87 -23.41 52.60 -0.98
C PHE H 87 -24.73 52.22 -0.32
N VAL H 88 -25.80 52.27 -1.10
CA VAL H 88 -27.14 51.97 -0.62
C VAL H 88 -27.24 50.65 0.16
N ASP H 89 -26.79 49.56 -0.46
CA ASP H 89 -26.85 48.26 0.17
C ASP H 89 -25.65 47.90 1.03
N LEU H 90 -24.54 48.61 0.84
CA LEU H 90 -23.35 48.33 1.63
C LEU H 90 -23.41 48.96 3.01
N ILE H 91 -24.07 48.27 3.92
CA ILE H 91 -24.22 48.72 5.29
C ILE H 91 -22.99 48.26 6.07
N GLU H 92 -22.13 49.19 6.43
CA GLU H 92 -20.90 48.86 7.16
C GLU H 92 -21.07 49.01 8.67
N ILE H 93 -20.96 47.89 9.37
CA ILE H 93 -21.12 47.84 10.82
C ILE H 93 -19.85 47.53 11.61
N ASP H 94 -19.46 48.44 12.50
CA ASP H 94 -18.28 48.25 13.33
C ASP H 94 -18.71 47.72 14.70
N ALA H 95 -18.63 46.41 14.88
CA ALA H 95 -19.03 45.78 16.13
C ALA H 95 -18.17 46.12 17.35
N ALA H 96 -17.22 47.03 17.18
CA ALA H 96 -16.33 47.40 18.29
C ALA H 96 -16.55 48.81 18.82
N SER H 97 -17.39 49.59 18.13
CA SER H 97 -17.67 50.97 18.52
C SER H 97 -18.71 51.06 19.65
N ARG H 98 -18.40 51.89 20.65
CA ARG H 98 -19.28 52.08 21.79
C ARG H 98 -20.50 52.91 21.42
N THR H 99 -20.26 53.91 20.56
CA THR H 99 -21.32 54.81 20.12
C THR H 99 -22.03 54.41 18.82
N LYS H 100 -21.87 53.16 18.39
CA LYS H 100 -22.52 52.68 17.17
C LYS H 100 -23.46 51.51 17.47
N VAL H 101 -23.50 51.10 18.74
CA VAL H 101 -24.31 49.99 19.19
C VAL H 101 -25.76 49.84 18.69
N GLU H 102 -26.52 50.93 18.63
CA GLU H 102 -27.91 50.82 18.21
C GLU H 102 -28.21 50.50 16.73
N ASP H 103 -27.56 51.23 15.81
CA ASP H 103 -27.81 51.00 14.38
C ASP H 103 -27.52 49.58 13.90
N THR H 104 -26.71 48.83 14.64
CA THR H 104 -26.38 47.46 14.28
C THR H 104 -27.53 46.56 14.69
N ARG H 105 -28.19 46.95 15.78
CA ARG H 105 -29.32 46.22 16.33
C ARG H 105 -30.52 46.24 15.39
N ASP H 106 -30.92 47.43 14.97
CA ASP H 106 -32.06 47.57 14.07
C ASP H 106 -31.80 47.06 12.66
N LEU H 107 -30.59 47.28 12.15
CA LEU H 107 -30.23 46.84 10.79
C LEU H 107 -30.17 45.33 10.61
N LEU H 108 -29.71 44.61 11.64
CA LEU H 108 -29.62 43.16 11.56
C LEU H 108 -30.96 42.48 11.86
N ASP H 109 -31.88 43.23 12.47
CA ASP H 109 -33.19 42.70 12.80
C ASP H 109 -34.23 43.15 11.77
N ASN H 110 -33.88 44.19 11.00
CA ASN H 110 -34.77 44.74 9.98
C ASN H 110 -34.20 44.54 8.58
N VAL H 111 -33.63 43.37 8.31
CA VAL H 111 -33.04 43.09 7.00
C VAL H 111 -34.05 43.31 5.88
N GLN H 112 -33.85 44.36 5.09
CA GLN H 112 -34.74 44.66 3.98
C GLN H 112 -34.56 43.63 2.87
N TYR H 113 -35.59 42.82 2.66
CA TYR H 113 -35.54 41.79 1.64
C TYR H 113 -35.68 42.32 0.21
N ALA H 114 -34.85 43.31 -0.12
CA ALA H 114 -34.88 43.91 -1.44
C ALA H 114 -33.81 44.99 -1.59
N PRO H 115 -32.63 44.62 -2.09
CA PRO H 115 -31.57 45.63 -2.25
C PRO H 115 -32.14 46.82 -3.01
N ALA H 116 -31.90 48.03 -2.51
CA ALA H 116 -32.41 49.23 -3.16
C ALA H 116 -31.77 49.50 -4.52
N ARG H 117 -30.45 49.39 -4.60
CA ARG H 117 -29.73 49.62 -5.86
C ARG H 117 -28.99 48.39 -6.37
N GLY H 118 -27.96 47.98 -5.65
CA GLY H 118 -27.18 46.82 -6.05
C GLY H 118 -27.99 45.53 -6.06
N ARG H 119 -27.42 44.48 -6.66
CA ARG H 119 -28.09 43.19 -6.74
C ARG H 119 -28.12 42.50 -5.36
N PHE H 120 -26.99 42.53 -4.68
CA PHE H 120 -26.87 41.92 -3.36
C PHE H 120 -26.83 42.99 -2.27
N LYS H 121 -27.32 42.67 -1.08
CA LYS H 121 -27.33 43.60 0.03
C LYS H 121 -26.24 43.17 1.02
N VAL H 122 -25.02 43.59 0.73
CA VAL H 122 -23.85 43.25 1.54
C VAL H 122 -23.78 43.91 2.92
N TYR H 123 -23.42 43.12 3.92
CA TYR H 123 -23.28 43.60 5.29
C TYR H 123 -21.85 43.41 5.77
N LEU H 124 -21.03 44.44 5.59
CA LEU H 124 -19.62 44.38 6.01
C LEU H 124 -19.49 44.70 7.50
N ILE H 125 -19.24 43.68 8.31
CA ILE H 125 -19.09 43.89 9.75
C ILE H 125 -17.66 43.59 10.18
N ASP H 126 -17.07 44.48 10.96
CA ASP H 126 -15.70 44.30 11.43
C ASP H 126 -15.68 43.83 12.88
N GLU H 127 -15.01 42.70 13.11
CA GLU H 127 -14.90 42.11 14.44
C GLU H 127 -16.27 41.84 15.06
N VAL H 128 -16.88 40.75 14.62
CA VAL H 128 -18.20 40.34 15.11
C VAL H 128 -18.11 39.60 16.45
N HIS H 129 -16.89 39.28 16.86
CA HIS H 129 -16.71 38.57 18.13
C HIS H 129 -16.84 39.57 19.27
N MET H 130 -17.21 40.80 18.91
CA MET H 130 -17.40 41.88 19.87
C MET H 130 -18.86 42.36 19.83
N LEU H 131 -19.72 41.60 19.16
CA LEU H 131 -21.14 41.93 19.04
C LEU H 131 -21.91 41.61 20.32
N SER H 132 -22.85 42.48 20.68
CA SER H 132 -23.66 42.28 21.87
C SER H 132 -24.39 40.95 21.81
N ARG H 133 -24.51 40.29 22.95
CA ARG H 133 -25.18 39.00 23.03
C ARG H 133 -26.62 39.07 22.56
N HIS H 134 -27.13 40.28 22.42
CA HIS H 134 -28.51 40.52 21.96
C HIS H 134 -28.61 40.55 20.44
N SER H 135 -27.62 41.16 19.78
CA SER H 135 -27.62 41.23 18.33
C SER H 135 -26.89 40.01 17.76
N PHE H 136 -26.12 39.33 18.62
CA PHE H 136 -25.38 38.14 18.19
C PHE H 136 -26.44 37.18 17.67
N ASN H 137 -27.48 37.00 18.48
CA ASN H 137 -28.61 36.12 18.15
C ASN H 137 -29.24 36.50 16.81
N ALA H 138 -29.39 37.80 16.58
CA ALA H 138 -30.00 38.32 15.35
C ALA H 138 -29.23 37.91 14.10
N LEU H 139 -27.90 37.97 14.17
CA LEU H 139 -27.05 37.60 13.06
C LEU H 139 -27.12 36.09 12.81
N LEU H 140 -27.71 35.38 13.77
CA LEU H 140 -27.84 33.93 13.70
C LEU H 140 -29.17 33.54 13.05
N LYS H 141 -30.24 34.24 13.44
CA LYS H 141 -31.58 33.98 12.92
C LYS H 141 -31.71 34.48 11.48
N THR H 142 -30.60 34.95 10.91
CA THR H 142 -30.55 35.44 9.55
C THR H 142 -29.45 34.73 8.74
N LEU H 143 -28.61 33.97 9.43
CA LEU H 143 -27.52 33.23 8.78
C LEU H 143 -27.86 31.84 8.27
N GLU H 144 -28.55 31.05 9.09
CA GLU H 144 -28.91 29.70 8.71
C GLU H 144 -30.08 29.65 7.73
N GLU H 145 -30.93 30.67 7.76
CA GLU H 145 -32.06 30.75 6.86
C GLU H 145 -32.07 32.17 6.29
N PRO H 146 -30.99 32.55 5.59
CA PRO H 146 -30.82 33.87 4.98
C PRO H 146 -31.46 33.95 3.61
N PRO H 147 -31.91 35.14 3.22
CA PRO H 147 -32.55 35.35 1.91
C PRO H 147 -31.56 35.17 0.74
N GLU H 148 -32.09 35.19 -0.48
CA GLU H 148 -31.30 35.00 -1.70
C GLU H 148 -30.49 36.23 -2.08
N HIS H 149 -30.88 37.37 -1.52
CA HIS H 149 -30.24 38.65 -1.79
C HIS H 149 -29.21 39.10 -0.76
N VAL H 150 -29.47 38.82 0.51
CA VAL H 150 -28.57 39.23 1.59
C VAL H 150 -27.32 38.34 1.73
N LYS H 151 -26.16 38.96 1.71
CA LYS H 151 -24.88 38.27 1.85
C LYS H 151 -24.05 38.98 2.93
N PHE H 152 -23.35 38.20 3.75
CA PHE H 152 -22.54 38.78 4.84
C PHE H 152 -21.03 38.73 4.56
N LEU H 153 -20.30 39.70 5.13
CA LEU H 153 -18.85 39.80 4.97
C LEU H 153 -18.17 40.11 6.31
N LEU H 154 -18.17 39.14 7.21
CA LEU H 154 -17.58 39.29 8.53
C LEU H 154 -16.07 39.44 8.51
N ALA H 155 -15.54 39.99 9.59
CA ALA H 155 -14.10 40.19 9.76
C ALA H 155 -13.80 39.94 11.24
N THR H 156 -12.60 39.47 11.55
CA THR H 156 -12.27 39.20 12.95
C THR H 156 -10.77 39.24 13.27
N THR H 157 -10.45 39.63 14.50
CA THR H 157 -9.07 39.70 14.96
C THR H 157 -8.73 38.43 15.74
N ASP H 158 -9.75 37.81 16.34
CA ASP H 158 -9.59 36.57 17.10
C ASP H 158 -10.71 35.60 16.71
N PRO H 159 -10.45 34.72 15.72
CA PRO H 159 -11.40 33.72 15.22
C PRO H 159 -11.82 32.67 16.24
N GLN H 160 -11.19 32.70 17.41
CA GLN H 160 -11.49 31.73 18.46
C GLN H 160 -12.63 32.20 19.36
N LYS H 161 -12.82 33.52 19.45
CA LYS H 161 -13.89 34.07 20.28
C LYS H 161 -15.24 33.91 19.61
N LEU H 162 -15.24 33.35 18.40
CA LEU H 162 -16.47 33.11 17.64
C LEU H 162 -16.93 31.69 17.87
N PRO H 163 -18.13 31.51 18.45
CA PRO H 163 -18.64 30.16 18.70
C PRO H 163 -18.59 29.30 17.45
N VAL H 164 -18.40 28.00 17.65
CA VAL H 164 -18.32 27.05 16.55
C VAL H 164 -19.59 27.10 15.71
N THR H 165 -20.68 27.55 16.32
CA THR H 165 -21.97 27.65 15.66
C THR H 165 -21.97 28.64 14.49
N ILE H 166 -21.10 29.65 14.55
CA ILE H 166 -21.02 30.65 13.51
C ILE H 166 -19.95 30.35 12.46
N LEU H 167 -18.78 29.91 12.92
CA LEU H 167 -17.68 29.58 12.02
C LEU H 167 -18.08 28.54 10.95
N SER H 168 -18.93 27.59 11.33
CA SER H 168 -19.36 26.53 10.43
C SER H 168 -20.39 26.95 9.37
N ARG H 169 -20.86 28.17 9.47
CA ARG H 169 -21.86 28.69 8.53
C ARG H 169 -21.22 29.60 7.51
N CYS H 170 -19.96 29.92 7.74
CA CYS H 170 -19.23 30.82 6.86
C CYS H 170 -18.04 30.14 6.18
N LEU H 171 -17.59 30.73 5.07
CA LEU H 171 -16.46 30.21 4.32
C LEU H 171 -15.21 30.96 4.75
N GLN H 172 -14.62 30.50 5.86
CA GLN H 172 -13.43 31.10 6.44
C GLN H 172 -12.28 31.31 5.47
N PHE H 173 -11.59 32.43 5.65
CA PHE H 173 -10.43 32.80 4.84
C PHE H 173 -9.46 33.60 5.69
N HIS H 174 -8.34 32.98 6.05
CA HIS H 174 -7.34 33.64 6.86
C HIS H 174 -6.38 34.47 6.02
N LEU H 175 -6.08 35.69 6.48
CA LEU H 175 -5.20 36.60 5.77
C LEU H 175 -3.91 36.85 6.57
N LYS H 176 -2.81 36.26 6.10
CA LYS H 176 -1.51 36.39 6.76
C LYS H 176 -0.93 37.80 6.71
N ALA H 177 -0.02 38.07 7.66
CA ALA H 177 0.64 39.37 7.75
C ALA H 177 1.70 39.48 6.66
N LEU H 178 1.64 40.56 5.90
CA LEU H 178 2.59 40.81 4.82
C LEU H 178 4.03 40.71 5.32
N ASP H 179 4.96 40.62 4.38
CA ASP H 179 6.39 40.53 4.69
C ASP H 179 7.02 41.91 4.77
N VAL H 180 8.26 41.97 5.25
CA VAL H 180 8.97 43.24 5.36
C VAL H 180 9.49 43.72 4.00
N GLU H 181 10.28 42.90 3.33
CA GLU H 181 10.83 43.26 2.03
C GLU H 181 9.79 43.12 0.91
N GLN H 182 8.58 42.72 1.29
CA GLN H 182 7.50 42.57 0.33
C GLN H 182 6.91 43.98 0.30
N ILE H 183 6.87 44.60 1.48
CA ILE H 183 6.36 45.95 1.66
C ILE H 183 7.40 46.94 1.15
N ARG H 184 8.65 46.70 1.51
CA ARG H 184 9.75 47.56 1.08
C ARG H 184 9.87 47.56 -0.43
N HIS H 185 9.58 46.41 -1.06
CA HIS H 185 9.66 46.30 -2.50
C HIS H 185 8.47 47.00 -3.15
N GLN H 186 7.39 47.15 -2.39
CA GLN H 186 6.19 47.81 -2.88
C GLN H 186 6.34 49.33 -2.74
N LEU H 187 6.94 49.77 -1.64
CA LEU H 187 7.15 51.20 -1.39
C LEU H 187 8.10 51.78 -2.41
N GLU H 188 9.10 51.00 -2.80
CA GLU H 188 10.08 51.43 -3.77
C GLU H 188 9.40 51.62 -5.13
N HIS H 189 8.50 50.70 -5.46
CA HIS H 189 7.76 50.74 -6.72
C HIS H 189 6.86 51.96 -6.83
N ILE H 190 6.30 52.39 -5.70
CA ILE H 190 5.41 53.53 -5.67
C ILE H 190 6.20 54.83 -5.72
N LEU H 191 7.30 54.89 -4.99
CA LEU H 191 8.14 56.09 -4.96
C LEU H 191 8.84 56.33 -6.29
N ASN H 192 9.03 55.27 -7.08
CA ASN H 192 9.68 55.42 -8.38
C ASN H 192 8.67 55.81 -9.45
N GLU H 193 7.38 55.55 -9.17
CA GLU H 193 6.33 55.89 -10.11
C GLU H 193 5.77 57.29 -9.86
N GLU H 194 6.12 57.85 -8.71
CA GLU H 194 5.67 59.19 -8.34
C GLU H 194 6.82 60.16 -8.55
N HIS H 195 7.98 59.59 -8.89
CA HIS H 195 9.18 60.38 -9.13
C HIS H 195 9.62 61.07 -7.84
N ILE H 196 9.86 60.27 -6.81
CA ILE H 196 10.29 60.79 -5.51
C ILE H 196 11.57 60.09 -5.05
N ALA H 197 12.60 60.89 -4.74
CA ALA H 197 13.87 60.34 -4.30
C ALA H 197 13.71 59.52 -3.02
N HIS H 198 14.65 58.61 -2.78
CA HIS H 198 14.62 57.77 -1.58
C HIS H 198 15.90 56.96 -1.41
N GLU H 199 16.25 56.70 -0.16
CA GLU H 199 17.43 55.91 0.14
C GLU H 199 16.96 54.53 0.58
N PRO H 200 17.45 53.47 -0.08
CA PRO H 200 17.07 52.09 0.24
C PRO H 200 17.20 51.67 1.71
N ARG H 201 17.94 52.42 2.51
CA ARG H 201 18.09 52.10 3.93
C ARG H 201 17.02 52.85 4.70
N ALA H 202 16.25 53.66 3.98
CA ALA H 202 15.16 54.44 4.54
C ALA H 202 13.90 53.61 4.37
N LEU H 203 13.73 53.06 3.16
CA LEU H 203 12.56 52.24 2.85
C LEU H 203 12.51 50.95 3.66
N GLN H 204 13.62 50.57 4.27
CA GLN H 204 13.68 49.36 5.08
C GLN H 204 13.14 49.68 6.48
N LEU H 205 13.23 50.96 6.84
CA LEU H 205 12.76 51.44 8.12
C LEU H 205 11.25 51.61 8.06
N LEU H 206 10.77 52.00 6.88
CA LEU H 206 9.35 52.21 6.65
C LEU H 206 8.62 50.88 6.47
N ALA H 207 9.35 49.85 6.05
CA ALA H 207 8.76 48.54 5.85
C ALA H 207 8.56 47.86 7.20
N ARG H 208 9.52 48.01 8.10
CA ARG H 208 9.43 47.43 9.42
C ARG H 208 8.43 48.20 10.27
N ALA H 209 8.63 49.51 10.37
CA ALA H 209 7.75 50.38 11.13
C ALA H 209 6.32 49.88 11.02
N ALA H 210 5.78 49.91 9.80
CA ALA H 210 4.43 49.41 9.56
C ALA H 210 4.57 47.89 9.42
N GLU H 211 4.46 47.20 10.55
CA GLU H 211 4.60 45.75 10.58
C GLU H 211 3.54 45.00 9.77
N GLY H 212 3.72 44.96 8.45
CA GLY H 212 2.79 44.26 7.59
C GLY H 212 1.58 45.05 7.14
N SER H 213 1.43 46.27 7.64
CA SER H 213 0.29 47.11 7.28
C SER H 213 0.67 47.97 6.10
N LEU H 214 0.11 47.71 4.94
CA LEU H 214 0.44 48.56 3.85
C LEU H 214 -0.30 49.90 3.96
N ARG H 215 -1.46 49.95 4.58
CA ARG H 215 -2.14 51.24 4.78
C ARG H 215 -1.17 52.20 5.43
N ASP H 216 -0.87 51.79 6.66
CA ASP H 216 -0.02 52.47 7.59
C ASP H 216 1.34 52.73 6.96
N ALA H 217 1.83 51.79 6.15
CA ALA H 217 3.13 51.98 5.49
C ALA H 217 3.09 53.26 4.68
N LEU H 218 1.95 53.50 4.03
CA LEU H 218 1.74 54.67 3.18
C LEU H 218 1.64 55.97 3.98
N SER H 219 0.78 56.00 5.00
CA SER H 219 0.61 57.19 5.82
C SER H 219 1.95 57.60 6.42
N LEU H 220 2.73 56.62 6.84
CA LEU H 220 4.05 56.86 7.41
C LEU H 220 4.90 57.49 6.30
N THR H 221 4.81 56.91 5.12
CA THR H 221 5.55 57.38 3.95
C THR H 221 5.19 58.83 3.66
N ASP H 222 3.96 59.21 3.97
CA ASP H 222 3.50 60.57 3.73
C ASP H 222 4.10 61.53 4.74
N GLN H 223 4.22 61.09 5.98
CA GLN H 223 4.79 61.93 7.04
C GLN H 223 6.21 62.31 6.66
N ALA H 224 6.99 61.32 6.23
CA ALA H 224 8.36 61.54 5.83
C ALA H 224 8.49 62.57 4.72
N ILE H 225 7.62 62.48 3.72
CA ILE H 225 7.67 63.42 2.60
C ILE H 225 7.39 64.83 3.11
N ALA H 226 6.59 64.93 4.15
CA ALA H 226 6.24 66.21 4.73
C ALA H 226 7.35 66.70 5.66
N SER H 227 8.05 65.77 6.30
CA SER H 227 9.14 66.10 7.20
C SER H 227 10.50 66.03 6.51
N GLY H 228 10.52 65.50 5.29
CA GLY H 228 11.76 65.39 4.54
C GLY H 228 11.67 66.28 3.32
N ASP H 229 10.59 67.04 3.23
CA ASP H 229 10.35 67.96 2.13
C ASP H 229 10.50 67.28 0.78
N GLY H 230 9.67 66.27 0.55
CA GLY H 230 9.72 65.56 -0.72
C GLY H 230 10.70 64.39 -0.76
N GLN H 231 11.77 64.47 0.02
CA GLN H 231 12.75 63.39 0.04
C GLN H 231 12.55 62.42 1.19
N VAL H 232 12.24 61.18 0.83
CA VAL H 232 12.04 60.12 1.81
C VAL H 232 13.43 59.75 2.33
N SER H 233 14.17 60.77 2.74
CA SER H 233 15.53 60.61 3.24
C SER H 233 15.61 59.87 4.56
N THR H 234 16.62 59.00 4.69
CA THR H 234 16.82 58.26 5.92
C THR H 234 16.98 59.26 7.06
N GLN H 235 17.32 60.49 6.71
CA GLN H 235 17.51 61.55 7.69
C GLN H 235 16.19 62.22 8.04
N ALA H 236 15.15 61.91 7.28
CA ALA H 236 13.81 62.46 7.52
C ALA H 236 12.93 61.39 8.17
N VAL H 237 13.11 60.14 7.72
CA VAL H 237 12.36 59.00 8.25
C VAL H 237 12.87 58.61 9.62
N SER H 238 14.14 58.26 9.71
CA SER H 238 14.72 57.88 10.99
C SER H 238 14.33 58.92 12.02
N ALA H 239 14.10 60.14 11.55
CA ALA H 239 13.71 61.25 12.41
C ALA H 239 12.31 61.03 13.02
N MET H 240 11.37 60.54 12.20
CA MET H 240 10.01 60.29 12.69
C MET H 240 10.05 59.29 13.85
N LEU H 241 10.37 58.04 13.50
CA LEU H 241 10.44 56.96 14.47
C LEU H 241 11.43 57.22 15.60
N GLY H 242 12.10 58.37 15.56
CA GLY H 242 13.05 58.69 16.60
C GLY H 242 14.21 57.70 16.60
N THR H 243 14.58 57.24 15.41
CA THR H 243 15.68 56.29 15.25
C THR H 243 16.90 57.00 14.69
N LEU H 244 18.08 56.46 14.96
CA LEU H 244 19.32 57.07 14.51
C LEU H 244 19.77 56.60 13.13
N ASP H 245 20.60 57.43 12.47
CA ASP H 245 21.15 57.10 11.17
C ASP H 245 22.19 56.03 11.46
N ASP H 246 22.32 55.02 10.60
CA ASP H 246 23.30 53.97 10.86
C ASP H 246 24.66 54.51 11.25
N ASP H 247 24.89 55.80 10.93
CA ASP H 247 26.14 56.47 11.25
C ASP H 247 26.18 56.75 12.75
N GLN H 248 25.26 57.59 13.21
CA GLN H 248 25.17 57.95 14.62
C GLN H 248 25.13 56.68 15.46
N ALA H 249 24.46 55.67 14.93
CA ALA H 249 24.32 54.39 15.60
C ALA H 249 25.65 53.66 15.60
N LEU H 250 26.20 53.46 14.41
CA LEU H 250 27.48 52.77 14.28
C LEU H 250 28.49 53.43 15.22
N SER H 251 28.47 54.76 15.26
CA SER H 251 29.37 55.53 16.10
C SER H 251 29.32 55.03 17.54
N LEU H 252 28.15 55.10 18.14
CA LEU H 252 27.96 54.64 19.51
C LEU H 252 28.57 53.25 19.66
N VAL H 253 28.16 52.35 18.77
CA VAL H 253 28.65 50.97 18.79
C VAL H 253 30.15 51.04 19.03
N GLU H 254 30.82 51.82 18.21
CA GLU H 254 32.26 52.01 18.28
C GLU H 254 32.69 52.64 19.60
N ALA H 255 32.10 53.79 19.93
CA ALA H 255 32.43 54.48 21.17
C ALA H 255 32.31 53.50 22.34
N MET H 256 31.54 52.44 22.12
CA MET H 256 31.34 51.41 23.12
C MET H 256 32.52 50.45 23.09
N VAL H 257 32.66 49.73 21.98
CA VAL H 257 33.76 48.77 21.85
C VAL H 257 35.07 49.45 22.22
N GLU H 258 35.12 50.76 22.01
CA GLU H 258 36.31 51.54 22.33
C GLU H 258 36.50 51.73 23.84
N ALA H 259 35.41 51.61 24.60
CA ALA H 259 35.45 51.75 26.05
C ALA H 259 35.71 53.19 26.52
N ASN H 260 35.54 54.15 25.62
CA ASN H 260 35.74 55.55 25.98
C ASN H 260 34.37 56.12 26.34
N GLY H 261 34.03 56.03 27.62
CA GLY H 261 32.75 56.50 28.10
C GLY H 261 32.26 57.86 27.67
N GLU H 262 32.89 58.91 28.19
CA GLU H 262 32.52 60.28 27.89
C GLU H 262 31.92 60.50 26.50
N ARG H 263 32.53 59.93 25.47
CA ARG H 263 32.06 60.09 24.10
C ARG H 263 30.71 59.42 23.84
N VAL H 264 30.43 58.34 24.57
CA VAL H 264 29.16 57.62 24.39
C VAL H 264 28.01 58.42 25.00
N MET H 265 28.14 58.76 26.28
CA MET H 265 27.12 59.53 26.95
C MET H 265 27.01 60.91 26.32
N ALA H 266 27.95 61.18 25.41
CA ALA H 266 27.98 62.45 24.69
C ALA H 266 27.12 62.28 23.43
N LEU H 267 27.24 61.12 22.80
CA LEU H 267 26.48 60.80 21.60
C LEU H 267 25.04 60.50 22.00
N ILE H 268 24.85 60.28 23.29
CA ILE H 268 23.55 60.01 23.85
C ILE H 268 22.86 61.34 24.09
N ASN H 269 23.54 62.22 24.80
CA ASN H 269 23.01 63.53 25.09
C ASN H 269 22.70 64.26 23.78
N GLU H 270 23.68 64.25 22.87
CA GLU H 270 23.53 64.91 21.58
C GLU H 270 22.33 64.35 20.81
N ALA H 271 22.22 63.03 20.80
CA ALA H 271 21.11 62.36 20.12
C ALA H 271 19.80 62.73 20.80
N ALA H 272 19.83 62.90 22.12
CA ALA H 272 18.64 63.26 22.87
C ALA H 272 18.12 64.61 22.39
N ALA H 273 19.05 65.53 22.16
CA ALA H 273 18.70 66.87 21.68
C ALA H 273 17.78 66.82 20.47
N ARG H 274 17.83 65.71 19.74
CA ARG H 274 16.99 65.55 18.55
C ARG H 274 15.79 64.64 18.79
N GLY H 275 15.34 64.60 20.03
CA GLY H 275 14.20 63.78 20.38
C GLY H 275 14.25 62.38 19.80
N ILE H 276 14.81 61.45 20.56
CA ILE H 276 14.93 60.07 20.12
C ILE H 276 13.90 59.21 20.81
N GLU H 277 13.77 57.98 20.33
CA GLU H 277 12.85 57.01 20.93
C GLU H 277 13.77 55.99 21.59
N TRP H 278 14.22 56.32 22.80
CA TRP H 278 15.13 55.50 23.59
C TRP H 278 15.05 53.99 23.37
N GLU H 279 13.89 53.51 22.97
CA GLU H 279 13.74 52.08 22.70
C GLU H 279 14.49 51.81 21.41
N ALA H 280 14.14 52.57 20.39
CA ALA H 280 14.75 52.47 19.06
C ALA H 280 16.28 52.57 19.14
N LEU H 281 16.78 53.55 19.87
CA LEU H 281 18.22 53.75 19.99
C LEU H 281 18.93 52.45 20.35
N LEU H 282 18.24 51.58 21.08
CA LEU H 282 18.79 50.29 21.46
C LEU H 282 18.54 49.24 20.38
N VAL H 283 17.40 49.36 19.71
CA VAL H 283 17.03 48.44 18.64
C VAL H 283 18.13 48.39 17.59
N GLU H 284 18.36 49.53 16.94
CA GLU H 284 19.36 49.61 15.90
C GLU H 284 20.73 49.13 16.31
N MET H 285 21.20 49.50 17.50
CA MET H 285 22.52 49.04 17.93
C MET H 285 22.56 47.50 17.89
N LEU H 286 21.45 46.87 18.27
CA LEU H 286 21.36 45.41 18.27
C LEU H 286 21.46 44.92 16.82
N GLY H 287 20.64 45.50 15.96
CA GLY H 287 20.65 45.13 14.55
C GLY H 287 22.06 45.21 13.98
N LEU H 288 22.80 46.24 14.39
CA LEU H 288 24.16 46.42 13.92
C LEU H 288 25.06 45.31 14.46
N LEU H 289 25.03 45.08 15.77
CA LEU H 289 25.83 44.03 16.38
C LEU H 289 25.39 42.68 15.85
N HIS H 290 24.38 42.68 14.98
CA HIS H 290 23.88 41.45 14.39
C HIS H 290 24.67 41.11 13.14
N ARG H 291 24.68 42.03 12.17
CA ARG H 291 25.41 41.79 10.93
C ARG H 291 26.91 41.73 11.14
N ILE H 292 27.41 42.42 12.17
CA ILE H 292 28.84 42.41 12.46
C ILE H 292 29.27 40.97 12.75
N ALA H 293 28.41 40.24 13.44
CA ALA H 293 28.69 38.84 13.75
C ALA H 293 28.32 38.02 12.53
N MET H 294 27.54 38.64 11.65
CA MET H 294 27.09 38.02 10.41
C MET H 294 28.19 38.06 9.36
N VAL H 295 29.00 39.10 9.42
CA VAL H 295 30.11 39.28 8.49
C VAL H 295 31.37 38.59 9.03
N GLN H 296 31.31 38.08 10.24
CA GLN H 296 32.44 37.37 10.83
C GLN H 296 32.42 35.91 10.42
N LEU H 297 31.32 35.49 9.78
CA LEU H 297 31.17 34.11 9.32
C LEU H 297 31.24 34.09 7.80
N SER H 298 30.57 35.05 7.18
CA SER H 298 30.56 35.18 5.73
C SER H 298 30.64 36.66 5.39
N PRO H 299 31.81 37.11 4.91
CA PRO H 299 32.02 38.52 4.55
C PRO H 299 31.04 39.03 3.49
N ALA H 300 30.25 38.12 2.94
CA ALA H 300 29.26 38.45 1.92
C ALA H 300 27.92 38.73 2.59
N ALA H 301 27.98 39.10 3.87
CA ALA H 301 26.79 39.39 4.65
C ALA H 301 26.25 40.78 4.33
N LEU H 302 27.02 41.82 4.66
CA LEU H 302 26.63 43.21 4.44
C LEU H 302 25.60 43.45 3.33
N GLY H 303 24.72 44.43 3.59
CA GLY H 303 23.68 44.74 2.63
C GLY H 303 24.10 45.79 1.61
N ASN H 304 23.25 45.98 0.61
CA ASN H 304 23.52 46.95 -0.45
C ASN H 304 23.82 48.37 0.05
N ASP H 305 22.81 49.03 0.62
CA ASP H 305 22.99 50.39 1.10
C ASP H 305 24.04 50.49 2.22
N MET H 306 24.38 49.37 2.84
CA MET H 306 25.36 49.34 3.93
C MET H 306 26.73 49.89 3.55
N ALA H 307 26.95 50.12 2.26
CA ALA H 307 28.21 50.64 1.76
C ALA H 307 28.66 51.85 2.56
N ALA H 308 27.77 52.83 2.71
CA ALA H 308 28.06 54.05 3.44
C ALA H 308 29.01 53.88 4.63
N ILE H 309 28.71 52.90 5.50
CA ILE H 309 29.55 52.65 6.67
C ILE H 309 30.33 51.35 6.51
N GLU H 310 30.01 50.62 5.45
CA GLU H 310 30.64 49.34 5.14
C GLU H 310 32.07 49.22 5.64
N LEU H 311 32.83 50.31 5.53
CA LEU H 311 34.21 50.32 5.98
C LEU H 311 34.31 49.99 7.47
N ARG H 312 33.89 50.95 8.30
CA ARG H 312 33.93 50.79 9.75
C ARG H 312 33.30 49.47 10.16
N MET H 313 32.27 49.05 9.45
CA MET H 313 31.59 47.79 9.74
C MET H 313 32.55 46.61 9.65
N ARG H 314 33.07 46.37 8.46
CA ARG H 314 33.99 45.27 8.25
C ARG H 314 35.25 45.42 9.11
N GLU H 315 35.54 46.64 9.53
CA GLU H 315 36.72 46.88 10.36
C GLU H 315 36.52 46.24 11.72
N LEU H 316 35.36 46.49 12.31
CA LEU H 316 35.04 45.93 13.61
C LEU H 316 34.92 44.41 13.49
N ALA H 317 34.27 43.96 12.41
CA ALA H 317 34.06 42.53 12.16
C ALA H 317 35.35 41.73 12.27
N ARG H 318 36.47 42.36 11.93
CA ARG H 318 37.77 41.69 11.98
C ARG H 318 38.63 42.06 13.18
N THR H 319 38.29 43.17 13.85
CA THR H 319 39.06 43.63 15.01
C THR H 319 38.47 43.24 16.37
N ILE H 320 37.18 42.94 16.39
CA ILE H 320 36.49 42.56 17.63
C ILE H 320 36.04 41.10 17.58
N PRO H 321 36.59 40.26 18.47
CA PRO H 321 36.27 38.83 18.55
C PRO H 321 34.77 38.56 18.63
N PRO H 322 34.29 37.47 17.98
CA PRO H 322 32.86 37.16 18.04
C PRO H 322 32.44 36.79 19.47
N THR H 323 33.42 36.70 20.37
CA THR H 323 33.16 36.37 21.77
C THR H 323 32.63 37.59 22.52
N ASP H 324 33.12 38.76 22.13
CA ASP H 324 32.72 40.02 22.76
C ASP H 324 31.44 40.55 22.16
N ILE H 325 31.24 40.32 20.87
CA ILE H 325 30.04 40.78 20.16
C ILE H 325 28.77 40.15 20.75
N GLN H 326 28.89 38.95 21.31
CA GLN H 326 27.74 38.29 21.92
C GLN H 326 27.51 38.85 23.31
N LEU H 327 28.58 39.36 23.92
CA LEU H 327 28.50 39.95 25.24
C LEU H 327 27.84 41.31 25.12
N TYR H 328 28.12 42.01 24.03
CA TYR H 328 27.54 43.33 23.79
C TYR H 328 26.09 43.21 23.36
N TYR H 329 25.79 42.25 22.50
CA TYR H 329 24.41 42.05 22.03
C TYR H 329 23.51 41.71 23.20
N GLN H 330 23.94 40.75 24.00
CA GLN H 330 23.18 40.32 25.15
C GLN H 330 23.09 41.43 26.20
N THR H 331 24.17 42.20 26.36
CA THR H 331 24.15 43.29 27.33
C THR H 331 23.11 44.32 26.89
N LEU H 332 22.92 44.43 25.59
CA LEU H 332 21.96 45.41 25.05
C LEU H 332 20.51 44.92 25.02
N LEU H 333 20.29 43.64 24.76
CA LEU H 333 18.92 43.13 24.74
C LEU H 333 18.41 43.14 26.17
N ILE H 334 19.23 42.62 27.08
CA ILE H 334 18.87 42.59 28.49
C ILE H 334 18.52 43.98 28.98
N GLY H 335 19.25 44.97 28.49
CA GLY H 335 18.97 46.34 28.88
C GLY H 335 17.59 46.73 28.38
N ARG H 336 17.20 46.18 27.23
CA ARG H 336 15.89 46.46 26.64
C ARG H 336 14.76 45.83 27.46
N LYS H 337 15.08 44.74 28.16
CA LYS H 337 14.10 44.07 29.00
C LYS H 337 13.83 44.97 30.19
N GLU H 338 14.89 45.56 30.73
CA GLU H 338 14.81 46.46 31.89
C GLU H 338 14.18 47.80 31.56
N LEU H 339 14.31 48.21 30.30
CA LEU H 339 13.78 49.49 29.85
C LEU H 339 12.43 49.87 30.49
N PRO H 340 11.41 49.01 30.36
CA PRO H 340 10.13 49.38 30.99
C PRO H 340 10.20 49.54 32.50
N TYR H 341 11.02 48.74 33.17
CA TYR H 341 11.13 48.84 34.64
C TYR H 341 12.20 49.82 35.12
N ALA H 342 12.80 50.56 34.20
CA ALA H 342 13.83 51.53 34.55
C ALA H 342 13.17 52.81 35.05
N PRO H 343 13.72 53.42 36.11
CA PRO H 343 13.18 54.66 36.68
C PRO H 343 13.00 55.81 35.69
N ASP H 344 13.42 55.58 34.44
CA ASP H 344 13.32 56.61 33.40
C ASP H 344 13.80 56.06 32.06
N ARG H 345 12.97 56.19 31.03
CA ARG H 345 13.29 55.71 29.69
C ARG H 345 14.72 56.03 29.22
N ARG H 346 15.14 57.29 29.32
CA ARG H 346 16.49 57.66 28.91
C ARG H 346 17.53 57.08 29.86
N MET H 347 17.25 57.22 31.15
CA MET H 347 18.13 56.74 32.21
C MET H 347 18.53 55.27 32.00
N GLY H 348 17.55 54.43 31.71
CA GLY H 348 17.82 53.01 31.49
C GLY H 348 18.79 52.78 30.35
N VAL H 349 18.52 53.37 29.19
CA VAL H 349 19.39 53.21 28.04
C VAL H 349 20.81 53.61 28.44
N GLU H 350 20.90 54.60 29.31
CA GLU H 350 22.20 55.06 29.78
C GLU H 350 22.85 53.98 30.64
N MET H 351 22.18 53.61 31.73
CA MET H 351 22.70 52.59 32.63
C MET H 351 23.07 51.32 31.87
N THR H 352 22.26 50.97 30.87
CA THR H 352 22.52 49.78 30.07
C THR H 352 23.86 49.90 29.34
N LEU H 353 24.25 51.12 29.02
CA LEU H 353 25.51 51.35 28.35
C LEU H 353 26.65 51.41 29.37
N LEU H 354 26.38 51.96 30.54
CA LEU H 354 27.40 52.02 31.58
C LEU H 354 27.76 50.61 32.01
N ARG H 355 26.89 49.67 31.69
CA ARG H 355 27.13 48.28 32.07
C ARG H 355 28.21 47.66 31.16
N ALA H 356 27.96 47.64 29.86
CA ALA H 356 28.89 47.09 28.88
C ALA H 356 30.29 47.69 29.03
N LEU H 357 30.37 48.83 29.72
CA LEU H 357 31.66 49.48 29.93
C LEU H 357 32.30 48.98 31.23
N ALA H 358 31.48 48.86 32.27
CA ALA H 358 31.98 48.37 33.56
C ALA H 358 32.32 46.90 33.39
N PHE H 359 31.75 46.29 32.33
CA PHE H 359 31.98 44.88 32.04
C PHE H 359 32.67 44.71 30.68
N HIS H 360 33.28 45.78 30.18
CA HIS H 360 33.97 45.71 28.89
C HIS H 360 34.94 44.54 28.94
N PRO H 361 34.91 43.66 27.91
CA PRO H 361 35.80 42.50 27.86
C PRO H 361 37.30 42.83 27.76
N ARG H 362 37.63 43.91 27.06
CA ARG H 362 39.03 44.29 26.88
C ARG H 362 39.52 45.27 27.94
N MET H 363 38.76 46.35 28.16
CA MET H 363 39.15 47.36 29.12
C MET H 363 38.00 47.95 29.94
N PRO H 364 37.75 47.37 31.14
CA PRO H 364 36.71 47.75 32.10
C PRO H 364 37.01 49.07 32.80
N LEU H 365 36.11 49.42 33.71
CA LEU H 365 36.26 50.64 34.49
C LEU H 365 37.01 50.27 35.78
N PRO H 366 38.21 50.84 35.97
CA PRO H 366 39.07 50.61 37.13
C PRO H 366 38.41 50.83 38.48
N GLU H 367 39.18 50.56 39.54
CA GLU H 367 38.72 50.71 40.92
C GLU H 367 39.91 50.54 41.86
N PRO H 368 40.41 51.64 42.47
CA PRO H 368 41.55 51.56 43.38
C PRO H 368 41.31 50.62 44.57
N VAL I 5 -4.92 78.43 36.04
CA VAL I 5 -3.84 77.50 36.46
C VAL I 5 -2.72 77.48 35.43
N LEU I 6 -1.57 76.92 35.81
CA LEU I 6 -0.42 76.89 34.93
C LEU I 6 -0.71 76.35 33.55
N ALA I 7 -1.44 75.24 33.47
CA ALA I 7 -1.79 74.60 32.20
C ALA I 7 -2.45 75.54 31.19
N ARG I 8 -3.41 76.35 31.64
CA ARG I 8 -4.09 77.28 30.73
C ARG I 8 -3.19 78.47 30.41
N LYS I 9 -2.47 78.95 31.41
CA LYS I 9 -1.59 80.08 31.21
C LYS I 9 -0.43 79.78 30.27
N TRP I 10 0.09 78.56 30.34
CA TRP I 10 1.22 78.22 29.49
C TRP I 10 0.91 77.37 28.25
N ARG I 11 -0.31 77.52 27.75
CA ARG I 11 -0.71 76.81 26.54
C ARG I 11 0.16 77.37 25.42
N PRO I 12 0.73 76.49 24.57
CA PRO I 12 1.57 76.98 23.48
C PRO I 12 0.87 78.00 22.58
N GLN I 13 1.54 79.12 22.33
CA GLN I 13 0.99 80.18 21.48
C GLN I 13 1.71 80.23 20.13
N THR I 14 2.81 79.48 20.03
CA THR I 14 3.59 79.42 18.80
C THR I 14 4.18 78.01 18.74
N PHE I 15 4.56 77.56 17.54
CA PHE I 15 5.13 76.23 17.41
C PHE I 15 6.40 76.12 18.27
N ALA I 16 7.10 77.23 18.41
CA ALA I 16 8.34 77.28 19.20
C ALA I 16 8.07 77.05 20.68
N ASP I 17 6.87 77.31 21.16
CA ASP I 17 6.57 77.12 22.59
C ASP I 17 6.23 75.66 22.87
N VAL I 18 6.09 74.94 21.76
CA VAL I 18 5.77 73.54 21.74
C VAL I 18 7.02 72.69 22.03
N VAL I 19 6.86 71.89 23.12
CA VAL I 19 7.88 70.98 23.62
C VAL I 19 7.85 69.64 22.88
N GLY I 20 9.03 69.19 22.52
CA GLY I 20 9.33 67.92 21.89
C GLY I 20 8.31 67.18 21.01
N GLN I 21 7.78 67.79 20.00
CA GLN I 21 7.01 67.03 19.04
C GLN I 21 7.60 67.46 17.70
N GLU I 22 8.92 67.54 17.69
CA GLU I 22 9.71 68.00 16.55
C GLU I 22 9.33 67.48 15.18
N HIS I 23 9.26 66.16 15.05
CA HIS I 23 8.91 65.55 13.78
C HIS I 23 7.57 66.04 13.25
N VAL I 24 6.67 66.38 14.17
CA VAL I 24 5.36 66.86 13.77
C VAL I 24 5.44 68.34 13.42
N LEU I 25 6.13 69.10 14.26
CA LEU I 25 6.26 70.53 14.06
C LEU I 25 7.04 70.87 12.80
N THR I 26 8.04 70.07 12.49
CA THR I 26 8.84 70.29 11.29
C THR I 26 8.01 70.06 10.02
N ALA I 27 7.16 69.03 10.03
CA ALA I 27 6.34 68.73 8.86
C ALA I 27 5.21 69.74 8.67
N LEU I 28 4.56 70.13 9.76
CA LEU I 28 3.49 71.12 9.68
C LEU I 28 4.04 72.46 9.21
N ALA I 29 5.21 72.83 9.73
CA ALA I 29 5.83 74.10 9.35
C ALA I 29 6.25 74.09 7.88
N ASN I 30 6.83 72.99 7.42
CA ASN I 30 7.25 72.92 6.03
C ASN I 30 6.02 73.06 5.13
N GLY I 31 4.97 72.31 5.44
CA GLY I 31 3.75 72.38 4.66
C GLY I 31 3.15 73.77 4.66
N LEU I 32 3.02 74.38 5.84
CA LEU I 32 2.46 75.72 5.96
C LEU I 32 3.30 76.74 5.18
N SER I 33 4.60 76.73 5.42
CA SER I 33 5.49 77.69 4.76
C SER I 33 5.47 77.63 3.24
N LEU I 34 5.28 76.43 2.67
CA LEU I 34 5.24 76.30 1.21
C LEU I 34 3.83 76.29 0.63
N GLY I 35 2.84 76.66 1.44
CA GLY I 35 1.47 76.71 0.97
C GLY I 35 0.91 75.37 0.51
N ARG I 36 1.39 74.28 1.11
CA ARG I 36 0.93 72.93 0.76
C ARG I 36 -0.03 72.49 1.88
N ILE I 37 -1.31 72.77 1.72
CA ILE I 37 -2.29 72.43 2.75
C ILE I 37 -3.24 71.30 2.39
N HIS I 38 -3.30 70.31 3.27
CA HIS I 38 -4.18 69.18 3.05
C HIS I 38 -5.53 69.52 3.63
N HIS I 39 -6.55 68.78 3.25
CA HIS I 39 -7.88 69.08 3.74
C HIS I 39 -8.17 68.54 5.15
N ALA I 40 -7.39 67.60 5.62
CA ALA I 40 -7.66 67.07 6.93
C ALA I 40 -6.40 66.62 7.64
N TYR I 41 -6.30 66.94 8.92
CA TYR I 41 -5.14 66.56 9.71
C TYR I 41 -5.60 65.72 10.89
N LEU I 42 -4.82 64.71 11.22
CA LEU I 42 -5.16 63.85 12.34
C LEU I 42 -3.99 63.84 13.32
N PHE I 43 -4.30 64.15 14.58
CA PHE I 43 -3.29 64.18 15.62
C PHE I 43 -3.64 63.10 16.65
N SER I 44 -2.76 62.13 16.79
CA SER I 44 -2.98 61.05 17.74
C SER I 44 -1.89 61.03 18.81
N GLY I 45 -2.17 60.33 19.90
CA GLY I 45 -1.22 60.24 21.00
C GLY I 45 -1.95 60.16 22.32
N THR I 46 -1.20 59.88 23.38
CA THR I 46 -1.81 59.76 24.69
C THR I 46 -2.24 61.10 25.25
N ARG I 47 -2.45 61.12 26.57
CA ARG I 47 -2.91 62.29 27.29
C ARG I 47 -1.94 63.44 27.55
N GLY I 48 -2.43 64.65 27.32
CA GLY I 48 -1.64 65.85 27.55
C GLY I 48 -0.25 65.91 26.95
N VAL I 49 -0.12 65.46 25.70
CA VAL I 49 1.16 65.48 25.02
C VAL I 49 1.22 66.64 24.02
N GLY I 50 0.09 67.29 23.80
CA GLY I 50 0.07 68.43 22.90
C GLY I 50 -0.78 68.37 21.64
N LYS I 51 -1.69 67.41 21.54
CA LYS I 51 -2.54 67.29 20.35
C LYS I 51 -3.40 68.52 20.05
N THR I 52 -4.17 68.96 21.04
CA THR I 52 -5.03 70.10 20.89
C THR I 52 -4.20 71.37 20.70
N SER I 53 -3.09 71.48 21.44
CA SER I 53 -2.24 72.65 21.33
C SER I 53 -1.76 72.83 19.90
N ILE I 54 -1.24 71.75 19.32
CA ILE I 54 -0.74 71.81 17.96
C ILE I 54 -1.87 72.03 16.96
N ALA I 55 -3.00 71.34 17.14
CA ALA I 55 -4.14 71.55 16.23
C ALA I 55 -4.54 73.04 16.26
N ARG I 56 -4.59 73.62 17.46
CA ARG I 56 -4.96 75.01 17.63
C ARG I 56 -3.98 75.98 16.95
N LEU I 57 -2.69 75.67 17.03
CA LEU I 57 -1.68 76.52 16.40
C LEU I 57 -1.84 76.40 14.87
N LEU I 58 -2.08 75.19 14.39
CA LEU I 58 -2.26 75.01 12.95
C LEU I 58 -3.45 75.86 12.47
N ALA I 59 -4.56 75.82 13.21
CA ALA I 59 -5.73 76.60 12.82
C ALA I 59 -5.34 78.07 12.83
N LYS I 60 -4.51 78.42 13.80
CA LYS I 60 -4.02 79.78 13.96
C LYS I 60 -3.13 80.15 12.77
N GLY I 61 -2.24 79.24 12.37
CA GLY I 61 -1.34 79.50 11.25
C GLY I 61 -2.09 79.63 9.93
N LEU I 62 -3.21 78.91 9.82
CA LEU I 62 -4.04 78.90 8.62
C LEU I 62 -4.90 80.15 8.41
N ASN I 63 -5.33 80.79 9.50
CA ASN I 63 -6.19 81.96 9.43
C ASN I 63 -5.59 83.30 9.83
N CYS I 64 -4.29 83.32 10.12
CA CYS I 64 -3.66 84.56 10.51
C CYS I 64 -3.85 85.59 9.40
N GLU I 65 -4.25 86.81 9.78
CA GLU I 65 -4.47 87.90 8.83
C GLU I 65 -3.20 88.23 8.08
N THR I 66 -2.07 87.97 8.72
CA THR I 66 -0.77 88.22 8.15
C THR I 66 -0.54 87.35 6.90
N GLY I 67 -1.22 86.21 6.87
CA GLY I 67 -1.12 85.27 5.77
C GLY I 67 -0.94 83.85 6.29
N ILE I 68 -1.05 82.85 5.40
CA ILE I 68 -0.89 81.45 5.81
C ILE I 68 0.56 81.31 6.25
N THR I 69 0.76 81.05 7.53
CA THR I 69 2.12 80.97 8.06
C THR I 69 2.35 79.93 9.14
N ALA I 70 3.59 79.50 9.27
CA ALA I 70 3.97 78.54 10.30
C ALA I 70 4.29 79.33 11.56
N THR I 71 4.15 80.65 11.47
CA THR I 71 4.38 81.53 12.63
C THR I 71 3.25 82.56 12.81
N PRO I 72 2.06 82.12 13.27
CA PRO I 72 0.98 83.09 13.46
C PRO I 72 1.51 84.28 14.23
N CYS I 73 1.13 85.49 13.83
CA CYS I 73 1.62 86.69 14.49
C CYS I 73 1.19 86.75 15.95
N GLY I 74 -0.02 86.28 16.23
CA GLY I 74 -0.52 86.26 17.59
C GLY I 74 -1.14 87.54 18.11
N VAL I 75 -1.15 88.59 17.28
CA VAL I 75 -1.72 89.86 17.72
C VAL I 75 -2.88 90.34 16.85
N CYS I 76 -3.11 89.69 15.71
CA CYS I 76 -4.22 90.08 14.85
C CYS I 76 -5.50 89.56 15.50
N ASP I 77 -6.63 90.10 15.08
CA ASP I 77 -7.90 89.68 15.65
C ASP I 77 -8.18 88.18 15.49
N ASN I 78 -7.90 87.63 14.31
CA ASN I 78 -8.13 86.22 14.07
C ASN I 78 -7.33 85.42 15.11
N CYS I 79 -6.05 85.74 15.27
CA CYS I 79 -5.21 85.06 16.24
C CYS I 79 -5.71 85.20 17.69
N ARG I 80 -6.09 86.41 18.09
CA ARG I 80 -6.57 86.62 19.44
C ARG I 80 -7.86 85.85 19.71
N GLU I 81 -8.79 85.89 18.77
CA GLU I 81 -10.06 85.21 18.93
C GLU I 81 -9.92 83.68 19.00
N ILE I 82 -9.05 83.12 18.15
CA ILE I 82 -8.82 81.68 18.17
C ILE I 82 -8.30 81.32 19.55
N GLU I 83 -7.36 82.13 20.04
CA GLU I 83 -6.77 81.96 21.35
C GLU I 83 -7.89 81.95 22.42
N GLN I 84 -8.83 82.88 22.32
CA GLN I 84 -9.94 82.98 23.26
C GLN I 84 -10.98 81.89 23.06
N GLY I 85 -10.91 81.21 21.92
CA GLY I 85 -11.88 80.18 21.63
C GLY I 85 -13.17 80.81 21.19
N ARG I 86 -13.11 82.06 20.76
CA ARG I 86 -14.29 82.78 20.31
C ARG I 86 -14.16 83.21 18.85
N PHE I 87 -13.54 82.37 18.03
CA PHE I 87 -13.36 82.70 16.63
C PHE I 87 -14.47 82.03 15.81
N VAL I 88 -15.23 82.83 15.06
CA VAL I 88 -16.34 82.30 14.27
C VAL I 88 -15.96 81.20 13.25
N ASP I 89 -14.71 81.19 12.81
CA ASP I 89 -14.32 80.19 11.82
C ASP I 89 -13.50 79.01 12.37
N LEU I 90 -13.50 78.86 13.69
CA LEU I 90 -12.85 77.73 14.32
C LEU I 90 -13.95 77.06 15.10
N ILE I 91 -14.57 76.04 14.52
CA ILE I 91 -15.65 75.34 15.19
C ILE I 91 -15.13 74.12 15.95
N GLU I 92 -15.13 74.21 17.27
CA GLU I 92 -14.66 73.12 18.11
C GLU I 92 -15.76 72.11 18.42
N ILE I 93 -15.50 70.85 18.11
CA ILE I 93 -16.46 69.78 18.38
C ILE I 93 -15.85 68.77 19.34
N ASP I 94 -16.60 68.39 20.36
CA ASP I 94 -16.12 67.41 21.35
C ASP I 94 -16.95 66.15 21.26
N ALA I 95 -16.42 65.16 20.55
CA ALA I 95 -17.12 63.89 20.38
C ALA I 95 -17.25 63.12 21.68
N ALA I 96 -16.40 63.42 22.65
CA ALA I 96 -16.44 62.73 23.94
C ALA I 96 -17.46 63.30 24.93
N SER I 97 -18.10 64.41 24.59
CA SER I 97 -19.07 65.03 25.50
C SER I 97 -20.47 64.43 25.47
N ARG I 98 -20.98 64.04 26.64
CA ARG I 98 -22.32 63.46 26.76
C ARG I 98 -23.38 64.55 26.60
N THR I 99 -22.96 65.78 26.85
CA THR I 99 -23.85 66.93 26.80
C THR I 99 -24.04 67.59 25.44
N LYS I 100 -23.02 67.52 24.59
CA LYS I 100 -23.08 68.15 23.27
C LYS I 100 -23.35 67.17 22.15
N VAL I 101 -24.04 66.08 22.45
CA VAL I 101 -24.32 65.07 21.43
C VAL I 101 -25.13 65.55 20.24
N GLU I 102 -26.12 66.40 20.48
CA GLU I 102 -26.93 66.91 19.38
C GLU I 102 -26.10 67.91 18.57
N ASP I 103 -25.53 68.92 19.23
CA ASP I 103 -24.71 69.90 18.52
C ASP I 103 -23.62 69.22 17.70
N THR I 104 -23.04 68.16 18.24
CA THR I 104 -22.00 67.42 17.54
C THR I 104 -22.57 66.88 16.24
N ARG I 105 -23.71 66.21 16.37
CA ARG I 105 -24.40 65.61 15.25
C ARG I 105 -24.85 66.64 14.21
N ASP I 106 -25.48 67.72 14.67
CA ASP I 106 -25.98 68.76 13.78
C ASP I 106 -24.90 69.51 12.99
N LEU I 107 -23.88 70.00 13.69
CA LEU I 107 -22.79 70.72 13.07
C LEU I 107 -22.13 69.91 11.95
N LEU I 108 -21.97 68.61 12.18
CA LEU I 108 -21.35 67.73 11.19
C LEU I 108 -22.27 67.44 10.02
N ASP I 109 -23.58 67.55 10.23
CA ASP I 109 -24.54 67.31 9.16
C ASP I 109 -24.75 68.61 8.38
N ASN I 110 -24.23 69.71 8.91
CA ASN I 110 -24.42 71.00 8.27
C ASN I 110 -23.12 71.81 8.18
N VAL I 111 -22.14 71.28 7.45
CA VAL I 111 -20.86 71.96 7.28
C VAL I 111 -21.06 73.33 6.60
N GLN I 112 -20.50 74.38 7.20
CA GLN I 112 -20.57 75.73 6.64
C GLN I 112 -19.42 75.89 5.66
N TYR I 113 -19.71 75.69 4.37
CA TYR I 113 -18.72 75.75 3.30
C TYR I 113 -17.98 77.05 3.03
N ALA I 114 -18.49 78.17 3.52
CA ALA I 114 -17.84 79.45 3.28
C ALA I 114 -17.50 80.11 4.59
N PRO I 115 -16.19 80.38 4.84
CA PRO I 115 -15.79 81.02 6.09
C PRO I 115 -16.47 82.37 6.18
N ALA I 116 -16.76 82.84 7.39
CA ALA I 116 -17.42 84.12 7.54
C ALA I 116 -16.41 85.24 7.75
N ARG I 117 -15.26 84.91 8.33
CA ARG I 117 -14.22 85.90 8.60
C ARG I 117 -12.84 85.54 8.05
N GLY I 118 -12.30 84.41 8.50
CA GLY I 118 -10.98 83.98 8.05
C GLY I 118 -11.02 83.36 6.67
N ARG I 119 -9.85 83.03 6.11
CA ARG I 119 -9.81 82.45 4.77
C ARG I 119 -10.26 80.99 4.75
N PHE I 120 -10.30 80.34 5.91
CA PHE I 120 -10.72 78.95 6.00
C PHE I 120 -11.75 78.77 7.11
N LYS I 121 -12.63 77.80 6.93
CA LYS I 121 -13.62 77.45 7.93
C LYS I 121 -12.96 76.22 8.53
N VAL I 122 -12.57 76.30 9.80
CA VAL I 122 -11.88 75.20 10.45
C VAL I 122 -12.70 74.43 11.48
N TYR I 123 -12.69 73.11 11.37
CA TYR I 123 -13.37 72.26 12.33
C TYR I 123 -12.31 71.48 13.12
N LEU I 124 -12.38 71.57 14.44
CA LEU I 124 -11.45 70.85 15.29
C LEU I 124 -12.28 69.84 16.10
N ILE I 125 -12.06 68.56 15.86
CA ILE I 125 -12.83 67.53 16.55
C ILE I 125 -11.98 66.75 17.53
N ASP I 126 -12.32 66.89 18.81
CA ASP I 126 -11.63 66.21 19.92
C ASP I 126 -12.15 64.77 20.03
N GLU I 127 -11.26 63.83 20.34
CA GLU I 127 -11.61 62.41 20.48
C GLU I 127 -12.56 62.00 19.37
N VAL I 128 -12.13 62.20 18.14
CA VAL I 128 -12.95 61.91 16.98
C VAL I 128 -13.45 60.46 16.88
N HIS I 129 -12.76 59.53 17.53
CA HIS I 129 -13.16 58.13 17.47
C HIS I 129 -14.45 57.87 18.28
N MET I 130 -14.88 58.83 19.07
CA MET I 130 -16.09 58.63 19.86
C MET I 130 -17.37 59.11 19.16
N LEU I 131 -17.24 59.47 17.89
CA LEU I 131 -18.39 59.92 17.10
C LEU I 131 -19.34 58.77 16.81
N SER I 132 -20.61 59.08 16.61
CA SER I 132 -21.59 58.05 16.30
C SER I 132 -21.29 57.55 14.89
N ARG I 133 -21.84 56.40 14.53
CA ARG I 133 -21.62 55.86 13.20
C ARG I 133 -22.23 56.83 12.18
N HIS I 134 -23.34 57.46 12.58
CA HIS I 134 -24.02 58.42 11.74
C HIS I 134 -23.04 59.53 11.34
N SER I 135 -22.42 60.16 12.34
CA SER I 135 -21.48 61.26 12.10
C SER I 135 -20.22 60.81 11.37
N PHE I 136 -19.75 59.60 11.65
CA PHE I 136 -18.57 59.11 10.96
C PHE I 136 -18.82 59.24 9.46
N ASN I 137 -19.96 58.71 9.03
CA ASN I 137 -20.30 58.75 7.60
C ASN I 137 -20.52 60.17 7.11
N ALA I 138 -21.03 61.03 7.97
CA ALA I 138 -21.22 62.42 7.59
C ALA I 138 -19.82 62.99 7.30
N LEU I 139 -18.89 62.74 8.21
CA LEU I 139 -17.51 63.20 8.09
C LEU I 139 -16.83 62.61 6.86
N LEU I 140 -16.91 61.30 6.73
CA LEU I 140 -16.32 60.59 5.59
C LEU I 140 -16.76 61.30 4.30
N LYS I 141 -18.07 61.39 4.13
CA LYS I 141 -18.70 62.02 2.96
C LYS I 141 -18.07 63.38 2.64
N THR I 142 -17.80 64.18 3.66
CA THR I 142 -17.19 65.50 3.48
C THR I 142 -15.71 65.37 3.11
N LEU I 143 -15.04 64.38 3.70
CA LEU I 143 -13.62 64.14 3.42
C LEU I 143 -13.44 63.53 2.03
N GLU I 144 -14.51 62.92 1.51
CA GLU I 144 -14.47 62.32 0.18
C GLU I 144 -14.68 63.39 -0.90
N GLU I 145 -15.48 64.40 -0.58
CA GLU I 145 -15.75 65.51 -1.51
C GLU I 145 -15.35 66.79 -0.80
N PRO I 146 -14.04 66.94 -0.53
CA PRO I 146 -13.38 68.06 0.13
C PRO I 146 -13.81 69.50 -0.16
N PRO I 147 -14.70 70.05 0.67
CA PRO I 147 -15.17 71.42 0.48
C PRO I 147 -13.91 72.30 0.56
N GLU I 148 -13.73 73.23 -0.37
CA GLU I 148 -12.57 74.08 -0.22
C GLU I 148 -13.00 75.14 0.77
N HIS I 149 -12.01 75.77 1.40
CA HIS I 149 -12.23 76.80 2.40
C HIS I 149 -12.54 76.13 3.74
N VAL I 150 -12.66 74.81 3.73
CA VAL I 150 -12.95 74.05 4.94
C VAL I 150 -11.88 73.01 5.27
N LYS I 151 -11.32 73.09 6.47
CA LYS I 151 -10.29 72.16 6.92
C LYS I 151 -10.73 71.41 8.18
N PHE I 152 -10.35 70.13 8.25
CA PHE I 152 -10.69 69.30 9.40
C PHE I 152 -9.45 68.89 10.16
N LEU I 153 -9.41 69.25 11.45
CA LEU I 153 -8.29 68.94 12.33
C LEU I 153 -8.83 68.00 13.40
N LEU I 154 -8.48 66.73 13.27
CA LEU I 154 -8.95 65.71 14.18
C LEU I 154 -7.90 65.35 15.22
N ALA I 155 -8.37 64.98 16.40
CA ALA I 155 -7.49 64.58 17.49
C ALA I 155 -8.07 63.30 18.08
N THR I 156 -7.20 62.44 18.57
CA THR I 156 -7.66 61.21 19.17
C THR I 156 -6.55 60.43 19.85
N THR I 157 -6.93 59.75 20.93
CA THR I 157 -6.00 58.94 21.70
C THR I 157 -6.04 57.50 21.18
N ASP I 158 -6.97 57.21 20.28
CA ASP I 158 -7.14 55.88 19.75
C ASP I 158 -7.46 55.87 18.26
N PRO I 159 -6.47 56.21 17.43
CA PRO I 159 -6.72 56.23 15.99
C PRO I 159 -7.29 54.93 15.42
N GLN I 160 -6.92 53.80 16.00
CA GLN I 160 -7.41 52.51 15.52
C GLN I 160 -8.93 52.33 15.64
N LYS I 161 -9.54 52.97 16.63
CA LYS I 161 -10.99 52.89 16.83
C LYS I 161 -11.70 53.61 15.70
N LEU I 162 -10.92 54.27 14.85
CA LEU I 162 -11.47 55.04 13.74
C LEU I 162 -11.60 54.27 12.44
N PRO I 163 -12.72 54.47 11.72
CA PRO I 163 -12.95 53.81 10.43
C PRO I 163 -11.76 54.09 9.53
N VAL I 164 -11.17 53.05 8.98
CA VAL I 164 -10.01 53.20 8.11
C VAL I 164 -10.26 54.05 6.87
N THR I 165 -11.53 54.22 6.51
CA THR I 165 -11.87 55.04 5.35
C THR I 165 -11.61 56.51 5.65
N ILE I 166 -11.76 56.87 6.92
CA ILE I 166 -11.53 58.24 7.35
C ILE I 166 -10.05 58.46 7.66
N LEU I 167 -9.48 57.56 8.45
CA LEU I 167 -8.08 57.67 8.80
C LEU I 167 -7.25 57.85 7.52
N SER I 168 -7.61 57.12 6.48
CA SER I 168 -6.93 57.17 5.19
C SER I 168 -7.00 58.51 4.49
N ARG I 169 -7.98 59.33 4.85
CA ARG I 169 -8.12 60.64 4.21
C ARG I 169 -7.45 61.77 4.98
N CYS I 170 -6.71 61.45 6.03
CA CYS I 170 -6.05 62.48 6.82
C CYS I 170 -4.55 62.40 6.74
N LEU I 171 -3.90 63.48 7.14
CA LEU I 171 -2.46 63.53 7.20
C LEU I 171 -2.34 63.19 8.69
N GLN I 172 -1.76 62.03 9.00
CA GLN I 172 -1.65 61.58 10.38
C GLN I 172 -0.34 61.92 11.07
N PHE I 173 -0.44 62.45 12.26
CA PHE I 173 0.73 62.81 13.03
C PHE I 173 0.62 62.11 14.37
N HIS I 174 1.65 61.35 14.72
CA HIS I 174 1.68 60.61 16.01
C HIS I 174 2.45 61.39 17.06
N LEU I 175 1.90 61.76 18.22
CA LEU I 175 2.62 62.69 19.11
C LEU I 175 3.44 62.09 20.25
N LYS I 176 4.61 62.66 20.56
CA LYS I 176 5.43 62.02 21.61
C LYS I 176 5.20 62.59 22.99
N ALA I 177 4.98 61.70 23.95
CA ALA I 177 4.87 62.12 25.33
C ALA I 177 6.24 62.74 25.62
N LEU I 178 6.28 63.75 26.45
CA LEU I 178 7.55 64.42 26.74
C LEU I 178 8.38 63.74 27.83
N ASP I 179 9.70 63.80 27.68
CA ASP I 179 10.66 63.23 28.63
C ASP I 179 10.58 63.90 29.98
N VAL I 180 11.08 63.22 31.00
CA VAL I 180 11.11 63.81 32.34
C VAL I 180 12.03 65.04 32.27
N GLU I 181 13.16 64.91 31.59
CA GLU I 181 14.08 66.05 31.46
C GLU I 181 13.45 67.18 30.61
N GLN I 182 12.73 66.82 29.56
CA GLN I 182 12.08 67.84 28.74
C GLN I 182 11.10 68.64 29.57
N ILE I 183 10.35 67.95 30.42
CA ILE I 183 9.37 68.61 31.26
C ILE I 183 10.05 69.38 32.38
N ARG I 184 11.01 68.73 33.03
CA ARG I 184 11.76 69.31 34.13
C ARG I 184 12.39 70.65 33.75
N HIS I 185 13.03 70.67 32.57
CA HIS I 185 13.69 71.88 32.08
C HIS I 185 12.69 73.01 31.78
N GLN I 186 11.53 72.65 31.24
CA GLN I 186 10.52 73.66 30.93
C GLN I 186 9.98 74.27 32.23
N LEU I 187 9.74 73.42 33.24
CA LEU I 187 9.23 73.94 34.51
C LEU I 187 10.24 74.92 35.10
N GLU I 188 11.51 74.52 35.08
CA GLU I 188 12.56 75.37 35.60
C GLU I 188 12.54 76.70 34.87
N HIS I 189 12.47 76.63 33.55
CA HIS I 189 12.46 77.83 32.72
C HIS I 189 11.29 78.76 33.02
N ILE I 190 10.11 78.17 33.19
CA ILE I 190 8.91 78.95 33.49
C ILE I 190 9.00 79.59 34.88
N LEU I 191 9.40 78.80 35.88
CA LEU I 191 9.51 79.32 37.23
C LEU I 191 10.56 80.43 37.31
N ASN I 192 11.63 80.31 36.53
CA ASN I 192 12.66 81.37 36.51
C ASN I 192 12.08 82.66 35.94
N GLU I 193 11.25 82.55 34.89
CA GLU I 193 10.64 83.73 34.28
C GLU I 193 9.57 84.35 35.20
N GLU I 194 8.87 83.52 35.97
CA GLU I 194 7.84 84.00 36.88
C GLU I 194 8.47 84.53 38.16
N HIS I 195 9.77 84.28 38.34
CA HIS I 195 10.48 84.70 39.55
C HIS I 195 9.87 84.01 40.78
N ILE I 196 9.65 82.71 40.64
CA ILE I 196 9.10 81.89 41.71
C ILE I 196 10.23 80.98 42.18
N ALA I 197 10.41 80.86 43.48
CA ALA I 197 11.48 80.03 44.03
C ALA I 197 11.20 78.56 43.87
N HIS I 198 12.24 77.80 43.54
CA HIS I 198 12.14 76.36 43.34
C HIS I 198 13.43 75.64 43.73
N GLU I 199 13.32 74.37 44.08
CA GLU I 199 14.48 73.56 44.43
C GLU I 199 14.57 72.44 43.38
N PRO I 200 15.80 72.09 42.96
CA PRO I 200 16.04 71.04 41.96
C PRO I 200 15.21 69.79 42.09
N ARG I 201 15.26 69.18 43.27
CA ARG I 201 14.54 67.95 43.54
C ARG I 201 13.06 68.12 43.32
N ALA I 202 12.50 69.21 43.83
CA ALA I 202 11.09 69.46 43.68
C ALA I 202 10.69 69.35 42.21
N LEU I 203 11.43 70.01 41.31
CA LEU I 203 11.13 69.97 39.88
C LEU I 203 11.22 68.57 39.28
N GLN I 204 12.19 67.79 39.72
CA GLN I 204 12.35 66.42 39.23
C GLN I 204 11.10 65.61 39.59
N LEU I 205 10.63 65.79 40.82
CA LEU I 205 9.46 65.06 41.31
C LEU I 205 8.18 65.43 40.54
N LEU I 206 8.04 66.71 40.20
CA LEU I 206 6.86 67.18 39.45
C LEU I 206 6.91 66.68 38.00
N ALA I 207 8.10 66.74 37.39
CA ALA I 207 8.25 66.29 36.01
C ALA I 207 7.90 64.80 35.91
N ARG I 208 8.35 64.02 36.90
CA ARG I 208 8.08 62.59 36.91
C ARG I 208 6.59 62.32 37.13
N ALA I 209 5.98 63.04 38.08
CA ALA I 209 4.56 62.86 38.36
C ALA I 209 3.67 63.27 37.18
N ALA I 210 4.17 64.13 36.30
CA ALA I 210 3.39 64.58 35.15
C ALA I 210 3.13 63.42 34.18
N GLU I 211 3.99 62.42 34.24
CA GLU I 211 3.87 61.24 33.39
C GLU I 211 3.62 61.57 31.93
N GLY I 212 4.57 62.28 31.33
CA GLY I 212 4.49 62.64 29.92
C GLY I 212 3.72 63.87 29.50
N SER I 213 2.85 64.41 30.36
CA SER I 213 2.05 65.57 30.01
C SER I 213 2.55 66.90 30.54
N LEU I 214 2.82 67.86 29.65
CA LEU I 214 3.29 69.15 30.11
C LEU I 214 2.14 69.87 30.80
N ARG I 215 0.90 69.62 30.34
CA ARG I 215 -0.26 70.27 30.97
C ARG I 215 -0.43 69.77 32.42
N ASP I 216 -0.32 68.46 32.64
CA ASP I 216 -0.44 67.93 34.01
C ASP I 216 0.73 68.46 34.84
N ALA I 217 1.88 68.63 34.21
CA ALA I 217 3.08 69.12 34.88
C ALA I 217 2.86 70.55 35.40
N LEU I 218 2.26 71.40 34.57
CA LEU I 218 2.01 72.77 34.97
C LEU I 218 0.88 72.82 36.00
N SER I 219 -0.11 71.95 35.83
CA SER I 219 -1.22 71.92 36.78
C SER I 219 -0.70 71.44 38.16
N LEU I 220 0.23 70.49 38.18
CA LEU I 220 0.78 70.01 39.45
C LEU I 220 1.67 71.07 40.07
N THR I 221 2.35 71.86 39.23
CA THR I 221 3.21 72.93 39.71
C THR I 221 2.38 74.06 40.32
N ASP I 222 1.24 74.37 39.69
CA ASP I 222 0.36 75.42 40.20
C ASP I 222 -0.23 74.99 41.55
N GLN I 223 -0.51 73.70 41.70
CA GLN I 223 -1.06 73.23 42.97
C GLN I 223 0.05 73.29 44.02
N ALA I 224 1.28 72.96 43.63
CA ALA I 224 2.40 72.98 44.56
C ALA I 224 2.65 74.38 45.08
N ILE I 225 2.68 75.35 44.17
CA ILE I 225 2.90 76.75 44.54
C ILE I 225 1.81 77.26 45.48
N ALA I 226 0.55 76.97 45.16
CA ALA I 226 -0.57 77.41 45.99
C ALA I 226 -0.60 76.79 47.37
N SER I 227 -0.22 75.52 47.48
CA SER I 227 -0.25 74.88 48.79
C SER I 227 1.10 74.93 49.51
N GLY I 228 2.13 75.39 48.82
CA GLY I 228 3.46 75.46 49.40
C GLY I 228 4.09 76.83 49.62
N ASP I 229 3.30 77.75 50.17
CA ASP I 229 3.78 79.09 50.48
C ASP I 229 4.31 79.92 49.32
N GLY I 230 3.71 79.76 48.14
CA GLY I 230 4.09 80.53 46.97
C GLY I 230 5.46 80.19 46.41
N GLN I 231 5.88 78.95 46.61
CA GLN I 231 7.15 78.47 46.07
C GLN I 231 7.05 76.98 45.81
N VAL I 232 8.06 76.47 45.11
CA VAL I 232 8.13 75.09 44.81
C VAL I 232 9.35 74.58 45.46
N SER I 233 9.15 74.17 46.65
CA SER I 233 10.22 73.54 47.35
C SER I 233 10.00 72.07 47.28
N THR I 234 11.02 71.32 47.69
CA THR I 234 10.95 69.86 47.71
C THR I 234 10.01 69.45 48.84
N GLN I 235 9.71 70.41 49.71
CA GLN I 235 8.83 70.19 50.85
C GLN I 235 7.34 70.24 50.51
N ALA I 236 6.96 71.23 49.71
CA ALA I 236 5.57 71.38 49.31
C ALA I 236 5.14 70.30 48.33
N VAL I 237 6.00 70.04 47.35
CA VAL I 237 5.73 69.03 46.32
C VAL I 237 5.52 67.62 46.89
N SER I 238 6.55 67.06 47.49
CA SER I 238 6.48 65.72 48.05
C SER I 238 5.35 65.58 49.07
N ALA I 239 4.93 66.71 49.64
CA ALA I 239 3.85 66.70 50.60
C ALA I 239 2.58 66.41 49.82
N MET I 240 2.57 66.91 48.59
CA MET I 240 1.45 66.74 47.68
C MET I 240 1.33 65.31 47.16
N LEU I 241 2.45 64.74 46.73
CA LEU I 241 2.49 63.37 46.20
C LEU I 241 2.71 62.31 47.29
N GLY I 242 3.85 62.41 47.97
CA GLY I 242 4.16 61.45 49.04
C GLY I 242 5.59 60.94 49.05
N THR I 243 6.54 61.82 48.72
CA THR I 243 7.96 61.44 48.72
C THR I 243 8.48 61.61 50.13
N LEU I 244 9.53 60.85 50.46
CA LEU I 244 10.13 60.93 51.78
C LEU I 244 10.84 62.25 52.00
N ASP I 245 11.40 62.82 50.94
CA ASP I 245 12.15 64.06 51.06
C ASP I 245 13.31 63.77 52.02
N ASP I 246 13.47 62.48 52.34
CA ASP I 246 14.51 62.01 53.23
C ASP I 246 15.68 61.43 52.45
N ASP I 247 16.81 61.29 53.14
CA ASP I 247 18.02 60.74 52.56
C ASP I 247 17.96 59.23 52.69
N GLN I 248 16.90 58.73 53.34
CA GLN I 248 16.72 57.31 53.55
C GLN I 248 17.07 56.50 52.31
N ALA I 249 16.62 56.99 51.16
CA ALA I 249 16.88 56.32 49.89
C ALA I 249 18.38 56.07 49.75
N LEU I 250 19.19 57.02 50.23
CA LEU I 250 20.64 56.90 50.17
C LEU I 250 21.22 56.06 51.29
N SER I 251 20.89 56.44 52.53
CA SER I 251 21.39 55.73 53.70
C SER I 251 21.28 54.23 53.48
N LEU I 252 20.14 53.80 52.95
CA LEU I 252 19.90 52.39 52.68
C LEU I 252 20.99 51.81 51.81
N VAL I 253 21.30 52.51 50.72
CA VAL I 253 22.33 52.07 49.80
C VAL I 253 23.63 51.93 50.59
N GLU I 254 23.98 52.99 51.31
CA GLU I 254 25.19 53.01 52.11
C GLU I 254 25.28 51.72 52.93
N ALA I 255 24.21 51.41 53.64
CA ALA I 255 24.15 50.21 54.47
C ALA I 255 24.11 48.93 53.61
N MET I 256 23.47 49.03 52.46
CA MET I 256 23.34 47.91 51.54
C MET I 256 24.69 47.34 51.08
N VAL I 257 25.55 48.21 50.57
CA VAL I 257 26.86 47.81 50.05
C VAL I 257 27.95 47.61 51.09
N GLU I 258 27.68 47.94 52.35
CA GLU I 258 28.70 47.76 53.38
C GLU I 258 28.45 46.46 54.14
N ALA I 259 27.33 45.81 53.83
CA ALA I 259 26.97 44.55 54.46
C ALA I 259 26.46 44.75 55.88
N ASN I 260 25.66 45.81 56.08
CA ASN I 260 25.15 46.09 57.41
C ASN I 260 23.98 45.21 57.83
N GLY I 261 23.13 44.83 56.87
CA GLY I 261 21.99 43.99 57.18
C GLY I 261 21.18 44.52 58.34
N GLU I 262 21.71 44.35 59.55
CA GLU I 262 21.06 44.83 60.77
C GLU I 262 20.53 46.23 60.54
N ARG I 263 21.38 47.09 59.99
CA ARG I 263 21.01 48.48 59.69
C ARG I 263 20.00 48.56 58.55
N VAL I 264 20.26 47.82 57.47
CA VAL I 264 19.36 47.82 56.32
C VAL I 264 17.95 47.45 56.76
N MET I 265 17.84 46.36 57.49
CA MET I 265 16.55 45.90 57.99
C MET I 265 15.98 46.94 58.94
N ALA I 266 16.86 47.56 59.72
CA ALA I 266 16.45 48.59 60.66
C ALA I 266 15.77 49.72 59.90
N LEU I 267 16.51 50.34 58.99
CA LEU I 267 15.99 51.44 58.18
C LEU I 267 14.67 51.06 57.54
N ILE I 268 14.59 49.84 57.03
CA ILE I 268 13.37 49.35 56.40
C ILE I 268 12.20 49.40 57.38
N ASN I 269 12.50 49.23 58.67
CA ASN I 269 11.47 49.25 59.71
C ASN I 269 11.01 50.67 60.00
N GLU I 270 11.96 51.55 60.31
CA GLU I 270 11.70 52.95 60.58
C GLU I 270 10.88 53.52 59.42
N ALA I 271 11.31 53.14 58.22
CA ALA I 271 10.67 53.56 56.99
C ALA I 271 9.21 53.12 56.96
N ALA I 272 8.98 51.88 57.39
CA ALA I 272 7.63 51.32 57.42
C ALA I 272 6.77 52.12 58.38
N ALA I 273 7.38 52.55 59.47
CA ALA I 273 6.68 53.33 60.48
C ALA I 273 6.13 54.62 59.90
N ARG I 274 6.84 55.19 58.94
CA ARG I 274 6.44 56.44 58.31
C ARG I 274 5.54 56.25 57.09
N GLY I 275 5.08 55.03 56.86
CA GLY I 275 4.23 54.74 55.73
C GLY I 275 4.78 55.18 54.39
N ILE I 276 5.91 54.61 54.00
CA ILE I 276 6.59 54.96 52.75
C ILE I 276 6.02 54.28 51.51
N GLU I 277 6.14 54.95 50.37
CA GLU I 277 5.67 54.40 49.10
C GLU I 277 6.72 53.39 48.66
N TRP I 278 6.68 52.20 49.25
CA TRP I 278 7.63 51.14 48.97
C TRP I 278 8.28 51.15 47.57
N GLU I 279 7.48 51.06 46.52
CA GLU I 279 8.04 51.06 45.16
C GLU I 279 8.71 52.39 44.82
N ALA I 280 8.19 53.47 45.39
CA ALA I 280 8.76 54.79 45.14
C ALA I 280 10.20 54.77 45.66
N LEU I 281 10.40 54.13 46.81
CA LEU I 281 11.71 54.02 47.43
C LEU I 281 12.73 53.32 46.53
N LEU I 282 12.32 52.23 45.92
CA LEU I 282 13.21 51.48 45.04
C LEU I 282 13.65 52.35 43.89
N VAL I 283 12.69 52.97 43.22
CA VAL I 283 13.01 53.83 42.10
C VAL I 283 14.03 54.89 42.53
N GLU I 284 13.95 55.30 43.80
CA GLU I 284 14.88 56.28 44.33
C GLU I 284 16.29 55.71 44.30
N MET I 285 16.46 54.54 44.91
CA MET I 285 17.75 53.89 44.96
C MET I 285 18.31 53.59 43.58
N LEU I 286 17.46 53.20 42.64
CA LEU I 286 17.92 52.92 41.28
C LEU I 286 18.39 54.22 40.65
N GLY I 287 17.78 55.32 41.05
CA GLY I 287 18.15 56.62 40.52
C GLY I 287 19.50 57.03 41.07
N LEU I 288 19.79 56.61 42.29
CA LEU I 288 21.07 56.93 42.91
C LEU I 288 22.15 56.05 42.33
N LEU I 289 21.89 54.74 42.23
CA LEU I 289 22.85 53.80 41.68
C LEU I 289 23.19 54.14 40.23
N HIS I 290 22.28 54.87 39.59
CA HIS I 290 22.47 55.31 38.21
C HIS I 290 23.49 56.44 38.15
N ARG I 291 23.22 57.51 38.89
CA ARG I 291 24.12 58.66 38.91
C ARG I 291 25.53 58.34 39.39
N ILE I 292 25.65 57.51 40.44
CA ILE I 292 26.96 57.14 40.95
C ILE I 292 27.76 56.50 39.84
N ALA I 293 27.07 55.73 39.00
CA ALA I 293 27.69 55.06 37.87
C ALA I 293 28.12 56.11 36.85
N MET I 294 27.36 57.20 36.76
CA MET I 294 27.66 58.27 35.83
C MET I 294 28.80 59.14 36.35
N VAL I 295 28.94 59.19 37.67
CA VAL I 295 30.00 59.97 38.30
C VAL I 295 31.33 59.26 38.17
N GLN I 296 31.29 57.95 38.00
CA GLN I 296 32.49 57.14 37.87
C GLN I 296 33.02 57.13 36.44
N LEU I 297 32.27 57.73 35.52
CA LEU I 297 32.67 57.79 34.12
C LEU I 297 33.10 59.21 33.75
N SER I 298 32.44 60.17 34.38
CA SER I 298 32.72 61.58 34.19
C SER I 298 32.31 62.24 35.50
N PRO I 299 33.28 62.43 36.42
CA PRO I 299 33.10 63.02 37.74
C PRO I 299 32.21 64.26 37.89
N ALA I 300 31.75 64.83 36.78
CA ALA I 300 30.89 66.01 36.84
C ALA I 300 29.42 65.60 36.74
N ALA I 301 29.17 64.30 36.81
CA ALA I 301 27.82 63.76 36.72
C ALA I 301 26.87 64.25 37.81
N LEU I 302 27.39 64.60 38.98
CA LEU I 302 26.53 65.08 40.06
C LEU I 302 25.82 66.38 39.68
N GLY I 303 24.51 66.30 39.54
CA GLY I 303 23.69 67.43 39.14
C GLY I 303 23.54 68.60 40.11
N ASN I 304 22.36 69.19 40.08
CA ASN I 304 22.04 70.35 40.89
C ASN I 304 21.79 70.03 42.36
N ASP I 305 20.52 69.87 42.72
CA ASP I 305 20.10 69.60 44.09
C ASP I 305 20.79 68.39 44.71
N MET I 306 21.67 67.74 43.94
CA MET I 306 22.38 66.57 44.44
C MET I 306 23.76 66.97 44.95
N ALA I 307 23.90 68.25 45.32
CA ALA I 307 25.15 68.78 45.84
C ALA I 307 25.18 68.59 47.35
N ALA I 308 24.01 68.38 47.93
CA ALA I 308 23.88 68.16 49.37
C ALA I 308 24.47 66.81 49.74
N ILE I 309 24.38 65.87 48.82
CA ILE I 309 24.89 64.53 49.02
C ILE I 309 26.33 64.47 48.51
N GLU I 310 26.61 65.28 47.49
CA GLU I 310 27.92 65.38 46.87
C GLU I 310 29.01 64.50 47.47
N LEU I 311 29.33 64.77 48.73
CA LEU I 311 30.36 64.05 49.46
C LEU I 311 30.12 62.53 49.54
N ARG I 312 28.90 62.15 49.90
CA ARG I 312 28.55 60.73 50.01
C ARG I 312 28.63 60.00 48.67
N MET I 313 27.97 60.56 47.67
CA MET I 313 27.91 59.98 46.32
C MET I 313 29.27 59.62 45.71
N ARG I 314 30.15 60.60 45.58
CA ARG I 314 31.46 60.34 45.00
C ARG I 314 32.32 59.44 45.85
N GLU I 315 32.04 59.40 47.15
CA GLU I 315 32.79 58.53 48.05
C GLU I 315 32.46 57.09 47.69
N LEU I 316 31.22 56.86 47.28
CA LEU I 316 30.75 55.53 46.90
C LEU I 316 31.14 55.26 45.44
N ALA I 317 31.36 56.33 44.69
CA ALA I 317 31.74 56.24 43.28
C ALA I 317 33.21 55.89 43.09
N ARG I 318 34.00 56.04 44.16
CA ARG I 318 35.42 55.75 44.11
C ARG I 318 35.78 54.51 44.95
N THR I 319 34.88 54.13 45.87
CA THR I 319 35.12 52.98 46.74
C THR I 319 34.34 51.71 46.39
N ILE I 320 33.45 51.79 45.40
CA ILE I 320 32.67 50.62 45.00
C ILE I 320 32.89 50.29 43.53
N PRO I 321 33.15 49.00 43.23
CA PRO I 321 33.37 48.55 41.85
C PRO I 321 32.20 48.86 40.93
N PRO I 322 32.46 49.54 39.79
CA PRO I 322 31.39 49.88 38.86
C PRO I 322 30.70 48.60 38.39
N THR I 323 31.43 47.49 38.50
CA THR I 323 30.92 46.19 38.13
C THR I 323 29.96 45.70 39.20
N ASP I 324 30.19 46.14 40.45
CA ASP I 324 29.32 45.77 41.57
C ASP I 324 28.08 46.67 41.57
N ILE I 325 28.30 47.96 41.31
CA ILE I 325 27.20 48.91 41.28
C ILE I 325 26.16 48.44 40.27
N GLN I 326 26.63 47.81 39.20
CA GLN I 326 25.73 47.29 38.18
C GLN I 326 24.93 46.12 38.77
N LEU I 327 25.55 45.40 39.70
CA LEU I 327 24.92 44.26 40.37
C LEU I 327 23.76 44.71 41.25
N TYR I 328 23.98 45.78 42.00
CA TYR I 328 22.95 46.32 42.89
C TYR I 328 21.80 46.91 42.09
N TYR I 329 22.11 47.54 40.96
CA TYR I 329 21.10 48.13 40.11
C TYR I 329 20.23 47.00 39.57
N GLN I 330 20.87 45.99 38.97
CA GLN I 330 20.16 44.84 38.42
C GLN I 330 19.25 44.22 39.47
N THR I 331 19.87 43.63 40.49
CA THR I 331 19.16 42.99 41.58
C THR I 331 17.99 43.84 42.06
N LEU I 332 18.23 45.14 42.22
CA LEU I 332 17.19 46.05 42.67
C LEU I 332 16.10 46.13 41.61
N LEU I 333 16.50 46.47 40.38
CA LEU I 333 15.57 46.59 39.26
C LEU I 333 14.63 45.39 39.21
N ILE I 334 15.21 44.18 39.26
CA ILE I 334 14.40 42.97 39.23
C ILE I 334 13.35 43.03 40.34
N GLY I 335 13.80 43.31 41.56
CA GLY I 335 12.88 43.38 42.69
C GLY I 335 11.59 44.08 42.33
N ARG I 336 11.72 45.30 41.80
CA ARG I 336 10.56 46.11 41.39
C ARG I 336 9.61 45.32 40.51
N LYS I 337 10.18 44.51 39.61
CA LYS I 337 9.39 43.68 38.72
C LYS I 337 8.71 42.61 39.55
N GLU I 338 9.38 42.25 40.66
CA GLU I 338 8.88 41.21 41.56
C GLU I 338 8.22 41.78 42.81
N LEU I 339 7.99 43.09 42.83
CA LEU I 339 7.38 43.72 43.99
C LEU I 339 5.92 43.26 44.16
N PRO I 340 5.12 43.29 43.08
CA PRO I 340 3.73 42.88 43.17
C PRO I 340 3.53 41.37 43.35
N TYR I 341 4.54 40.58 43.01
CA TYR I 341 4.44 39.14 43.17
C TYR I 341 4.42 38.78 44.64
N ALA I 342 5.20 39.53 45.42
CA ALA I 342 5.33 39.33 46.85
C ALA I 342 3.99 39.40 47.59
N PRO I 343 3.89 38.72 48.75
CA PRO I 343 2.65 38.74 49.53
C PRO I 343 2.44 40.11 50.12
N ASP I 344 3.54 40.77 50.44
CA ASP I 344 3.50 42.10 51.03
C ASP I 344 4.53 42.98 50.32
N ARG I 345 4.15 44.22 50.02
CA ARG I 345 5.06 45.12 49.34
C ARG I 345 6.35 45.29 50.14
N ARG I 346 6.23 45.41 51.46
CA ARG I 346 7.40 45.57 52.33
C ARG I 346 8.29 44.32 52.27
N MET I 347 7.67 43.16 52.49
CA MET I 347 8.38 41.89 52.45
C MET I 347 9.14 41.84 51.14
N GLY I 348 8.50 42.37 50.10
CA GLY I 348 9.10 42.40 48.77
C GLY I 348 10.39 43.19 48.74
N VAL I 349 10.39 44.35 49.39
CA VAL I 349 11.59 45.19 49.44
C VAL I 349 12.65 44.52 50.31
N GLU I 350 12.21 43.93 51.41
CA GLU I 350 13.14 43.24 52.29
C GLU I 350 13.70 42.08 51.47
N MET I 351 12.88 41.59 50.54
CA MET I 351 13.29 40.50 49.67
C MET I 351 14.51 40.92 48.86
N THR I 352 14.35 41.99 48.09
CA THR I 352 15.41 42.49 47.24
C THR I 352 16.67 42.98 47.94
N LEU I 353 16.52 43.71 49.05
CA LEU I 353 17.69 44.23 49.74
C LEU I 353 18.57 43.16 50.39
N LEU I 354 17.97 42.10 50.92
CA LEU I 354 18.77 41.04 51.51
C LEU I 354 19.37 40.22 50.38
N ARG I 355 18.81 40.39 49.19
CA ARG I 355 19.26 39.70 48.00
C ARG I 355 20.54 40.38 47.51
N ALA I 356 20.55 41.71 47.56
CA ALA I 356 21.71 42.48 47.15
C ALA I 356 22.77 42.37 48.24
N LEU I 357 22.32 41.97 49.43
CA LEU I 357 23.20 41.80 50.57
C LEU I 357 23.91 40.45 50.47
N ALA I 358 23.13 39.40 50.21
CA ALA I 358 23.67 38.06 50.08
C ALA I 358 24.68 38.00 48.94
N PHE I 359 24.26 38.47 47.75
CA PHE I 359 25.12 38.46 46.58
C PHE I 359 25.95 39.74 46.45
N HIS I 360 27.03 39.78 47.22
CA HIS I 360 27.96 40.91 47.25
C HIS I 360 29.34 40.37 47.58
N PRO I 361 30.36 40.71 46.77
CA PRO I 361 31.72 40.23 47.03
C PRO I 361 32.22 40.61 48.43
N ARG I 362 32.25 39.62 49.32
CA ARG I 362 32.69 39.76 50.71
C ARG I 362 31.52 40.02 51.67
N MET I 363 30.43 39.28 51.49
CA MET I 363 29.25 39.42 52.33
C MET I 363 28.82 38.07 52.90
N PRO I 364 27.72 38.04 53.68
CA PRO I 364 27.21 36.80 54.29
C PRO I 364 27.49 35.49 53.58
N LEU I 365 27.83 34.48 54.37
CA LEU I 365 28.15 33.13 53.88
C LEU I 365 27.39 32.10 54.74
N PRO I 366 27.31 30.84 54.27
CA PRO I 366 26.62 29.74 54.97
C PRO I 366 27.37 29.07 56.11
N GLU I 367 26.63 28.33 56.95
CA GLU I 367 27.19 27.61 58.09
C GLU I 367 26.23 26.51 58.58
N PRO I 368 26.71 25.63 59.49
CA PRO I 368 25.91 24.53 60.03
C PRO I 368 24.88 24.94 61.09
N ARG J 2 -17.00 49.57 63.21
CA ARG J 2 -17.08 49.76 64.65
C ARG J 2 -16.07 50.81 65.10
N TRP J 3 -16.56 52.01 65.39
CA TRP J 3 -15.68 53.09 65.82
C TRP J 3 -14.76 52.64 66.93
N TYR J 4 -13.46 52.78 66.68
CA TYR J 4 -12.45 52.42 67.65
C TYR J 4 -11.95 53.68 68.33
N PRO J 5 -11.23 53.54 69.46
CA PRO J 5 -10.68 54.68 70.20
C PRO J 5 -9.69 55.54 69.43
N TRP J 6 -8.57 54.91 69.04
CA TRP J 6 -7.53 55.60 68.29
C TRP J 6 -8.06 56.42 67.13
N LEU J 7 -9.35 56.26 66.84
CA LEU J 7 -10.01 56.97 65.75
C LEU J 7 -10.40 58.41 66.12
N ARG J 8 -10.31 58.76 67.39
CA ARG J 8 -10.69 60.09 67.81
C ARG J 8 -9.66 61.19 67.56
N PRO J 9 -8.37 60.92 67.85
CA PRO J 9 -7.37 61.98 67.63
C PRO J 9 -7.44 62.55 66.21
N ASP J 10 -7.75 61.67 65.25
CA ASP J 10 -7.84 62.05 63.85
C ASP J 10 -9.18 62.71 63.52
N PHE J 11 -10.26 62.05 63.90
CA PHE J 11 -11.62 62.55 63.66
C PHE J 11 -11.81 63.97 64.18
N GLU J 12 -11.04 64.35 65.19
CA GLU J 12 -11.14 65.67 65.79
C GLU J 12 -10.68 66.78 64.85
N LYS J 13 -9.42 66.72 64.42
CA LYS J 13 -8.87 67.72 63.51
C LYS J 13 -9.68 67.77 62.23
N LEU J 14 -10.16 66.60 61.79
CA LEU J 14 -10.94 66.53 60.56
C LEU J 14 -12.32 67.17 60.69
N VAL J 15 -12.74 67.43 61.92
CA VAL J 15 -14.02 68.07 62.17
C VAL J 15 -13.72 69.54 62.52
N ALA J 16 -12.47 69.78 62.85
CA ALA J 16 -12.00 71.12 63.19
C ALA J 16 -11.80 71.95 61.93
N SER J 17 -11.92 71.30 60.77
CA SER J 17 -11.76 71.97 59.49
C SER J 17 -13.08 72.10 58.74
N TYR J 18 -13.96 71.11 58.89
CA TYR J 18 -15.26 71.15 58.22
C TYR J 18 -16.17 72.10 58.99
N GLN J 19 -15.58 72.73 60.00
CA GLN J 19 -16.29 73.68 60.86
C GLN J 19 -15.51 74.99 60.83
N ALA J 20 -14.31 74.93 60.23
CA ALA J 20 -13.44 76.10 60.12
C ALA J 20 -13.22 76.52 58.65
N GLY J 21 -13.68 75.69 57.71
CA GLY J 21 -13.53 76.02 56.31
C GLY J 21 -12.31 75.44 55.61
N ARG J 22 -11.26 75.17 56.40
CA ARG J 22 -10.01 74.61 55.89
C ARG J 22 -10.24 73.25 55.24
N GLY J 23 -11.46 72.76 55.37
CA GLY J 23 -11.83 71.46 54.83
C GLY J 23 -11.57 71.29 53.35
N HIS J 24 -10.91 70.19 53.01
CA HIS J 24 -10.60 69.87 51.62
C HIS J 24 -11.69 69.01 51.01
N HIS J 25 -12.17 69.44 49.85
CA HIS J 25 -13.24 68.74 49.14
C HIS J 25 -12.89 67.30 48.76
N ALA J 26 -11.63 66.92 48.95
CA ALA J 26 -11.18 65.56 48.64
C ALA J 26 -10.23 65.07 49.72
N LEU J 27 -10.48 63.87 50.23
CA LEU J 27 -9.62 63.31 51.27
C LEU J 27 -9.28 61.85 51.05
N LEU J 28 -7.99 61.56 50.93
CA LEU J 28 -7.51 60.20 50.71
C LEU J 28 -6.92 59.67 52.01
N ILE J 29 -7.57 58.67 52.59
CA ILE J 29 -7.09 58.10 53.83
C ILE J 29 -6.36 56.80 53.59
N GLN J 30 -5.11 56.75 54.02
CA GLN J 30 -4.32 55.54 53.85
C GLN J 30 -4.20 54.90 55.23
N ALA J 31 -4.59 53.63 55.30
CA ALA J 31 -4.52 52.92 56.56
C ALA J 31 -4.65 51.41 56.38
N LEU J 32 -3.87 50.69 57.16
CA LEU J 32 -3.85 49.23 57.12
C LEU J 32 -5.27 48.69 57.20
N PRO J 33 -5.45 47.39 56.96
CA PRO J 33 -6.83 46.91 57.05
C PRO J 33 -7.14 46.86 58.54
N GLY J 34 -8.39 46.61 58.91
CA GLY J 34 -8.74 46.55 60.32
C GLY J 34 -8.12 47.64 61.18
N GLY J 36 -9.70 50.52 61.47
CA GLY J 36 -10.83 51.42 61.66
C GLY J 36 -11.13 52.32 60.49
N ASP J 37 -10.35 52.18 59.43
CA ASP J 37 -10.53 53.00 58.23
C ASP J 37 -12.01 53.06 57.84
N ASP J 38 -12.70 51.94 58.03
CA ASP J 38 -14.10 51.85 57.68
C ASP J 38 -14.97 52.84 58.44
N ALA J 39 -14.88 52.81 59.77
CA ALA J 39 -15.67 53.67 60.63
C ALA J 39 -15.30 55.15 60.64
N LEU J 40 -14.05 55.48 60.28
CA LEU J 40 -13.64 56.87 60.28
C LEU J 40 -14.32 57.68 59.19
N ILE J 41 -14.59 57.04 58.05
CA ILE J 41 -15.25 57.70 56.93
C ILE J 41 -16.71 57.97 57.29
N TYR J 42 -17.39 56.90 57.68
CA TYR J 42 -18.79 56.93 58.07
C TYR J 42 -19.04 58.01 59.13
N ALA J 43 -18.09 58.15 60.05
CA ALA J 43 -18.18 59.11 61.15
C ALA J 43 -18.06 60.59 60.77
N LEU J 44 -17.44 60.87 59.63
CA LEU J 44 -17.29 62.26 59.20
C LEU J 44 -18.39 62.72 58.24
N SER J 45 -19.15 61.78 57.69
CA SER J 45 -20.22 62.11 56.76
C SER J 45 -21.53 62.36 57.50
N ARG J 46 -21.55 61.93 58.77
CA ARG J 46 -22.73 62.12 59.59
C ARG J 46 -22.68 63.56 60.10
N TYR J 47 -21.47 64.10 60.22
CA TYR J 47 -21.27 65.46 60.69
C TYR J 47 -21.62 66.50 59.62
N LEU J 48 -21.32 66.19 58.37
CA LEU J 48 -21.58 67.11 57.26
C LEU J 48 -22.98 66.95 56.68
N LEU J 49 -23.63 65.85 57.03
CA LEU J 49 -24.99 65.50 56.58
C LEU J 49 -26.05 65.67 57.65
N CYS J 50 -25.73 66.53 58.61
CA CYS J 50 -26.60 66.86 59.75
C CYS J 50 -27.28 68.21 59.52
N GLN J 51 -28.59 68.26 59.70
CA GLN J 51 -29.34 69.50 59.49
C GLN J 51 -29.19 70.46 60.67
N GLN J 52 -29.11 69.89 61.87
CA GLN J 52 -28.95 70.69 63.09
C GLN J 52 -27.88 70.01 63.97
N PRO J 53 -26.60 70.13 63.59
CA PRO J 53 -25.49 69.54 64.35
C PRO J 53 -25.39 70.16 65.74
N GLN J 54 -24.98 69.35 66.71
CA GLN J 54 -24.89 69.86 68.07
C GLN J 54 -23.49 70.32 68.46
N GLY J 55 -22.61 70.46 67.47
CA GLY J 55 -21.26 70.91 67.74
C GLY J 55 -20.18 70.03 67.14
N HIS J 56 -19.90 68.91 67.80
CA HIS J 56 -18.90 67.99 67.31
C HIS J 56 -19.59 66.79 66.67
N LYS J 57 -20.86 66.59 67.02
CA LYS J 57 -21.62 65.51 66.43
C LYS J 57 -23.02 65.95 66.04
N SER J 58 -23.83 64.99 65.60
CA SER J 58 -25.19 65.23 65.16
C SER J 58 -26.20 65.15 66.30
N CYS J 59 -27.45 65.44 65.97
CA CYS J 59 -28.53 65.39 66.97
C CYS J 59 -29.28 64.06 66.93
N GLY J 60 -29.38 63.46 65.75
CA GLY J 60 -30.07 62.19 65.62
C GLY J 60 -31.53 62.31 65.21
N HIS J 61 -32.06 63.52 65.25
CA HIS J 61 -33.45 63.72 64.86
C HIS J 61 -33.60 64.14 63.39
N CYS J 62 -33.03 65.29 63.05
CA CYS J 62 -33.08 65.87 61.70
C CYS J 62 -33.23 64.90 60.53
N ARG J 63 -33.81 65.40 59.44
CA ARG J 63 -34.02 64.63 58.23
C ARG J 63 -32.73 63.90 57.85
N GLY J 64 -31.61 64.59 57.99
CA GLY J 64 -30.31 64.01 57.68
C GLY J 64 -29.96 62.85 58.58
N CYS J 65 -29.95 63.10 59.89
CA CYS J 65 -29.63 62.08 60.89
C CYS J 65 -30.51 60.85 60.80
N GLN J 66 -31.80 61.08 60.55
CA GLN J 66 -32.77 59.99 60.45
C GLN J 66 -32.56 59.16 59.19
N LEU J 67 -32.55 59.83 58.04
CA LEU J 67 -32.35 59.18 56.73
C LEU J 67 -30.95 58.56 56.60
N GLN J 69 -29.42 57.21 59.30
CA GLN J 69 -29.54 56.03 60.13
C GLN J 69 -30.16 54.91 59.31
N ALA J 70 -31.19 55.26 58.53
CA ALA J 70 -31.87 54.29 57.68
C ALA J 70 -31.01 54.02 56.47
N GLY J 71 -29.82 54.61 56.48
CA GLY J 71 -28.89 54.44 55.38
C GLY J 71 -29.28 55.29 54.19
N THR J 72 -30.33 54.86 53.49
CA THR J 72 -30.83 55.56 52.31
C THR J 72 -30.83 57.08 52.48
N HIS J 73 -29.98 57.75 51.71
CA HIS J 73 -29.89 59.21 51.78
C HIS J 73 -29.58 59.80 50.41
N PRO J 74 -30.25 60.90 50.05
CA PRO J 74 -30.10 61.60 48.78
C PRO J 74 -28.76 62.30 48.57
N ASP J 75 -27.99 62.49 49.64
CA ASP J 75 -26.69 63.16 49.53
C ASP J 75 -25.52 62.24 49.88
N TYR J 76 -25.80 60.93 49.97
CA TYR J 76 -24.78 59.95 50.31
C TYR J 76 -24.60 58.92 49.19
N TYR J 77 -23.43 58.92 48.56
CA TYR J 77 -23.12 57.99 47.47
C TYR J 77 -21.95 57.08 47.81
N THR J 78 -22.22 55.78 47.93
CA THR J 78 -21.20 54.79 48.22
C THR J 78 -20.68 54.16 46.94
N LEU J 79 -19.44 54.49 46.56
CA LEU J 79 -18.83 53.95 45.34
C LEU J 79 -18.00 52.70 45.57
N ALA J 80 -18.67 51.55 45.63
CA ALA J 80 -18.01 50.28 45.84
C ALA J 80 -17.70 49.62 44.50
N PRO J 81 -16.81 48.61 44.50
CA PRO J 81 -16.45 47.91 43.27
C PRO J 81 -17.59 47.05 42.74
N GLU J 82 -17.84 47.15 41.45
CA GLU J 82 -18.91 46.40 40.79
C GLU J 82 -19.03 45.00 41.39
N LYS J 83 -20.24 44.67 41.85
CA LYS J 83 -20.52 43.37 42.47
C LYS J 83 -20.15 42.18 41.59
N GLY J 84 -19.09 41.47 41.97
CA GLY J 84 -18.66 40.33 41.20
C GLY J 84 -17.18 40.46 40.88
N LYS J 85 -16.84 41.49 40.10
CA LYS J 85 -15.44 41.73 39.74
C LYS J 85 -14.73 42.37 40.93
N ASN J 86 -13.43 42.58 40.80
CA ASN J 86 -12.65 43.16 41.89
C ASN J 86 -12.13 44.55 41.54
N THR J 87 -12.75 45.16 40.54
CA THR J 87 -12.37 46.47 40.06
C THR J 87 -13.58 47.38 39.95
N LEU J 88 -13.35 48.65 39.66
CA LEU J 88 -14.43 49.61 39.51
C LEU J 88 -14.55 50.08 38.07
N GLY J 89 -15.78 50.22 37.59
CA GLY J 89 -15.99 50.65 36.22
C GLY J 89 -16.05 52.16 36.05
N VAL J 90 -15.83 52.63 34.83
CA VAL J 90 -15.84 54.06 34.55
C VAL J 90 -17.29 54.53 34.38
N ASP J 91 -18.23 53.63 34.63
CA ASP J 91 -19.66 53.94 34.51
C ASP J 91 -20.19 54.60 35.78
N ALA J 92 -20.09 53.87 36.88
CA ALA J 92 -20.55 54.35 38.17
C ALA J 92 -20.05 55.78 38.40
N VAL J 93 -18.78 56.01 38.09
CA VAL J 93 -18.17 57.33 38.26
C VAL J 93 -18.99 58.42 37.56
N ARG J 94 -19.16 58.27 36.24
CA ARG J 94 -19.91 59.24 35.45
C ARG J 94 -21.33 59.48 35.94
N GLU J 95 -21.98 58.42 36.40
CA GLU J 95 -23.35 58.52 36.88
C GLU J 95 -23.46 59.18 38.25
N VAL J 96 -22.32 59.38 38.90
CA VAL J 96 -22.30 60.03 40.20
C VAL J 96 -21.68 61.42 40.04
N THR J 97 -21.01 61.63 38.91
CA THR J 97 -20.39 62.92 38.61
C THR J 97 -21.46 63.89 38.13
N GLU J 98 -22.37 63.39 37.30
CA GLU J 98 -23.49 64.18 36.76
C GLU J 98 -24.63 64.18 37.78
N LYS J 99 -24.42 63.41 38.85
CA LYS J 99 -25.39 63.30 39.91
C LYS J 99 -25.12 64.38 40.96
N LEU J 100 -23.94 64.99 40.86
CA LEU J 100 -23.54 66.05 41.78
C LEU J 100 -23.55 67.42 41.11
N ASN J 101 -23.83 67.43 39.80
CA ASN J 101 -23.89 68.66 39.04
C ASN J 101 -25.24 69.32 39.27
N GLU J 102 -26.13 68.62 39.97
CA GLU J 102 -27.45 69.15 40.27
C GLU J 102 -27.68 69.32 41.76
N HIS J 103 -28.22 70.49 42.12
CA HIS J 103 -28.51 70.87 43.49
C HIS J 103 -28.82 69.69 44.42
N ALA J 104 -28.35 69.79 45.67
CA ALA J 104 -28.56 68.75 46.67
C ALA J 104 -30.00 68.64 47.13
N ARG J 105 -30.53 67.41 47.11
CA ARG J 105 -31.91 67.14 47.50
C ARG J 105 -32.26 67.78 48.85
N LEU J 106 -31.33 67.73 49.80
CA LEU J 106 -31.56 68.33 51.11
C LEU J 106 -30.77 69.62 51.24
N GLY J 107 -30.81 70.43 50.18
CA GLY J 107 -30.11 71.71 50.17
C GLY J 107 -28.98 71.79 51.18
N GLY J 108 -27.91 71.06 50.93
CA GLY J 108 -26.78 71.08 51.84
C GLY J 108 -25.51 70.49 51.26
N ALA J 109 -24.89 69.59 52.02
CA ALA J 109 -23.65 68.96 51.60
C ALA J 109 -23.87 67.58 51.00
N LYS J 110 -23.15 67.30 49.91
CA LYS J 110 -23.22 66.02 49.24
C LYS J 110 -21.87 65.35 49.53
N VAL J 111 -21.88 64.04 49.76
CA VAL J 111 -20.63 63.33 50.04
C VAL J 111 -20.50 62.04 49.24
N VAL J 112 -19.26 61.72 48.86
CA VAL J 112 -18.95 60.52 48.09
C VAL J 112 -17.86 59.71 48.79
N TRP J 113 -18.03 58.40 48.83
CA TRP J 113 -17.07 57.52 49.48
C TRP J 113 -16.58 56.42 48.55
N VAL J 114 -15.30 56.09 48.64
CA VAL J 114 -14.70 55.06 47.80
C VAL J 114 -14.01 53.95 48.60
N THR J 115 -14.37 52.71 48.30
CA THR J 115 -13.83 51.54 48.97
C THR J 115 -12.30 51.55 49.02
N ASP J 116 -11.67 51.23 47.89
CA ASP J 116 -10.21 51.19 47.78
C ASP J 116 -9.80 51.80 46.43
N ALA J 117 -9.38 53.06 46.45
CA ALA J 117 -9.00 53.77 45.22
C ALA J 117 -8.13 52.96 44.26
N ALA J 118 -7.25 52.12 44.80
CA ALA J 118 -6.37 51.31 43.96
C ALA J 118 -7.09 50.12 43.33
N LEU J 119 -8.42 50.17 43.29
CA LEU J 119 -9.22 49.08 42.71
C LEU J 119 -10.18 49.55 41.62
N LEU J 120 -9.85 50.68 41.00
CA LEU J 120 -10.69 51.23 39.94
C LEU J 120 -9.92 51.22 38.60
N THR J 121 -10.66 51.25 37.50
CA THR J 121 -10.06 51.23 36.17
C THR J 121 -9.18 52.46 35.91
N ASP J 122 -8.19 52.28 35.04
CA ASP J 122 -7.29 53.35 34.66
C ASP J 122 -8.15 54.49 34.12
N ALA J 123 -9.21 54.10 33.40
CA ALA J 123 -10.15 55.04 32.79
C ALA J 123 -11.11 55.62 33.82
N ALA J 124 -11.49 54.81 34.81
CA ALA J 124 -12.39 55.26 35.86
C ALA J 124 -11.65 56.34 36.66
N ALA J 125 -10.33 56.20 36.71
CA ALA J 125 -9.49 57.16 37.42
C ALA J 125 -9.66 58.52 36.76
N ASN J 126 -9.22 58.62 35.50
CA ASN J 126 -9.31 59.85 34.73
C ASN J 126 -10.72 60.42 34.74
N ALA J 127 -11.71 59.56 34.59
CA ALA J 127 -13.11 59.98 34.58
C ALA J 127 -13.49 60.67 35.89
N LEU J 128 -12.60 60.57 36.87
CA LEU J 128 -12.82 61.15 38.19
C LEU J 128 -12.17 62.53 38.32
N LEU J 129 -10.87 62.58 38.01
CA LEU J 129 -10.10 63.82 38.09
C LEU J 129 -10.92 65.03 37.68
N LYS J 130 -11.51 64.95 36.50
CA LYS J 130 -12.32 66.03 35.93
C LYS J 130 -13.34 66.63 36.90
N THR J 131 -13.75 65.85 37.89
CA THR J 131 -14.73 66.32 38.86
C THR J 131 -14.07 67.08 40.03
N LEU J 132 -12.82 66.76 40.31
CA LEU J 132 -12.07 67.41 41.40
C LEU J 132 -11.47 68.75 40.97
N GLU J 133 -11.43 68.98 39.66
CA GLU J 133 -10.92 70.21 39.10
C GLU J 133 -12.10 71.17 38.98
N GLU J 134 -13.28 70.58 38.87
CA GLU J 134 -14.55 71.30 38.75
C GLU J 134 -15.47 70.83 39.89
N PRO J 135 -15.11 71.13 41.14
CA PRO J 135 -15.88 70.74 42.34
C PRO J 135 -17.24 71.43 42.51
N PRO J 136 -18.35 70.67 42.37
CA PRO J 136 -19.73 71.18 42.52
C PRO J 136 -20.01 71.80 43.88
N ALA J 137 -19.73 73.09 43.99
CA ALA J 137 -19.93 73.90 45.21
C ALA J 137 -20.48 73.22 46.46
N GLU J 138 -19.70 73.30 47.55
CA GLU J 138 -20.09 72.75 48.84
C GLU J 138 -20.32 71.23 48.90
N THR J 139 -19.61 70.48 48.07
CA THR J 139 -19.73 69.02 48.04
C THR J 139 -18.49 68.45 48.74
N TRP J 140 -18.54 67.16 49.09
CA TRP J 140 -17.41 66.52 49.76
C TRP J 140 -17.14 65.09 49.30
N PHE J 141 -15.87 64.75 49.15
CA PHE J 141 -15.47 63.42 48.72
C PHE J 141 -14.61 62.71 49.75
N PHE J 142 -14.53 61.39 49.65
CA PHE J 142 -13.73 60.58 50.56
C PHE J 142 -13.16 59.32 49.93
N LEU J 143 -11.84 59.32 49.75
CA LEU J 143 -11.12 58.19 49.15
C LEU J 143 -10.39 57.36 50.21
N ALA J 144 -10.39 56.05 50.04
CA ALA J 144 -9.74 55.14 50.98
C ALA J 144 -8.91 54.07 50.26
N THR J 145 -7.61 54.04 50.55
CA THR J 145 -6.72 53.06 49.93
C THR J 145 -5.58 52.63 50.86
N ARG J 146 -5.35 51.34 50.93
CA ARG J 146 -4.29 50.78 51.76
C ARG J 146 -2.91 51.18 51.25
N GLU J 147 -2.81 51.43 49.95
CA GLU J 147 -1.55 51.84 49.33
C GLU J 147 -1.81 53.01 48.37
N PRO J 148 -1.44 54.24 48.78
CA PRO J 148 -1.62 55.46 47.98
C PRO J 148 -0.62 55.62 46.84
N GLU J 149 0.36 54.74 46.78
CA GLU J 149 1.38 54.80 45.73
C GLU J 149 0.80 54.29 44.42
N ARG J 150 0.11 53.15 44.47
CA ARG J 150 -0.50 52.57 43.27
C ARG J 150 -1.68 53.41 42.81
N LEU J 151 -1.62 54.71 43.08
CA LEU J 151 -2.68 55.63 42.69
C LEU J 151 -2.09 56.77 41.88
N LEU J 152 -2.57 56.92 40.64
CA LEU J 152 -2.10 57.96 39.74
C LEU J 152 -1.57 59.18 40.47
N ALA J 153 -0.32 59.55 40.19
CA ALA J 153 0.32 60.69 40.83
C ALA J 153 -0.43 62.00 40.60
N THR J 154 -1.14 62.09 39.48
CA THR J 154 -1.92 63.28 39.14
C THR J 154 -3.20 63.36 39.99
N LEU J 155 -3.76 62.20 40.30
CA LEU J 155 -4.99 62.12 41.09
C LEU J 155 -4.69 62.35 42.57
N ARG J 156 -3.73 61.62 43.12
CA ARG J 156 -3.37 61.76 44.53
C ARG J 156 -2.89 63.20 44.75
N SER J 157 -2.80 63.94 43.65
CA SER J 157 -2.38 65.33 43.71
C SER J 157 -3.50 66.19 44.26
N ARG J 158 -4.64 66.13 43.58
CA ARG J 158 -5.83 66.90 43.96
C ARG J 158 -6.37 66.56 45.35
N CYS J 159 -5.78 65.56 46.00
CA CYS J 159 -6.25 65.16 47.32
C CYS J 159 -5.27 65.46 48.45
N ARG J 160 -5.83 65.57 49.67
CA ARG J 160 -5.03 65.82 50.86
C ARG J 160 -4.85 64.47 51.56
N LEU J 161 -3.63 63.95 51.52
CA LEU J 161 -3.31 62.64 52.10
C LEU J 161 -3.23 62.61 53.63
N HIS J 162 -4.14 61.87 54.25
CA HIS J 162 -4.19 61.72 55.70
C HIS J 162 -3.74 60.30 56.06
N TYR J 163 -2.70 60.19 56.88
CA TYR J 163 -2.19 58.87 57.27
C TYR J 163 -2.70 58.39 58.62
N LEU J 164 -3.51 57.34 58.58
CA LEU J 164 -4.07 56.75 59.80
C LEU J 164 -3.00 55.87 60.43
N ALA J 165 -1.97 56.54 60.95
CA ALA J 165 -0.84 55.87 61.58
C ALA J 165 -1.20 54.67 62.46
N PRO J 166 -0.33 53.66 62.49
CA PRO J 166 -0.55 52.45 63.28
C PRO J 166 -0.30 52.71 64.77
N PRO J 167 -1.32 52.46 65.60
CA PRO J 167 -1.24 52.67 67.04
C PRO J 167 -0.09 51.88 67.66
N PRO J 168 0.72 52.53 68.50
CA PRO J 168 1.85 51.83 69.13
C PRO J 168 1.47 50.41 69.56
N GLU J 169 2.41 49.48 69.45
CA GLU J 169 2.15 48.08 69.78
C GLU J 169 1.90 47.77 71.25
N GLN J 170 2.55 48.50 72.17
CA GLN J 170 2.36 48.24 73.59
C GLN J 170 0.90 48.44 74.01
N TYR J 171 0.20 49.31 73.31
CA TYR J 171 -1.20 49.59 73.62
C TYR J 171 -2.06 48.62 72.81
N ALA J 172 -1.70 48.47 71.55
CA ALA J 172 -2.41 47.58 70.64
C ALA J 172 -2.62 46.22 71.29
N VAL J 173 -1.56 45.68 71.87
CA VAL J 173 -1.64 44.38 72.52
C VAL J 173 -2.59 44.48 73.71
N THR J 174 -2.42 45.54 74.51
CA THR J 174 -3.25 45.75 75.67
C THR J 174 -4.72 45.61 75.28
N TRP J 175 -5.16 46.46 74.35
CA TRP J 175 -6.53 46.43 73.88
C TRP J 175 -6.95 45.03 73.41
N LEU J 176 -6.04 44.33 72.75
CA LEU J 176 -6.32 42.98 72.26
C LEU J 176 -6.57 42.00 73.40
N SER J 177 -5.75 42.10 74.44
CA SER J 177 -5.86 41.22 75.60
C SER J 177 -7.22 41.29 76.26
N ARG J 178 -8.10 42.13 75.72
CA ARG J 178 -9.45 42.29 76.26
C ARG J 178 -10.48 41.66 75.33
N GLU J 179 -10.13 41.52 74.05
CA GLU J 179 -11.05 40.92 73.08
C GLU J 179 -11.00 39.39 73.10
N VAL J 180 -9.82 38.82 73.34
CA VAL J 180 -9.62 37.37 73.41
C VAL J 180 -8.41 37.06 74.31
N THR J 181 -8.52 36.02 75.13
CA THR J 181 -7.46 35.64 76.06
C THR J 181 -6.45 34.63 75.51
N SER J 183 -1.88 34.14 75.10
CA SER J 183 -0.57 34.61 75.55
C SER J 183 -0.21 35.92 74.83
N GLN J 184 0.52 36.80 75.51
CA GLN J 184 0.93 38.06 74.91
C GLN J 184 1.87 37.89 73.72
N ASP J 185 2.68 36.85 73.75
CA ASP J 185 3.60 36.59 72.64
C ASP J 185 2.75 36.36 71.39
N ALA J 186 1.70 35.57 71.54
CA ALA J 186 0.79 35.26 70.44
C ALA J 186 0.13 36.54 69.94
N LEU J 187 -0.37 37.34 70.87
CA LEU J 187 -1.02 38.58 70.51
C LEU J 187 -0.07 39.47 69.74
N LEU J 188 1.14 39.66 70.26
CA LEU J 188 2.13 40.49 69.59
C LEU J 188 2.34 39.99 68.16
N ALA J 189 2.18 38.69 67.96
CA ALA J 189 2.36 38.10 66.65
C ALA J 189 1.21 38.49 65.72
N ALA J 190 -0.01 38.09 66.08
CA ALA J 190 -1.19 38.39 65.27
C ALA J 190 -1.24 39.86 64.86
N LEU J 191 -0.55 40.70 65.62
CA LEU J 191 -0.49 42.13 65.34
C LEU J 191 0.46 42.37 64.18
N ARG J 192 1.72 42.03 64.41
CA ARG J 192 2.75 42.20 63.39
C ARG J 192 2.38 41.41 62.14
N LEU J 193 1.57 40.36 62.33
CA LEU J 193 1.14 39.55 61.19
C LEU J 193 -0.07 40.21 60.52
N SER J 194 -0.13 41.51 60.61
CA SER J 194 -1.20 42.29 60.01
C SER J 194 -0.73 43.72 59.83
N ALA J 195 0.57 43.92 60.05
CA ALA J 195 1.22 45.22 59.90
C ALA J 195 0.91 46.18 61.05
N GLY J 196 0.40 45.66 62.15
CA GLY J 196 0.10 46.51 63.28
C GLY J 196 -1.37 46.83 63.47
N SER J 197 -2.19 46.50 62.47
CA SER J 197 -3.62 46.74 62.57
C SER J 197 -4.24 45.82 63.60
N PRO J 198 -4.58 46.38 64.78
CA PRO J 198 -5.19 45.58 65.85
C PRO J 198 -6.42 44.86 65.32
N GLY J 199 -7.13 45.52 64.42
CA GLY J 199 -8.34 44.95 63.84
C GLY J 199 -8.11 43.59 63.24
N ALA J 200 -7.41 43.53 62.11
CA ALA J 200 -7.14 42.26 61.46
C ALA J 200 -6.59 41.28 62.49
N ALA J 201 -5.60 41.72 63.25
CA ALA J 201 -4.99 40.88 64.29
C ALA J 201 -6.09 40.20 65.08
N LEU J 202 -7.11 40.97 65.42
CA LEU J 202 -8.26 40.46 66.16
C LEU J 202 -8.95 39.39 65.31
N ALA J 203 -9.15 39.70 64.03
CA ALA J 203 -9.80 38.78 63.11
C ALA J 203 -9.04 37.44 63.08
N LEU J 204 -7.72 37.52 63.13
CA LEU J 204 -6.86 36.33 63.09
C LEU J 204 -7.21 35.28 64.14
N PHE J 205 -7.99 35.68 65.14
CA PHE J 205 -8.41 34.78 66.21
C PHE J 205 -9.86 34.34 66.06
N GLN J 206 -10.75 35.31 65.87
CA GLN J 206 -12.18 35.06 65.75
C GLN J 206 -12.54 33.76 65.03
N GLY J 207 -11.67 33.28 64.15
CA GLY J 207 -11.96 32.04 63.45
C GLY J 207 -11.33 30.89 64.22
N ASP J 208 -10.73 29.96 63.49
CA ASP J 208 -10.05 28.81 64.10
C ASP J 208 -8.65 28.91 63.53
N ASN J 209 -8.46 29.96 62.74
CA ASN J 209 -7.21 30.24 62.06
C ASN J 209 -5.96 30.16 62.91
N TRP J 210 -5.94 30.81 64.07
CA TRP J 210 -4.73 30.77 64.89
C TRP J 210 -4.33 29.36 65.30
N GLN J 211 -5.31 28.46 65.40
CA GLN J 211 -5.02 27.09 65.78
C GLN J 211 -4.53 26.32 64.55
N ALA J 212 -4.97 26.80 63.38
CA ALA J 212 -4.58 26.21 62.12
C ALA J 212 -3.16 26.65 61.78
N ARG J 213 -2.72 27.75 62.40
CA ARG J 213 -1.39 28.28 62.17
C ARG J 213 -0.43 27.57 63.12
N GLU J 214 -0.95 27.15 64.27
CA GLU J 214 -0.13 26.45 65.24
C GLU J 214 0.15 25.08 64.63
N THR J 215 -0.80 24.61 63.83
CA THR J 215 -0.68 23.33 63.14
C THR J 215 0.54 23.37 62.22
N LEU J 216 0.72 24.50 61.55
CA LEU J 216 1.84 24.66 60.64
C LEU J 216 3.16 24.72 61.39
N CYS J 217 3.18 25.46 62.49
CA CYS J 217 4.41 25.59 63.28
C CYS J 217 4.82 24.28 63.93
N GLN J 218 3.95 23.29 63.87
CA GLN J 218 4.22 21.98 64.44
C GLN J 218 4.73 21.00 63.41
N ALA J 219 4.09 20.96 62.25
CA ALA J 219 4.49 20.05 61.17
C ALA J 219 5.75 20.56 60.47
N LEU J 220 6.04 21.84 60.67
CA LEU J 220 7.22 22.47 60.07
C LEU J 220 8.43 22.30 60.98
N ALA J 221 8.19 22.33 62.29
CA ALA J 221 9.27 22.17 63.26
C ALA J 221 9.79 20.74 63.15
N TYR J 222 9.03 19.91 62.44
CA TYR J 222 9.39 18.52 62.26
C TYR J 222 10.04 18.37 60.90
N SER J 223 9.64 19.22 59.96
CA SER J 223 10.18 19.20 58.60
C SER J 223 11.57 19.81 58.50
N VAL J 224 11.77 20.97 59.11
CA VAL J 224 13.07 21.65 59.06
C VAL J 224 14.23 20.72 59.45
N PRO J 225 14.18 20.12 60.65
CA PRO J 225 15.26 19.23 61.05
C PRO J 225 15.32 17.93 60.22
N SER J 226 14.16 17.31 60.03
CA SER J 226 14.07 16.07 59.26
C SER J 226 14.39 16.32 57.80
N GLY J 227 14.03 17.50 57.31
CA GLY J 227 14.26 17.84 55.93
C GLY J 227 13.05 17.48 55.09
N ASP J 228 12.15 16.70 55.69
CA ASP J 228 10.95 16.27 54.99
C ASP J 228 9.89 17.36 55.06
N TRP J 229 9.79 18.13 53.98
CA TRP J 229 8.84 19.23 53.90
C TRP J 229 7.56 18.80 53.18
N TYR J 230 7.53 17.54 52.73
CA TYR J 230 6.34 17.03 52.05
C TYR J 230 5.28 16.68 53.09
N SER J 231 5.63 16.86 54.36
CA SER J 231 4.71 16.58 55.45
C SER J 231 3.77 17.76 55.52
N LEU J 232 4.32 18.94 55.27
CA LEU J 232 3.58 20.18 55.30
C LEU J 232 2.45 20.24 54.28
N LEU J 233 2.27 19.17 53.50
CA LEU J 233 1.20 19.16 52.51
C LEU J 233 -0.16 19.08 53.20
N ALA J 234 -0.18 18.51 54.39
CA ALA J 234 -1.40 18.39 55.16
C ALA J 234 -1.76 19.75 55.77
N ALA J 235 -0.79 20.34 56.47
CA ALA J 235 -0.99 21.64 57.12
C ALA J 235 -1.02 22.80 56.12
N LEU J 236 -1.06 22.49 54.83
CA LEU J 236 -1.10 23.53 53.82
C LEU J 236 -2.24 23.33 52.83
N ASN J 237 -2.23 22.22 52.10
CA ASN J 237 -3.30 21.96 51.12
C ASN J 237 -4.62 22.28 51.80
N HIS J 238 -5.21 23.39 51.39
CA HIS J 238 -6.44 23.84 52.01
C HIS J 238 -6.96 25.00 51.16
N GLU J 239 -8.04 25.63 51.58
CA GLU J 239 -8.60 26.75 50.84
C GLU J 239 -7.86 28.00 51.32
N GLN J 240 -7.44 27.96 52.59
CA GLN J 240 -6.72 29.08 53.19
C GLN J 240 -5.23 29.03 52.90
N ALA J 241 -4.88 28.39 51.80
CA ALA J 241 -3.49 28.30 51.43
C ALA J 241 -2.85 29.69 51.48
N PRO J 242 -3.22 30.57 50.53
CA PRO J 242 -2.66 31.92 50.47
C PRO J 242 -2.26 32.51 51.81
N ALA J 243 -3.25 32.76 52.66
CA ALA J 243 -2.98 33.32 53.97
C ALA J 243 -1.97 32.45 54.72
N ARG J 244 -2.10 31.14 54.57
CA ARG J 244 -1.22 30.18 55.22
C ARG J 244 0.20 30.19 54.66
N LEU J 245 0.31 30.21 53.33
CA LEU J 245 1.64 30.25 52.72
C LEU J 245 2.29 31.48 53.34
N HIS J 246 1.56 32.60 53.31
CA HIS J 246 2.07 33.84 53.86
C HIS J 246 2.71 33.64 55.22
N TRP J 247 2.03 32.93 56.12
CA TRP J 247 2.58 32.70 57.45
C TRP J 247 3.95 32.09 57.28
N LEU J 248 4.02 31.08 56.42
CA LEU J 248 5.26 30.38 56.14
C LEU J 248 6.33 31.35 55.67
N ALA J 249 5.89 32.41 54.99
CA ALA J 249 6.80 33.42 54.46
C ALA J 249 7.45 34.22 55.59
N THR J 250 6.63 34.73 56.49
CA THR J 250 7.13 35.51 57.61
C THR J 250 8.27 34.79 58.31
N LEU J 251 8.05 33.51 58.61
CA LEU J 251 9.06 32.70 59.28
C LEU J 251 10.37 32.74 58.52
N LEU J 252 10.32 32.30 57.26
CA LEU J 252 11.48 32.28 56.39
C LEU J 252 12.22 33.61 56.46
N ASP J 254 12.12 35.97 58.75
CA ASP J 254 12.73 36.17 60.06
C ASP J 254 14.03 35.38 60.18
N ALA J 255 13.99 34.15 59.70
CA ALA J 255 15.14 33.28 59.72
C ALA J 255 16.26 33.98 58.97
N LEU J 256 15.98 34.34 57.72
CA LEU J 256 16.95 35.03 56.89
C LEU J 256 17.41 36.31 57.57
N LYS J 257 16.51 36.91 58.35
CA LYS J 257 16.83 38.13 59.08
C LYS J 257 17.82 37.82 60.18
N ARG J 258 17.68 36.65 60.80
CA ARG J 258 18.56 36.26 61.88
C ARG J 258 19.96 35.90 61.40
N HIS J 259 20.11 35.67 60.10
CA HIS J 259 21.40 35.36 59.50
C HIS J 259 22.21 36.66 59.37
N HIS J 260 21.49 37.78 59.31
CA HIS J 260 22.11 39.09 59.17
C HIS J 260 22.11 39.85 60.50
N GLY J 261 21.96 39.12 61.60
CA GLY J 261 21.94 39.76 62.91
C GLY J 261 20.93 40.88 63.00
N ALA J 262 19.71 40.61 62.54
CA ALA J 262 18.64 41.60 62.59
C ALA J 262 18.02 41.54 63.98
N ALA J 263 17.49 42.67 64.46
CA ALA J 263 16.91 42.72 65.80
C ALA J 263 15.38 42.51 65.89
N GLN J 264 14.66 42.81 64.83
CA GLN J 264 13.19 42.67 64.84
C GLN J 264 12.63 41.44 64.13
N VAL J 265 12.07 40.52 64.90
CA VAL J 265 11.49 39.31 64.34
C VAL J 265 9.97 39.35 64.46
N THR J 266 9.31 39.04 63.35
CA THR J 266 7.86 39.04 63.28
C THR J 266 7.18 37.93 64.09
N ASN J 267 7.65 36.69 63.90
CA ASN J 267 7.07 35.56 64.60
C ASN J 267 7.67 35.28 65.98
N VAL J 268 7.59 36.25 66.88
CA VAL J 268 8.13 36.07 68.23
C VAL J 268 7.41 34.91 68.91
N ASP J 269 6.35 34.44 68.26
CA ASP J 269 5.54 33.34 68.75
C ASP J 269 6.32 32.05 69.02
N VAL J 270 7.34 31.79 68.21
CA VAL J 270 8.16 30.58 68.37
C VAL J 270 9.61 30.84 67.97
N PRO J 271 10.32 31.70 68.72
CA PRO J 271 11.71 32.05 68.42
C PRO J 271 12.62 30.83 68.23
N GLY J 272 12.26 29.72 68.87
CA GLY J 272 13.06 28.50 68.75
C GLY J 272 12.98 27.89 67.37
N LEU J 273 11.95 28.26 66.62
CA LEU J 273 11.76 27.74 65.27
C LEU J 273 12.52 28.56 64.25
N VAL J 274 12.59 29.87 64.45
CA VAL J 274 13.30 30.74 63.53
C VAL J 274 14.80 30.50 63.69
N ALA J 275 15.16 29.94 64.84
CA ALA J 275 16.55 29.64 65.15
C ALA J 275 17.01 28.39 64.42
N GLU J 276 16.49 27.24 64.85
CA GLU J 276 16.82 25.98 64.24
C GLU J 276 16.70 26.15 62.74
N LEU J 277 15.60 26.76 62.31
CA LEU J 277 15.36 27.01 60.91
C LEU J 277 16.52 27.77 60.27
N ALA J 278 17.01 28.79 60.97
CA ALA J 278 18.12 29.59 60.46
C ALA J 278 19.39 28.77 60.41
N ASN J 279 19.54 27.85 61.36
CA ASN J 279 20.71 26.99 61.42
C ASN J 279 20.76 25.94 60.32
N HIS J 280 19.69 25.15 60.20
CA HIS J 280 19.65 24.09 59.20
C HIS J 280 19.62 24.57 57.74
N LEU J 281 19.51 25.89 57.53
CA LEU J 281 19.49 26.42 56.17
C LEU J 281 20.39 27.65 55.98
N SER J 282 20.97 27.76 54.79
CA SER J 282 21.87 28.87 54.47
C SER J 282 21.12 30.08 53.96
N PRO J 283 21.71 31.27 54.11
CA PRO J 283 21.09 32.52 53.66
C PRO J 283 20.64 32.47 52.20
N SER J 284 21.38 31.69 51.41
CA SER J 284 21.05 31.54 50.00
C SER J 284 20.02 30.45 49.87
N ARG J 285 20.03 29.52 50.83
CA ARG J 285 19.09 28.41 50.84
C ARG J 285 17.70 28.93 51.16
N LEU J 286 17.62 29.78 52.18
CA LEU J 286 16.36 30.37 52.60
C LEU J 286 15.79 31.18 51.44
N GLN J 287 16.60 32.10 50.92
CA GLN J 287 16.21 32.96 49.81
C GLN J 287 15.44 32.21 48.73
N ALA J 288 16.00 31.12 48.25
CA ALA J 288 15.38 30.31 47.20
C ALA J 288 13.95 29.94 47.54
N ILE J 289 13.78 29.19 48.62
CA ILE J 289 12.46 28.76 49.04
C ILE J 289 11.49 29.92 49.17
N LEU J 290 11.86 30.90 49.99
CA LEU J 290 11.04 32.09 50.23
C LEU J 290 10.42 32.55 48.92
N GLY J 291 11.23 32.66 47.88
CA GLY J 291 10.73 33.09 46.59
C GLY J 291 9.66 32.19 46.03
N ASP J 292 10.01 30.94 45.76
CA ASP J 292 9.05 29.99 45.22
C ASP J 292 7.78 29.99 46.05
N VAL J 293 7.94 30.03 47.37
CA VAL J 293 6.79 30.06 48.27
C VAL J 293 5.89 31.20 47.82
N CYS J 294 6.43 32.41 47.87
CA CYS J 294 5.69 33.60 47.47
C CYS J 294 5.12 33.45 46.06
N HIS J 295 5.99 33.12 45.10
CA HIS J 295 5.55 32.98 43.71
C HIS J 295 4.41 31.99 43.54
N ILE J 296 4.47 30.88 44.29
CA ILE J 296 3.42 29.88 44.18
C ILE J 296 2.14 30.41 44.82
N ARG J 297 2.29 31.09 45.96
CA ARG J 297 1.15 31.66 46.67
C ARG J 297 0.37 32.53 45.69
N GLU J 298 1.07 33.46 45.07
CA GLU J 298 0.49 34.38 44.11
C GLU J 298 -0.29 33.66 43.00
N GLN J 299 0.24 32.54 42.52
CA GLN J 299 -0.42 31.79 41.47
C GLN J 299 -1.77 31.31 41.99
N LEU J 300 -1.79 30.86 43.24
CA LEU J 300 -3.02 30.38 43.85
C LEU J 300 -4.08 31.47 43.84
N SER J 302 -4.13 34.14 41.95
CA SER J 302 -4.34 34.75 40.64
C SER J 302 -4.94 33.83 39.56
N VAL J 303 -4.38 32.63 39.41
CA VAL J 303 -4.87 31.71 38.38
C VAL J 303 -6.24 31.11 38.68
N THR J 304 -7.13 31.22 37.70
CA THR J 304 -8.49 30.73 37.80
C THR J 304 -8.70 29.47 38.64
N GLY J 305 -8.56 28.30 38.03
CA GLY J 305 -8.75 27.07 38.77
C GLY J 305 -7.58 26.09 38.81
N ILE J 306 -6.60 26.39 39.67
CA ILE J 306 -5.44 25.54 39.81
C ILE J 306 -5.72 24.41 40.79
N ASN J 307 -4.94 23.35 40.69
CA ASN J 307 -5.09 22.22 41.59
C ASN J 307 -4.20 22.49 42.80
N ARG J 308 -4.79 23.09 43.83
CA ARG J 308 -4.07 23.43 45.06
C ARG J 308 -3.13 22.31 45.50
N GLU J 309 -3.60 21.06 45.40
CA GLU J 309 -2.78 19.92 45.81
C GLU J 309 -1.48 19.84 45.02
N LEU J 310 -1.61 19.56 43.73
CA LEU J 310 -0.46 19.45 42.84
C LEU J 310 0.47 20.64 43.05
N LEU J 311 -0.03 21.83 42.73
CA LEU J 311 0.74 23.06 42.84
C LEU J 311 1.48 23.24 44.16
N ILE J 312 1.00 22.61 45.22
CA ILE J 312 1.64 22.73 46.51
C ILE J 312 2.64 21.60 46.71
N THR J 313 2.24 20.39 46.30
CA THR J 313 3.09 19.24 46.42
C THR J 313 4.37 19.52 45.62
N ASP J 314 4.18 20.16 44.47
CA ASP J 314 5.28 20.51 43.59
C ASP J 314 6.24 21.47 44.29
N LEU J 315 5.68 22.49 44.91
CA LEU J 315 6.49 23.47 45.63
C LEU J 315 7.31 22.70 46.65
N LEU J 316 6.63 22.08 47.60
CA LEU J 316 7.30 21.29 48.65
C LEU J 316 8.40 20.43 48.07
N LEU J 317 8.03 19.46 47.24
CA LEU J 317 9.01 18.58 46.65
C LEU J 317 10.23 19.37 46.19
N ARG J 318 9.99 20.36 45.32
CA ARG J 318 11.05 21.20 44.79
C ARG J 318 11.91 21.81 45.89
N ILE J 319 11.36 21.89 47.10
CA ILE J 319 12.08 22.47 48.23
C ILE J 319 13.25 21.58 48.64
N GLU J 320 12.95 20.35 49.04
CA GLU J 320 14.00 19.43 49.47
C GLU J 320 15.14 19.44 48.48
N HIS J 321 14.81 19.51 47.20
CA HIS J 321 15.83 19.50 46.15
C HIS J 321 16.84 20.62 46.28
N TYR J 322 16.40 21.84 46.59
CA TYR J 322 17.34 22.95 46.73
C TYR J 322 18.26 22.61 47.91
N LEU J 323 17.65 22.01 48.93
CA LEU J 323 18.36 21.63 50.15
C LEU J 323 19.55 20.72 49.88
N GLN J 324 19.39 19.77 48.97
CA GLN J 324 20.47 18.85 48.63
C GLN J 324 21.73 19.61 48.24
N PRO J 325 22.89 19.11 48.67
CA PRO J 325 24.17 19.74 48.36
C PRO J 325 24.44 19.71 46.85
N GLY J 326 24.96 20.81 46.32
CA GLY J 326 25.28 20.83 44.91
C GLY J 326 24.22 21.29 43.92
N VAL J 327 22.97 21.46 44.35
CA VAL J 327 21.96 21.91 43.39
C VAL J 327 21.94 23.43 43.36
N VAL J 328 21.92 23.99 42.15
CA VAL J 328 21.92 25.43 41.96
C VAL J 328 20.54 26.07 42.17
N LEU J 329 20.48 27.02 43.09
CA LEU J 329 19.25 27.73 43.43
C LEU J 329 18.86 28.71 42.32
N PRO J 330 17.55 28.79 42.01
CA PRO J 330 17.09 29.71 40.96
C PRO J 330 17.41 31.16 41.28
N VAL J 331 17.11 32.04 40.33
CA VAL J 331 17.37 33.47 40.45
C VAL J 331 16.30 34.32 39.78
N PRO J 332 16.02 35.51 40.33
CA PRO J 332 15.02 36.43 39.79
C PRO J 332 15.23 36.71 38.29
N HIS J 333 14.15 36.67 37.52
CA HIS J 333 14.20 36.87 36.06
C HIS J 333 13.93 38.30 35.60
N LEU J 334 13.93 38.47 34.28
CA LEU J 334 13.68 39.76 33.62
C LEU J 334 14.31 40.99 34.27
#